data_2K7Q
#
_entry.id   2K7Q
#
_entity_poly.entity_id   1
_entity_poly.type   'polypeptide(L)'
_entity_poly.pdbx_seq_one_letter_code
;GAMGDDSMRMSHLKVGSAADIPINISETDLSLLTATVVPPSGREEPCLLKRLRNGHVGISFVPKETGEHLVHVKKNGQHV
ASSPIPVVISQSEIGDASRVRVSGQGLHEGHTFEPAEFIIDTRDAGYGGLSLSIEGPSKVDINTEDLEDGTCRVTYCPTE
PGNYIINIKFADQHVPGSPFSVKVTGEGRVK
;
_entity_poly.pdbx_strand_id   A
#
# COMPACT_ATOMS: atom_id res chain seq x y z
N GLY A 1 -24.47 26.42 8.53
CA GLY A 1 -25.45 27.08 9.40
C GLY A 1 -24.77 27.87 10.50
N ALA A 2 -25.27 29.08 10.81
CA ALA A 2 -24.65 30.03 11.74
C ALA A 2 -24.61 29.55 13.20
N MET A 3 -25.48 28.60 13.59
CA MET A 3 -25.51 27.96 14.91
C MET A 3 -24.36 26.96 15.15
N GLY A 4 -23.64 26.54 14.10
CA GLY A 4 -22.54 25.56 14.14
C GLY A 4 -23.03 24.10 14.09
N ASP A 5 -22.11 23.19 13.77
CA ASP A 5 -22.33 21.75 13.60
C ASP A 5 -21.01 20.95 13.61
N ASP A 6 -21.07 19.67 13.99
CA ASP A 6 -19.91 18.77 14.07
C ASP A 6 -19.42 18.25 12.68
N SER A 7 -20.24 18.39 11.64
CA SER A 7 -20.00 17.92 10.26
C SER A 7 -20.07 16.39 10.18
N MET A 8 -18.94 15.69 10.01
CA MET A 8 -18.86 14.23 9.90
C MET A 8 -17.61 13.67 10.60
N ARG A 9 -17.72 12.45 11.14
CA ARG A 9 -16.64 11.73 11.81
C ARG A 9 -15.68 11.14 10.76
N MET A 10 -14.46 10.77 11.18
CA MET A 10 -13.41 10.24 10.30
C MET A 10 -12.47 9.26 11.00
N SER A 11 -11.80 8.43 10.20
CA SER A 11 -10.75 7.49 10.60
C SER A 11 -9.72 7.32 9.46
N HIS A 12 -8.46 7.00 9.78
CA HIS A 12 -7.35 7.07 8.81
C HIS A 12 -6.24 6.01 9.00
N LEU A 13 -5.46 5.78 7.94
CA LEU A 13 -4.46 4.72 7.81
C LEU A 13 -3.42 5.10 6.75
N LYS A 14 -2.17 4.64 6.86
CA LYS A 14 -1.09 4.85 5.88
C LYS A 14 -0.32 3.55 5.57
N VAL A 15 0.11 3.37 4.33
CA VAL A 15 0.77 2.15 3.81
C VAL A 15 1.91 2.54 2.86
N GLY A 16 3.08 1.92 2.99
CA GLY A 16 4.23 2.11 2.08
C GLY A 16 4.08 1.32 0.79
N SER A 17 4.45 1.91 -0.35
CA SER A 17 4.09 1.38 -1.69
C SER A 17 5.29 1.30 -2.63
N ALA A 18 5.46 0.16 -3.31
CA ALA A 18 6.64 -0.12 -4.14
C ALA A 18 6.41 -1.24 -5.17
N ALA A 19 7.09 -1.14 -6.30
CA ALA A 19 7.17 -2.19 -7.32
C ALA A 19 8.10 -3.33 -6.86
N ASP A 20 7.82 -4.55 -7.32
CA ASP A 20 8.57 -5.77 -6.99
C ASP A 20 9.67 -6.04 -8.02
N ILE A 21 10.93 -6.12 -7.57
CA ILE A 21 12.11 -6.35 -8.43
C ILE A 21 12.70 -7.75 -8.13
N PRO A 22 12.58 -8.74 -9.03
CA PRO A 22 13.10 -10.09 -8.82
C PRO A 22 14.62 -10.13 -9.02
N ILE A 23 15.34 -10.84 -8.13
CA ILE A 23 16.81 -10.86 -8.04
C ILE A 23 17.29 -12.26 -7.62
N ASN A 24 18.42 -12.71 -8.19
CA ASN A 24 19.12 -13.96 -7.84
C ASN A 24 18.19 -15.20 -7.90
N ILE A 25 17.66 -15.48 -9.09
CA ILE A 25 16.59 -16.46 -9.34
C ILE A 25 17.09 -17.88 -9.05
N SER A 26 16.68 -18.44 -7.92
CA SER A 26 17.14 -19.74 -7.37
C SER A 26 16.32 -20.13 -6.13
N GLU A 27 16.60 -21.29 -5.54
CA GLU A 27 15.91 -21.85 -4.37
C GLU A 27 16.45 -21.29 -3.03
N THR A 28 16.65 -19.96 -2.97
CA THR A 28 17.15 -19.24 -1.78
C THR A 28 16.10 -19.20 -0.68
N ASP A 29 16.53 -19.40 0.56
CA ASP A 29 15.70 -19.29 1.77
C ASP A 29 15.63 -17.83 2.26
N LEU A 30 14.46 -17.39 2.74
CA LEU A 30 14.19 -15.99 3.10
C LEU A 30 14.67 -15.61 4.51
N SER A 31 14.95 -16.57 5.41
CA SER A 31 15.20 -16.28 6.83
C SER A 31 16.64 -15.82 7.14
N LEU A 32 17.64 -16.31 6.39
CA LEU A 32 19.05 -15.89 6.51
C LEU A 32 19.48 -14.84 5.46
N LEU A 33 18.58 -14.44 4.57
CA LEU A 33 18.80 -13.38 3.59
C LEU A 33 18.41 -12.00 4.16
N THR A 34 19.13 -10.96 3.73
CA THR A 34 18.85 -9.53 3.96
C THR A 34 19.14 -8.74 2.68
N ALA A 35 18.62 -7.52 2.58
CA ALA A 35 18.79 -6.65 1.41
C ALA A 35 18.72 -5.16 1.78
N THR A 36 19.52 -4.35 1.08
CA THR A 36 19.58 -2.88 1.22
C THR A 36 19.69 -2.24 -0.17
N VAL A 37 19.40 -0.95 -0.26
CA VAL A 37 19.66 -0.09 -1.43
C VAL A 37 20.61 1.04 -1.03
N VAL A 38 21.56 1.31 -1.91
CA VAL A 38 22.38 2.53 -1.92
C VAL A 38 21.85 3.46 -3.03
N PRO A 39 21.23 4.60 -2.69
CA PRO A 39 20.77 5.59 -3.65
C PRO A 39 21.93 6.44 -4.18
N PRO A 40 21.73 7.24 -5.25
CA PRO A 40 22.75 8.18 -5.74
C PRO A 40 23.08 9.29 -4.72
N SER A 41 22.22 9.52 -3.72
CA SER A 41 22.48 10.39 -2.56
C SER A 41 23.57 9.86 -1.61
N GLY A 42 23.91 8.56 -1.69
CA GLY A 42 24.95 7.91 -0.86
C GLY A 42 24.52 7.62 0.57
N ARG A 43 23.22 7.34 0.81
CA ARG A 43 22.63 7.08 2.13
C ARG A 43 21.89 5.73 2.13
N GLU A 44 22.54 4.68 2.62
CA GLU A 44 22.04 3.30 2.57
C GLU A 44 20.74 3.13 3.40
N GLU A 45 19.75 2.42 2.83
CA GLU A 45 18.47 2.08 3.48
C GLU A 45 18.08 0.62 3.19
N PRO A 46 17.33 -0.05 4.10
CA PRO A 46 16.92 -1.44 3.95
C PRO A 46 15.80 -1.63 2.93
N CYS A 47 15.70 -2.84 2.37
CA CYS A 47 14.65 -3.27 1.45
C CYS A 47 13.75 -4.35 2.09
N LEU A 48 12.51 -4.45 1.62
CA LEU A 48 11.58 -5.53 1.94
C LEU A 48 11.82 -6.71 0.98
N LEU A 49 12.17 -7.88 1.52
CA LEU A 49 12.29 -9.14 0.78
C LEU A 49 10.93 -9.83 0.64
N LYS A 50 10.70 -10.43 -0.54
CA LYS A 50 9.44 -11.09 -0.91
C LYS A 50 9.69 -12.37 -1.74
N ARG A 51 8.92 -13.43 -1.46
CA ARG A 51 8.74 -14.56 -2.39
C ARG A 51 7.48 -14.28 -3.23
N LEU A 52 7.66 -13.99 -4.52
CA LEU A 52 6.60 -13.53 -5.43
C LEU A 52 5.75 -14.70 -5.95
N ARG A 53 4.58 -14.40 -6.52
CA ARG A 53 3.52 -15.39 -6.84
C ARG A 53 3.97 -16.53 -7.77
N ASN A 54 4.87 -16.28 -8.72
CA ASN A 54 5.38 -17.29 -9.65
C ASN A 54 6.44 -18.24 -9.04
N GLY A 55 6.91 -17.95 -7.81
CA GLY A 55 7.87 -18.76 -7.04
C GLY A 55 9.28 -18.16 -6.94
N HIS A 56 9.60 -17.15 -7.75
CA HIS A 56 10.85 -16.40 -7.71
C HIS A 56 10.93 -15.39 -6.54
N VAL A 57 12.14 -15.02 -6.12
CA VAL A 57 12.41 -14.12 -4.98
C VAL A 57 12.82 -12.74 -5.49
N GLY A 58 12.39 -11.68 -4.79
CA GLY A 58 12.68 -10.29 -5.13
C GLY A 58 12.71 -9.33 -3.94
N ILE A 59 13.01 -8.06 -4.23
CA ILE A 59 13.01 -6.94 -3.28
C ILE A 59 11.96 -5.89 -3.64
N SER A 60 11.67 -4.99 -2.71
CA SER A 60 10.93 -3.75 -2.93
C SER A 60 11.35 -2.66 -1.92
N PHE A 61 11.26 -1.38 -2.32
CA PHE A 61 11.78 -0.21 -1.60
C PHE A 61 11.23 1.09 -2.18
N VAL A 62 11.40 2.22 -1.50
CA VAL A 62 11.01 3.57 -1.99
C VAL A 62 12.27 4.40 -2.29
N PRO A 63 12.52 4.81 -3.55
CA PRO A 63 13.64 5.68 -3.92
C PRO A 63 13.36 7.13 -3.53
N LYS A 64 14.42 7.86 -3.17
CA LYS A 64 14.34 9.24 -2.67
C LYS A 64 14.77 10.30 -3.71
N GLU A 65 15.32 9.85 -4.85
CA GLU A 65 15.76 10.65 -6.00
C GLU A 65 15.52 9.87 -7.31
N THR A 66 15.77 10.50 -8.46
CA THR A 66 15.86 9.83 -9.77
C THR A 66 17.29 9.35 -10.05
N GLY A 67 17.44 8.50 -11.07
CA GLY A 67 18.72 7.96 -11.53
C GLY A 67 19.03 6.56 -10.99
N GLU A 68 20.26 6.10 -11.21
CA GLU A 68 20.72 4.76 -10.86
C GLU A 68 20.84 4.57 -9.34
N HIS A 69 20.05 3.66 -8.79
CA HIS A 69 20.18 3.11 -7.44
C HIS A 69 20.79 1.70 -7.53
N LEU A 70 21.64 1.32 -6.57
CA LEU A 70 22.22 -0.02 -6.46
C LEU A 70 21.57 -0.79 -5.31
N VAL A 71 21.03 -1.98 -5.60
CA VAL A 71 20.60 -2.97 -4.58
C VAL A 71 21.83 -3.81 -4.18
N HIS A 72 21.99 -4.08 -2.89
CA HIS A 72 22.94 -5.04 -2.33
C HIS A 72 22.18 -6.13 -1.55
N VAL A 73 22.23 -7.39 -2.02
CA VAL A 73 21.57 -8.54 -1.39
C VAL A 73 22.63 -9.43 -0.72
N LYS A 74 22.34 -9.90 0.49
CA LYS A 74 23.27 -10.60 1.37
C LYS A 74 22.67 -11.90 1.94
N LYS A 75 23.50 -12.95 2.05
CA LYS A 75 23.24 -14.20 2.75
C LYS A 75 24.15 -14.30 3.98
N ASN A 76 23.59 -14.43 5.18
CA ASN A 76 24.33 -14.49 6.46
C ASN A 76 25.26 -13.27 6.69
N GLY A 77 24.94 -12.12 6.08
CA GLY A 77 25.72 -10.87 6.13
C GLY A 77 26.80 -10.73 5.04
N GLN A 78 26.99 -11.72 4.17
CA GLN A 78 27.94 -11.71 3.05
C GLN A 78 27.18 -11.46 1.74
N HIS A 79 27.66 -10.57 0.86
CA HIS A 79 26.98 -10.25 -0.40
C HIS A 79 26.88 -11.46 -1.36
N VAL A 80 25.74 -11.61 -2.04
CA VAL A 80 25.49 -12.70 -3.00
C VAL A 80 26.16 -12.41 -4.36
N ALA A 81 26.40 -13.46 -5.16
CA ALA A 81 27.12 -13.36 -6.44
C ALA A 81 26.50 -12.38 -7.46
N SER A 82 25.19 -12.15 -7.38
CA SER A 82 24.47 -11.19 -8.24
C SER A 82 24.70 -9.71 -7.89
N SER A 83 25.15 -9.39 -6.66
CA SER A 83 25.26 -8.00 -6.18
C SER A 83 26.56 -7.29 -6.63
N PRO A 84 26.55 -5.95 -6.81
CA PRO A 84 25.38 -5.07 -6.72
C PRO A 84 24.49 -5.17 -7.98
N ILE A 85 23.19 -4.94 -7.80
CA ILE A 85 22.19 -4.94 -8.89
C ILE A 85 21.74 -3.48 -9.14
N PRO A 86 21.95 -2.92 -10.35
CA PRO A 86 21.51 -1.57 -10.68
C PRO A 86 20.02 -1.54 -11.03
N VAL A 87 19.31 -0.50 -10.56
CA VAL A 87 17.92 -0.18 -10.93
C VAL A 87 17.86 1.33 -11.22
N VAL A 88 17.39 1.72 -12.40
CA VAL A 88 17.33 3.14 -12.84
C VAL A 88 15.91 3.69 -12.65
N ILE A 89 15.79 4.76 -11.88
CA ILE A 89 14.51 5.39 -11.48
C ILE A 89 14.26 6.63 -12.35
N SER A 90 13.09 6.73 -12.97
CA SER A 90 12.61 7.94 -13.66
C SER A 90 11.62 8.73 -12.78
N GLN A 91 11.41 10.02 -13.09
CA GLN A 91 10.52 10.91 -12.32
C GLN A 91 9.07 10.40 -12.25
N SER A 92 8.60 9.71 -13.29
CA SER A 92 7.25 9.12 -13.34
C SER A 92 7.07 7.95 -12.35
N GLU A 93 8.15 7.39 -11.80
CA GLU A 93 8.13 6.29 -10.82
C GLU A 93 8.10 6.79 -9.36
N ILE A 94 8.29 8.09 -9.11
CA ILE A 94 8.47 8.66 -7.76
C ILE A 94 7.15 8.77 -6.98
N GLY A 95 6.03 9.01 -7.67
CA GLY A 95 4.73 9.27 -7.02
C GLY A 95 3.62 9.74 -7.96
N ASP A 96 3.42 9.07 -9.09
CA ASP A 96 2.36 9.39 -10.05
C ASP A 96 1.04 8.70 -9.67
N ALA A 97 0.14 9.46 -9.01
CA ALA A 97 -1.17 8.98 -8.55
C ALA A 97 -2.10 8.56 -9.71
N SER A 98 -1.98 9.21 -10.87
CA SER A 98 -2.75 8.90 -12.10
C SER A 98 -2.59 7.45 -12.59
N ARG A 99 -1.49 6.78 -12.21
CA ARG A 99 -1.20 5.37 -12.52
C ARG A 99 -1.85 4.37 -11.54
N VAL A 100 -2.31 4.81 -10.36
CA VAL A 100 -2.82 3.91 -9.31
C VAL A 100 -4.21 3.36 -9.67
N ARG A 101 -4.40 2.05 -9.46
CA ARG A 101 -5.66 1.34 -9.65
C ARG A 101 -6.23 0.81 -8.31
N VAL A 102 -7.54 0.59 -8.26
CA VAL A 102 -8.28 0.06 -7.11
C VAL A 102 -9.44 -0.83 -7.56
N SER A 103 -9.93 -1.72 -6.67
CA SER A 103 -11.01 -2.68 -6.98
C SER A 103 -11.70 -3.20 -5.69
N GLY A 104 -12.75 -4.01 -5.83
CA GLY A 104 -13.50 -4.63 -4.72
C GLY A 104 -14.79 -3.88 -4.34
N GLN A 105 -15.67 -4.59 -3.63
CA GLN A 105 -17.05 -4.14 -3.35
C GLN A 105 -17.12 -3.00 -2.33
N GLY A 106 -16.15 -2.88 -1.41
CA GLY A 106 -16.14 -1.89 -0.33
C GLY A 106 -15.94 -0.44 -0.77
N LEU A 107 -15.72 -0.20 -2.08
CA LEU A 107 -15.75 1.13 -2.70
C LEU A 107 -17.15 1.53 -3.19
N HIS A 108 -18.14 0.65 -3.08
CA HIS A 108 -19.50 0.83 -3.63
C HIS A 108 -20.63 0.46 -2.64
N GLU A 109 -20.47 -0.63 -1.87
CA GLU A 109 -21.49 -1.18 -0.96
C GLU A 109 -20.85 -1.68 0.34
N GLY A 110 -21.62 -1.68 1.44
CA GLY A 110 -21.21 -2.24 2.73
C GLY A 110 -22.36 -2.62 3.66
N HIS A 111 -21.98 -3.14 4.82
CA HIS A 111 -22.86 -3.53 5.93
C HIS A 111 -22.28 -3.04 7.28
N THR A 112 -23.10 -2.93 8.32
CA THR A 112 -22.66 -2.54 9.67
C THR A 112 -21.85 -3.65 10.33
N PHE A 113 -22.48 -4.77 10.67
CA PHE A 113 -21.93 -5.79 11.56
C PHE A 113 -20.98 -6.79 10.86
N GLU A 114 -20.99 -6.83 9.52
CA GLU A 114 -20.00 -7.51 8.69
C GLU A 114 -19.06 -6.47 8.04
N PRO A 115 -17.73 -6.68 8.01
CA PRO A 115 -16.79 -5.74 7.43
C PRO A 115 -16.87 -5.71 5.90
N ALA A 116 -16.51 -4.56 5.31
CA ALA A 116 -16.42 -4.36 3.86
C ALA A 116 -14.93 -4.31 3.42
N GLU A 117 -14.61 -4.99 2.31
CA GLU A 117 -13.24 -5.14 1.78
C GLU A 117 -13.06 -4.52 0.39
N PHE A 118 -11.85 -4.03 0.12
CA PHE A 118 -11.42 -3.48 -1.17
C PHE A 118 -9.91 -3.57 -1.34
N ILE A 119 -9.44 -3.62 -2.59
CA ILE A 119 -8.04 -3.83 -3.00
C ILE A 119 -7.49 -2.55 -3.62
N ILE A 120 -6.22 -2.24 -3.34
CA ILE A 120 -5.43 -1.17 -3.96
C ILE A 120 -4.23 -1.80 -4.69
N ASP A 121 -3.98 -1.35 -5.91
CA ASP A 121 -2.90 -1.82 -6.79
C ASP A 121 -2.00 -0.65 -7.22
N THR A 122 -0.84 -0.57 -6.56
CA THR A 122 0.24 0.41 -6.82
C THR A 122 1.39 -0.18 -7.64
N ARG A 123 1.34 -1.47 -8.02
CA ARG A 123 2.39 -2.15 -8.79
C ARG A 123 2.64 -1.45 -10.14
N ASP A 124 1.55 -1.01 -10.79
CA ASP A 124 1.56 -0.31 -12.08
C ASP A 124 1.90 1.20 -11.94
N ALA A 125 2.03 1.71 -10.72
CA ALA A 125 2.33 3.11 -10.41
C ALA A 125 3.79 3.38 -10.01
N GLY A 126 4.63 2.34 -9.91
CA GLY A 126 6.04 2.45 -9.48
C GLY A 126 6.15 2.44 -7.96
N TYR A 127 6.69 3.52 -7.40
CA TYR A 127 6.97 3.68 -5.96
C TYR A 127 6.24 4.90 -5.35
N GLY A 128 6.18 4.95 -4.01
CA GLY A 128 5.58 6.05 -3.25
C GLY A 128 4.99 5.60 -1.90
N GLY A 129 3.84 6.17 -1.56
CA GLY A 129 3.09 5.82 -0.33
C GLY A 129 1.62 6.20 -0.43
N LEU A 130 0.76 5.31 0.06
CA LEU A 130 -0.70 5.44 0.08
C LEU A 130 -1.13 5.93 1.48
N SER A 131 -1.85 7.06 1.53
CA SER A 131 -2.59 7.52 2.72
C SER A 131 -4.10 7.43 2.44
N LEU A 132 -4.88 6.99 3.45
CA LEU A 132 -6.27 6.62 3.30
C LEU A 132 -7.10 7.18 4.45
N SER A 133 -8.26 7.76 4.14
CA SER A 133 -9.19 8.30 5.14
C SER A 133 -10.63 7.90 4.82
N ILE A 134 -11.32 7.28 5.76
CA ILE A 134 -12.75 6.95 5.68
C ILE A 134 -13.52 7.93 6.55
N GLU A 135 -14.58 8.53 6.00
CA GLU A 135 -15.38 9.58 6.63
C GLU A 135 -16.87 9.20 6.57
N GLY A 136 -17.67 9.60 7.56
CA GLY A 136 -19.10 9.25 7.60
C GLY A 136 -19.80 9.57 8.93
N PRO A 137 -20.93 8.91 9.24
CA PRO A 137 -21.75 9.20 10.42
C PRO A 137 -21.06 8.83 11.75
N SER A 138 -20.06 7.95 11.74
CA SER A 138 -19.31 7.54 12.95
C SER A 138 -17.85 7.12 12.64
N LYS A 139 -17.03 6.93 13.67
CA LYS A 139 -15.67 6.39 13.58
C LYS A 139 -15.67 4.91 13.12
N VAL A 140 -14.64 4.45 12.42
CA VAL A 140 -14.49 3.06 11.93
C VAL A 140 -13.11 2.51 12.24
N ASP A 141 -13.02 1.20 12.51
CA ASP A 141 -11.74 0.49 12.65
C ASP A 141 -11.24 0.04 11.26
N ILE A 142 -10.14 0.64 10.78
CA ILE A 142 -9.51 0.31 9.49
C ILE A 142 -8.37 -0.70 9.72
N ASN A 143 -8.35 -1.75 8.90
CA ASN A 143 -7.33 -2.81 8.90
C ASN A 143 -6.78 -3.03 7.47
N THR A 144 -5.59 -3.61 7.37
CA THR A 144 -4.82 -3.79 6.11
C THR A 144 -4.16 -5.17 6.05
N GLU A 145 -3.93 -5.66 4.83
CA GLU A 145 -3.35 -6.98 4.55
C GLU A 145 -2.63 -6.98 3.19
N ASP A 146 -1.31 -7.16 3.19
CA ASP A 146 -0.49 -7.30 1.98
C ASP A 146 -0.61 -8.71 1.39
N LEU A 147 -0.89 -8.79 0.08
CA LEU A 147 -1.16 -10.04 -0.64
C LEU A 147 0.06 -10.52 -1.44
N GLU A 148 0.13 -11.84 -1.68
CA GLU A 148 1.25 -12.49 -2.39
C GLU A 148 1.32 -12.12 -3.88
N ASP A 149 0.22 -11.61 -4.46
CA ASP A 149 0.15 -11.05 -5.81
C ASP A 149 0.78 -9.64 -5.93
N GLY A 150 1.14 -9.02 -4.79
CA GLY A 150 1.81 -7.71 -4.70
C GLY A 150 0.85 -6.53 -4.45
N THR A 151 -0.47 -6.78 -4.37
CA THR A 151 -1.52 -5.80 -4.05
C THR A 151 -1.76 -5.70 -2.55
N CYS A 152 -2.48 -4.66 -2.12
CA CYS A 152 -2.90 -4.46 -0.73
C CYS A 152 -4.42 -4.54 -0.59
N ARG A 153 -4.93 -5.40 0.30
CA ARG A 153 -6.33 -5.41 0.75
C ARG A 153 -6.49 -4.46 1.93
N VAL A 154 -7.54 -3.65 1.90
CA VAL A 154 -8.00 -2.77 2.99
C VAL A 154 -9.39 -3.23 3.43
N THR A 155 -9.67 -3.20 4.73
CA THR A 155 -10.95 -3.58 5.35
C THR A 155 -11.37 -2.55 6.39
N TYR A 156 -12.69 -2.42 6.59
CA TYR A 156 -13.27 -1.63 7.67
C TYR A 156 -14.64 -2.13 8.11
N CYS A 157 -14.98 -1.93 9.39
CA CYS A 157 -16.24 -2.35 10.01
C CYS A 157 -16.97 -1.11 10.59
N PRO A 158 -17.98 -0.54 9.88
CA PRO A 158 -18.68 0.67 10.30
C PRO A 158 -19.72 0.38 11.39
N THR A 159 -19.78 1.22 12.43
CA THR A 159 -20.68 1.01 13.58
C THR A 159 -22.11 1.44 13.27
N GLU A 160 -22.28 2.61 12.65
CA GLU A 160 -23.58 3.16 12.26
C GLU A 160 -23.86 2.93 10.76
N PRO A 161 -25.12 2.75 10.33
CA PRO A 161 -25.51 2.72 8.92
C PRO A 161 -25.54 4.14 8.33
N GLY A 162 -25.57 4.23 6.99
CA GLY A 162 -25.59 5.49 6.23
C GLY A 162 -24.68 5.47 5.00
N ASN A 163 -24.20 6.64 4.59
CA ASN A 163 -23.23 6.80 3.50
C ASN A 163 -21.84 7.17 4.06
N TYR A 164 -20.83 6.34 3.75
CA TYR A 164 -19.42 6.60 4.05
C TYR A 164 -18.66 7.01 2.79
N ILE A 165 -17.69 7.91 2.93
CA ILE A 165 -16.79 8.40 1.87
C ILE A 165 -15.40 7.83 2.13
N ILE A 166 -14.77 7.23 1.13
CA ILE A 166 -13.39 6.71 1.18
C ILE A 166 -12.50 7.56 0.27
N ASN A 167 -11.46 8.14 0.86
CA ASN A 167 -10.44 8.95 0.18
C ASN A 167 -9.17 8.10 -0.03
N ILE A 168 -8.70 8.00 -1.28
CA ILE A 168 -7.48 7.27 -1.66
C ILE A 168 -6.47 8.28 -2.23
N LYS A 169 -5.38 8.51 -1.51
CA LYS A 169 -4.32 9.48 -1.86
C LYS A 169 -2.95 8.80 -1.93
N PHE A 170 -2.19 9.06 -2.99
CA PHE A 170 -0.86 8.51 -3.27
C PHE A 170 0.13 9.65 -3.50
N ALA A 171 1.23 9.70 -2.72
CA ALA A 171 2.28 10.72 -2.83
C ALA A 171 1.72 12.17 -2.81
N ASP A 172 0.77 12.42 -1.89
CA ASP A 172 0.08 13.71 -1.63
C ASP A 172 -0.84 14.17 -2.78
N GLN A 173 -1.24 13.26 -3.67
CA GLN A 173 -2.18 13.48 -4.78
C GLN A 173 -3.35 12.48 -4.69
N HIS A 174 -4.58 12.96 -4.78
CA HIS A 174 -5.80 12.14 -4.71
C HIS A 174 -5.97 11.28 -6.00
N VAL A 175 -6.12 9.96 -5.89
CA VAL A 175 -6.05 9.05 -7.07
C VAL A 175 -7.36 9.05 -7.89
N PRO A 176 -7.33 8.69 -9.19
CA PRO A 176 -8.52 8.62 -10.04
C PRO A 176 -9.65 7.76 -9.47
N GLY A 177 -10.89 8.19 -9.65
CA GLY A 177 -12.11 7.55 -9.15
C GLY A 177 -12.48 7.95 -7.72
N SER A 178 -11.51 8.35 -6.90
CA SER A 178 -11.72 8.88 -5.55
C SER A 178 -12.24 10.34 -5.62
N PRO A 179 -13.14 10.80 -4.71
CA PRO A 179 -13.67 10.10 -3.54
C PRO A 179 -14.73 9.05 -3.92
N PHE A 180 -14.75 7.94 -3.18
CA PHE A 180 -15.71 6.84 -3.35
C PHE A 180 -16.80 6.92 -2.28
N SER A 181 -18.05 7.10 -2.67
CA SER A 181 -19.22 7.02 -1.78
C SER A 181 -19.73 5.56 -1.65
N VAL A 182 -20.06 5.14 -0.43
CA VAL A 182 -20.32 3.73 -0.07
C VAL A 182 -21.60 3.65 0.78
N LYS A 183 -22.66 3.04 0.24
CA LYS A 183 -23.92 2.84 0.97
C LYS A 183 -23.80 1.65 1.95
N VAL A 184 -23.95 1.93 3.25
CA VAL A 184 -23.89 0.95 4.34
C VAL A 184 -25.29 0.77 4.93
N THR A 185 -25.79 -0.48 4.93
CA THR A 185 -27.09 -0.86 5.53
C THR A 185 -26.88 -1.60 6.85
N GLY A 186 -27.87 -1.55 7.73
CA GLY A 186 -27.84 -2.14 9.07
C GLY A 186 -29.15 -2.00 9.86
N GLU A 187 -29.18 -2.63 11.04
CA GLU A 187 -30.30 -2.63 11.99
C GLU A 187 -29.86 -1.98 13.34
N GLY A 188 -30.76 -1.98 14.33
CA GLY A 188 -30.50 -1.50 15.70
C GLY A 188 -29.72 -2.48 16.59
N ARG A 189 -29.11 -3.52 15.98
CA ARG A 189 -28.30 -4.62 16.54
C ARG A 189 -29.15 -5.88 16.79
N VAL A 190 -28.66 -7.02 16.35
CA VAL A 190 -29.29 -8.36 16.43
C VAL A 190 -28.25 -9.44 16.74
N LYS A 191 -28.70 -10.59 17.27
CA LYS A 191 -27.86 -11.75 17.59
C LYS A 191 -27.28 -12.47 16.36
N GLY A 1 -19.43 33.77 7.81
CA GLY A 1 -20.86 33.67 7.41
C GLY A 1 -21.59 32.63 8.24
N ALA A 2 -22.56 31.93 7.64
CA ALA A 2 -23.35 30.88 8.28
C ALA A 2 -22.54 29.58 8.51
N MET A 3 -23.02 28.74 9.45
CA MET A 3 -22.41 27.46 9.84
C MET A 3 -23.45 26.55 10.52
N GLY A 4 -23.35 25.23 10.29
CA GLY A 4 -24.24 24.22 10.86
C GLY A 4 -23.80 23.76 12.26
N ASP A 5 -24.76 23.29 13.07
CA ASP A 5 -24.50 22.75 14.41
C ASP A 5 -23.88 21.33 14.37
N ASP A 6 -24.19 20.57 13.32
CA ASP A 6 -23.65 19.23 13.02
C ASP A 6 -22.60 19.26 11.89
N SER A 7 -21.83 18.18 11.76
CA SER A 7 -20.77 18.00 10.75
C SER A 7 -20.35 16.53 10.61
N MET A 8 -19.82 16.14 9.44
CA MET A 8 -19.39 14.76 9.15
C MET A 8 -18.25 14.32 10.06
N ARG A 9 -18.38 13.14 10.67
CA ARG A 9 -17.32 12.47 11.43
C ARG A 9 -16.41 11.71 10.48
N MET A 10 -15.12 11.59 10.83
CA MET A 10 -14.10 10.96 9.98
C MET A 10 -13.04 10.18 10.77
N SER A 11 -12.40 9.24 10.10
CA SER A 11 -11.24 8.49 10.58
C SER A 11 -10.20 8.31 9.45
N HIS A 12 -8.91 8.26 9.79
CA HIS A 12 -7.80 8.27 8.84
C HIS A 12 -6.66 7.28 9.20
N LEU A 13 -5.89 6.88 8.19
CA LEU A 13 -4.89 5.79 8.25
C LEU A 13 -3.88 5.94 7.10
N LYS A 14 -2.63 5.49 7.30
CA LYS A 14 -1.56 5.53 6.28
C LYS A 14 -0.85 4.17 6.10
N VAL A 15 -0.38 3.89 4.88
CA VAL A 15 0.33 2.65 4.48
C VAL A 15 1.49 3.01 3.54
N GLY A 16 2.67 2.42 3.77
CA GLY A 16 3.83 2.56 2.89
C GLY A 16 3.83 1.50 1.78
N SER A 17 3.88 1.93 0.52
CA SER A 17 3.93 1.04 -0.64
C SER A 17 5.37 0.85 -1.15
N ALA A 18 5.81 -0.41 -1.21
CA ALA A 18 7.12 -0.82 -1.71
C ALA A 18 6.97 -1.86 -2.83
N ALA A 19 7.39 -1.51 -4.05
CA ALA A 19 7.32 -2.41 -5.21
C ALA A 19 8.36 -3.54 -5.13
N ASP A 20 7.98 -4.73 -5.56
CA ASP A 20 8.86 -5.89 -5.71
C ASP A 20 9.70 -5.79 -7.00
N ILE A 21 11.02 -5.99 -6.86
CA ILE A 21 11.99 -6.04 -7.96
C ILE A 21 12.71 -7.40 -7.93
N PRO A 22 12.65 -8.22 -8.99
CA PRO A 22 13.34 -9.50 -9.03
C PRO A 22 14.85 -9.31 -9.18
N ILE A 23 15.61 -10.19 -8.54
CA ILE A 23 17.09 -10.21 -8.51
C ILE A 23 17.57 -11.57 -9.04
N ASN A 24 18.70 -11.59 -9.77
CA ASN A 24 19.16 -12.72 -10.59
C ASN A 24 18.97 -14.10 -9.92
N ILE A 25 18.11 -14.92 -10.51
CA ILE A 25 17.48 -16.07 -9.84
C ILE A 25 18.46 -17.25 -9.75
N SER A 26 18.52 -17.89 -8.59
CA SER A 26 19.33 -19.08 -8.30
C SER A 26 18.79 -19.83 -7.06
N GLU A 27 19.38 -20.98 -6.72
CA GLU A 27 18.96 -21.87 -5.63
C GLU A 27 19.52 -21.45 -4.25
N THR A 28 19.67 -20.13 -4.04
CA THR A 28 20.15 -19.52 -2.79
C THR A 28 19.11 -19.62 -1.68
N ASP A 29 19.56 -19.92 -0.46
CA ASP A 29 18.71 -20.01 0.74
C ASP A 29 18.39 -18.63 1.31
N LEU A 30 17.11 -18.36 1.58
CA LEU A 30 16.62 -17.03 1.98
C LEU A 30 16.90 -16.66 3.44
N SER A 31 17.27 -17.61 4.30
CA SER A 31 17.50 -17.37 5.74
C SER A 31 18.93 -16.89 6.05
N LEU A 32 19.90 -17.20 5.18
CA LEU A 32 21.32 -16.78 5.29
C LEU A 32 21.74 -15.69 4.28
N LEU A 33 20.78 -15.19 3.47
CA LEU A 33 20.95 -14.02 2.60
C LEU A 33 20.44 -12.74 3.30
N THR A 34 21.09 -11.60 3.00
CA THR A 34 20.62 -10.24 3.34
C THR A 34 20.91 -9.28 2.18
N ALA A 35 20.11 -8.21 2.05
CA ALA A 35 20.19 -7.24 0.96
C ALA A 35 20.01 -5.79 1.43
N THR A 36 20.67 -4.86 0.74
CA THR A 36 20.79 -3.42 1.06
C THR A 36 20.86 -2.62 -0.23
N VAL A 37 20.06 -1.56 -0.35
CA VAL A 37 20.11 -0.61 -1.48
C VAL A 37 21.06 0.54 -1.16
N VAL A 38 21.88 0.91 -2.15
CA VAL A 38 22.65 2.16 -2.18
C VAL A 38 22.05 3.07 -3.27
N PRO A 39 21.44 4.22 -2.92
CA PRO A 39 20.86 5.18 -3.87
C PRO A 39 21.95 6.09 -4.45
N PRO A 40 21.62 6.94 -5.45
CA PRO A 40 22.49 8.01 -5.95
C PRO A 40 23.01 8.95 -4.85
N SER A 41 22.22 9.18 -3.79
CA SER A 41 22.59 10.01 -2.63
C SER A 41 23.59 9.34 -1.67
N GLY A 42 23.87 8.04 -1.84
CA GLY A 42 24.79 7.25 -1.00
C GLY A 42 24.21 6.77 0.33
N ARG A 43 22.96 7.14 0.66
CA ARG A 43 22.26 6.81 1.91
C ARG A 43 21.79 5.34 1.92
N GLU A 44 22.66 4.43 2.37
CA GLU A 44 22.39 2.98 2.39
C GLU A 44 21.20 2.61 3.28
N GLU A 45 20.31 1.74 2.79
CA GLU A 45 19.13 1.24 3.52
C GLU A 45 18.90 -0.26 3.26
N PRO A 46 18.37 -1.03 4.24
CA PRO A 46 18.09 -2.45 4.11
C PRO A 46 16.86 -2.71 3.24
N CYS A 47 16.83 -3.88 2.59
CA CYS A 47 15.73 -4.34 1.73
C CYS A 47 15.02 -5.57 2.31
N LEU A 48 13.73 -5.71 2.01
CA LEU A 48 12.91 -6.86 2.39
C LEU A 48 12.95 -7.91 1.27
N LEU A 49 13.51 -9.09 1.55
CA LEU A 49 13.64 -10.22 0.60
C LEU A 49 12.31 -10.99 0.49
N LYS A 50 11.87 -11.24 -0.75
CA LYS A 50 10.58 -11.87 -1.08
C LYS A 50 10.72 -13.01 -2.10
N ARG A 51 9.94 -14.08 -1.93
CA ARG A 51 9.64 -15.07 -2.97
C ARG A 51 8.33 -14.65 -3.66
N LEU A 52 8.39 -14.46 -4.98
CA LEU A 52 7.37 -13.78 -5.80
C LEU A 52 6.47 -14.77 -6.56
N ARG A 53 5.42 -14.25 -7.21
CA ARG A 53 4.27 -15.01 -7.75
C ARG A 53 4.64 -16.12 -8.76
N ASN A 54 5.66 -15.90 -9.60
CA ASN A 54 6.12 -16.86 -10.62
C ASN A 54 7.16 -17.87 -10.09
N GLY A 55 7.48 -17.84 -8.78
CA GLY A 55 8.50 -18.67 -8.14
C GLY A 55 9.89 -18.04 -8.10
N HIS A 56 10.07 -16.90 -8.76
CA HIS A 56 11.29 -16.08 -8.75
C HIS A 56 11.52 -15.35 -7.39
N VAL A 57 12.74 -14.88 -7.15
CA VAL A 57 13.17 -14.21 -5.91
C VAL A 57 13.48 -12.73 -6.21
N GLY A 58 13.13 -11.85 -5.28
CA GLY A 58 13.35 -10.40 -5.39
C GLY A 58 13.51 -9.67 -4.06
N ILE A 59 13.65 -8.34 -4.16
CA ILE A 59 13.73 -7.38 -3.06
C ILE A 59 12.60 -6.35 -3.14
N SER A 60 12.38 -5.61 -2.05
CA SER A 60 11.54 -4.41 -2.03
C SER A 60 12.06 -3.40 -0.98
N PHE A 61 11.78 -2.11 -1.24
CA PHE A 61 12.31 -0.93 -0.54
C PHE A 61 11.51 0.33 -0.99
N VAL A 62 11.93 1.54 -0.60
CA VAL A 62 11.40 2.81 -1.12
C VAL A 62 12.55 3.78 -1.48
N PRO A 63 12.69 4.21 -2.75
CA PRO A 63 13.67 5.19 -3.18
C PRO A 63 13.22 6.62 -2.85
N LYS A 64 14.19 7.51 -2.57
CA LYS A 64 13.94 8.92 -2.25
C LYS A 64 14.20 9.87 -3.45
N GLU A 65 14.86 9.37 -4.50
CA GLU A 65 15.26 10.09 -5.72
C GLU A 65 15.05 9.20 -6.96
N THR A 66 15.13 9.80 -8.16
CA THR A 66 15.20 9.08 -9.44
C THR A 66 16.63 8.68 -9.79
N GLY A 67 16.79 7.82 -10.79
CA GLY A 67 18.07 7.35 -11.33
C GLY A 67 18.46 5.93 -10.88
N GLU A 68 19.67 5.52 -11.24
CA GLU A 68 20.20 4.17 -10.99
C GLU A 68 20.55 3.99 -9.51
N HIS A 69 19.79 3.11 -8.85
CA HIS A 69 20.08 2.58 -7.51
C HIS A 69 20.77 1.21 -7.65
N LEU A 70 21.72 0.90 -6.76
CA LEU A 70 22.39 -0.40 -6.71
C LEU A 70 21.83 -1.23 -5.55
N VAL A 71 21.38 -2.45 -5.84
CA VAL A 71 21.05 -3.48 -4.84
C VAL A 71 22.31 -4.30 -4.58
N HIS A 72 22.86 -4.19 -3.38
CA HIS A 72 23.93 -5.04 -2.87
C HIS A 72 23.32 -6.22 -2.09
N VAL A 73 23.84 -7.44 -2.26
CA VAL A 73 23.26 -8.67 -1.68
C VAL A 73 24.33 -9.72 -1.42
N LYS A 74 24.24 -10.36 -0.24
CA LYS A 74 25.33 -11.12 0.38
C LYS A 74 24.87 -12.46 1.01
N LYS A 75 25.75 -13.46 0.93
CA LYS A 75 25.62 -14.81 1.50
C LYS A 75 26.70 -14.99 2.59
N ASN A 76 26.31 -15.39 3.80
CA ASN A 76 27.24 -15.67 4.92
C ASN A 76 28.15 -14.46 5.30
N GLY A 77 27.72 -13.23 4.97
CA GLY A 77 28.43 -11.98 5.22
C GLY A 77 29.33 -11.47 4.08
N GLN A 78 29.35 -12.12 2.92
CA GLN A 78 30.12 -11.69 1.73
C GLN A 78 29.24 -11.60 0.48
N HIS A 79 29.45 -10.60 -0.36
CA HIS A 79 28.61 -10.33 -1.54
C HIS A 79 28.60 -11.49 -2.57
N VAL A 80 27.42 -11.81 -3.12
CA VAL A 80 27.26 -12.91 -4.09
C VAL A 80 27.83 -12.53 -5.47
N ALA A 81 28.06 -13.51 -6.34
CA ALA A 81 28.70 -13.33 -7.66
C ALA A 81 27.95 -12.38 -8.61
N SER A 82 26.64 -12.22 -8.44
CA SER A 82 25.80 -11.28 -9.21
C SER A 82 25.76 -9.86 -8.64
N SER A 83 26.24 -9.63 -7.42
CA SER A 83 26.12 -8.35 -6.69
C SER A 83 27.26 -7.36 -7.03
N PRO A 84 27.00 -6.04 -7.12
CA PRO A 84 25.69 -5.39 -7.02
C PRO A 84 24.89 -5.48 -8.32
N ILE A 85 23.56 -5.35 -8.19
CA ILE A 85 22.59 -5.34 -9.30
C ILE A 85 22.02 -3.91 -9.45
N PRO A 86 22.05 -3.30 -10.65
CA PRO A 86 21.46 -1.97 -10.88
C PRO A 86 19.94 -2.07 -11.08
N VAL A 87 19.22 -1.08 -10.53
CA VAL A 87 17.77 -0.89 -10.71
C VAL A 87 17.53 0.61 -10.99
N VAL A 88 16.91 0.95 -12.12
CA VAL A 88 16.71 2.34 -12.56
C VAL A 88 15.30 2.81 -12.17
N ILE A 89 15.23 3.89 -11.40
CA ILE A 89 13.97 4.48 -10.89
C ILE A 89 13.61 5.70 -11.74
N SER A 90 12.45 5.65 -12.42
CA SER A 90 11.88 6.81 -13.14
C SER A 90 10.90 7.59 -12.25
N GLN A 91 10.58 8.85 -12.61
CA GLN A 91 9.64 9.68 -11.84
C GLN A 91 8.24 9.06 -11.75
N SER A 92 7.82 8.30 -12.77
CA SER A 92 6.57 7.51 -12.78
C SER A 92 6.50 6.43 -11.69
N GLU A 93 7.62 6.10 -11.02
CA GLU A 93 7.70 5.16 -9.91
C GLU A 93 7.74 5.86 -8.53
N ILE A 94 7.91 7.20 -8.47
CA ILE A 94 8.12 7.94 -7.21
C ILE A 94 6.81 8.21 -6.45
N GLY A 95 5.67 8.30 -7.15
CA GLY A 95 4.39 8.68 -6.56
C GLY A 95 3.27 8.99 -7.56
N ASP A 96 3.19 8.23 -8.66
CA ASP A 96 2.22 8.47 -9.73
C ASP A 96 0.79 8.02 -9.32
N ALA A 97 -0.02 8.95 -8.85
CA ALA A 97 -1.40 8.70 -8.41
C ALA A 97 -2.28 8.15 -9.55
N SER A 98 -2.14 8.67 -10.77
CA SER A 98 -2.88 8.22 -11.96
C SER A 98 -2.63 6.75 -12.34
N ARG A 99 -1.53 6.15 -11.86
CA ARG A 99 -1.20 4.72 -11.99
C ARG A 99 -1.77 3.83 -10.86
N VAL A 100 -2.31 4.39 -9.77
CA VAL A 100 -2.87 3.60 -8.65
C VAL A 100 -4.23 3.02 -9.05
N ARG A 101 -4.46 1.75 -8.69
CA ARG A 101 -5.71 1.00 -8.94
C ARG A 101 -6.32 0.52 -7.62
N VAL A 102 -7.61 0.18 -7.65
CA VAL A 102 -8.39 -0.27 -6.48
C VAL A 102 -9.48 -1.28 -6.90
N SER A 103 -9.99 -2.06 -5.96
CA SER A 103 -11.01 -3.10 -6.19
C SER A 103 -11.79 -3.46 -4.90
N GLY A 104 -12.81 -4.33 -5.00
CA GLY A 104 -13.63 -4.79 -3.87
C GLY A 104 -14.93 -3.99 -3.68
N GLN A 105 -15.87 -4.60 -2.95
CA GLN A 105 -17.26 -4.11 -2.83
C GLN A 105 -17.41 -2.86 -1.94
N GLY A 106 -16.50 -2.65 -0.98
CA GLY A 106 -16.56 -1.59 0.02
C GLY A 106 -16.34 -0.17 -0.51
N LEU A 107 -16.06 -0.01 -1.80
CA LEU A 107 -16.05 1.26 -2.54
C LEU A 107 -17.41 1.58 -3.19
N HIS A 108 -18.37 0.64 -3.15
CA HIS A 108 -19.68 0.74 -3.81
C HIS A 108 -20.86 0.55 -2.85
N GLU A 109 -20.77 -0.38 -1.89
CA GLU A 109 -21.81 -0.63 -0.88
C GLU A 109 -21.26 -1.29 0.40
N GLY A 110 -21.97 -1.10 1.52
CA GLY A 110 -21.67 -1.67 2.83
C GLY A 110 -22.92 -1.96 3.67
N HIS A 111 -22.71 -2.37 4.92
CA HIS A 111 -23.78 -2.81 5.84
C HIS A 111 -23.56 -2.28 7.28
N THR A 112 -24.66 -2.01 8.01
CA THR A 112 -24.64 -1.55 9.42
C THR A 112 -24.24 -2.64 10.42
N PHE A 113 -24.33 -3.91 10.04
CA PHE A 113 -24.13 -5.07 10.93
C PHE A 113 -22.93 -5.96 10.56
N GLU A 114 -22.22 -5.66 9.48
CA GLU A 114 -21.06 -6.41 8.98
C GLU A 114 -20.00 -5.46 8.39
N PRO A 115 -18.70 -5.79 8.49
CA PRO A 115 -17.63 -4.96 7.92
C PRO A 115 -17.64 -5.03 6.38
N ALA A 116 -17.35 -3.90 5.75
CA ALA A 116 -17.07 -3.79 4.33
C ALA A 116 -15.55 -3.94 4.06
N GLU A 117 -15.18 -4.43 2.88
CA GLU A 117 -13.78 -4.62 2.47
C GLU A 117 -13.50 -4.09 1.07
N PHE A 118 -12.28 -3.60 0.86
CA PHE A 118 -11.76 -3.15 -0.43
C PHE A 118 -10.24 -3.24 -0.47
N ILE A 119 -9.69 -3.44 -1.67
CA ILE A 119 -8.28 -3.64 -1.96
C ILE A 119 -7.71 -2.41 -2.69
N ILE A 120 -6.49 -2.02 -2.34
CA ILE A 120 -5.68 -1.02 -3.04
C ILE A 120 -4.48 -1.72 -3.70
N ASP A 121 -4.19 -1.35 -4.94
CA ASP A 121 -3.11 -1.87 -5.77
C ASP A 121 -2.23 -0.72 -6.30
N THR A 122 -1.09 -0.50 -5.62
CA THR A 122 -0.05 0.47 -5.95
C THR A 122 1.11 -0.12 -6.75
N ARG A 123 1.08 -1.41 -7.09
CA ARG A 123 2.19 -2.13 -7.75
C ARG A 123 2.58 -1.50 -9.10
N ASP A 124 1.59 -1.05 -9.88
CA ASP A 124 1.80 -0.39 -11.18
C ASP A 124 2.19 1.10 -11.05
N ALA A 125 2.02 1.69 -9.86
CA ALA A 125 2.44 3.06 -9.51
C ALA A 125 3.83 3.13 -8.86
N GLY A 126 4.46 1.98 -8.59
CA GLY A 126 5.80 1.88 -7.99
C GLY A 126 5.76 2.05 -6.47
N TYR A 127 6.45 3.07 -5.99
CA TYR A 127 6.73 3.34 -4.57
C TYR A 127 5.99 4.59 -4.06
N GLY A 128 5.86 4.72 -2.72
CA GLY A 128 5.37 5.94 -2.06
C GLY A 128 4.40 5.71 -0.90
N GLY A 129 3.89 6.82 -0.34
CA GLY A 129 2.94 6.81 0.78
C GLY A 129 1.49 6.87 0.31
N LEU A 130 0.69 5.87 0.71
CA LEU A 130 -0.76 5.80 0.51
C LEU A 130 -1.45 6.26 1.81
N SER A 131 -2.30 7.28 1.71
CA SER A 131 -3.12 7.81 2.80
C SER A 131 -4.61 7.58 2.52
N LEU A 132 -5.35 7.23 3.56
CA LEU A 132 -6.76 6.87 3.55
C LEU A 132 -7.54 7.75 4.54
N SER A 133 -8.71 8.22 4.14
CA SER A 133 -9.68 8.84 5.07
C SER A 133 -11.11 8.38 4.73
N ILE A 134 -11.84 7.86 5.72
CA ILE A 134 -13.26 7.48 5.60
C ILE A 134 -14.09 8.43 6.45
N GLU A 135 -15.21 8.93 5.91
CA GLU A 135 -16.06 9.93 6.55
C GLU A 135 -17.55 9.71 6.23
N GLY A 136 -18.44 10.19 7.10
CA GLY A 136 -19.89 10.02 6.93
C GLY A 136 -20.74 10.39 8.16
N PRO A 137 -21.96 9.81 8.28
CA PRO A 137 -22.93 10.17 9.33
C PRO A 137 -22.54 9.71 10.73
N SER A 138 -21.51 8.87 10.89
CA SER A 138 -20.95 8.46 12.18
C SER A 138 -19.46 8.08 12.05
N LYS A 139 -18.73 7.99 13.17
CA LYS A 139 -17.34 7.54 13.21
C LYS A 139 -17.24 6.03 12.91
N VAL A 140 -16.18 5.60 12.21
CA VAL A 140 -15.88 4.18 11.90
C VAL A 140 -14.48 3.80 12.39
N ASP A 141 -14.28 2.52 12.71
CA ASP A 141 -12.95 1.95 12.99
C ASP A 141 -12.40 1.25 11.75
N ILE A 142 -11.14 1.56 11.39
CA ILE A 142 -10.47 1.12 10.16
C ILE A 142 -9.33 0.15 10.49
N ASN A 143 -9.23 -0.94 9.74
CA ASN A 143 -8.22 -1.99 9.87
C ASN A 143 -7.60 -2.33 8.50
N THR A 144 -6.45 -3.04 8.49
CA THR A 144 -5.66 -3.38 7.29
C THR A 144 -5.19 -4.82 7.31
N GLU A 145 -4.82 -5.33 6.13
CA GLU A 145 -4.20 -6.64 5.93
C GLU A 145 -3.37 -6.62 4.63
N ASP A 146 -2.08 -6.93 4.73
CA ASP A 146 -1.17 -7.09 3.60
C ASP A 146 -1.33 -8.48 2.95
N LEU A 147 -1.53 -8.53 1.63
CA LEU A 147 -1.85 -9.75 0.88
C LEU A 147 -0.62 -10.32 0.17
N GLU A 148 -0.62 -11.64 -0.05
CA GLU A 148 0.52 -12.37 -0.65
C GLU A 148 0.78 -12.02 -2.13
N ASP A 149 -0.22 -11.44 -2.81
CA ASP A 149 -0.11 -10.95 -4.20
C ASP A 149 0.56 -9.55 -4.30
N GLY A 150 0.88 -8.93 -3.17
CA GLY A 150 1.54 -7.61 -3.06
C GLY A 150 0.57 -6.43 -2.94
N THR A 151 -0.74 -6.68 -2.91
CA THR A 151 -1.82 -5.70 -2.69
C THR A 151 -2.14 -5.55 -1.21
N CYS A 152 -2.93 -4.52 -0.85
CA CYS A 152 -3.37 -4.24 0.52
C CYS A 152 -4.90 -4.23 0.62
N ARG A 153 -5.45 -5.04 1.52
CA ARG A 153 -6.86 -4.99 1.93
C ARG A 153 -7.02 -3.94 3.04
N VAL A 154 -8.07 -3.12 2.94
CA VAL A 154 -8.63 -2.27 4.00
C VAL A 154 -10.02 -2.80 4.37
N THR A 155 -10.35 -2.77 5.66
CA THR A 155 -11.66 -3.13 6.22
C THR A 155 -12.14 -2.05 7.18
N TYR A 156 -13.46 -1.88 7.25
CA TYR A 156 -14.12 -0.95 8.19
C TYR A 156 -15.59 -1.36 8.43
N CYS A 157 -16.10 -1.09 9.63
CA CYS A 157 -17.48 -1.42 10.03
C CYS A 157 -18.29 -0.14 10.38
N PRO A 158 -19.17 0.34 9.47
CA PRO A 158 -20.09 1.44 9.75
C PRO A 158 -21.26 0.95 10.61
N THR A 159 -21.77 1.82 11.51
CA THR A 159 -22.81 1.46 12.50
C THR A 159 -24.18 2.02 12.13
N GLU A 160 -24.24 3.24 11.60
CA GLU A 160 -25.48 3.91 11.17
C GLU A 160 -25.61 3.86 9.63
N PRO A 161 -26.84 3.79 9.07
CA PRO A 161 -27.06 3.74 7.63
C PRO A 161 -26.91 5.14 6.98
N GLY A 162 -26.86 5.17 5.65
CA GLY A 162 -26.66 6.38 4.84
C GLY A 162 -25.60 6.19 3.77
N ASN A 163 -24.85 7.25 3.46
CA ASN A 163 -23.71 7.20 2.53
C ASN A 163 -22.42 7.70 3.19
N TYR A 164 -21.34 6.90 3.07
CA TYR A 164 -19.99 7.21 3.54
C TYR A 164 -19.07 7.50 2.34
N ILE A 165 -18.14 8.45 2.50
CA ILE A 165 -17.12 8.80 1.49
C ILE A 165 -15.78 8.19 1.89
N ILE A 166 -15.08 7.61 0.92
CA ILE A 166 -13.71 7.07 1.07
C ILE A 166 -12.75 7.84 0.14
N ASN A 167 -11.72 8.42 0.74
CA ASN A 167 -10.67 9.20 0.08
C ASN A 167 -9.40 8.35 -0.06
N ILE A 168 -8.85 8.26 -1.29
CA ILE A 168 -7.60 7.54 -1.60
C ILE A 168 -6.58 8.52 -2.19
N LYS A 169 -5.50 8.79 -1.45
CA LYS A 169 -4.41 9.72 -1.83
C LYS A 169 -3.06 9.00 -1.83
N PHE A 170 -2.25 9.22 -2.87
CA PHE A 170 -0.91 8.65 -3.04
C PHE A 170 0.11 9.76 -3.33
N ALA A 171 1.16 9.85 -2.52
CA ALA A 171 2.25 10.85 -2.62
C ALA A 171 1.76 12.31 -2.65
N ASP A 172 0.64 12.58 -1.97
CA ASP A 172 -0.05 13.87 -1.79
C ASP A 172 -0.95 14.29 -2.98
N GLN A 173 -1.23 13.36 -3.90
CA GLN A 173 -2.22 13.52 -4.98
C GLN A 173 -3.37 12.52 -4.83
N HIS A 174 -4.61 12.99 -4.97
CA HIS A 174 -5.82 12.16 -4.88
C HIS A 174 -5.96 11.25 -6.13
N VAL A 175 -6.12 9.93 -5.96
CA VAL A 175 -6.05 8.96 -7.09
C VAL A 175 -7.38 8.95 -7.89
N PRO A 176 -7.39 8.58 -9.18
CA PRO A 176 -8.59 8.59 -10.01
C PRO A 176 -9.64 7.59 -9.51
N GLY A 177 -10.92 7.95 -9.67
CA GLY A 177 -12.09 7.23 -9.13
C GLY A 177 -12.49 7.71 -7.74
N SER A 178 -11.54 8.19 -6.94
CA SER A 178 -11.79 8.82 -5.63
C SER A 178 -12.29 10.28 -5.82
N PRO A 179 -13.20 10.80 -4.97
CA PRO A 179 -13.79 10.18 -3.78
C PRO A 179 -14.83 9.13 -4.16
N PHE A 180 -14.84 8.01 -3.41
CA PHE A 180 -15.81 6.93 -3.58
C PHE A 180 -16.96 7.10 -2.57
N SER A 181 -18.18 7.33 -3.07
CA SER A 181 -19.41 7.37 -2.26
C SER A 181 -20.02 5.95 -2.12
N VAL A 182 -20.23 5.50 -0.88
CA VAL A 182 -20.54 4.11 -0.52
C VAL A 182 -21.88 4.05 0.21
N LYS A 183 -22.89 3.41 -0.39
CA LYS A 183 -24.22 3.26 0.21
C LYS A 183 -24.22 2.17 1.30
N VAL A 184 -24.56 2.53 2.54
CA VAL A 184 -24.61 1.62 3.70
C VAL A 184 -26.06 1.39 4.11
N THR A 185 -26.46 0.12 4.18
CA THR A 185 -27.86 -0.32 4.43
C THR A 185 -27.96 -1.26 5.63
N GLY A 186 -29.19 -1.53 6.07
CA GLY A 186 -29.54 -2.34 7.24
C GLY A 186 -30.30 -1.55 8.31
N GLU A 187 -31.18 -2.24 9.04
CA GLU A 187 -32.12 -1.68 10.02
C GLU A 187 -32.69 -2.81 10.89
N GLY A 188 -33.14 -2.50 12.11
CA GLY A 188 -33.69 -3.47 13.07
C GLY A 188 -32.64 -4.05 14.02
N ARG A 189 -31.72 -3.21 14.50
CA ARG A 189 -30.60 -3.57 15.38
C ARG A 189 -31.08 -4.23 16.69
N VAL A 190 -30.68 -5.49 16.92
CA VAL A 190 -31.07 -6.34 18.06
C VAL A 190 -30.18 -7.58 18.13
N LYS A 191 -29.95 -8.12 19.34
CA LYS A 191 -29.18 -9.35 19.60
C LYS A 191 -29.96 -10.62 19.21
N GLY A 1 -19.98 21.35 13.46
CA GLY A 1 -19.26 21.57 14.74
C GLY A 1 -18.66 22.97 14.80
N ALA A 2 -18.62 23.57 15.99
CA ALA A 2 -18.10 24.93 16.22
C ALA A 2 -16.56 25.02 16.31
N MET A 3 -15.87 23.89 16.53
CA MET A 3 -14.40 23.80 16.59
C MET A 3 -13.73 24.08 15.24
N GLY A 4 -12.54 24.69 15.28
CA GLY A 4 -11.71 25.02 14.11
C GLY A 4 -10.92 23.82 13.58
N ASP A 5 -11.61 22.71 13.31
CA ASP A 5 -11.05 21.45 12.81
C ASP A 5 -12.09 20.67 11.97
N ASP A 6 -11.64 20.08 10.86
CA ASP A 6 -12.43 19.23 9.97
C ASP A 6 -12.30 17.73 10.29
N SER A 7 -11.24 17.33 11.01
CA SER A 7 -10.90 15.93 11.32
C SER A 7 -11.62 15.37 12.58
N MET A 8 -12.77 15.96 12.95
CA MET A 8 -13.52 15.68 14.20
C MET A 8 -13.80 14.19 14.44
N ARG A 9 -14.13 13.44 13.38
CA ARG A 9 -14.14 11.97 13.36
C ARG A 9 -13.39 11.47 12.12
N MET A 10 -12.49 10.49 12.32
CA MET A 10 -11.71 9.83 11.27
C MET A 10 -11.14 8.49 11.73
N SER A 11 -10.95 7.59 10.78
CA SER A 11 -10.25 6.30 10.93
C SER A 11 -9.23 6.17 9.79
N HIS A 12 -8.09 5.50 10.01
CA HIS A 12 -6.99 5.50 9.03
C HIS A 12 -6.11 4.23 9.02
N LEU A 13 -5.39 4.04 7.90
CA LEU A 13 -4.50 2.92 7.61
C LEU A 13 -3.40 3.40 6.64
N LYS A 14 -2.14 3.05 6.91
CA LYS A 14 -0.99 3.37 6.05
C LYS A 14 -0.17 2.11 5.73
N VAL A 15 0.31 1.97 4.49
CA VAL A 15 1.03 0.77 4.02
C VAL A 15 1.93 1.09 2.81
N GLY A 16 3.13 0.50 2.77
CA GLY A 16 4.12 0.70 1.69
C GLY A 16 3.72 -0.03 0.41
N SER A 17 4.16 0.47 -0.75
CA SER A 17 3.87 -0.09 -2.08
C SER A 17 5.11 -0.03 -2.98
N ALA A 18 5.41 -1.14 -3.68
CA ALA A 18 6.65 -1.31 -4.43
C ALA A 18 6.58 -2.49 -5.42
N ALA A 19 7.34 -2.38 -6.51
CA ALA A 19 7.61 -3.48 -7.44
C ALA A 19 8.67 -4.44 -6.86
N ASP A 20 8.60 -5.71 -7.24
CA ASP A 20 9.57 -6.75 -6.88
C ASP A 20 10.72 -6.85 -7.88
N ILE A 21 11.94 -7.09 -7.37
CA ILE A 21 13.14 -7.38 -8.15
C ILE A 21 13.74 -8.71 -7.66
N PRO A 22 13.72 -9.80 -8.45
CA PRO A 22 14.37 -11.05 -8.09
C PRO A 22 15.88 -10.96 -8.32
N ILE A 23 16.67 -11.52 -7.41
CA ILE A 23 18.15 -11.36 -7.37
C ILE A 23 18.83 -12.69 -7.02
N ASN A 24 19.91 -13.02 -7.74
CA ASN A 24 20.72 -14.24 -7.63
C ASN A 24 19.86 -15.52 -7.72
N ILE A 25 19.54 -15.95 -8.94
CA ILE A 25 18.71 -17.13 -9.24
C ILE A 25 19.57 -18.41 -9.21
N SER A 26 20.44 -18.53 -8.20
CA SER A 26 21.44 -19.60 -8.06
C SER A 26 21.44 -20.20 -6.64
N GLU A 27 21.65 -19.39 -5.59
CA GLU A 27 21.63 -19.84 -4.19
C GLU A 27 21.48 -18.66 -3.21
N THR A 28 20.30 -18.54 -2.61
CA THR A 28 19.94 -17.59 -1.54
C THR A 28 19.02 -18.27 -0.52
N ASP A 29 18.94 -17.69 0.68
CA ASP A 29 18.04 -18.14 1.76
C ASP A 29 17.65 -16.96 2.66
N LEU A 30 16.34 -16.76 2.86
CA LEU A 30 15.76 -15.61 3.56
C LEU A 30 16.04 -15.57 5.08
N SER A 31 16.49 -16.66 5.69
CA SER A 31 16.89 -16.68 7.11
C SER A 31 18.31 -16.14 7.35
N LEU A 32 19.11 -15.90 6.29
CA LEU A 32 20.48 -15.40 6.37
C LEU A 32 20.83 -14.30 5.34
N LEU A 33 19.84 -13.79 4.60
CA LEU A 33 19.98 -12.63 3.71
C LEU A 33 19.62 -11.31 4.44
N THR A 34 20.32 -10.23 4.08
CA THR A 34 20.00 -8.82 4.39
C THR A 34 20.34 -7.95 3.17
N ALA A 35 19.66 -6.83 2.99
CA ALA A 35 19.77 -6.00 1.78
C ALA A 35 19.44 -4.52 2.01
N THR A 36 20.10 -3.65 1.24
CA THR A 36 19.97 -2.18 1.24
C THR A 36 20.05 -1.64 -0.19
N VAL A 37 19.60 -0.41 -0.41
CA VAL A 37 19.80 0.37 -1.64
C VAL A 37 20.61 1.62 -1.35
N VAL A 38 21.55 1.93 -2.25
CA VAL A 38 22.26 3.20 -2.33
C VAL A 38 21.72 3.99 -3.55
N PRO A 39 21.04 5.14 -3.34
CA PRO A 39 20.53 5.99 -4.41
C PRO A 39 21.64 6.91 -4.99
N PRO A 40 21.37 7.66 -6.07
CA PRO A 40 22.26 8.71 -6.59
C PRO A 40 22.71 9.73 -5.53
N SER A 41 21.85 10.04 -4.56
CA SER A 41 22.14 10.98 -3.46
C SER A 41 23.05 10.38 -2.35
N GLY A 42 23.34 9.08 -2.40
CA GLY A 42 24.19 8.36 -1.44
C GLY A 42 23.51 7.99 -0.11
N ARG A 43 22.24 8.36 0.08
CA ARG A 43 21.45 8.13 1.30
C ARG A 43 20.98 6.68 1.40
N GLU A 44 21.79 5.81 2.00
CA GLU A 44 21.54 4.37 2.10
C GLU A 44 20.24 4.07 2.89
N GLU A 45 19.37 3.24 2.32
CA GLU A 45 18.08 2.81 2.88
C GLU A 45 17.94 1.27 2.81
N PRO A 46 17.22 0.63 3.75
CA PRO A 46 17.02 -0.81 3.78
C PRO A 46 15.99 -1.29 2.74
N CYS A 47 16.12 -2.55 2.31
CA CYS A 47 15.18 -3.24 1.43
C CYS A 47 14.23 -4.15 2.22
N LEU A 48 13.05 -4.43 1.63
CA LEU A 48 12.09 -5.44 2.07
C LEU A 48 12.37 -6.74 1.29
N LEU A 49 12.84 -7.79 1.98
CA LEU A 49 13.12 -9.12 1.41
C LEU A 49 11.84 -9.96 1.31
N LYS A 50 11.65 -10.65 0.17
CA LYS A 50 10.41 -11.34 -0.19
C LYS A 50 10.63 -12.73 -0.81
N ARG A 51 9.75 -13.69 -0.51
CA ARG A 51 9.45 -14.86 -1.34
C ARG A 51 8.25 -14.52 -2.23
N LEU A 52 8.43 -14.62 -3.54
CA LEU A 52 7.51 -14.09 -4.57
C LEU A 52 6.49 -15.15 -5.04
N ARG A 53 5.45 -14.72 -5.78
CA ARG A 53 4.32 -15.55 -6.21
C ARG A 53 4.71 -16.78 -7.06
N ASN A 54 5.81 -16.69 -7.83
CA ASN A 54 6.32 -17.79 -8.67
C ASN A 54 7.30 -18.73 -7.91
N GLY A 55 7.54 -18.49 -6.61
CA GLY A 55 8.38 -19.32 -5.73
C GLY A 55 9.83 -18.86 -5.60
N HIS A 56 10.28 -17.95 -6.45
CA HIS A 56 11.61 -17.33 -6.42
C HIS A 56 11.76 -16.23 -5.33
N VAL A 57 12.99 -15.77 -5.08
CA VAL A 57 13.34 -14.82 -4.00
C VAL A 57 13.79 -13.47 -4.61
N GLY A 58 13.38 -12.37 -3.99
CA GLY A 58 13.72 -11.01 -4.40
C GLY A 58 13.61 -9.94 -3.32
N ILE A 59 13.76 -8.67 -3.71
CA ILE A 59 13.60 -7.49 -2.87
C ILE A 59 12.55 -6.50 -3.41
N SER A 60 12.10 -5.62 -2.54
CA SER A 60 11.42 -4.36 -2.87
C SER A 60 12.03 -3.20 -2.07
N PHE A 61 11.82 -1.96 -2.55
CA PHE A 61 12.27 -0.70 -1.93
C PHE A 61 11.47 0.49 -2.51
N VAL A 62 11.78 1.73 -2.12
CA VAL A 62 11.22 2.95 -2.74
C VAL A 62 12.36 3.93 -3.09
N PRO A 63 12.53 4.33 -4.37
CA PRO A 63 13.52 5.31 -4.79
C PRO A 63 13.03 6.73 -4.49
N LYS A 64 13.94 7.60 -4.02
CA LYS A 64 13.65 9.02 -3.74
C LYS A 64 13.89 9.93 -4.96
N GLU A 65 14.67 9.46 -5.93
CA GLU A 65 15.10 10.19 -7.14
C GLU A 65 14.98 9.31 -8.40
N THR A 66 15.26 9.88 -9.57
CA THR A 66 15.45 9.14 -10.84
C THR A 66 16.93 8.82 -11.06
N GLY A 67 17.21 7.88 -11.96
CA GLY A 67 18.56 7.44 -12.34
C GLY A 67 18.98 6.13 -11.69
N GLU A 68 20.28 5.82 -11.81
CA GLU A 68 20.85 4.53 -11.40
C GLU A 68 20.97 4.41 -9.86
N HIS A 69 20.19 3.51 -9.29
CA HIS A 69 20.28 3.06 -7.89
C HIS A 69 21.00 1.70 -7.85
N LEU A 70 21.86 1.48 -6.83
CA LEU A 70 22.54 0.20 -6.60
C LEU A 70 21.88 -0.53 -5.43
N VAL A 71 21.46 -1.77 -5.64
CA VAL A 71 21.04 -2.70 -4.59
C VAL A 71 22.29 -3.44 -4.08
N HIS A 72 22.58 -3.33 -2.80
CA HIS A 72 23.61 -4.12 -2.10
C HIS A 72 22.96 -5.27 -1.32
N VAL A 73 23.51 -6.49 -1.41
CA VAL A 73 22.91 -7.69 -0.79
C VAL A 73 23.97 -8.61 -0.17
N LYS A 74 23.73 -8.95 1.10
CA LYS A 74 24.59 -9.71 2.00
C LYS A 74 23.94 -11.06 2.38
N LYS A 75 24.77 -12.09 2.48
CA LYS A 75 24.41 -13.49 2.70
C LYS A 75 25.38 -14.11 3.73
N ASN A 76 24.87 -14.57 4.87
CA ASN A 76 25.65 -15.24 5.93
C ASN A 76 26.84 -14.39 6.46
N GLY A 77 26.71 -13.04 6.41
CA GLY A 77 27.72 -12.09 6.90
C GLY A 77 28.70 -11.54 5.86
N GLN A 78 28.56 -11.89 4.58
CA GLN A 78 29.40 -11.37 3.48
C GLN A 78 28.56 -11.03 2.24
N HIS A 79 29.01 -10.10 1.39
CA HIS A 79 28.28 -9.73 0.18
C HIS A 79 28.19 -10.89 -0.85
N VAL A 80 27.03 -11.00 -1.53
CA VAL A 80 26.78 -11.98 -2.60
C VAL A 80 27.66 -11.66 -3.82
N ALA A 81 28.09 -12.68 -4.58
CA ALA A 81 28.94 -12.51 -5.77
C ALA A 81 28.31 -11.60 -6.85
N SER A 82 26.99 -11.54 -6.93
CA SER A 82 26.21 -10.66 -7.81
C SER A 82 26.14 -9.19 -7.34
N SER A 83 26.52 -8.90 -6.09
CA SER A 83 26.35 -7.58 -5.45
C SER A 83 27.52 -6.61 -5.75
N PRO A 84 27.26 -5.31 -5.98
CA PRO A 84 25.95 -4.66 -6.05
C PRO A 84 25.29 -4.84 -7.42
N ILE A 85 23.96 -4.78 -7.45
CA ILE A 85 23.11 -4.87 -8.63
C ILE A 85 22.62 -3.45 -8.99
N PRO A 86 22.94 -2.90 -10.17
CA PRO A 86 22.43 -1.60 -10.61
C PRO A 86 21.02 -1.72 -11.19
N VAL A 87 20.15 -0.75 -10.89
CA VAL A 87 18.77 -0.63 -11.37
C VAL A 87 18.51 0.84 -11.75
N VAL A 88 18.07 1.12 -12.98
CA VAL A 88 17.82 2.49 -13.47
C VAL A 88 16.34 2.84 -13.35
N ILE A 89 16.04 3.92 -12.62
CA ILE A 89 14.68 4.36 -12.29
C ILE A 89 14.28 5.55 -13.17
N SER A 90 13.10 5.51 -13.79
CA SER A 90 12.50 6.62 -14.54
C SER A 90 11.51 7.45 -13.68
N GLN A 91 11.02 8.58 -14.19
CA GLN A 91 10.06 9.43 -13.47
C GLN A 91 8.66 8.80 -13.35
N SER A 92 8.32 7.87 -14.24
CA SER A 92 6.96 7.28 -14.35
C SER A 92 6.61 6.28 -13.23
N GLU A 93 7.61 5.84 -12.45
CA GLU A 93 7.49 4.79 -11.43
C GLU A 93 7.77 5.28 -9.99
N ILE A 94 7.97 6.58 -9.78
CA ILE A 94 8.32 7.18 -8.46
C ILE A 94 7.14 7.14 -7.47
N GLY A 95 5.92 7.42 -7.95
CA GLY A 95 4.75 7.64 -7.10
C GLY A 95 3.52 8.16 -7.85
N ASP A 96 3.24 7.62 -9.04
CA ASP A 96 2.19 8.12 -9.94
C ASP A 96 0.78 7.73 -9.44
N ALA A 97 0.04 8.70 -8.88
CA ALA A 97 -1.30 8.47 -8.35
C ALA A 97 -2.33 8.10 -9.44
N SER A 98 -2.26 8.71 -10.62
CA SER A 98 -3.16 8.42 -11.75
C SER A 98 -3.07 6.96 -12.24
N ARG A 99 -1.92 6.31 -12.04
CA ARG A 99 -1.69 4.89 -12.32
C ARG A 99 -2.20 3.93 -11.22
N VAL A 100 -2.60 4.43 -10.04
CA VAL A 100 -3.26 3.61 -9.00
C VAL A 100 -4.75 3.46 -9.33
N ARG A 101 -5.27 2.24 -9.17
CA ARG A 101 -6.64 1.86 -9.51
C ARG A 101 -7.29 1.08 -8.36
N VAL A 102 -8.62 1.08 -8.29
CA VAL A 102 -9.42 0.50 -7.19
C VAL A 102 -10.72 -0.12 -7.70
N SER A 103 -11.31 -1.04 -6.92
CA SER A 103 -12.54 -1.77 -7.26
C SER A 103 -13.26 -2.33 -6.03
N GLY A 104 -14.48 -2.89 -6.21
CA GLY A 104 -15.32 -3.43 -5.13
C GLY A 104 -16.42 -2.46 -4.68
N GLN A 105 -17.52 -3.00 -4.16
CA GLN A 105 -18.75 -2.25 -3.90
C GLN A 105 -18.69 -1.37 -2.63
N GLY A 106 -17.73 -1.61 -1.73
CA GLY A 106 -17.51 -0.83 -0.50
C GLY A 106 -17.04 0.61 -0.74
N LEU A 107 -16.78 0.99 -2.00
CA LEU A 107 -16.56 2.37 -2.45
C LEU A 107 -17.87 3.10 -2.82
N HIS A 108 -19.01 2.41 -2.79
CA HIS A 108 -20.32 2.92 -3.25
C HIS A 108 -21.48 2.64 -2.27
N GLU A 109 -21.52 1.46 -1.65
CA GLU A 109 -22.58 1.01 -0.73
C GLU A 109 -22.00 0.23 0.47
N GLY A 110 -22.67 0.31 1.63
CA GLY A 110 -22.33 -0.44 2.83
C GLY A 110 -23.55 -0.80 3.69
N HIS A 111 -23.29 -1.57 4.76
CA HIS A 111 -24.28 -2.00 5.75
C HIS A 111 -23.79 -1.77 7.19
N THR A 112 -24.71 -1.61 8.14
CA THR A 112 -24.42 -1.29 9.55
C THR A 112 -23.69 -2.41 10.28
N PHE A 113 -24.37 -3.56 10.46
CA PHE A 113 -23.95 -4.63 11.36
C PHE A 113 -23.11 -5.73 10.66
N GLU A 114 -22.75 -5.51 9.39
CA GLU A 114 -21.96 -6.42 8.54
C GLU A 114 -20.90 -5.59 7.78
N PRO A 115 -19.67 -6.12 7.56
CA PRO A 115 -18.57 -5.37 6.98
C PRO A 115 -18.75 -5.13 5.48
N ALA A 116 -18.16 -4.03 4.99
CA ALA A 116 -17.98 -3.71 3.57
C ALA A 116 -16.53 -4.01 3.11
N GLU A 117 -16.31 -4.13 1.80
CA GLU A 117 -15.01 -4.48 1.22
C GLU A 117 -14.72 -3.81 -0.12
N PHE A 118 -13.43 -3.57 -0.38
CA PHE A 118 -12.90 -2.99 -1.61
C PHE A 118 -11.41 -3.31 -1.79
N ILE A 119 -10.94 -3.33 -3.03
CA ILE A 119 -9.60 -3.76 -3.45
C ILE A 119 -8.84 -2.56 -4.07
N ILE A 120 -7.54 -2.47 -3.79
CA ILE A 120 -6.61 -1.46 -4.32
C ILE A 120 -5.48 -2.17 -5.10
N ASP A 121 -5.12 -1.63 -6.26
CA ASP A 121 -4.02 -2.10 -7.12
C ASP A 121 -3.03 -0.97 -7.47
N THR A 122 -1.74 -1.20 -7.18
CA THR A 122 -0.66 -0.19 -7.25
C THR A 122 0.49 -0.55 -8.18
N ARG A 123 0.62 -1.80 -8.66
CA ARG A 123 1.85 -2.24 -9.38
C ARG A 123 2.09 -1.52 -10.72
N ASP A 124 1.04 -1.00 -11.37
CA ASP A 124 1.13 -0.21 -12.60
C ASP A 124 1.67 1.23 -12.35
N ALA A 125 1.66 1.69 -11.09
CA ALA A 125 2.28 2.95 -10.64
C ALA A 125 3.75 2.79 -10.19
N GLY A 126 4.24 1.56 -10.07
CA GLY A 126 5.61 1.25 -9.63
C GLY A 126 5.76 1.33 -8.11
N TYR A 127 6.63 2.22 -7.64
CA TYR A 127 6.93 2.46 -6.23
C TYR A 127 6.06 3.59 -5.63
N GLY A 128 6.09 3.74 -4.30
CA GLY A 128 5.35 4.75 -3.55
C GLY A 128 4.89 4.26 -2.17
N GLY A 129 3.66 4.60 -1.80
CA GLY A 129 3.04 4.20 -0.53
C GLY A 129 1.62 4.72 -0.41
N LEU A 130 0.71 3.86 0.06
CA LEU A 130 -0.73 4.10 0.18
C LEU A 130 -1.07 4.57 1.60
N SER A 131 -1.70 5.74 1.72
CA SER A 131 -2.37 6.22 2.93
C SER A 131 -3.89 6.30 2.68
N LEU A 132 -4.68 5.77 3.60
CA LEU A 132 -6.12 5.59 3.48
C LEU A 132 -6.82 6.16 4.72
N SER A 133 -7.90 6.89 4.50
CA SER A 133 -8.76 7.40 5.58
C SER A 133 -10.24 7.08 5.29
N ILE A 134 -11.00 6.70 6.32
CA ILE A 134 -12.47 6.58 6.30
C ILE A 134 -13.03 7.57 7.33
N GLU A 135 -13.96 8.41 6.89
CA GLU A 135 -14.45 9.58 7.64
C GLU A 135 -15.99 9.62 7.57
N GLY A 136 -16.65 9.98 8.65
CA GLY A 136 -18.11 9.91 8.77
C GLY A 136 -18.65 10.17 10.18
N PRO A 137 -19.85 9.68 10.52
CA PRO A 137 -20.50 9.95 11.81
C PRO A 137 -19.81 9.26 13.00
N SER A 138 -19.05 8.18 12.79
CA SER A 138 -18.39 7.40 13.84
C SER A 138 -17.02 6.83 13.39
N LYS A 139 -16.17 6.48 14.34
CA LYS A 139 -14.92 5.73 14.10
C LYS A 139 -15.22 4.29 13.63
N VAL A 140 -14.38 3.72 12.76
CA VAL A 140 -14.45 2.34 12.26
C VAL A 140 -13.09 1.64 12.38
N ASP A 141 -13.10 0.32 12.59
CA ASP A 141 -11.90 -0.51 12.65
C ASP A 141 -11.54 -1.01 11.25
N ILE A 142 -10.49 -0.42 10.65
CA ILE A 142 -10.00 -0.75 9.31
C ILE A 142 -9.03 -1.94 9.39
N ASN A 143 -9.25 -2.95 8.54
CA ASN A 143 -8.42 -4.14 8.39
C ASN A 143 -8.01 -4.33 6.92
N THR A 144 -6.92 -5.05 6.68
CA THR A 144 -6.32 -5.27 5.34
C THR A 144 -5.73 -6.67 5.18
N GLU A 145 -5.68 -7.16 3.94
CA GLU A 145 -5.09 -8.45 3.57
C GLU A 145 -4.72 -8.45 2.08
N ASP A 146 -3.52 -8.96 1.75
CA ASP A 146 -3.08 -9.14 0.36
C ASP A 146 -3.63 -10.44 -0.25
N LEU A 147 -4.18 -10.32 -1.47
CA LEU A 147 -4.78 -11.41 -2.24
C LEU A 147 -3.72 -12.15 -3.08
N GLU A 148 -4.08 -13.30 -3.65
CA GLU A 148 -3.16 -14.15 -4.42
C GLU A 148 -2.51 -13.43 -5.63
N ASP A 149 -3.24 -12.50 -6.26
CA ASP A 149 -2.78 -11.67 -7.39
C ASP A 149 -1.82 -10.53 -6.97
N GLY A 150 -1.64 -10.32 -5.65
CA GLY A 150 -0.78 -9.28 -5.07
C GLY A 150 -1.48 -7.93 -4.85
N THR A 151 -2.80 -7.86 -5.08
CA THR A 151 -3.65 -6.68 -4.77
C THR A 151 -4.02 -6.66 -3.29
N CYS A 152 -4.32 -5.48 -2.75
CA CYS A 152 -4.68 -5.30 -1.35
C CYS A 152 -6.20 -5.17 -1.19
N ARG A 153 -6.82 -6.08 -0.44
CA ARG A 153 -8.22 -5.95 0.01
C ARG A 153 -8.25 -5.16 1.32
N VAL A 154 -9.15 -4.18 1.40
CA VAL A 154 -9.45 -3.35 2.58
C VAL A 154 -10.87 -3.68 3.05
N THR A 155 -11.07 -3.80 4.37
CA THR A 155 -12.36 -4.08 5.01
C THR A 155 -12.58 -3.19 6.23
N TYR A 156 -13.86 -2.93 6.53
CA TYR A 156 -14.32 -2.13 7.68
C TYR A 156 -15.82 -2.36 7.98
N CYS A 157 -16.22 -2.17 9.24
CA CYS A 157 -17.61 -2.34 9.68
C CYS A 157 -18.17 -1.00 10.26
N PRO A 158 -18.98 -0.25 9.48
CA PRO A 158 -19.53 1.04 9.90
C PRO A 158 -20.81 0.83 10.74
N THR A 159 -20.66 0.62 12.05
CA THR A 159 -21.73 0.20 12.97
C THR A 159 -22.95 1.12 12.96
N GLU A 160 -22.75 2.45 12.86
CA GLU A 160 -23.81 3.45 12.77
C GLU A 160 -24.10 3.81 11.29
N PRO A 161 -25.37 3.99 10.89
CA PRO A 161 -25.75 4.32 9.50
C PRO A 161 -25.44 5.77 9.14
N GLY A 162 -25.46 6.07 7.84
CA GLY A 162 -25.18 7.41 7.28
C GLY A 162 -24.34 7.36 6.00
N ASN A 163 -23.71 8.47 5.65
CA ASN A 163 -22.77 8.57 4.52
C ASN A 163 -21.32 8.69 5.04
N TYR A 164 -20.48 7.73 4.67
CA TYR A 164 -19.04 7.72 4.95
C TYR A 164 -18.24 8.08 3.69
N ILE A 165 -17.16 8.85 3.85
CA ILE A 165 -16.23 9.23 2.79
C ILE A 165 -14.96 8.38 2.95
N ILE A 166 -14.48 7.77 1.87
CA ILE A 166 -13.19 7.07 1.81
C ILE A 166 -12.23 7.87 0.92
N ASN A 167 -11.12 8.31 1.52
CA ASN A 167 -10.03 9.01 0.84
C ASN A 167 -8.85 8.06 0.58
N ILE A 168 -8.43 7.96 -0.68
CA ILE A 168 -7.32 7.11 -1.14
C ILE A 168 -6.19 7.98 -1.72
N LYS A 169 -5.03 7.96 -1.07
CA LYS A 169 -3.86 8.79 -1.41
C LYS A 169 -2.58 7.94 -1.55
N PHE A 170 -1.81 8.21 -2.61
CA PHE A 170 -0.59 7.48 -2.97
C PHE A 170 0.58 8.46 -3.16
N ALA A 171 1.68 8.24 -2.43
CA ALA A 171 2.94 9.00 -2.55
C ALA A 171 2.75 10.54 -2.41
N ASP A 172 1.80 10.95 -1.56
CA ASP A 172 1.40 12.33 -1.19
C ASP A 172 0.29 12.92 -2.09
N GLN A 173 -0.19 12.18 -3.11
CA GLN A 173 -1.20 12.64 -4.07
C GLN A 173 -2.48 11.79 -4.04
N HIS A 174 -3.64 12.43 -4.01
CA HIS A 174 -4.96 11.81 -3.97
C HIS A 174 -5.31 11.09 -5.31
N VAL A 175 -5.71 9.82 -5.29
CA VAL A 175 -5.84 8.99 -6.52
C VAL A 175 -7.21 9.17 -7.21
N PRO A 176 -7.35 8.82 -8.51
CA PRO A 176 -8.60 8.98 -9.27
C PRO A 176 -9.82 8.30 -8.63
N GLY A 177 -11.00 8.89 -8.86
CA GLY A 177 -12.29 8.43 -8.34
C GLY A 177 -12.56 8.86 -6.89
N SER A 178 -11.50 9.01 -6.08
CA SER A 178 -11.58 9.52 -4.70
C SER A 178 -11.86 11.05 -4.71
N PRO A 179 -12.66 11.60 -3.78
CA PRO A 179 -13.27 10.96 -2.61
C PRO A 179 -14.44 10.06 -3.00
N PHE A 180 -14.52 8.89 -2.35
CA PHE A 180 -15.59 7.92 -2.54
C PHE A 180 -16.66 8.06 -1.43
N SER A 181 -17.85 8.52 -1.78
CA SER A 181 -19.00 8.60 -0.85
C SER A 181 -19.76 7.25 -0.80
N VAL A 182 -19.97 6.71 0.40
CA VAL A 182 -20.50 5.37 0.65
C VAL A 182 -21.75 5.46 1.54
N LYS A 183 -22.92 5.15 0.99
CA LYS A 183 -24.17 5.12 1.75
C LYS A 183 -24.29 3.82 2.57
N VAL A 184 -24.35 3.93 3.89
CA VAL A 184 -24.47 2.82 4.85
C VAL A 184 -25.91 2.75 5.37
N THR A 185 -26.55 1.58 5.22
CA THR A 185 -27.96 1.33 5.58
C THR A 185 -28.12 0.16 6.55
N GLY A 186 -29.29 0.09 7.19
CA GLY A 186 -29.64 -0.88 8.23
C GLY A 186 -30.06 -0.23 9.55
N GLU A 187 -30.79 -0.99 10.37
CA GLU A 187 -31.42 -0.55 11.63
C GLU A 187 -31.82 -1.76 12.49
N GLY A 188 -31.69 -1.63 13.82
CA GLY A 188 -31.97 -2.70 14.79
C GLY A 188 -30.73 -3.57 15.03
N ARG A 189 -29.85 -3.13 15.94
CA ARG A 189 -28.55 -3.74 16.21
C ARG A 189 -28.67 -5.19 16.72
N VAL A 190 -27.94 -6.10 16.07
CA VAL A 190 -27.95 -7.58 16.22
C VAL A 190 -29.17 -8.17 15.51
N LYS A 191 -28.92 -9.00 14.48
CA LYS A 191 -29.94 -9.68 13.67
C LYS A 191 -30.33 -11.04 14.27
N GLY A 1 -8.71 23.40 25.74
CA GLY A 1 -8.48 22.56 24.55
C GLY A 1 -9.79 22.19 23.86
N ALA A 2 -9.79 22.13 22.53
CA ALA A 2 -10.96 21.76 21.71
C ALA A 2 -11.28 20.25 21.80
N MET A 3 -12.55 19.89 21.58
CA MET A 3 -13.04 18.51 21.60
C MET A 3 -12.87 17.85 20.21
N GLY A 4 -11.80 17.06 20.05
CA GLY A 4 -11.47 16.40 18.78
C GLY A 4 -12.47 15.32 18.37
N ASP A 5 -13.02 14.59 19.34
CA ASP A 5 -14.02 13.54 19.13
C ASP A 5 -15.40 14.10 18.76
N ASP A 6 -15.71 15.35 19.15
CA ASP A 6 -16.89 16.09 18.72
C ASP A 6 -16.69 16.73 17.34
N SER A 7 -15.47 17.19 17.04
CA SER A 7 -15.10 17.74 15.73
C SER A 7 -15.17 16.70 14.60
N MET A 8 -14.75 15.44 14.86
CA MET A 8 -14.78 14.34 13.89
C MET A 8 -14.66 12.95 14.54
N ARG A 9 -15.23 11.93 13.87
CA ARG A 9 -14.93 10.51 14.09
C ARG A 9 -14.02 10.06 12.94
N MET A 10 -12.79 9.67 13.25
CA MET A 10 -11.77 9.29 12.26
C MET A 10 -11.33 7.83 12.45
N SER A 11 -11.33 7.07 11.37
CA SER A 11 -10.83 5.70 11.27
C SER A 11 -9.77 5.65 10.15
N HIS A 12 -8.67 4.89 10.30
CA HIS A 12 -7.58 4.91 9.32
C HIS A 12 -6.68 3.65 9.30
N LEU A 13 -5.93 3.48 8.20
CA LEU A 13 -5.06 2.34 7.89
C LEU A 13 -3.94 2.77 6.92
N LYS A 14 -2.74 2.19 7.06
CA LYS A 14 -1.55 2.55 6.25
C LYS A 14 -0.79 1.29 5.77
N VAL A 15 -0.24 1.33 4.55
CA VAL A 15 0.49 0.23 3.89
C VAL A 15 1.81 0.76 3.29
N GLY A 16 2.90 0.01 3.51
CA GLY A 16 4.24 0.29 2.97
C GLY A 16 4.42 -0.28 1.56
N SER A 17 3.64 0.23 0.61
CA SER A 17 3.51 -0.29 -0.77
C SER A 17 4.83 -0.33 -1.55
N ALA A 18 5.20 -1.51 -2.08
CA ALA A 18 6.42 -1.75 -2.84
C ALA A 18 6.29 -2.98 -3.76
N ALA A 19 7.01 -2.95 -4.88
CA ALA A 19 7.15 -4.11 -5.79
C ALA A 19 8.31 -5.01 -5.35
N ASP A 20 8.22 -6.30 -5.70
CA ASP A 20 9.28 -7.29 -5.47
C ASP A 20 10.24 -7.39 -6.68
N ILE A 21 11.55 -7.53 -6.39
CA ILE A 21 12.59 -7.79 -7.41
C ILE A 21 13.37 -9.06 -6.99
N PRO A 22 13.48 -10.10 -7.83
CA PRO A 22 14.21 -11.32 -7.50
C PRO A 22 15.72 -11.09 -7.55
N ILE A 23 16.46 -11.83 -6.72
CA ILE A 23 17.92 -11.83 -6.61
C ILE A 23 18.45 -13.24 -6.90
N ASN A 24 19.66 -13.34 -7.48
CA ASN A 24 20.24 -14.58 -8.01
C ASN A 24 20.06 -15.80 -7.08
N ILE A 25 19.32 -16.82 -7.56
CA ILE A 25 18.91 -18.00 -6.79
C ILE A 25 20.00 -19.08 -6.88
N SER A 26 20.41 -19.63 -5.74
CA SER A 26 21.46 -20.65 -5.61
C SER A 26 21.41 -21.34 -4.23
N GLU A 27 22.37 -22.23 -3.94
CA GLU A 27 22.48 -23.00 -2.69
C GLU A 27 23.04 -22.18 -1.51
N THR A 28 23.35 -20.89 -1.72
CA THR A 28 23.89 -19.94 -0.73
C THR A 28 22.98 -19.82 0.49
N ASP A 29 23.57 -19.89 1.68
CA ASP A 29 22.86 -19.75 2.96
C ASP A 29 22.38 -18.29 3.18
N LEU A 30 21.07 -18.12 3.37
CA LEU A 30 20.44 -16.81 3.59
C LEU A 30 20.70 -16.26 5.00
N SER A 31 21.06 -17.09 5.98
CA SER A 31 21.27 -16.65 7.37
C SER A 31 22.56 -15.85 7.60
N LEU A 32 23.53 -15.92 6.66
CA LEU A 32 24.78 -15.15 6.65
C LEU A 32 24.82 -14.07 5.54
N LEU A 33 23.71 -13.87 4.82
CA LEU A 33 23.54 -12.87 3.77
C LEU A 33 22.65 -11.70 4.26
N THR A 34 22.95 -10.48 3.78
CA THR A 34 22.14 -9.26 3.93
C THR A 34 22.05 -8.54 2.59
N ALA A 35 21.16 -7.55 2.48
CA ALA A 35 20.96 -6.75 1.27
C ALA A 35 20.60 -5.29 1.58
N THR A 36 21.15 -4.38 0.76
CA THR A 36 20.92 -2.93 0.79
C THR A 36 20.70 -2.42 -0.64
N VAL A 37 20.15 -1.23 -0.79
CA VAL A 37 20.11 -0.47 -2.06
C VAL A 37 20.93 0.80 -1.93
N VAL A 38 21.70 1.09 -2.97
CA VAL A 38 22.39 2.37 -3.20
C VAL A 38 21.66 3.10 -4.35
N PRO A 39 21.00 4.25 -4.08
CA PRO A 39 20.34 5.06 -5.10
C PRO A 39 21.35 5.96 -5.85
N PRO A 40 20.92 6.69 -6.90
CA PRO A 40 21.75 7.68 -7.61
C PRO A 40 22.36 8.76 -6.70
N SER A 41 21.71 9.10 -5.58
CA SER A 41 22.21 10.07 -4.58
C SER A 41 23.29 9.50 -3.63
N GLY A 42 23.53 8.18 -3.66
CA GLY A 42 24.50 7.47 -2.82
C GLY A 42 24.00 7.15 -1.40
N ARG A 43 22.76 7.52 -1.06
CA ARG A 43 22.15 7.36 0.27
C ARG A 43 21.72 5.89 0.53
N GLU A 44 22.66 5.07 0.98
CA GLU A 44 22.46 3.62 1.18
C GLU A 44 21.37 3.34 2.25
N GLU A 45 20.45 2.41 1.95
CA GLU A 45 19.38 1.96 2.84
C GLU A 45 19.18 0.43 2.74
N PRO A 46 18.74 -0.26 3.81
CA PRO A 46 18.54 -1.71 3.83
C PRO A 46 17.29 -2.14 3.08
N CYS A 47 17.30 -3.39 2.60
CA CYS A 47 16.19 -4.02 1.87
C CYS A 47 15.47 -5.11 2.68
N LEU A 48 14.19 -5.34 2.37
CA LEU A 48 13.38 -6.43 2.92
C LEU A 48 13.56 -7.69 2.06
N LEU A 49 14.18 -8.74 2.61
CA LEU A 49 14.38 -10.04 1.95
C LEU A 49 13.17 -10.96 2.19
N LYS A 50 12.70 -11.63 1.13
CA LYS A 50 11.46 -12.44 1.13
C LYS A 50 11.58 -13.71 0.26
N ARG A 51 10.87 -14.77 0.65
CA ARG A 51 10.50 -15.91 -0.21
C ARG A 51 9.28 -15.50 -1.06
N LEU A 52 9.40 -15.57 -2.39
CA LEU A 52 8.42 -15.05 -3.36
C LEU A 52 7.39 -16.12 -3.80
N ARG A 53 6.43 -15.73 -4.64
CA ARG A 53 5.29 -16.55 -5.09
C ARG A 53 5.69 -17.92 -5.69
N ASN A 54 6.72 -17.95 -6.52
CA ASN A 54 7.12 -19.12 -7.32
C ASN A 54 8.22 -19.99 -6.64
N GLY A 55 8.62 -19.66 -5.40
CA GLY A 55 9.67 -20.36 -4.65
C GLY A 55 11.07 -19.75 -4.79
N HIS A 56 11.23 -18.76 -5.67
CA HIS A 56 12.41 -17.90 -5.78
C HIS A 56 12.50 -16.88 -4.61
N VAL A 57 13.59 -16.12 -4.53
CA VAL A 57 13.92 -15.20 -3.42
C VAL A 57 14.25 -13.81 -3.97
N GLY A 58 13.82 -12.75 -3.28
CA GLY A 58 14.03 -11.37 -3.72
C GLY A 58 13.94 -10.31 -2.63
N ILE A 59 14.11 -9.05 -3.05
CA ILE A 59 14.10 -7.84 -2.22
C ILE A 59 12.87 -6.96 -2.47
N SER A 60 12.59 -6.05 -1.53
CA SER A 60 11.77 -4.85 -1.71
C SER A 60 12.42 -3.64 -1.00
N PHE A 61 12.08 -2.45 -1.49
CA PHE A 61 12.53 -1.12 -1.03
C PHE A 61 11.59 -0.04 -1.62
N VAL A 62 11.85 1.25 -1.39
CA VAL A 62 11.17 2.37 -2.08
C VAL A 62 12.22 3.36 -2.60
N PRO A 63 12.24 3.67 -3.92
CA PRO A 63 13.18 4.61 -4.53
C PRO A 63 12.78 6.06 -4.26
N LYS A 64 13.77 6.94 -4.15
CA LYS A 64 13.58 8.38 -3.86
C LYS A 64 13.85 9.30 -5.06
N GLU A 65 14.37 8.75 -6.17
CA GLU A 65 14.59 9.40 -7.47
C GLU A 65 14.36 8.39 -8.60
N THR A 66 14.38 8.86 -9.86
CA THR A 66 14.36 8.01 -11.06
C THR A 66 15.77 7.55 -11.45
N GLY A 67 15.85 6.58 -12.38
CA GLY A 67 17.11 6.05 -12.92
C GLY A 67 17.58 4.76 -12.24
N GLU A 68 18.81 4.35 -12.58
CA GLU A 68 19.41 3.10 -12.12
C GLU A 68 19.77 3.13 -10.64
N HIS A 69 19.09 2.29 -9.85
CA HIS A 69 19.44 1.96 -8.47
C HIS A 69 20.20 0.63 -8.45
N LEU A 70 21.18 0.49 -7.55
CA LEU A 70 21.99 -0.72 -7.40
C LEU A 70 21.63 -1.42 -6.08
N VAL A 71 21.31 -2.71 -6.13
CA VAL A 71 21.18 -3.58 -4.96
C VAL A 71 22.58 -4.13 -4.62
N HIS A 72 23.06 -3.81 -3.43
CA HIS A 72 24.32 -4.33 -2.86
C HIS A 72 24.03 -5.45 -1.85
N VAL A 73 24.11 -6.69 -2.32
CA VAL A 73 23.98 -7.93 -1.52
C VAL A 73 25.35 -8.28 -0.92
N LYS A 74 25.37 -8.70 0.35
CA LYS A 74 26.60 -8.88 1.13
C LYS A 74 26.63 -10.22 1.91
N LYS A 75 27.75 -10.95 1.80
CA LYS A 75 28.13 -12.03 2.72
C LYS A 75 29.11 -11.48 3.77
N ASN A 76 28.75 -11.54 5.05
CA ASN A 76 29.57 -11.05 6.19
C ASN A 76 29.99 -9.56 6.07
N GLY A 77 29.25 -8.76 5.29
CA GLY A 77 29.55 -7.34 4.98
C GLY A 77 30.53 -7.12 3.82
N GLN A 78 30.97 -8.16 3.12
CA GLN A 78 32.08 -8.15 2.15
C GLN A 78 31.60 -8.25 0.68
N HIS A 79 30.35 -7.87 0.38
CA HIS A 79 29.68 -8.03 -0.93
C HIS A 79 29.46 -9.52 -1.30
N VAL A 80 29.03 -9.84 -2.54
CA VAL A 80 28.98 -11.21 -3.10
C VAL A 80 29.51 -11.23 -4.55
N ALA A 81 29.68 -12.42 -5.13
CA ALA A 81 30.19 -12.57 -6.51
C ALA A 81 29.24 -11.96 -7.57
N SER A 82 27.92 -11.96 -7.31
CA SER A 82 26.89 -11.46 -8.23
C SER A 82 26.58 -9.95 -8.09
N SER A 83 27.08 -9.27 -7.05
CA SER A 83 26.73 -7.87 -6.74
C SER A 83 27.67 -6.83 -7.43
N PRO A 84 27.19 -5.59 -7.68
CA PRO A 84 25.83 -5.11 -7.47
C PRO A 84 24.86 -5.58 -8.57
N ILE A 85 23.56 -5.61 -8.24
CA ILE A 85 22.47 -5.94 -9.17
C ILE A 85 21.69 -4.65 -9.51
N PRO A 86 21.55 -4.25 -10.79
CA PRO A 86 20.88 -3.01 -11.16
C PRO A 86 19.35 -3.18 -11.25
N VAL A 87 18.61 -2.12 -10.90
CA VAL A 87 17.15 -1.98 -11.08
C VAL A 87 16.88 -0.55 -11.58
N VAL A 88 16.19 -0.38 -12.70
CA VAL A 88 15.95 0.94 -13.34
C VAL A 88 14.52 1.43 -13.03
N ILE A 89 14.42 2.63 -12.46
CA ILE A 89 13.16 3.24 -11.98
C ILE A 89 12.72 4.37 -12.93
N SER A 90 11.41 4.46 -13.22
CA SER A 90 10.79 5.58 -13.96
C SER A 90 9.79 6.35 -13.09
N GLN A 91 9.39 7.56 -13.52
CA GLN A 91 8.59 8.51 -12.71
C GLN A 91 7.24 7.92 -12.27
N SER A 92 6.59 7.12 -13.12
CA SER A 92 5.33 6.42 -12.81
C SER A 92 5.45 5.43 -11.64
N GLU A 93 6.66 5.00 -11.28
CA GLU A 93 6.94 4.04 -10.22
C GLU A 93 7.32 4.69 -8.87
N ILE A 94 7.51 6.02 -8.82
CA ILE A 94 8.00 6.75 -7.62
C ILE A 94 6.96 6.82 -6.50
N GLY A 95 5.68 6.89 -6.86
CA GLY A 95 4.57 7.22 -5.95
C GLY A 95 3.51 8.12 -6.58
N ASP A 96 3.31 8.06 -7.90
CA ASP A 96 2.38 8.93 -8.62
C ASP A 96 0.93 8.53 -8.33
N ALA A 97 0.18 9.42 -7.66
CA ALA A 97 -1.21 9.20 -7.30
C ALA A 97 -2.15 9.06 -8.51
N SER A 98 -1.88 9.76 -9.62
CA SER A 98 -2.71 9.70 -10.83
C SER A 98 -2.69 8.33 -11.52
N ARG A 99 -1.65 7.52 -11.27
CA ARG A 99 -1.54 6.13 -11.73
C ARG A 99 -2.38 5.14 -10.90
N VAL A 100 -2.88 5.52 -9.71
CA VAL A 100 -3.68 4.64 -8.84
C VAL A 100 -5.13 4.58 -9.34
N ARG A 101 -5.67 3.36 -9.44
CA ARG A 101 -7.07 3.06 -9.79
C ARG A 101 -7.79 2.42 -8.60
N VAL A 102 -9.12 2.56 -8.54
CA VAL A 102 -9.98 2.00 -7.48
C VAL A 102 -11.36 1.60 -8.05
N SER A 103 -11.98 0.57 -7.46
CA SER A 103 -13.23 -0.04 -7.95
C SER A 103 -14.08 -0.63 -6.80
N GLY A 104 -15.38 -0.85 -7.02
CA GLY A 104 -16.27 -1.58 -6.09
C GLY A 104 -17.37 -0.73 -5.45
N GLN A 105 -18.38 -1.42 -4.91
CA GLN A 105 -19.64 -0.85 -4.41
C GLN A 105 -19.44 0.07 -3.18
N GLY A 106 -18.48 -0.25 -2.31
CA GLY A 106 -18.22 0.47 -1.05
C GLY A 106 -17.63 1.88 -1.22
N LEU A 107 -17.39 2.33 -2.46
CA LEU A 107 -17.06 3.71 -2.81
C LEU A 107 -18.31 4.55 -3.14
N HIS A 108 -19.49 3.94 -3.22
CA HIS A 108 -20.74 4.59 -3.63
C HIS A 108 -21.91 4.37 -2.64
N GLU A 109 -22.01 3.20 -2.01
CA GLU A 109 -23.10 2.82 -1.10
C GLU A 109 -22.70 1.69 -0.15
N GLY A 110 -23.41 1.56 0.99
CA GLY A 110 -23.17 0.52 2.00
C GLY A 110 -24.41 0.21 2.85
N HIS A 111 -24.21 -0.65 3.85
CA HIS A 111 -25.26 -1.18 4.73
C HIS A 111 -24.75 -1.31 6.19
N THR A 112 -25.56 -0.93 7.18
CA THR A 112 -25.23 -1.12 8.61
C THR A 112 -25.10 -2.60 8.97
N PHE A 113 -24.21 -2.91 9.90
CA PHE A 113 -24.00 -4.23 10.53
C PHE A 113 -23.30 -5.26 9.62
N GLU A 114 -23.06 -4.90 8.35
CA GLU A 114 -22.43 -5.73 7.32
C GLU A 114 -21.15 -5.05 6.80
N PRO A 115 -20.12 -5.81 6.37
CA PRO A 115 -18.92 -5.25 5.77
C PRO A 115 -19.22 -4.76 4.34
N ALA A 116 -18.91 -3.49 4.07
CA ALA A 116 -18.84 -2.92 2.72
C ALA A 116 -17.42 -3.15 2.16
N GLU A 117 -17.29 -3.38 0.85
CA GLU A 117 -16.00 -3.71 0.20
C GLU A 117 -15.71 -2.86 -1.04
N PHE A 118 -14.42 -2.66 -1.31
CA PHE A 118 -13.87 -2.02 -2.49
C PHE A 118 -12.41 -2.43 -2.70
N ILE A 119 -11.96 -2.42 -3.96
CA ILE A 119 -10.62 -2.86 -4.40
C ILE A 119 -9.79 -1.63 -4.81
N ILE A 120 -8.51 -1.65 -4.47
CA ILE A 120 -7.49 -0.67 -4.86
C ILE A 120 -6.44 -1.35 -5.74
N ASP A 121 -6.05 -0.67 -6.82
CA ASP A 121 -5.08 -1.13 -7.82
C ASP A 121 -3.92 -0.11 -7.94
N THR A 122 -2.80 -0.43 -7.30
CA THR A 122 -1.52 0.31 -7.34
C THR A 122 -0.51 -0.30 -8.30
N ARG A 123 -0.87 -1.35 -9.06
CA ARG A 123 0.06 -2.11 -9.93
C ARG A 123 0.71 -1.22 -11.00
N ASP A 124 -0.01 -0.22 -11.51
CA ASP A 124 0.47 0.77 -12.49
C ASP A 124 1.20 1.98 -11.84
N ALA A 125 1.13 2.10 -10.51
CA ALA A 125 1.72 3.19 -9.71
C ALA A 125 3.02 2.81 -8.98
N GLY A 126 3.39 1.53 -8.97
CA GLY A 126 4.69 1.03 -8.49
C GLY A 126 4.88 1.14 -6.98
N TYR A 127 6.06 1.61 -6.57
CA TYR A 127 6.45 1.86 -5.18
C TYR A 127 5.77 3.12 -4.58
N GLY A 128 5.83 3.28 -3.26
CA GLY A 128 5.31 4.44 -2.53
C GLY A 128 4.75 4.06 -1.16
N GLY A 129 3.44 4.27 -0.98
CA GLY A 129 2.71 3.89 0.23
C GLY A 129 1.26 4.33 0.21
N LEU A 130 0.33 3.37 0.23
CA LEU A 130 -1.11 3.60 0.30
C LEU A 130 -1.51 3.89 1.75
N SER A 131 -2.16 5.03 1.98
CA SER A 131 -2.77 5.43 3.25
C SER A 131 -4.25 5.75 3.03
N LEU A 132 -5.09 5.43 4.02
CA LEU A 132 -6.54 5.37 3.85
C LEU A 132 -7.24 5.85 5.11
N SER A 133 -8.23 6.74 4.96
CA SER A 133 -9.01 7.27 6.08
C SER A 133 -10.52 7.22 5.77
N ILE A 134 -11.33 6.86 6.76
CA ILE A 134 -12.80 6.85 6.71
C ILE A 134 -13.34 7.72 7.86
N GLU A 135 -14.36 8.52 7.59
CA GLU A 135 -15.00 9.42 8.56
C GLU A 135 -16.50 9.52 8.31
N GLY A 136 -17.28 9.90 9.33
CA GLY A 136 -18.75 9.97 9.24
C GLY A 136 -19.45 9.99 10.60
N PRO A 137 -20.66 9.39 10.72
CA PRO A 137 -21.46 9.41 11.95
C PRO A 137 -20.92 8.51 13.08
N SER A 138 -19.94 7.62 12.79
CA SER A 138 -19.33 6.74 13.79
C SER A 138 -17.92 6.29 13.38
N LYS A 139 -17.11 5.81 14.35
CA LYS A 139 -15.78 5.23 14.14
C LYS A 139 -15.93 3.76 13.69
N VAL A 140 -15.24 3.35 12.62
CA VAL A 140 -15.33 2.00 12.01
C VAL A 140 -14.02 1.23 12.13
N ASP A 141 -14.09 -0.10 12.07
CA ASP A 141 -12.92 -0.97 11.95
C ASP A 141 -12.61 -1.25 10.47
N ILE A 142 -11.38 -0.99 10.04
CA ILE A 142 -10.91 -1.15 8.65
C ILE A 142 -9.99 -2.37 8.57
N ASN A 143 -10.20 -3.21 7.55
CA ASN A 143 -9.44 -4.44 7.27
C ASN A 143 -9.02 -4.50 5.78
N THR A 144 -8.03 -5.35 5.47
CA THR A 144 -7.43 -5.51 4.13
C THR A 144 -7.20 -6.98 3.77
N GLU A 145 -7.06 -7.23 2.47
CA GLU A 145 -6.79 -8.56 1.90
C GLU A 145 -6.05 -8.42 0.56
N ASP A 146 -4.87 -9.05 0.46
CA ASP A 146 -4.07 -9.13 -0.77
C ASP A 146 -4.65 -10.20 -1.73
N LEU A 147 -4.88 -9.82 -2.99
CA LEU A 147 -5.44 -10.69 -4.03
C LEU A 147 -4.35 -11.15 -5.01
N GLU A 148 -4.53 -12.34 -5.60
CA GLU A 148 -3.53 -12.97 -6.48
C GLU A 148 -3.35 -12.21 -7.82
N ASP A 149 -4.29 -11.35 -8.19
CA ASP A 149 -4.20 -10.41 -9.32
C ASP A 149 -3.20 -9.25 -9.09
N GLY A 150 -2.70 -9.09 -7.85
CA GLY A 150 -1.78 -8.03 -7.42
C GLY A 150 -2.47 -6.80 -6.83
N THR A 151 -3.82 -6.78 -6.83
CA THR A 151 -4.67 -5.73 -6.23
C THR A 151 -4.95 -6.02 -4.75
N CYS A 152 -5.51 -5.05 -4.03
CA CYS A 152 -5.89 -5.19 -2.62
C CYS A 152 -7.38 -4.88 -2.40
N ARG A 153 -8.12 -5.79 -1.76
CA ARG A 153 -9.45 -5.53 -1.21
C ARG A 153 -9.32 -4.79 0.13
N VAL A 154 -10.12 -3.75 0.32
CA VAL A 154 -10.35 -3.05 1.59
C VAL A 154 -11.79 -3.29 2.03
N THR A 155 -12.01 -3.52 3.33
CA THR A 155 -13.33 -3.73 3.95
C THR A 155 -13.48 -2.90 5.22
N TYR A 156 -14.73 -2.52 5.52
CA TYR A 156 -15.11 -1.84 6.76
C TYR A 156 -16.60 -2.08 7.11
N CYS A 157 -16.93 -2.14 8.40
CA CYS A 157 -18.29 -2.37 8.89
C CYS A 157 -18.84 -1.13 9.64
N PRO A 158 -19.79 -0.36 9.05
CA PRO A 158 -20.44 0.76 9.72
C PRO A 158 -21.57 0.27 10.64
N THR A 159 -21.77 0.97 11.77
CA THR A 159 -22.83 0.65 12.76
C THR A 159 -23.99 1.64 12.65
N GLU A 160 -23.71 2.94 12.59
CA GLU A 160 -24.71 3.99 12.38
C GLU A 160 -24.96 4.20 10.87
N PRO A 161 -26.21 4.48 10.43
CA PRO A 161 -26.51 4.86 9.05
C PRO A 161 -26.16 6.34 8.79
N GLY A 162 -26.04 6.70 7.52
CA GLY A 162 -25.71 8.06 7.05
C GLY A 162 -24.66 8.09 5.94
N ASN A 163 -24.09 9.26 5.68
CA ASN A 163 -23.00 9.44 4.72
C ASN A 163 -21.62 9.27 5.40
N TYR A 164 -20.84 8.29 4.96
CA TYR A 164 -19.42 8.15 5.29
C TYR A 164 -18.55 8.65 4.13
N ILE A 165 -17.45 9.33 4.43
CA ILE A 165 -16.46 9.81 3.45
C ILE A 165 -15.21 8.93 3.54
N ILE A 166 -14.73 8.45 2.40
CA ILE A 166 -13.50 7.65 2.26
C ILE A 166 -12.47 8.46 1.46
N ASN A 167 -11.24 8.55 2.00
CA ASN A 167 -10.09 9.23 1.39
C ASN A 167 -9.01 8.21 1.03
N ILE A 168 -8.59 8.16 -0.24
CA ILE A 168 -7.48 7.32 -0.72
C ILE A 168 -6.27 8.21 -1.07
N LYS A 169 -5.16 7.98 -0.38
CA LYS A 169 -3.89 8.72 -0.46
C LYS A 169 -2.74 7.76 -0.82
N PHE A 170 -1.85 8.16 -1.73
CA PHE A 170 -0.69 7.38 -2.17
C PHE A 170 0.56 8.26 -2.20
N ALA A 171 1.61 7.88 -1.45
CA ALA A 171 2.83 8.67 -1.24
C ALA A 171 2.52 10.12 -0.82
N ASP A 172 1.58 10.26 0.13
CA ASP A 172 1.05 11.49 0.74
C ASP A 172 0.11 12.31 -0.19
N GLN A 173 -0.07 11.89 -1.45
CA GLN A 173 -0.85 12.62 -2.45
C GLN A 173 -2.25 11.98 -2.62
N HIS A 174 -3.29 12.78 -2.62
CA HIS A 174 -4.69 12.33 -2.74
C HIS A 174 -4.98 11.79 -4.16
N VAL A 175 -5.49 10.56 -4.30
CA VAL A 175 -5.68 9.92 -5.63
C VAL A 175 -6.97 10.45 -6.31
N PRO A 176 -7.07 10.45 -7.66
CA PRO A 176 -8.26 10.93 -8.36
C PRO A 176 -9.50 10.09 -8.03
N GLY A 177 -10.64 10.78 -7.88
CA GLY A 177 -11.93 10.20 -7.45
C GLY A 177 -12.22 10.41 -5.97
N SER A 178 -11.21 10.54 -5.12
CA SER A 178 -11.37 10.90 -3.71
C SER A 178 -11.67 12.42 -3.52
N PRO A 179 -12.36 12.83 -2.44
CA PRO A 179 -13.03 11.99 -1.45
C PRO A 179 -14.28 11.32 -2.04
N PHE A 180 -14.53 10.07 -1.64
CA PHE A 180 -15.72 9.31 -2.00
C PHE A 180 -16.78 9.42 -0.90
N SER A 181 -17.94 10.01 -1.20
CA SER A 181 -19.12 9.99 -0.32
C SER A 181 -19.92 8.68 -0.52
N VAL A 182 -20.22 7.99 0.58
CA VAL A 182 -20.79 6.63 0.60
C VAL A 182 -22.06 6.62 1.46
N LYS A 183 -23.22 6.46 0.82
CA LYS A 183 -24.51 6.41 1.52
C LYS A 183 -24.73 5.02 2.16
N VAL A 184 -24.64 4.94 3.48
CA VAL A 184 -24.89 3.72 4.26
C VAL A 184 -26.35 3.73 4.75
N THR A 185 -27.14 2.74 4.31
CA THR A 185 -28.54 2.55 4.75
C THR A 185 -28.59 1.63 5.97
N GLY A 186 -29.61 1.83 6.82
CA GLY A 186 -29.80 1.09 8.07
C GLY A 186 -31.07 1.44 8.83
N GLU A 187 -31.49 0.53 9.72
CA GLU A 187 -32.73 0.63 10.51
C GLU A 187 -32.50 0.80 12.03
N GLY A 188 -31.24 0.79 12.48
CA GLY A 188 -30.87 0.91 13.90
C GLY A 188 -30.97 -0.40 14.71
N ARG A 189 -31.29 -1.51 14.03
CA ARG A 189 -31.41 -2.89 14.52
C ARG A 189 -32.81 -3.17 15.12
N VAL A 190 -33.38 -4.34 14.83
CA VAL A 190 -34.68 -4.83 15.32
C VAL A 190 -34.53 -6.27 15.82
N LYS A 191 -35.09 -6.57 17.00
CA LYS A 191 -35.07 -7.90 17.62
C LYS A 191 -36.16 -8.83 17.07
N GLY A 1 -19.61 30.12 4.74
CA GLY A 1 -19.95 28.88 5.48
C GLY A 1 -19.75 29.07 6.98
N ALA A 2 -20.75 28.70 7.79
CA ALA A 2 -20.74 28.88 9.26
C ALA A 2 -19.95 27.80 10.03
N MET A 3 -19.69 26.63 9.40
CA MET A 3 -18.98 25.50 10.03
C MET A 3 -17.46 25.74 10.13
N GLY A 4 -16.86 25.26 11.22
CA GLY A 4 -15.41 25.26 11.44
C GLY A 4 -14.74 24.00 10.87
N ASP A 5 -13.49 24.13 10.41
CA ASP A 5 -12.71 23.02 9.84
C ASP A 5 -12.31 21.95 10.87
N ASP A 6 -12.35 22.27 12.17
CA ASP A 6 -12.13 21.36 13.29
C ASP A 6 -13.41 20.62 13.75
N SER A 7 -14.59 21.02 13.26
CA SER A 7 -15.88 20.43 13.64
C SER A 7 -16.19 19.11 12.90
N MET A 8 -15.48 18.81 11.80
CA MET A 8 -15.59 17.54 11.07
C MET A 8 -14.99 16.36 11.85
N ARG A 9 -15.38 15.13 11.50
CA ARG A 9 -14.85 13.88 12.06
C ARG A 9 -14.41 12.92 10.95
N MET A 10 -13.39 12.12 11.24
CA MET A 10 -12.74 11.19 10.31
C MET A 10 -11.98 10.07 11.04
N SER A 11 -11.68 9.00 10.31
CA SER A 11 -10.89 7.84 10.74
C SER A 11 -9.90 7.46 9.62
N HIS A 12 -8.68 7.01 9.94
CA HIS A 12 -7.58 6.94 8.96
C HIS A 12 -6.63 5.73 9.10
N LEU A 13 -5.83 5.48 8.05
CA LEU A 13 -4.92 4.34 7.88
C LEU A 13 -3.79 4.70 6.88
N LYS A 14 -2.64 4.01 6.98
CA LYS A 14 -1.52 4.11 6.03
C LYS A 14 -0.93 2.72 5.71
N VAL A 15 -0.49 2.50 4.46
CA VAL A 15 0.06 1.23 3.96
C VAL A 15 1.24 1.53 3.01
N GLY A 16 2.36 0.80 3.13
CA GLY A 16 3.52 0.92 2.25
C GLY A 16 3.42 0.00 1.03
N SER A 17 3.70 0.52 -0.16
CA SER A 17 3.64 -0.22 -1.44
C SER A 17 4.98 -0.24 -2.17
N ALA A 18 5.26 -1.35 -2.88
CA ALA A 18 6.50 -1.55 -3.64
C ALA A 18 6.33 -2.58 -4.76
N ALA A 19 7.12 -2.42 -5.83
CA ALA A 19 7.27 -3.41 -6.91
C ALA A 19 8.37 -4.44 -6.56
N ASP A 20 8.21 -5.67 -7.05
CA ASP A 20 9.22 -6.72 -6.98
C ASP A 20 10.18 -6.65 -8.18
N ILE A 21 11.49 -6.62 -7.90
CA ILE A 21 12.57 -6.59 -8.90
C ILE A 21 13.36 -7.91 -8.82
N PRO A 22 13.32 -8.78 -9.84
CA PRO A 22 14.08 -10.02 -9.86
C PRO A 22 15.56 -9.76 -10.15
N ILE A 23 16.45 -10.45 -9.44
CA ILE A 23 17.92 -10.27 -9.50
C ILE A 23 18.62 -11.64 -9.37
N ASN A 24 19.64 -11.88 -10.19
CA ASN A 24 20.55 -13.03 -10.13
C ASN A 24 19.83 -14.39 -10.27
N ILE A 25 19.30 -14.67 -11.47
CA ILE A 25 18.62 -15.95 -11.78
C ILE A 25 19.65 -17.09 -11.85
N SER A 26 19.69 -17.92 -10.81
CA SER A 26 20.67 -19.00 -10.58
C SER A 26 20.26 -19.82 -9.34
N GLU A 27 21.13 -20.69 -8.83
CA GLU A 27 20.94 -21.52 -7.63
C GLU A 27 21.13 -20.71 -6.32
N THR A 28 20.44 -19.57 -6.21
CA THR A 28 20.50 -18.65 -5.07
C THR A 28 19.57 -19.12 -3.96
N ASP A 29 20.11 -19.31 -2.76
CA ASP A 29 19.36 -19.65 -1.55
C ASP A 29 18.93 -18.38 -0.80
N LEU A 30 17.63 -18.26 -0.52
CA LEU A 30 17.02 -17.09 0.13
C LEU A 30 17.29 -17.06 1.65
N SER A 31 17.42 -18.21 2.30
CA SER A 31 17.27 -18.34 3.76
C SER A 31 18.43 -17.76 4.60
N LEU A 32 19.63 -17.63 4.01
CA LEU A 32 20.84 -17.08 4.66
C LEU A 32 21.30 -15.73 4.08
N LEU A 33 20.56 -15.18 3.12
CA LEU A 33 20.83 -13.89 2.47
C LEU A 33 19.98 -12.76 3.06
N THR A 34 20.51 -11.54 2.98
CA THR A 34 19.84 -10.24 3.17
C THR A 34 20.39 -9.24 2.16
N ALA A 35 19.80 -8.05 2.06
CA ALA A 35 20.24 -7.01 1.11
C ALA A 35 19.83 -5.60 1.55
N THR A 36 20.52 -4.59 1.00
CA THR A 36 20.24 -3.16 1.15
C THR A 36 20.27 -2.48 -0.22
N VAL A 37 19.69 -1.29 -0.32
CA VAL A 37 19.85 -0.35 -1.44
C VAL A 37 20.61 0.88 -0.97
N VAL A 38 21.59 1.30 -1.79
CA VAL A 38 22.22 2.62 -1.73
C VAL A 38 21.64 3.47 -2.87
N PRO A 39 20.83 4.51 -2.58
CA PRO A 39 20.28 5.42 -3.58
C PRO A 39 21.31 6.48 -4.00
N PRO A 40 21.06 7.26 -5.06
CA PRO A 40 21.85 8.45 -5.38
C PRO A 40 21.75 9.54 -4.30
N SER A 41 20.70 9.49 -3.46
CA SER A 41 20.55 10.30 -2.24
C SER A 41 21.54 9.95 -1.12
N GLY A 42 22.27 8.84 -1.25
CA GLY A 42 23.29 8.35 -0.30
C GLY A 42 22.74 7.66 0.95
N ARG A 43 21.43 7.78 1.23
CA ARG A 43 20.78 7.25 2.44
C ARG A 43 20.48 5.75 2.30
N GLU A 44 21.39 4.90 2.80
CA GLU A 44 21.26 3.43 2.73
C GLU A 44 20.02 2.93 3.49
N GLU A 45 19.24 2.03 2.88
CA GLU A 45 18.05 1.41 3.46
C GLU A 45 17.95 -0.09 3.10
N PRO A 46 17.32 -0.92 3.96
CA PRO A 46 17.23 -2.37 3.77
C PRO A 46 16.18 -2.76 2.72
N CYS A 47 16.36 -3.95 2.14
CA CYS A 47 15.45 -4.58 1.19
C CYS A 47 14.65 -5.74 1.81
N LEU A 48 13.45 -6.00 1.27
CA LEU A 48 12.63 -7.17 1.54
C LEU A 48 12.89 -8.20 0.44
N LEU A 49 13.44 -9.37 0.78
CA LEU A 49 13.76 -10.45 -0.18
C LEU A 49 12.54 -11.36 -0.39
N LYS A 50 12.29 -11.74 -1.64
CA LYS A 50 11.08 -12.46 -2.07
C LYS A 50 11.40 -13.68 -2.97
N ARG A 51 10.71 -14.80 -2.72
CA ARG A 51 10.55 -15.91 -3.67
C ARG A 51 9.31 -15.63 -4.53
N LEU A 52 9.48 -15.52 -5.84
CA LEU A 52 8.48 -15.05 -6.80
C LEU A 52 7.75 -16.23 -7.48
N ARG A 53 6.61 -15.94 -8.12
CA ARG A 53 5.58 -16.94 -8.46
C ARG A 53 5.98 -17.96 -9.55
N ASN A 54 6.92 -17.61 -10.43
CA ASN A 54 7.42 -18.51 -11.50
C ASN A 54 8.64 -19.36 -11.07
N GLY A 55 9.11 -19.22 -9.82
CA GLY A 55 10.27 -19.94 -9.26
C GLY A 55 11.55 -19.09 -9.20
N HIS A 56 11.53 -17.88 -9.76
CA HIS A 56 12.57 -16.87 -9.63
C HIS A 56 12.61 -16.18 -8.24
N VAL A 57 13.60 -15.33 -8.00
CA VAL A 57 13.81 -14.59 -6.74
C VAL A 57 14.14 -13.12 -7.00
N GLY A 58 13.79 -12.23 -6.07
CA GLY A 58 13.97 -10.79 -6.19
C GLY A 58 13.92 -10.02 -4.87
N ILE A 59 13.89 -8.68 -4.98
CA ILE A 59 13.81 -7.73 -3.86
C ILE A 59 12.71 -6.68 -4.05
N SER A 60 12.29 -6.08 -2.93
CA SER A 60 11.48 -4.85 -2.89
C SER A 60 12.06 -3.85 -1.88
N PHE A 61 11.79 -2.55 -2.11
CA PHE A 61 12.25 -1.39 -1.34
C PHE A 61 11.41 -0.16 -1.74
N VAL A 62 11.77 1.07 -1.33
CA VAL A 62 11.17 2.32 -1.85
C VAL A 62 12.28 3.35 -2.17
N PRO A 63 12.39 3.82 -3.43
CA PRO A 63 13.30 4.89 -3.83
C PRO A 63 12.72 6.27 -3.50
N LYS A 64 13.60 7.24 -3.18
CA LYS A 64 13.21 8.62 -2.86
C LYS A 64 13.49 9.62 -4.01
N GLU A 65 14.24 9.20 -5.03
CA GLU A 65 14.60 9.97 -6.24
C GLU A 65 14.67 9.02 -7.45
N THR A 66 14.84 9.59 -8.66
CA THR A 66 15.06 8.85 -9.91
C THR A 66 16.54 8.52 -10.14
N GLY A 67 16.82 7.70 -11.15
CA GLY A 67 18.17 7.34 -11.59
C GLY A 67 18.68 6.02 -11.02
N GLU A 68 19.98 5.76 -11.23
CA GLU A 68 20.63 4.50 -10.86
C GLU A 68 20.77 4.36 -9.33
N HIS A 69 20.12 3.33 -8.79
CA HIS A 69 20.29 2.86 -7.41
C HIS A 69 21.12 1.56 -7.42
N LEU A 70 21.97 1.36 -6.42
CA LEU A 70 22.82 0.18 -6.26
C LEU A 70 22.22 -0.75 -5.20
N VAL A 71 21.92 -2.00 -5.56
CA VAL A 71 21.49 -3.06 -4.66
C VAL A 71 22.74 -3.83 -4.19
N HIS A 72 22.94 -3.96 -2.88
CA HIS A 72 24.02 -4.73 -2.26
C HIS A 72 23.45 -5.99 -1.56
N VAL A 73 23.77 -7.18 -2.06
CA VAL A 73 23.31 -8.48 -1.53
C VAL A 73 24.43 -9.12 -0.72
N LYS A 74 24.07 -9.74 0.42
CA LYS A 74 25.03 -10.28 1.39
C LYS A 74 24.57 -11.58 2.09
N LYS A 75 25.53 -12.49 2.31
CA LYS A 75 25.40 -13.77 3.00
C LYS A 75 26.04 -13.67 4.39
N ASN A 76 25.28 -13.93 5.46
CA ASN A 76 25.76 -13.89 6.86
C ASN A 76 26.45 -12.55 7.23
N GLY A 77 26.04 -11.44 6.60
CA GLY A 77 26.61 -10.09 6.78
C GLY A 77 27.69 -9.70 5.75
N GLN A 78 28.24 -10.64 4.98
CA GLN A 78 29.35 -10.44 4.04
C GLN A 78 28.83 -10.35 2.59
N HIS A 79 29.28 -9.36 1.82
CA HIS A 79 28.79 -9.13 0.44
C HIS A 79 29.02 -10.32 -0.52
N VAL A 80 28.02 -10.59 -1.37
CA VAL A 80 28.08 -11.59 -2.46
C VAL A 80 28.90 -11.01 -3.62
N ALA A 81 29.69 -11.86 -4.29
CA ALA A 81 30.65 -11.44 -5.33
C ALA A 81 30.00 -10.72 -6.53
N SER A 82 28.71 -10.96 -6.79
CA SER A 82 27.94 -10.30 -7.85
C SER A 82 27.50 -8.85 -7.52
N SER A 83 27.62 -8.42 -6.26
CA SER A 83 27.23 -7.06 -5.81
C SER A 83 28.32 -5.99 -6.05
N PRO A 84 27.95 -4.71 -6.19
CA PRO A 84 26.57 -4.20 -6.25
C PRO A 84 25.93 -4.42 -7.64
N ILE A 85 24.60 -4.55 -7.65
CA ILE A 85 23.79 -4.63 -8.87
C ILE A 85 23.10 -3.27 -9.10
N PRO A 86 23.26 -2.62 -10.27
CA PRO A 86 22.57 -1.37 -10.58
C PRO A 86 21.12 -1.64 -11.03
N VAL A 87 20.19 -0.82 -10.54
CA VAL A 87 18.77 -0.79 -10.95
C VAL A 87 18.39 0.68 -11.18
N VAL A 88 17.89 1.02 -12.36
CA VAL A 88 17.55 2.41 -12.75
C VAL A 88 16.06 2.68 -12.53
N ILE A 89 15.75 3.73 -11.77
CA ILE A 89 14.39 4.13 -11.37
C ILE A 89 13.91 5.27 -12.28
N SER A 90 12.76 5.11 -12.93
CA SER A 90 12.10 6.16 -13.73
C SER A 90 11.08 6.96 -12.89
N GLN A 91 10.75 8.18 -13.35
CA GLN A 91 9.81 9.08 -12.66
C GLN A 91 8.41 8.46 -12.47
N SER A 92 7.98 7.60 -13.39
CA SER A 92 6.68 6.91 -13.33
C SER A 92 6.58 5.91 -12.17
N GLU A 93 7.70 5.48 -11.59
CA GLU A 93 7.77 4.51 -10.49
C GLU A 93 7.77 5.18 -9.10
N ILE A 94 7.97 6.50 -9.02
CA ILE A 94 8.11 7.25 -7.75
C ILE A 94 6.80 7.33 -6.96
N GLY A 95 5.65 7.26 -7.65
CA GLY A 95 4.31 7.23 -7.05
C GLY A 95 3.23 7.86 -7.92
N ASP A 96 2.97 7.27 -9.09
CA ASP A 96 1.94 7.74 -10.01
C ASP A 96 0.54 7.34 -9.53
N ALA A 97 -0.13 8.24 -8.79
CA ALA A 97 -1.49 8.06 -8.29
C ALA A 97 -2.49 7.67 -9.41
N SER A 98 -2.33 8.25 -10.60
CA SER A 98 -3.12 7.97 -11.81
C SER A 98 -3.13 6.48 -12.24
N ARG A 99 -2.12 5.70 -11.82
CA ARG A 99 -1.99 4.27 -12.11
C ARG A 99 -2.55 3.36 -10.99
N VAL A 100 -2.94 3.90 -9.83
CA VAL A 100 -3.45 3.11 -8.69
C VAL A 100 -4.88 2.60 -8.97
N ARG A 101 -5.14 1.34 -8.60
CA ARG A 101 -6.44 0.67 -8.71
C ARG A 101 -7.03 0.34 -7.34
N VAL A 102 -8.36 0.38 -7.23
CA VAL A 102 -9.15 -0.05 -6.07
C VAL A 102 -10.45 -0.70 -6.54
N SER A 103 -10.91 -1.72 -5.82
CA SER A 103 -12.08 -2.55 -6.20
C SER A 103 -12.83 -3.09 -4.97
N GLY A 104 -14.13 -3.42 -5.13
CA GLY A 104 -14.97 -4.03 -4.08
C GLY A 104 -16.17 -3.16 -3.67
N GLN A 105 -17.14 -3.81 -3.01
CA GLN A 105 -18.47 -3.24 -2.71
C GLN A 105 -18.40 -2.04 -1.74
N GLY A 106 -17.42 -2.02 -0.83
CA GLY A 106 -17.26 -0.95 0.18
C GLY A 106 -16.81 0.40 -0.37
N LEU A 107 -16.59 0.51 -1.69
CA LEU A 107 -16.42 1.77 -2.42
C LEU A 107 -17.76 2.36 -2.91
N HIS A 108 -18.87 1.61 -2.78
CA HIS A 108 -20.19 1.95 -3.34
C HIS A 108 -21.34 1.86 -2.31
N GLU A 109 -21.32 0.88 -1.39
CA GLU A 109 -22.36 0.68 -0.37
C GLU A 109 -21.87 -0.09 0.87
N GLY A 110 -22.58 0.08 1.99
CA GLY A 110 -22.30 -0.58 3.28
C GLY A 110 -23.56 -0.84 4.11
N HIS A 111 -23.38 -1.30 5.35
CA HIS A 111 -24.47 -1.67 6.27
C HIS A 111 -24.24 -1.16 7.70
N THR A 112 -25.31 -0.81 8.43
CA THR A 112 -25.26 -0.35 9.84
C THR A 112 -24.84 -1.43 10.83
N PHE A 113 -24.98 -2.71 10.47
CA PHE A 113 -24.78 -3.86 11.38
C PHE A 113 -23.68 -4.85 10.92
N GLU A 114 -23.03 -4.61 9.78
CA GLU A 114 -22.00 -5.49 9.20
C GLU A 114 -20.88 -4.64 8.55
N PRO A 115 -19.62 -5.10 8.54
CA PRO A 115 -18.51 -4.38 7.94
C PRO A 115 -18.58 -4.40 6.41
N ALA A 116 -18.15 -3.29 5.79
CA ALA A 116 -17.90 -3.16 4.36
C ALA A 116 -16.44 -3.52 4.03
N GLU A 117 -16.17 -3.99 2.80
CA GLU A 117 -14.83 -4.41 2.35
C GLU A 117 -14.49 -3.91 0.94
N PHE A 118 -13.20 -3.65 0.73
CA PHE A 118 -12.61 -3.25 -0.55
C PHE A 118 -11.11 -3.55 -0.57
N ILE A 119 -10.57 -3.84 -1.76
CA ILE A 119 -9.18 -4.22 -2.02
C ILE A 119 -8.46 -3.08 -2.77
N ILE A 120 -7.21 -2.84 -2.44
CA ILE A 120 -6.32 -1.84 -3.04
C ILE A 120 -5.15 -2.54 -3.76
N ASP A 121 -4.81 -2.04 -4.95
CA ASP A 121 -3.75 -2.59 -5.82
C ASP A 121 -2.88 -1.46 -6.42
N THR A 122 -1.58 -1.48 -6.09
CA THR A 122 -0.64 -0.35 -6.29
C THR A 122 0.60 -0.68 -7.13
N ARG A 123 0.89 -1.95 -7.44
CA ARG A 123 2.15 -2.32 -8.12
C ARG A 123 2.32 -1.76 -9.54
N ASP A 124 1.22 -1.42 -10.22
CA ASP A 124 1.23 -0.74 -11.52
C ASP A 124 1.65 0.75 -11.41
N ALA A 125 1.54 1.34 -10.22
CA ALA A 125 2.02 2.68 -9.88
C ALA A 125 3.48 2.71 -9.35
N GLY A 126 4.13 1.54 -9.24
CA GLY A 126 5.51 1.38 -8.77
C GLY A 126 5.60 1.32 -7.24
N TYR A 127 6.34 2.26 -6.66
CA TYR A 127 6.61 2.38 -5.22
C TYR A 127 5.84 3.55 -4.58
N GLY A 128 5.77 3.58 -3.24
CA GLY A 128 5.32 4.75 -2.46
C GLY A 128 4.37 4.43 -1.31
N GLY A 129 3.93 5.49 -0.62
CA GLY A 129 3.00 5.41 0.52
C GLY A 129 1.55 5.62 0.10
N LEU A 130 0.68 4.68 0.47
CA LEU A 130 -0.77 4.75 0.34
C LEU A 130 -1.35 5.24 1.68
N SER A 131 -2.08 6.36 1.66
CA SER A 131 -2.81 6.92 2.79
C SER A 131 -4.32 6.88 2.54
N LEU A 132 -5.10 6.69 3.61
CA LEU A 132 -6.54 6.42 3.54
C LEU A 132 -7.27 7.14 4.67
N SER A 133 -8.38 7.82 4.34
CA SER A 133 -9.21 8.53 5.32
C SER A 133 -10.70 8.35 5.00
N ILE A 134 -11.48 7.84 5.97
CA ILE A 134 -12.94 7.70 5.90
C ILE A 134 -13.59 8.79 6.75
N GLU A 135 -14.66 9.41 6.25
CA GLU A 135 -15.41 10.48 6.91
C GLU A 135 -16.90 10.36 6.62
N GLY A 136 -17.76 10.94 7.48
CA GLY A 136 -19.22 10.80 7.36
C GLY A 136 -19.98 11.12 8.66
N PRO A 137 -21.16 10.51 8.88
CA PRO A 137 -22.02 10.81 10.03
C PRO A 137 -21.48 10.34 11.39
N SER A 138 -20.42 9.52 11.45
CA SER A 138 -19.76 9.11 12.70
C SER A 138 -18.32 8.59 12.47
N LYS A 139 -17.56 8.41 13.55
CA LYS A 139 -16.24 7.74 13.57
C LYS A 139 -16.38 6.23 13.26
N VAL A 140 -15.34 5.61 12.66
CA VAL A 140 -15.33 4.16 12.34
C VAL A 140 -14.00 3.50 12.72
N ASP A 141 -14.04 2.23 13.11
CA ASP A 141 -12.84 1.40 13.23
C ASP A 141 -12.41 0.90 11.83
N ILE A 142 -11.13 1.07 11.48
CA ILE A 142 -10.57 0.64 10.20
C ILE A 142 -9.52 -0.46 10.46
N ASN A 143 -9.59 -1.52 9.66
CA ASN A 143 -8.76 -2.73 9.74
C ASN A 143 -8.21 -3.07 8.34
N THR A 144 -7.12 -3.85 8.29
CA THR A 144 -6.42 -4.22 7.04
C THR A 144 -6.00 -5.69 7.05
N GLU A 145 -5.75 -6.25 5.87
CA GLU A 145 -5.24 -7.61 5.68
C GLU A 145 -4.51 -7.71 4.34
N ASP A 146 -3.20 -7.97 4.37
CA ASP A 146 -2.38 -8.22 3.18
C ASP A 146 -2.58 -9.66 2.65
N LEU A 147 -2.72 -9.78 1.32
CA LEU A 147 -3.15 -11.01 0.64
C LEU A 147 -1.99 -11.66 -0.14
N GLU A 148 -2.14 -12.94 -0.48
CA GLU A 148 -1.10 -13.74 -1.17
C GLU A 148 -0.86 -13.33 -2.63
N ASP A 149 -1.79 -12.57 -3.24
CA ASP A 149 -1.62 -11.94 -4.56
C ASP A 149 -0.79 -10.64 -4.50
N GLY A 150 -0.41 -10.18 -3.29
CA GLY A 150 0.36 -8.96 -3.03
C GLY A 150 -0.51 -7.70 -2.87
N THR A 151 -1.84 -7.83 -2.96
CA THR A 151 -2.84 -6.78 -2.72
C THR A 151 -3.16 -6.65 -1.23
N CYS A 152 -3.91 -5.61 -0.85
CA CYS A 152 -4.36 -5.39 0.52
C CYS A 152 -5.89 -5.18 0.57
N ARG A 153 -6.59 -5.96 1.39
CA ARG A 153 -7.97 -5.69 1.80
C ARG A 153 -7.98 -4.60 2.89
N VAL A 154 -8.94 -3.70 2.82
CA VAL A 154 -9.32 -2.74 3.87
C VAL A 154 -10.79 -2.98 4.24
N THR A 155 -11.09 -2.95 5.55
CA THR A 155 -12.43 -3.18 6.11
C THR A 155 -12.76 -2.15 7.19
N TYR A 156 -14.04 -1.84 7.31
CA TYR A 156 -14.57 -0.91 8.32
C TYR A 156 -16.07 -1.13 8.58
N CYS A 157 -16.54 -0.86 9.81
CA CYS A 157 -17.94 -1.00 10.21
C CYS A 157 -18.58 0.37 10.54
N PRO A 158 -19.41 0.94 9.64
CA PRO A 158 -20.17 2.17 9.91
C PRO A 158 -21.41 1.86 10.76
N THR A 159 -21.66 2.69 11.79
CA THR A 159 -22.78 2.50 12.74
C THR A 159 -24.05 3.20 12.27
N GLU A 160 -23.92 4.41 11.71
CA GLU A 160 -25.05 5.24 11.26
C GLU A 160 -25.36 5.00 9.77
N PRO A 161 -26.62 5.13 9.33
CA PRO A 161 -26.98 5.13 7.91
C PRO A 161 -26.61 6.47 7.24
N GLY A 162 -26.60 6.48 5.90
CA GLY A 162 -26.29 7.66 5.07
C GLY A 162 -25.02 7.50 4.23
N ASN A 163 -24.49 8.60 3.70
CA ASN A 163 -23.31 8.60 2.84
C ASN A 163 -22.01 8.80 3.66
N TYR A 164 -21.11 7.81 3.61
CA TYR A 164 -19.70 7.93 4.01
C TYR A 164 -18.81 8.21 2.80
N ILE A 165 -17.80 9.06 2.96
CA ILE A 165 -16.77 9.35 1.94
C ILE A 165 -15.50 8.58 2.31
N ILE A 166 -14.88 7.92 1.33
CA ILE A 166 -13.54 7.32 1.45
C ILE A 166 -12.58 8.06 0.52
N ASN A 167 -11.48 8.55 1.09
CA ASN A 167 -10.36 9.17 0.39
C ASN A 167 -9.23 8.14 0.22
N ILE A 168 -8.79 7.90 -1.01
CA ILE A 168 -7.58 7.11 -1.32
C ILE A 168 -6.52 8.02 -1.94
N LYS A 169 -5.35 8.07 -1.31
CA LYS A 169 -4.23 8.96 -1.63
C LYS A 169 -2.93 8.15 -1.77
N PHE A 170 -2.11 8.44 -2.79
CA PHE A 170 -0.84 7.77 -3.05
C PHE A 170 0.25 8.80 -3.35
N ALA A 171 1.36 8.73 -2.61
CA ALA A 171 2.48 9.70 -2.67
C ALA A 171 2.02 11.17 -2.48
N ASP A 172 0.98 11.35 -1.66
CA ASP A 172 0.31 12.61 -1.29
C ASP A 172 -0.69 13.15 -2.34
N GLN A 173 -0.91 12.42 -3.44
CA GLN A 173 -1.88 12.77 -4.49
C GLN A 173 -3.14 11.89 -4.40
N HIS A 174 -4.32 12.51 -4.47
CA HIS A 174 -5.63 11.83 -4.45
C HIS A 174 -5.81 10.95 -5.72
N VAL A 175 -6.05 9.63 -5.58
CA VAL A 175 -6.06 8.70 -6.73
C VAL A 175 -7.39 8.78 -7.53
N PRO A 176 -7.45 8.32 -8.80
CA PRO A 176 -8.67 8.31 -9.60
C PRO A 176 -9.84 7.61 -8.91
N GLY A 177 -11.03 8.22 -9.01
CA GLY A 177 -12.27 7.75 -8.37
C GLY A 177 -12.50 8.33 -6.97
N SER A 178 -11.45 8.79 -6.27
CA SER A 178 -11.60 9.53 -5.02
C SER A 178 -12.18 10.94 -5.26
N PRO A 179 -13.02 11.47 -4.33
CA PRO A 179 -13.57 10.82 -3.15
C PRO A 179 -14.69 9.83 -3.54
N PHE A 180 -14.68 8.64 -2.91
CA PHE A 180 -15.69 7.61 -3.13
C PHE A 180 -16.86 7.80 -2.15
N SER A 181 -18.07 8.06 -2.65
CA SER A 181 -19.30 8.07 -1.84
C SER A 181 -19.86 6.65 -1.65
N VAL A 182 -20.13 6.26 -0.40
CA VAL A 182 -20.54 4.91 0.02
C VAL A 182 -21.87 5.00 0.76
N LYS A 183 -22.94 4.49 0.16
CA LYS A 183 -24.28 4.52 0.73
C LYS A 183 -24.46 3.41 1.79
N VAL A 184 -24.48 3.76 3.07
CA VAL A 184 -24.71 2.83 4.19
C VAL A 184 -26.22 2.73 4.44
N THR A 185 -26.76 1.50 4.34
CA THR A 185 -28.19 1.20 4.55
C THR A 185 -28.41 0.39 5.82
N GLY A 186 -29.66 0.32 6.27
CA GLY A 186 -30.08 -0.34 7.52
C GLY A 186 -31.08 0.49 8.31
N GLU A 187 -30.90 0.54 9.64
CA GLU A 187 -31.87 1.10 10.59
C GLU A 187 -31.21 1.44 11.94
N GLY A 188 -31.98 1.92 12.91
CA GLY A 188 -31.54 2.11 14.31
C GLY A 188 -31.31 0.77 15.02
N ARG A 189 -30.33 0.73 15.92
CA ARG A 189 -29.87 -0.50 16.57
C ARG A 189 -30.92 -1.12 17.50
N VAL A 190 -31.14 -2.43 17.35
CA VAL A 190 -32.08 -3.24 18.16
C VAL A 190 -31.48 -3.55 19.53
N LYS A 191 -32.30 -3.41 20.59
CA LYS A 191 -31.94 -3.68 22.00
C LYS A 191 -32.84 -4.75 22.62
N GLY A 1 -33.22 20.22 11.58
CA GLY A 1 -32.92 19.52 12.85
C GLY A 1 -32.02 20.36 13.74
N ALA A 2 -32.34 20.44 15.04
CA ALA A 2 -31.56 21.17 16.05
C ALA A 2 -30.21 20.50 16.37
N MET A 3 -29.28 21.28 16.93
CA MET A 3 -27.96 20.85 17.47
C MET A 3 -26.95 20.42 16.38
N GLY A 4 -27.26 20.62 15.10
CA GLY A 4 -26.38 20.30 13.96
C GLY A 4 -25.22 21.29 13.81
N ASP A 5 -24.07 20.79 13.37
CA ASP A 5 -22.80 21.52 13.22
C ASP A 5 -21.81 20.73 12.32
N ASP A 6 -20.68 21.34 11.98
CA ASP A 6 -19.61 20.80 11.11
C ASP A 6 -18.75 19.69 11.77
N SER A 7 -19.26 19.07 12.84
CA SER A 7 -18.61 18.02 13.66
C SER A 7 -18.60 16.64 12.98
N MET A 8 -18.10 16.55 11.75
CA MET A 8 -17.90 15.30 11.01
C MET A 8 -16.90 14.39 11.74
N ARG A 9 -17.29 13.13 11.94
CA ARG A 9 -16.42 12.07 12.47
C ARG A 9 -15.55 11.49 11.35
N MET A 10 -14.37 10.98 11.72
CA MET A 10 -13.39 10.42 10.78
C MET A 10 -12.43 9.43 11.43
N SER A 11 -11.87 8.54 10.62
CA SER A 11 -10.78 7.63 10.96
C SER A 11 -9.79 7.53 9.79
N HIS A 12 -8.50 7.25 10.08
CA HIS A 12 -7.42 7.25 9.09
C HIS A 12 -6.35 6.16 9.33
N LEU A 13 -5.63 5.79 8.27
CA LEU A 13 -4.72 4.63 8.20
C LEU A 13 -3.69 4.82 7.07
N LYS A 14 -2.50 4.24 7.22
CA LYS A 14 -1.42 4.27 6.21
C LYS A 14 -0.80 2.88 5.96
N VAL A 15 -0.35 2.63 4.73
CA VAL A 15 0.30 1.38 4.28
C VAL A 15 1.53 1.71 3.43
N GLY A 16 2.67 1.08 3.72
CA GLY A 16 3.88 1.14 2.89
C GLY A 16 3.78 0.14 1.75
N SER A 17 3.56 0.61 0.53
CA SER A 17 3.15 -0.23 -0.61
C SER A 17 4.33 -0.93 -1.30
N ALA A 18 5.42 -0.19 -1.57
CA ALA A 18 6.63 -0.67 -2.26
C ALA A 18 6.33 -1.25 -3.67
N ALA A 19 7.26 -2.04 -4.21
CA ALA A 19 7.09 -2.87 -5.41
C ALA A 19 8.16 -3.97 -5.45
N ASP A 20 7.83 -5.12 -6.05
CA ASP A 20 8.68 -6.31 -6.10
C ASP A 20 9.56 -6.31 -7.35
N ILE A 21 10.89 -6.43 -7.18
CA ILE A 21 11.87 -6.51 -8.29
C ILE A 21 12.62 -7.85 -8.19
N PRO A 22 12.51 -8.77 -9.16
CA PRO A 22 13.23 -10.04 -9.13
C PRO A 22 14.73 -9.85 -9.36
N ILE A 23 15.54 -10.65 -8.67
CA ILE A 23 17.02 -10.67 -8.76
C ILE A 23 17.46 -12.08 -9.21
N ASN A 24 18.55 -12.16 -9.99
CA ASN A 24 18.98 -13.38 -10.69
C ASN A 24 18.97 -14.65 -9.81
N ILE A 25 18.19 -15.66 -10.22
CA ILE A 25 17.85 -16.85 -9.41
C ILE A 25 18.89 -17.96 -9.68
N SER A 26 20.11 -17.76 -9.19
CA SER A 26 21.23 -18.69 -9.37
C SER A 26 21.41 -19.71 -8.22
N GLU A 27 20.87 -19.43 -7.03
CA GLU A 27 21.11 -20.20 -5.80
C GLU A 27 20.04 -19.88 -4.73
N THR A 28 19.72 -20.86 -3.87
CA THR A 28 18.67 -20.78 -2.83
C THR A 28 19.06 -19.97 -1.60
N ASP A 29 20.34 -19.61 -1.44
CA ASP A 29 20.87 -18.78 -0.34
C ASP A 29 20.14 -17.43 -0.20
N LEU A 30 19.56 -16.90 -1.29
CA LEU A 30 18.72 -15.70 -1.29
C LEU A 30 17.47 -15.82 -0.38
N SER A 31 17.11 -17.02 0.07
CA SER A 31 16.05 -17.25 1.05
C SER A 31 16.43 -16.85 2.50
N LEU A 32 17.73 -16.67 2.79
CA LEU A 32 18.26 -16.37 4.14
C LEU A 32 19.31 -15.24 4.19
N LEU A 33 19.77 -14.74 3.03
CA LEU A 33 20.58 -13.53 2.88
C LEU A 33 19.76 -12.24 3.14
N THR A 34 20.45 -11.11 3.31
CA THR A 34 19.88 -9.76 3.47
C THR A 34 20.63 -8.74 2.61
N ALA A 35 19.98 -7.61 2.31
CA ALA A 35 20.46 -6.61 1.36
C ALA A 35 20.07 -5.16 1.75
N THR A 36 20.78 -4.20 1.15
CA THR A 36 20.58 -2.75 1.27
C THR A 36 20.60 -2.11 -0.11
N VAL A 37 19.73 -1.11 -0.32
CA VAL A 37 19.74 -0.25 -1.51
C VAL A 37 20.62 0.97 -1.22
N VAL A 38 21.57 1.22 -2.12
CA VAL A 38 22.34 2.47 -2.18
C VAL A 38 21.77 3.33 -3.32
N PRO A 39 21.08 4.45 -3.01
CA PRO A 39 20.59 5.40 -4.01
C PRO A 39 21.74 6.28 -4.53
N PRO A 40 21.56 7.04 -5.62
CA PRO A 40 22.56 7.97 -6.14
C PRO A 40 22.85 9.16 -5.21
N SER A 41 22.01 9.41 -4.20
CA SER A 41 22.30 10.35 -3.09
C SER A 41 23.24 9.78 -2.02
N GLY A 42 23.53 8.48 -2.06
CA GLY A 42 24.43 7.76 -1.13
C GLY A 42 23.77 7.34 0.20
N ARG A 43 22.49 7.67 0.41
CA ARG A 43 21.75 7.39 1.66
C ARG A 43 21.28 5.92 1.72
N GLU A 44 22.17 5.03 2.15
CA GLU A 44 21.94 3.58 2.23
C GLU A 44 20.76 3.23 3.16
N GLU A 45 19.85 2.36 2.69
CA GLU A 45 18.69 1.86 3.44
C GLU A 45 18.45 0.36 3.14
N PRO A 46 17.89 -0.43 4.09
CA PRO A 46 17.62 -1.84 3.89
C PRO A 46 16.48 -2.09 2.90
N CYS A 47 16.52 -3.25 2.24
CA CYS A 47 15.43 -3.77 1.40
C CYS A 47 15.07 -5.21 1.79
N LEU A 48 13.79 -5.57 1.62
CA LEU A 48 13.23 -6.86 2.04
C LEU A 48 13.35 -7.88 0.91
N LEU A 49 13.93 -9.05 1.17
CA LEU A 49 13.94 -10.19 0.23
C LEU A 49 12.66 -11.00 0.38
N LYS A 50 12.11 -11.46 -0.75
CA LYS A 50 10.82 -12.16 -0.85
C LYS A 50 10.90 -13.37 -1.79
N ARG A 51 10.30 -14.49 -1.41
CA ARG A 51 9.85 -15.53 -2.35
C ARG A 51 8.62 -14.99 -3.11
N LEU A 52 8.65 -15.01 -4.44
CA LEU A 52 7.62 -14.45 -5.32
C LEU A 52 6.76 -15.57 -5.96
N ARG A 53 5.60 -15.20 -6.50
CA ARG A 53 4.48 -16.12 -6.79
C ARG A 53 4.75 -17.18 -7.88
N ASN A 54 5.72 -16.98 -8.78
CA ASN A 54 6.12 -17.97 -9.79
C ASN A 54 7.23 -18.93 -9.30
N GLY A 55 7.65 -18.82 -8.03
CA GLY A 55 8.73 -19.60 -7.40
C GLY A 55 10.10 -18.91 -7.44
N HIS A 56 10.21 -17.77 -8.12
CA HIS A 56 11.38 -16.91 -8.18
C HIS A 56 11.59 -16.06 -6.89
N VAL A 57 12.63 -15.22 -6.87
CA VAL A 57 13.07 -14.45 -5.69
C VAL A 57 13.39 -13.01 -6.09
N GLY A 58 13.04 -12.04 -5.25
CA GLY A 58 13.29 -10.62 -5.48
C GLY A 58 13.49 -9.77 -4.23
N ILE A 59 13.72 -8.48 -4.44
CA ILE A 59 13.81 -7.43 -3.40
C ILE A 59 12.61 -6.48 -3.46
N SER A 60 12.39 -5.74 -2.38
CA SER A 60 11.28 -4.79 -2.21
C SER A 60 11.70 -3.61 -1.32
N PHE A 61 11.32 -2.39 -1.74
CA PHE A 61 11.76 -1.11 -1.18
C PHE A 61 10.95 0.07 -1.77
N VAL A 62 11.29 1.32 -1.40
CA VAL A 62 10.84 2.55 -2.07
C VAL A 62 12.05 3.46 -2.33
N PRO A 63 12.32 3.90 -3.58
CA PRO A 63 13.40 4.81 -3.91
C PRO A 63 13.05 6.26 -3.53
N LYS A 64 14.08 7.01 -3.11
CA LYS A 64 13.96 8.43 -2.73
C LYS A 64 14.59 9.39 -3.76
N GLU A 65 15.12 8.85 -4.86
CA GLU A 65 15.70 9.56 -6.01
C GLU A 65 15.28 8.87 -7.32
N THR A 66 15.60 9.48 -8.47
CA THR A 66 15.51 8.87 -9.81
C THR A 66 16.88 8.39 -10.28
N GLY A 67 16.90 7.56 -11.33
CA GLY A 67 18.12 7.03 -11.96
C GLY A 67 18.58 5.70 -11.35
N GLU A 68 19.84 5.33 -11.63
CA GLU A 68 20.41 4.05 -11.23
C GLU A 68 20.64 3.97 -9.72
N HIS A 69 19.99 2.98 -9.07
CA HIS A 69 20.20 2.57 -7.69
C HIS A 69 20.92 1.20 -7.68
N LEU A 70 21.79 0.96 -6.69
CA LEU A 70 22.54 -0.29 -6.53
C LEU A 70 21.97 -1.09 -5.34
N VAL A 71 21.61 -2.35 -5.57
CA VAL A 71 21.24 -3.33 -4.54
C VAL A 71 22.50 -4.09 -4.12
N HIS A 72 23.01 -3.82 -2.92
CA HIS A 72 24.14 -4.54 -2.30
C HIS A 72 23.61 -5.70 -1.43
N VAL A 73 24.07 -6.93 -1.69
CA VAL A 73 23.62 -8.15 -0.97
C VAL A 73 24.83 -8.90 -0.38
N LYS A 74 24.71 -9.29 0.90
CA LYS A 74 25.80 -9.82 1.72
C LYS A 74 25.45 -11.12 2.45
N LYS A 75 26.44 -11.99 2.61
CA LYS A 75 26.44 -13.19 3.48
C LYS A 75 27.55 -13.06 4.54
N ASN A 76 27.21 -13.20 5.83
CA ASN A 76 28.14 -13.12 6.96
C ASN A 76 28.98 -11.81 7.01
N GLY A 77 28.45 -10.71 6.44
CA GLY A 77 29.08 -9.38 6.41
C GLY A 77 29.96 -9.10 5.19
N GLN A 78 30.12 -10.05 4.26
CA GLN A 78 30.85 -9.86 2.99
C GLN A 78 29.91 -10.01 1.79
N HIS A 79 30.19 -9.29 0.69
CA HIS A 79 29.32 -9.26 -0.49
C HIS A 79 29.31 -10.57 -1.30
N VAL A 80 28.16 -10.87 -1.92
CA VAL A 80 27.97 -12.02 -2.84
C VAL A 80 28.67 -11.71 -4.18
N ALA A 81 29.14 -12.74 -4.90
CA ALA A 81 29.86 -12.61 -6.17
C ALA A 81 29.09 -11.84 -7.28
N SER A 82 27.76 -11.84 -7.24
CA SER A 82 26.89 -11.08 -8.15
C SER A 82 26.60 -9.63 -7.70
N SER A 83 27.01 -9.24 -6.48
CA SER A 83 26.71 -7.95 -5.87
C SER A 83 27.73 -6.85 -6.25
N PRO A 84 27.32 -5.57 -6.37
CA PRO A 84 25.94 -5.09 -6.32
C PRO A 84 25.21 -5.26 -7.66
N ILE A 85 23.88 -5.29 -7.61
CA ILE A 85 22.98 -5.38 -8.77
C ILE A 85 22.37 -3.99 -9.05
N PRO A 86 22.47 -3.44 -10.28
CA PRO A 86 21.85 -2.16 -10.62
C PRO A 86 20.35 -2.32 -10.93
N VAL A 87 19.56 -1.34 -10.48
CA VAL A 87 18.13 -1.19 -10.79
C VAL A 87 17.89 0.29 -11.15
N VAL A 88 17.33 0.58 -12.32
CA VAL A 88 17.13 1.96 -12.83
C VAL A 88 15.69 2.41 -12.58
N ILE A 89 15.53 3.55 -11.90
CA ILE A 89 14.24 4.12 -11.49
C ILE A 89 13.88 5.29 -12.42
N SER A 90 12.72 5.24 -13.06
CA SER A 90 12.16 6.37 -13.81
C SER A 90 11.27 7.25 -12.92
N GLN A 91 11.14 8.56 -13.23
CA GLN A 91 10.36 9.51 -12.42
C GLN A 91 8.88 9.12 -12.25
N SER A 92 8.32 8.39 -13.21
CA SER A 92 6.94 7.90 -13.17
C SER A 92 6.73 6.78 -12.13
N GLU A 93 7.79 6.10 -11.69
CA GLU A 93 7.72 5.00 -10.72
C GLU A 93 7.81 5.48 -9.26
N ILE A 94 8.09 6.76 -9.02
CA ILE A 94 8.26 7.34 -7.67
C ILE A 94 6.94 7.35 -6.88
N GLY A 95 5.79 7.46 -7.55
CA GLY A 95 4.46 7.45 -6.94
C GLY A 95 3.37 8.11 -7.79
N ASP A 96 3.12 7.58 -8.98
CA ASP A 96 2.04 8.07 -9.86
C ASP A 96 0.66 7.63 -9.34
N ALA A 97 -0.03 8.52 -8.62
CA ALA A 97 -1.39 8.31 -8.15
C ALA A 97 -2.38 8.00 -9.29
N SER A 98 -2.20 8.64 -10.44
CA SER A 98 -2.97 8.43 -11.68
C SER A 98 -2.98 6.96 -12.16
N ARG A 99 -1.93 6.20 -11.86
CA ARG A 99 -1.80 4.77 -12.20
C ARG A 99 -2.34 3.81 -11.13
N VAL A 100 -2.76 4.29 -9.96
CA VAL A 100 -3.37 3.45 -8.90
C VAL A 100 -4.78 3.05 -9.32
N ARG A 101 -5.12 1.76 -9.11
CA ARG A 101 -6.45 1.18 -9.36
C ARG A 101 -7.08 0.71 -8.05
N VAL A 102 -8.42 0.61 -8.03
CA VAL A 102 -9.23 0.18 -6.87
C VAL A 102 -10.44 -0.62 -7.34
N SER A 103 -11.00 -1.48 -6.47
CA SER A 103 -12.17 -2.32 -6.77
C SER A 103 -12.88 -2.79 -5.49
N GLY A 104 -14.09 -3.36 -5.63
CA GLY A 104 -14.94 -3.85 -4.53
C GLY A 104 -16.13 -2.94 -4.22
N GLN A 105 -17.17 -3.53 -3.62
CA GLN A 105 -18.48 -2.88 -3.40
C GLN A 105 -18.44 -1.78 -2.34
N GLY A 106 -17.51 -1.83 -1.39
CA GLY A 106 -17.41 -0.88 -0.26
C GLY A 106 -17.01 0.54 -0.62
N LEU A 107 -16.72 0.80 -1.91
CA LEU A 107 -16.54 2.15 -2.49
C LEU A 107 -17.86 2.75 -3.03
N HIS A 108 -18.95 1.99 -3.02
CA HIS A 108 -20.24 2.36 -3.62
C HIS A 108 -21.46 2.11 -2.71
N GLU A 109 -21.48 0.98 -1.98
CA GLU A 109 -22.59 0.54 -1.12
C GLU A 109 -22.06 -0.11 0.16
N GLY A 110 -22.82 0.01 1.27
CA GLY A 110 -22.52 -0.63 2.55
C GLY A 110 -23.76 -1.02 3.36
N HIS A 111 -23.51 -1.68 4.49
CA HIS A 111 -24.54 -2.16 5.43
C HIS A 111 -24.15 -1.85 6.89
N THR A 112 -25.13 -1.68 7.79
CA THR A 112 -24.91 -1.32 9.20
C THR A 112 -24.29 -2.44 10.02
N PHE A 113 -24.78 -3.67 9.88
CA PHE A 113 -24.45 -4.79 10.77
C PHE A 113 -23.36 -5.74 10.23
N GLU A 114 -22.91 -5.53 8.99
CA GLU A 114 -21.87 -6.32 8.31
C GLU A 114 -20.72 -5.39 7.86
N PRO A 115 -19.46 -5.87 7.83
CA PRO A 115 -18.33 -5.09 7.32
C PRO A 115 -18.43 -4.95 5.79
N ALA A 116 -18.16 -3.73 5.30
CA ALA A 116 -17.92 -3.46 3.89
C ALA A 116 -16.44 -3.70 3.55
N GLU A 117 -16.14 -4.04 2.29
CA GLU A 117 -14.78 -4.31 1.83
C GLU A 117 -14.48 -3.71 0.45
N PHE A 118 -13.20 -3.39 0.23
CA PHE A 118 -12.64 -2.92 -1.03
C PHE A 118 -11.13 -3.14 -1.09
N ILE A 119 -10.60 -3.33 -2.29
CA ILE A 119 -9.19 -3.63 -2.56
C ILE A 119 -8.55 -2.42 -3.29
N ILE A 120 -7.31 -2.10 -2.93
CA ILE A 120 -6.44 -1.17 -3.66
C ILE A 120 -5.34 -1.98 -4.37
N ASP A 121 -5.07 -1.62 -5.63
CA ASP A 121 -4.01 -2.18 -6.47
C ASP A 121 -3.04 -1.07 -6.91
N THR A 122 -1.91 -0.98 -6.19
CA THR A 122 -0.78 -0.07 -6.43
C THR A 122 0.31 -0.69 -7.32
N ARG A 123 0.19 -1.98 -7.68
CA ARG A 123 1.24 -2.72 -8.41
C ARG A 123 1.61 -2.09 -9.76
N ASP A 124 0.61 -1.51 -10.45
CA ASP A 124 0.77 -0.84 -11.74
C ASP A 124 1.28 0.62 -11.62
N ALA A 125 1.29 1.19 -10.41
CA ALA A 125 1.71 2.57 -10.12
C ALA A 125 3.21 2.73 -9.77
N GLY A 126 3.96 1.62 -9.68
CA GLY A 126 5.36 1.60 -9.27
C GLY A 126 5.49 1.56 -7.75
N TYR A 127 6.55 2.19 -7.22
CA TYR A 127 6.82 2.30 -5.79
C TYR A 127 5.95 3.40 -5.10
N GLY A 128 6.01 3.46 -3.77
CA GLY A 128 5.36 4.50 -2.95
C GLY A 128 4.63 3.95 -1.71
N GLY A 129 3.74 4.77 -1.16
CA GLY A 129 2.89 4.46 0.00
C GLY A 129 1.47 5.01 -0.14
N LEU A 130 0.49 4.24 0.36
CA LEU A 130 -0.93 4.54 0.33
C LEU A 130 -1.38 5.06 1.71
N SER A 131 -1.98 6.25 1.74
CA SER A 131 -2.66 6.85 2.89
C SER A 131 -4.18 6.93 2.64
N LEU A 132 -4.98 6.72 3.69
CA LEU A 132 -6.41 6.47 3.56
C LEU A 132 -7.18 7.05 4.75
N SER A 133 -8.41 7.51 4.49
CA SER A 133 -9.34 7.91 5.56
C SER A 133 -10.80 7.65 5.17
N ILE A 134 -11.64 7.44 6.18
CA ILE A 134 -13.10 7.30 6.05
C ILE A 134 -13.76 8.34 6.96
N GLU A 135 -14.70 9.11 6.40
CA GLU A 135 -15.41 10.21 7.05
C GLU A 135 -16.92 9.96 6.99
N GLY A 136 -17.68 10.40 8.00
CA GLY A 136 -19.14 10.18 8.04
C GLY A 136 -19.85 10.68 9.30
N PRO A 137 -21.12 10.26 9.51
CA PRO A 137 -21.96 10.69 10.63
C PRO A 137 -21.56 10.05 11.97
N SER A 138 -20.68 9.04 11.98
CA SER A 138 -20.15 8.37 13.17
C SER A 138 -18.76 7.77 12.89
N LYS A 139 -17.99 7.48 13.95
CA LYS A 139 -16.67 6.84 13.86
C LYS A 139 -16.77 5.37 13.36
N VAL A 140 -15.77 4.90 12.62
CA VAL A 140 -15.64 3.49 12.17
C VAL A 140 -14.25 2.94 12.48
N ASP A 141 -14.15 1.65 12.76
CA ASP A 141 -12.87 0.95 12.94
C ASP A 141 -12.37 0.37 11.61
N ILE A 142 -11.29 0.96 11.07
CA ILE A 142 -10.67 0.55 9.80
C ILE A 142 -9.67 -0.58 10.06
N ASN A 143 -9.78 -1.66 9.30
CA ASN A 143 -8.91 -2.84 9.30
C ASN A 143 -8.33 -3.08 7.89
N THR A 144 -7.24 -3.86 7.80
CA THR A 144 -6.50 -4.13 6.56
C THR A 144 -5.99 -5.56 6.47
N GLU A 145 -5.72 -6.01 5.25
CA GLU A 145 -5.16 -7.32 4.94
C GLU A 145 -4.35 -7.24 3.63
N ASP A 146 -3.04 -7.49 3.71
CA ASP A 146 -2.15 -7.61 2.55
C ASP A 146 -2.30 -8.99 1.89
N LEU A 147 -2.52 -9.01 0.58
CA LEU A 147 -2.89 -10.22 -0.19
C LEU A 147 -1.68 -10.78 -0.97
N GLU A 148 -1.72 -12.09 -1.23
CA GLU A 148 -0.65 -12.84 -1.95
C GLU A 148 -0.41 -12.31 -3.37
N ASP A 149 -1.44 -11.74 -4.02
CA ASP A 149 -1.36 -11.15 -5.37
C ASP A 149 -0.58 -9.81 -5.41
N GLY A 150 -0.24 -9.24 -4.23
CA GLY A 150 0.46 -7.96 -4.08
C GLY A 150 -0.47 -6.75 -3.88
N THR A 151 -1.79 -6.98 -3.86
CA THR A 151 -2.85 -5.99 -3.59
C THR A 151 -3.15 -5.92 -2.09
N CYS A 152 -3.94 -4.93 -1.67
CA CYS A 152 -4.33 -4.73 -0.26
C CYS A 152 -5.86 -4.57 -0.12
N ARG A 153 -6.47 -5.41 0.72
CA ARG A 153 -7.87 -5.28 1.17
C ARG A 153 -7.95 -4.29 2.34
N VAL A 154 -8.96 -3.43 2.31
CA VAL A 154 -9.43 -2.58 3.43
C VAL A 154 -10.84 -3.01 3.81
N THR A 155 -11.14 -3.04 5.10
CA THR A 155 -12.44 -3.39 5.69
C THR A 155 -12.83 -2.41 6.79
N TYR A 156 -14.14 -2.20 6.96
CA TYR A 156 -14.73 -1.33 7.98
C TYR A 156 -16.22 -1.64 8.20
N CYS A 157 -16.72 -1.46 9.42
CA CYS A 157 -18.13 -1.67 9.78
C CYS A 157 -18.80 -0.32 10.14
N PRO A 158 -19.61 0.28 9.23
CA PRO A 158 -20.27 1.56 9.47
C PRO A 158 -21.58 1.34 10.26
N THR A 159 -21.47 1.31 11.60
CA THR A 159 -22.55 0.90 12.53
C THR A 159 -23.84 1.70 12.37
N GLU A 160 -23.74 3.01 12.13
CA GLU A 160 -24.88 3.89 11.85
C GLU A 160 -25.07 4.08 10.33
N PRO A 161 -26.31 4.14 9.81
CA PRO A 161 -26.58 4.31 8.39
C PRO A 161 -26.35 5.76 7.93
N GLY A 162 -26.30 5.97 6.60
CA GLY A 162 -26.08 7.26 5.95
C GLY A 162 -25.04 7.23 4.83
N ASN A 163 -24.53 8.39 4.44
CA ASN A 163 -23.45 8.52 3.47
C ASN A 163 -22.08 8.64 4.17
N TYR A 164 -21.14 7.76 3.82
CA TYR A 164 -19.73 7.82 4.22
C TYR A 164 -18.84 8.16 3.02
N ILE A 165 -17.80 8.96 3.25
CA ILE A 165 -16.82 9.38 2.24
C ILE A 165 -15.50 8.66 2.50
N ILE A 166 -14.90 8.07 1.46
CA ILE A 166 -13.59 7.40 1.52
C ILE A 166 -12.59 8.16 0.65
N ASN A 167 -11.43 8.51 1.22
CA ASN A 167 -10.32 9.16 0.55
C ASN A 167 -9.19 8.16 0.28
N ILE A 168 -8.73 8.06 -0.97
CA ILE A 168 -7.60 7.21 -1.39
C ILE A 168 -6.48 8.10 -1.97
N LYS A 169 -5.31 8.06 -1.33
CA LYS A 169 -4.19 8.99 -1.56
C LYS A 169 -2.86 8.22 -1.66
N PHE A 170 -2.11 8.38 -2.74
CA PHE A 170 -0.84 7.66 -2.99
C PHE A 170 0.31 8.66 -3.20
N ALA A 171 1.40 8.47 -2.44
CA ALA A 171 2.59 9.34 -2.46
C ALA A 171 2.27 10.85 -2.28
N ASP A 172 1.23 11.14 -1.48
CA ASP A 172 0.69 12.46 -1.07
C ASP A 172 -0.37 13.03 -2.04
N GLN A 173 -0.69 12.34 -3.14
CA GLN A 173 -1.66 12.80 -4.15
C GLN A 173 -2.93 11.92 -4.15
N HIS A 174 -4.10 12.58 -4.20
CA HIS A 174 -5.42 11.93 -4.26
C HIS A 174 -5.60 11.15 -5.59
N VAL A 175 -5.95 9.85 -5.54
CA VAL A 175 -6.03 9.01 -6.76
C VAL A 175 -7.30 9.32 -7.59
N PRO A 176 -7.31 9.08 -8.92
CA PRO A 176 -8.51 9.29 -9.73
C PRO A 176 -9.65 8.35 -9.31
N GLY A 177 -10.87 8.89 -9.27
CA GLY A 177 -12.07 8.25 -8.72
C GLY A 177 -12.34 8.62 -7.26
N SER A 178 -11.31 8.95 -6.49
CA SER A 178 -11.43 9.52 -5.13
C SER A 178 -11.85 11.00 -5.18
N PRO A 179 -12.68 11.50 -4.24
CA PRO A 179 -13.28 10.80 -3.11
C PRO A 179 -14.48 9.94 -3.54
N PHE A 180 -14.68 8.83 -2.82
CA PHE A 180 -15.77 7.87 -3.04
C PHE A 180 -16.88 8.07 -2.00
N SER A 181 -18.10 8.39 -2.43
CA SER A 181 -19.30 8.45 -1.58
C SER A 181 -20.00 7.08 -1.52
N VAL A 182 -20.30 6.58 -0.32
CA VAL A 182 -20.79 5.22 -0.05
C VAL A 182 -22.12 5.28 0.71
N LYS A 183 -23.20 4.81 0.09
CA LYS A 183 -24.52 4.73 0.74
C LYS A 183 -24.61 3.49 1.64
N VAL A 184 -24.69 3.69 2.96
CA VAL A 184 -24.86 2.64 3.97
C VAL A 184 -26.34 2.54 4.36
N THR A 185 -26.93 1.35 4.15
CA THR A 185 -28.33 1.06 4.48
C THR A 185 -28.44 0.11 5.69
N GLY A 186 -29.59 0.14 6.37
CA GLY A 186 -29.86 -0.69 7.55
C GLY A 186 -31.09 -0.26 8.35
N GLU A 187 -31.46 -1.08 9.34
CA GLU A 187 -32.62 -0.87 10.22
C GLU A 187 -32.34 0.17 11.33
N GLY A 188 -31.07 0.41 11.67
CA GLY A 188 -30.65 1.38 12.69
C GLY A 188 -30.61 0.84 14.13
N ARG A 189 -30.98 -0.44 14.33
CA ARG A 189 -30.91 -1.23 15.57
C ARG A 189 -32.08 -0.92 16.53
N VAL A 190 -32.34 -1.81 17.49
CA VAL A 190 -33.36 -1.67 18.55
C VAL A 190 -33.21 -0.35 19.33
N LYS A 191 -34.35 0.25 19.72
CA LYS A 191 -34.46 1.59 20.30
C LYS A 191 -35.77 1.79 21.10
N GLY A 1 -19.58 11.61 28.39
CA GLY A 1 -20.12 12.97 28.20
C GLY A 1 -21.41 12.97 27.39
N ALA A 2 -22.08 14.12 27.31
CA ALA A 2 -23.30 14.33 26.52
C ALA A 2 -23.03 14.40 25.00
N MET A 3 -24.08 14.27 24.20
CA MET A 3 -24.02 14.35 22.73
C MET A 3 -23.72 15.79 22.25
N GLY A 4 -22.91 15.90 21.18
CA GLY A 4 -22.52 17.18 20.57
C GLY A 4 -23.48 17.63 19.45
N ASP A 5 -23.21 18.81 18.90
CA ASP A 5 -23.93 19.39 17.74
C ASP A 5 -23.54 18.76 16.39
N ASP A 6 -22.47 17.94 16.37
CA ASP A 6 -21.99 17.16 15.22
C ASP A 6 -21.42 15.82 15.68
N SER A 7 -21.78 14.74 14.99
CA SER A 7 -21.41 13.36 15.31
C SER A 7 -20.21 12.82 14.52
N MET A 8 -19.76 13.52 13.47
CA MET A 8 -18.75 13.00 12.54
C MET A 8 -17.36 12.81 13.16
N ARG A 9 -16.61 11.84 12.63
CA ARG A 9 -15.27 11.44 13.07
C ARG A 9 -14.43 10.90 11.91
N MET A 10 -13.11 11.10 11.97
CA MET A 10 -12.13 10.54 11.01
C MET A 10 -11.50 9.25 11.54
N SER A 11 -11.28 8.30 10.64
CA SER A 11 -10.50 7.07 10.83
C SER A 11 -9.36 7.04 9.80
N HIS A 12 -8.14 6.65 10.17
CA HIS A 12 -6.93 6.90 9.34
C HIS A 12 -5.90 5.74 9.40
N LEU A 13 -5.20 5.48 8.29
CA LEU A 13 -4.25 4.38 8.11
C LEU A 13 -3.24 4.70 6.97
N LYS A 14 -2.05 4.08 7.00
CA LYS A 14 -1.03 4.18 5.93
C LYS A 14 -0.45 2.81 5.54
N VAL A 15 -0.04 2.66 4.28
CA VAL A 15 0.60 1.46 3.70
C VAL A 15 1.74 1.90 2.75
N GLY A 16 2.89 1.20 2.82
CA GLY A 16 4.00 1.37 1.87
C GLY A 16 3.83 0.43 0.68
N SER A 17 3.73 0.98 -0.53
CA SER A 17 3.53 0.21 -1.78
C SER A 17 4.81 0.17 -2.63
N ALA A 18 5.05 -0.98 -3.29
CA ALA A 18 6.27 -1.23 -4.06
C ALA A 18 6.09 -2.33 -5.12
N ALA A 19 6.87 -2.24 -6.19
CA ALA A 19 7.06 -3.31 -7.16
C ALA A 19 8.15 -4.30 -6.70
N ASP A 20 8.00 -5.58 -7.06
CA ASP A 20 9.01 -6.62 -6.82
C ASP A 20 10.11 -6.63 -7.91
N ILE A 21 11.33 -6.98 -7.51
CA ILE A 21 12.47 -7.25 -8.41
C ILE A 21 13.09 -8.62 -8.04
N PRO A 22 13.12 -9.60 -8.96
CA PRO A 22 13.75 -10.90 -8.71
C PRO A 22 15.27 -10.81 -8.84
N ILE A 23 16.00 -11.46 -7.93
CA ILE A 23 17.48 -11.35 -7.79
C ILE A 23 18.06 -12.70 -7.32
N ASN A 24 19.19 -13.11 -7.90
CA ASN A 24 19.98 -14.30 -7.52
C ASN A 24 19.13 -15.60 -7.52
N ILE A 25 18.66 -15.99 -8.72
CA ILE A 25 17.64 -17.03 -8.91
C ILE A 25 18.22 -18.42 -8.62
N SER A 26 17.86 -18.99 -7.47
CA SER A 26 18.31 -20.30 -6.96
C SER A 26 17.51 -20.68 -5.69
N GLU A 27 17.77 -21.86 -5.12
CA GLU A 27 17.13 -22.38 -3.90
C GLU A 27 17.81 -21.82 -2.63
N THR A 28 17.86 -20.48 -2.52
CA THR A 28 18.50 -19.74 -1.42
C THR A 28 17.66 -19.78 -0.13
N ASP A 29 18.34 -19.65 1.01
CA ASP A 29 17.73 -19.54 2.33
C ASP A 29 17.64 -18.08 2.78
N LEU A 30 16.43 -17.55 2.87
CA LEU A 30 16.16 -16.14 3.22
C LEU A 30 16.45 -15.84 4.70
N SER A 31 16.66 -16.83 5.56
CA SER A 31 17.01 -16.62 6.98
C SER A 31 18.48 -16.22 7.22
N LEU A 32 19.37 -16.42 6.23
CA LEU A 32 20.80 -16.07 6.28
C LEU A 32 21.22 -15.01 5.24
N LEU A 33 20.26 -14.48 4.46
CA LEU A 33 20.43 -13.39 3.49
C LEU A 33 19.70 -12.12 3.97
N THR A 34 20.29 -10.95 3.65
CA THR A 34 19.69 -9.62 3.80
C THR A 34 20.06 -8.75 2.59
N ALA A 35 19.41 -7.59 2.44
CA ALA A 35 19.64 -6.66 1.34
C ALA A 35 19.31 -5.20 1.69
N THR A 36 19.98 -4.27 1.03
CA THR A 36 19.82 -2.81 1.15
C THR A 36 19.88 -2.17 -0.23
N VAL A 37 19.31 -0.97 -0.37
CA VAL A 37 19.47 -0.11 -1.55
C VAL A 37 20.30 1.11 -1.18
N VAL A 38 21.28 1.42 -2.03
CA VAL A 38 22.00 2.69 -2.07
C VAL A 38 21.43 3.53 -3.23
N PRO A 39 20.69 4.63 -2.95
CA PRO A 39 20.17 5.53 -3.99
C PRO A 39 21.30 6.45 -4.51
N PRO A 40 21.06 7.20 -5.61
CA PRO A 40 22.04 8.17 -6.13
C PRO A 40 22.28 9.36 -5.18
N SER A 41 21.41 9.59 -4.19
CA SER A 41 21.63 10.55 -3.09
C SER A 41 22.52 10.00 -1.96
N GLY A 42 22.85 8.70 -1.98
CA GLY A 42 23.71 8.02 -0.99
C GLY A 42 23.01 7.61 0.32
N ARG A 43 21.72 7.93 0.47
CA ARG A 43 20.93 7.66 1.69
C ARG A 43 20.46 6.20 1.76
N GLU A 44 21.33 5.31 2.23
CA GLU A 44 21.11 3.86 2.29
C GLU A 44 19.85 3.49 3.10
N GLU A 45 19.03 2.57 2.58
CA GLU A 45 17.83 2.02 3.23
C GLU A 45 17.71 0.50 3.00
N PRO A 46 17.08 -0.25 3.93
CA PRO A 46 16.92 -1.71 3.83
C PRO A 46 15.83 -2.11 2.83
N CYS A 47 15.96 -3.33 2.29
CA CYS A 47 14.98 -3.97 1.40
C CYS A 47 14.19 -5.08 2.12
N LEU A 48 12.98 -5.36 1.63
CA LEU A 48 12.12 -6.45 2.09
C LEU A 48 12.29 -7.66 1.15
N LEU A 49 12.75 -8.80 1.67
CA LEU A 49 12.99 -10.05 0.91
C LEU A 49 11.68 -10.85 0.75
N LYS A 50 11.43 -11.36 -0.45
CA LYS A 50 10.19 -12.04 -0.84
C LYS A 50 10.41 -13.32 -1.65
N ARG A 51 9.60 -14.35 -1.39
CA ARG A 51 9.31 -15.45 -2.32
C ARG A 51 8.13 -15.02 -3.21
N LEU A 52 8.35 -14.98 -4.53
CA LEU A 52 7.46 -14.34 -5.51
C LEU A 52 6.54 -15.34 -6.22
N ARG A 53 5.59 -14.80 -6.99
CA ARG A 53 4.45 -15.50 -7.61
C ARG A 53 4.80 -16.63 -8.62
N ASN A 54 6.01 -16.64 -9.18
CA ASN A 54 6.50 -17.71 -10.08
C ASN A 54 7.40 -18.74 -9.36
N GLY A 55 7.55 -18.65 -8.03
CA GLY A 55 8.40 -19.52 -7.19
C GLY A 55 9.85 -19.04 -7.06
N HIS A 56 10.22 -17.95 -7.75
CA HIS A 56 11.52 -17.30 -7.70
C HIS A 56 11.69 -16.34 -6.50
N VAL A 57 12.94 -15.96 -6.18
CA VAL A 57 13.30 -15.08 -5.04
C VAL A 57 13.59 -13.66 -5.53
N GLY A 58 13.16 -12.66 -4.75
CA GLY A 58 13.42 -11.24 -5.03
C GLY A 58 13.31 -10.33 -3.81
N ILE A 59 13.29 -9.02 -4.08
CA ILE A 59 13.16 -7.95 -3.08
C ILE A 59 12.13 -6.89 -3.49
N SER A 60 11.74 -6.04 -2.54
CA SER A 60 11.08 -4.76 -2.79
C SER A 60 11.62 -3.65 -1.87
N PHE A 61 11.41 -2.38 -2.25
CA PHE A 61 11.89 -1.16 -1.59
C PHE A 61 11.11 0.06 -2.13
N VAL A 62 11.40 1.28 -1.68
CA VAL A 62 10.87 2.54 -2.25
C VAL A 62 12.01 3.53 -2.55
N PRO A 63 12.17 4.01 -3.80
CA PRO A 63 13.16 5.03 -4.17
C PRO A 63 12.65 6.43 -3.82
N LYS A 64 13.55 7.30 -3.36
CA LYS A 64 13.25 8.71 -3.06
C LYS A 64 13.59 9.66 -4.23
N GLU A 65 14.63 9.34 -5.01
CA GLU A 65 15.08 10.08 -6.19
C GLU A 65 14.84 9.27 -7.48
N THR A 66 15.06 9.89 -8.64
CA THR A 66 15.17 9.22 -9.95
C THR A 66 16.63 8.86 -10.25
N GLY A 67 16.83 7.97 -11.24
CA GLY A 67 18.15 7.54 -11.71
C GLY A 67 18.58 6.17 -11.17
N GLU A 68 19.87 5.85 -11.34
CA GLU A 68 20.44 4.53 -11.03
C GLU A 68 20.60 4.33 -9.51
N HIS A 69 19.88 3.35 -8.97
CA HIS A 69 19.99 2.83 -7.60
C HIS A 69 20.74 1.48 -7.63
N LEU A 70 21.58 1.22 -6.63
CA LEU A 70 22.32 -0.04 -6.48
C LEU A 70 21.71 -0.86 -5.33
N VAL A 71 21.28 -2.09 -5.61
CA VAL A 71 20.83 -3.07 -4.61
C VAL A 71 22.03 -3.91 -4.16
N HIS A 72 22.45 -3.77 -2.91
CA HIS A 72 23.50 -4.59 -2.28
C HIS A 72 22.87 -5.79 -1.54
N VAL A 73 23.47 -6.98 -1.64
CA VAL A 73 22.93 -8.23 -1.07
C VAL A 73 24.01 -8.94 -0.27
N LYS A 74 23.71 -9.30 0.98
CA LYS A 74 24.67 -9.73 2.00
C LYS A 74 24.29 -11.09 2.63
N LYS A 75 25.28 -11.98 2.76
CA LYS A 75 25.19 -13.31 3.38
C LYS A 75 26.30 -13.48 4.43
N ASN A 76 25.95 -13.89 5.65
CA ASN A 76 26.90 -14.20 6.74
C ASN A 76 27.91 -13.04 7.05
N GLY A 77 27.48 -11.79 6.83
CA GLY A 77 28.29 -10.58 7.08
C GLY A 77 29.13 -10.08 5.90
N GLN A 78 29.03 -10.68 4.71
CA GLN A 78 29.77 -10.28 3.50
C GLN A 78 28.86 -10.24 2.26
N HIS A 79 29.15 -9.35 1.30
CA HIS A 79 28.35 -9.21 0.08
C HIS A 79 28.50 -10.42 -0.87
N VAL A 80 27.39 -10.84 -1.49
CA VAL A 80 27.34 -11.99 -2.42
C VAL A 80 27.95 -11.63 -3.79
N ALA A 81 28.48 -12.63 -4.50
CA ALA A 81 29.19 -12.46 -5.78
C ALA A 81 28.33 -11.88 -6.92
N SER A 82 27.01 -12.03 -6.86
CA SER A 82 26.05 -11.49 -7.83
C SER A 82 25.64 -10.03 -7.57
N SER A 83 26.10 -9.41 -6.47
CA SER A 83 25.74 -8.03 -6.08
C SER A 83 26.97 -7.08 -6.03
N PRO A 84 26.78 -5.74 -6.09
CA PRO A 84 25.49 -5.04 -6.16
C PRO A 84 24.86 -5.10 -7.57
N ILE A 85 23.54 -4.94 -7.62
CA ILE A 85 22.71 -4.96 -8.84
C ILE A 85 22.21 -3.54 -9.12
N PRO A 86 22.44 -2.96 -10.32
CA PRO A 86 21.92 -1.65 -10.69
C PRO A 86 20.46 -1.74 -11.16
N VAL A 87 19.63 -0.78 -10.74
CA VAL A 87 18.23 -0.60 -11.18
C VAL A 87 18.01 0.89 -11.47
N VAL A 88 17.54 1.23 -12.68
CA VAL A 88 17.31 2.62 -13.11
C VAL A 88 15.83 3.00 -12.91
N ILE A 89 15.58 4.05 -12.13
CA ILE A 89 14.24 4.53 -11.75
C ILE A 89 13.88 5.77 -12.59
N SER A 90 12.72 5.75 -13.25
CA SER A 90 12.13 6.89 -13.96
C SER A 90 11.20 7.72 -13.05
N GLN A 91 10.77 8.91 -13.48
CA GLN A 91 9.86 9.75 -12.69
C GLN A 91 8.45 9.13 -12.54
N SER A 92 7.98 8.38 -13.55
CA SER A 92 6.61 7.85 -13.62
C SER A 92 6.31 6.68 -12.66
N GLU A 93 7.32 6.21 -11.91
CA GLU A 93 7.20 5.15 -10.90
C GLU A 93 7.53 5.64 -9.47
N ILE A 94 7.76 6.94 -9.27
CA ILE A 94 8.02 7.55 -7.94
C ILE A 94 6.75 7.65 -7.09
N GLY A 95 5.58 7.82 -7.73
CA GLY A 95 4.30 8.04 -7.03
C GLY A 95 3.18 8.58 -7.92
N ASP A 96 2.92 7.95 -9.06
CA ASP A 96 1.88 8.39 -10.01
C ASP A 96 0.47 7.99 -9.54
N ALA A 97 -0.20 8.89 -8.81
CA ALA A 97 -1.57 8.69 -8.34
C ALA A 97 -2.54 8.41 -9.50
N SER A 98 -2.40 9.11 -10.62
CA SER A 98 -3.18 8.93 -11.85
C SER A 98 -3.10 7.50 -12.43
N ARG A 99 -2.01 6.76 -12.13
CA ARG A 99 -1.82 5.36 -12.52
C ARG A 99 -2.34 4.34 -11.48
N VAL A 100 -2.79 4.77 -10.29
CA VAL A 100 -3.38 3.87 -9.27
C VAL A 100 -4.82 3.53 -9.66
N ARG A 101 -5.14 2.23 -9.64
CA ARG A 101 -6.49 1.67 -9.83
C ARG A 101 -7.06 1.17 -8.49
N VAL A 102 -8.38 1.10 -8.39
CA VAL A 102 -9.12 0.56 -7.24
C VAL A 102 -10.37 -0.19 -7.68
N SER A 103 -10.80 -1.18 -6.90
CA SER A 103 -11.91 -2.11 -7.21
C SER A 103 -12.65 -2.58 -5.94
N GLY A 104 -13.83 -3.19 -6.09
CA GLY A 104 -14.61 -3.77 -4.99
C GLY A 104 -15.79 -2.90 -4.53
N GLN A 105 -16.77 -3.55 -3.90
CA GLN A 105 -18.10 -2.97 -3.63
C GLN A 105 -18.11 -1.99 -2.44
N GLY A 106 -17.12 -2.05 -1.54
CA GLY A 106 -17.01 -1.18 -0.35
C GLY A 106 -16.69 0.29 -0.66
N LEU A 107 -16.45 0.62 -1.94
CA LEU A 107 -16.37 1.99 -2.48
C LEU A 107 -17.74 2.54 -2.92
N HIS A 108 -18.80 1.72 -2.88
CA HIS A 108 -20.15 2.04 -3.37
C HIS A 108 -21.26 1.81 -2.33
N GLU A 109 -21.16 0.77 -1.50
CA GLU A 109 -22.12 0.48 -0.42
C GLU A 109 -21.51 -0.36 0.72
N GLY A 110 -22.11 -0.27 1.91
CA GLY A 110 -21.77 -1.04 3.11
C GLY A 110 -22.97 -1.39 3.98
N HIS A 111 -22.72 -1.95 5.18
CA HIS A 111 -23.76 -2.39 6.12
C HIS A 111 -23.36 -2.24 7.60
N THR A 112 -24.33 -1.92 8.49
CA THR A 112 -24.09 -1.69 9.94
C THR A 112 -23.63 -2.91 10.71
N PHE A 113 -23.94 -4.13 10.23
CA PHE A 113 -23.69 -5.40 10.93
C PHE A 113 -22.66 -6.31 10.24
N GLU A 114 -22.08 -5.89 9.11
CA GLU A 114 -21.14 -6.67 8.29
C GLU A 114 -19.95 -5.79 7.86
N PRO A 115 -18.70 -6.30 7.85
CA PRO A 115 -17.56 -5.56 7.34
C PRO A 115 -17.65 -5.40 5.82
N ALA A 116 -17.20 -4.26 5.32
CA ALA A 116 -17.06 -3.95 3.89
C ALA A 116 -15.59 -4.03 3.45
N GLU A 117 -15.35 -4.21 2.15
CA GLU A 117 -14.00 -4.28 1.58
C GLU A 117 -13.87 -3.73 0.17
N PHE A 118 -12.63 -3.38 -0.18
CA PHE A 118 -12.20 -2.90 -1.48
C PHE A 118 -10.70 -3.18 -1.68
N ILE A 119 -10.28 -3.31 -2.94
CA ILE A 119 -8.91 -3.64 -3.35
C ILE A 119 -8.27 -2.40 -3.99
N ILE A 120 -7.01 -2.14 -3.67
CA ILE A 120 -6.15 -1.11 -4.28
C ILE A 120 -5.07 -1.80 -5.14
N ASP A 121 -4.86 -1.29 -6.35
CA ASP A 121 -3.86 -1.76 -7.30
C ASP A 121 -2.90 -0.62 -7.70
N THR A 122 -1.74 -0.60 -7.04
CA THR A 122 -0.62 0.33 -7.25
C THR A 122 0.44 -0.20 -8.21
N ARG A 123 0.28 -1.42 -8.76
CA ARG A 123 1.31 -2.10 -9.55
C ARG A 123 1.77 -1.30 -10.79
N ASP A 124 0.84 -0.63 -11.48
CA ASP A 124 1.12 0.22 -12.64
C ASP A 124 1.68 1.60 -12.24
N ALA A 125 1.40 2.07 -11.03
CA ALA A 125 1.92 3.32 -10.45
C ALA A 125 3.35 3.21 -9.88
N GLY A 126 3.87 1.98 -9.74
CA GLY A 126 5.23 1.70 -9.27
C GLY A 126 5.33 1.69 -7.75
N TYR A 127 6.19 2.55 -7.22
CA TYR A 127 6.47 2.70 -5.79
C TYR A 127 5.73 3.91 -5.17
N GLY A 128 5.64 3.97 -3.84
CA GLY A 128 5.19 5.15 -3.10
C GLY A 128 4.38 4.85 -1.82
N GLY A 129 4.08 5.92 -1.08
CA GLY A 129 3.25 5.86 0.13
C GLY A 129 1.76 6.04 -0.19
N LEU A 130 0.95 5.06 0.21
CA LEU A 130 -0.51 5.09 0.17
C LEU A 130 -1.00 5.47 1.58
N SER A 131 -1.59 6.65 1.74
CA SER A 131 -2.32 7.05 2.94
C SER A 131 -3.83 7.01 2.67
N LEU A 132 -4.61 6.64 3.68
CA LEU A 132 -6.02 6.28 3.55
C LEU A 132 -6.81 6.80 4.73
N SER A 133 -7.98 7.35 4.49
CA SER A 133 -8.90 7.74 5.55
C SER A 133 -10.37 7.44 5.20
N ILE A 134 -11.16 7.18 6.24
CA ILE A 134 -12.61 6.96 6.17
C ILE A 134 -13.27 7.91 7.17
N GLU A 135 -14.32 8.61 6.78
CA GLU A 135 -15.00 9.61 7.61
C GLU A 135 -16.51 9.55 7.41
N GLY A 136 -17.29 9.68 8.48
CA GLY A 136 -18.74 9.47 8.45
C GLY A 136 -19.39 9.66 9.83
N PRO A 137 -20.61 9.14 10.05
CA PRO A 137 -21.39 9.34 11.28
C PRO A 137 -20.80 8.65 12.53
N SER A 138 -19.74 7.86 12.40
CA SER A 138 -18.97 7.30 13.51
C SER A 138 -17.54 6.91 13.08
N LYS A 139 -16.66 6.62 14.04
CA LYS A 139 -15.32 6.05 13.80
C LYS A 139 -15.43 4.59 13.30
N VAL A 140 -14.47 4.13 12.47
CA VAL A 140 -14.32 2.73 12.04
C VAL A 140 -12.89 2.24 12.28
N ASP A 141 -12.73 0.94 12.54
CA ASP A 141 -11.42 0.30 12.63
C ASP A 141 -11.01 -0.24 11.25
N ILE A 142 -10.01 0.41 10.65
CA ILE A 142 -9.48 0.07 9.32
C ILE A 142 -8.43 -1.04 9.45
N ASN A 143 -8.55 -2.06 8.62
CA ASN A 143 -7.67 -3.23 8.54
C ASN A 143 -7.20 -3.46 7.08
N THR A 144 -6.16 -4.26 6.89
CA THR A 144 -5.49 -4.49 5.58
C THR A 144 -5.05 -5.94 5.41
N GLU A 145 -4.91 -6.37 4.16
CA GLU A 145 -4.47 -7.70 3.76
C GLU A 145 -3.79 -7.65 2.39
N ASP A 146 -2.48 -7.95 2.34
CA ASP A 146 -1.69 -8.03 1.11
C ASP A 146 -1.96 -9.35 0.35
N LEU A 147 -2.24 -9.26 -0.95
CA LEU A 147 -2.63 -10.40 -1.79
C LEU A 147 -1.47 -10.88 -2.68
N GLU A 148 -1.48 -12.17 -3.01
CA GLU A 148 -0.40 -12.85 -3.77
C GLU A 148 -0.26 -12.35 -5.23
N ASP A 149 -1.30 -11.72 -5.78
CA ASP A 149 -1.30 -11.11 -7.12
C ASP A 149 -0.59 -9.73 -7.15
N GLY A 150 -0.19 -9.20 -5.99
CA GLY A 150 0.54 -7.93 -5.82
C GLY A 150 -0.35 -6.73 -5.47
N THR A 151 -1.66 -6.94 -5.31
CA THR A 151 -2.66 -5.94 -4.88
C THR A 151 -2.86 -5.97 -3.36
N CYS A 152 -3.58 -4.98 -2.82
CA CYS A 152 -3.88 -4.87 -1.39
C CYS A 152 -5.38 -4.73 -1.14
N ARG A 153 -5.96 -5.62 -0.32
CA ARG A 153 -7.33 -5.53 0.19
C ARG A 153 -7.34 -4.64 1.45
N VAL A 154 -8.32 -3.73 1.52
CA VAL A 154 -8.62 -2.90 2.69
C VAL A 154 -10.02 -3.28 3.21
N THR A 155 -10.16 -3.38 4.53
CA THR A 155 -11.39 -3.77 5.24
C THR A 155 -11.73 -2.76 6.33
N TYR A 156 -13.03 -2.59 6.60
CA TYR A 156 -13.54 -1.71 7.67
C TYR A 156 -14.98 -2.06 8.09
N CYS A 157 -15.36 -1.69 9.32
CA CYS A 157 -16.65 -2.02 9.93
C CYS A 157 -17.41 -0.75 10.42
N PRO A 158 -18.36 -0.21 9.62
CA PRO A 158 -19.22 0.89 10.04
C PRO A 158 -20.34 0.37 10.96
N THR A 159 -20.71 1.18 11.98
CA THR A 159 -21.71 0.80 13.01
C THR A 159 -22.98 1.63 12.90
N GLU A 160 -22.87 2.94 12.71
CA GLU A 160 -24.01 3.83 12.45
C GLU A 160 -24.39 3.81 10.96
N PRO A 161 -25.68 3.83 10.60
CA PRO A 161 -26.14 3.96 9.21
C PRO A 161 -25.98 5.41 8.72
N GLY A 162 -26.00 5.59 7.39
CA GLY A 162 -25.81 6.88 6.72
C GLY A 162 -24.85 6.78 5.54
N ASN A 163 -24.04 7.81 5.31
CA ASN A 163 -23.01 7.82 4.25
C ASN A 163 -21.61 8.10 4.84
N TYR A 164 -20.64 7.29 4.45
CA TYR A 164 -19.21 7.43 4.77
C TYR A 164 -18.42 7.82 3.51
N ILE A 165 -17.46 8.74 3.64
CA ILE A 165 -16.51 9.11 2.58
C ILE A 165 -15.21 8.33 2.80
N ILE A 166 -14.67 7.75 1.73
CA ILE A 166 -13.35 7.10 1.69
C ILE A 166 -12.42 7.92 0.78
N ASN A 167 -11.25 8.27 1.29
CA ASN A 167 -10.20 8.99 0.58
C ASN A 167 -9.01 8.05 0.32
N ILE A 168 -8.64 7.83 -0.95
CA ILE A 168 -7.45 7.08 -1.34
C ILE A 168 -6.40 8.06 -1.90
N LYS A 169 -5.28 8.20 -1.20
CA LYS A 169 -4.26 9.21 -1.46
C LYS A 169 -2.85 8.60 -1.60
N PHE A 170 -2.25 8.75 -2.78
CA PHE A 170 -0.92 8.23 -3.11
C PHE A 170 0.07 9.38 -3.31
N ALA A 171 1.24 9.31 -2.68
CA ALA A 171 2.37 10.25 -2.83
C ALA A 171 1.99 11.73 -2.59
N ASP A 172 1.07 11.97 -1.64
CA ASP A 172 0.55 13.29 -1.20
C ASP A 172 -0.43 13.94 -2.19
N GLN A 173 -0.89 13.20 -3.20
CA GLN A 173 -1.83 13.66 -4.23
C GLN A 173 -3.28 13.26 -3.86
N HIS A 174 -4.03 12.62 -4.77
CA HIS A 174 -5.37 12.02 -4.58
C HIS A 174 -5.70 11.13 -5.81
N VAL A 175 -6.04 9.85 -5.64
CA VAL A 175 -6.16 8.93 -6.80
C VAL A 175 -7.49 9.18 -7.55
N PRO A 176 -7.57 8.92 -8.88
CA PRO A 176 -8.79 9.13 -9.65
C PRO A 176 -9.92 8.23 -9.14
N GLY A 177 -11.11 8.82 -9.00
CA GLY A 177 -12.31 8.20 -8.39
C GLY A 177 -12.57 8.63 -6.95
N SER A 178 -11.53 9.01 -6.19
CA SER A 178 -11.71 9.62 -4.86
C SER A 178 -12.20 11.09 -4.96
N PRO A 179 -12.97 11.60 -3.98
CA PRO A 179 -13.47 10.89 -2.80
C PRO A 179 -14.65 9.98 -3.16
N PHE A 180 -14.70 8.80 -2.54
CA PHE A 180 -15.77 7.82 -2.73
C PHE A 180 -16.83 7.97 -1.62
N SER A 181 -18.06 8.36 -1.98
CA SER A 181 -19.20 8.40 -1.06
C SER A 181 -19.92 7.04 -1.01
N VAL A 182 -20.01 6.42 0.17
CA VAL A 182 -20.44 5.03 0.38
C VAL A 182 -21.67 4.99 1.28
N LYS A 183 -22.81 4.54 0.75
CA LYS A 183 -24.06 4.42 1.52
C LYS A 183 -24.07 3.15 2.39
N VAL A 184 -24.23 3.30 3.70
CA VAL A 184 -24.28 2.21 4.70
C VAL A 184 -25.72 2.04 5.17
N THR A 185 -26.28 0.85 4.91
CA THR A 185 -27.66 0.46 5.27
C THR A 185 -27.68 -0.51 6.45
N GLY A 186 -28.88 -0.84 6.93
CA GLY A 186 -29.11 -1.72 8.09
C GLY A 186 -30.13 -1.15 9.07
N GLU A 187 -29.83 -1.19 10.36
CA GLU A 187 -30.77 -0.91 11.45
C GLU A 187 -30.03 -0.56 12.76
N GLY A 188 -30.76 -0.19 13.82
CA GLY A 188 -30.21 0.01 15.17
C GLY A 188 -29.73 -1.32 15.78
N ARG A 189 -28.57 -1.29 16.45
CA ARG A 189 -27.88 -2.49 16.95
C ARG A 189 -28.64 -3.17 18.10
N VAL A 190 -28.58 -4.50 18.14
CA VAL A 190 -29.14 -5.40 19.17
C VAL A 190 -28.06 -6.37 19.69
N LYS A 191 -28.32 -6.99 20.85
CA LYS A 191 -27.44 -7.97 21.50
C LYS A 191 -27.38 -9.30 20.73
N GLY A 1 -6.44 26.69 23.52
CA GLY A 1 -7.42 27.49 24.28
C GLY A 1 -8.09 26.67 25.39
N ALA A 2 -8.66 27.35 26.39
CA ALA A 2 -9.30 26.73 27.56
C ALA A 2 -10.66 26.05 27.24
N MET A 3 -11.33 26.48 26.15
CA MET A 3 -12.58 25.89 25.64
C MET A 3 -12.48 25.60 24.13
N GLY A 4 -13.12 24.52 23.69
CA GLY A 4 -13.16 24.07 22.29
C GLY A 4 -14.50 24.34 21.59
N ASP A 5 -14.75 23.57 20.52
CA ASP A 5 -15.94 23.63 19.67
C ASP A 5 -16.11 22.29 18.90
N ASP A 6 -17.29 22.06 18.31
CA ASP A 6 -17.58 20.88 17.48
C ASP A 6 -16.75 20.85 16.18
N SER A 7 -16.59 19.66 15.60
CA SER A 7 -15.68 19.39 14.48
C SER A 7 -16.09 18.13 13.68
N MET A 8 -15.58 18.00 12.44
CA MET A 8 -15.61 16.71 11.72
C MET A 8 -14.53 15.76 12.27
N ARG A 9 -14.82 14.46 12.23
CA ARG A 9 -13.90 13.38 12.59
C ARG A 9 -13.70 12.42 11.41
N MET A 10 -12.54 11.77 11.38
CA MET A 10 -12.15 10.74 10.41
C MET A 10 -11.21 9.71 11.03
N SER A 11 -11.07 8.57 10.39
CA SER A 11 -10.03 7.57 10.68
C SER A 11 -9.06 7.47 9.48
N HIS A 12 -7.79 7.14 9.71
CA HIS A 12 -6.74 7.16 8.69
C HIS A 12 -5.67 6.05 8.83
N LEU A 13 -4.97 5.77 7.73
CA LEU A 13 -4.05 4.63 7.55
C LEU A 13 -3.00 4.96 6.47
N LYS A 14 -1.85 4.30 6.52
CA LYS A 14 -0.77 4.38 5.52
C LYS A 14 -0.15 3.00 5.21
N VAL A 15 0.34 2.81 3.98
CA VAL A 15 1.01 1.57 3.55
C VAL A 15 1.97 1.86 2.38
N GLY A 16 3.15 1.23 2.37
CA GLY A 16 4.15 1.38 1.31
C GLY A 16 3.85 0.47 0.13
N SER A 17 3.84 1.02 -1.08
CA SER A 17 3.63 0.28 -2.34
C SER A 17 4.88 0.29 -3.22
N ALA A 18 5.21 -0.86 -3.81
CA ALA A 18 6.42 -1.05 -4.61
C ALA A 18 6.30 -2.27 -5.54
N ALA A 19 6.83 -2.15 -6.76
CA ALA A 19 7.02 -3.27 -7.69
C ALA A 19 8.19 -4.17 -7.23
N ASP A 20 8.09 -5.47 -7.52
CA ASP A 20 9.14 -6.46 -7.26
C ASP A 20 10.08 -6.64 -8.45
N ILE A 21 11.38 -6.77 -8.15
CA ILE A 21 12.46 -7.03 -9.12
C ILE A 21 13.18 -8.34 -8.71
N PRO A 22 13.27 -9.36 -9.60
CA PRO A 22 13.95 -10.60 -9.30
C PRO A 22 15.47 -10.47 -9.43
N ILE A 23 16.20 -11.30 -8.68
CA ILE A 23 17.68 -11.37 -8.67
C ILE A 23 18.15 -12.78 -8.29
N ASN A 24 19.30 -13.20 -8.86
CA ASN A 24 19.89 -14.53 -8.73
C ASN A 24 18.93 -15.65 -9.18
N ILE A 25 18.77 -15.83 -10.50
CA ILE A 25 17.93 -16.88 -11.11
C ILE A 25 18.66 -18.23 -11.05
N SER A 26 18.71 -18.79 -9.85
CA SER A 26 19.51 -19.95 -9.41
C SER A 26 19.10 -20.34 -7.98
N GLU A 27 19.75 -21.35 -7.37
CA GLU A 27 19.49 -21.78 -5.99
C GLU A 27 19.72 -20.61 -4.99
N THR A 28 18.68 -20.28 -4.23
CA THR A 28 18.63 -19.16 -3.26
C THR A 28 17.88 -19.62 -2.02
N ASP A 29 18.33 -19.18 -0.85
CA ASP A 29 17.69 -19.42 0.45
C ASP A 29 17.45 -18.09 1.19
N LEU A 30 16.19 -17.78 1.51
CA LEU A 30 15.78 -16.58 2.23
C LEU A 30 15.97 -16.67 3.76
N SER A 31 16.27 -17.84 4.32
CA SER A 31 16.37 -18.04 5.78
C SER A 31 17.53 -17.25 6.43
N LEU A 32 18.62 -17.02 5.69
CA LEU A 32 19.82 -16.30 6.15
C LEU A 32 20.15 -15.05 5.30
N LEU A 33 19.25 -14.65 4.39
CA LEU A 33 19.42 -13.51 3.48
C LEU A 33 18.76 -12.23 4.03
N THR A 34 19.38 -11.09 3.75
CA THR A 34 18.87 -9.72 3.99
C THR A 34 19.26 -8.81 2.82
N ALA A 35 18.62 -7.65 2.69
CA ALA A 35 18.87 -6.71 1.58
C ALA A 35 18.51 -5.25 1.94
N THR A 36 19.27 -4.31 1.37
CA THR A 36 19.11 -2.85 1.49
C THR A 36 19.35 -2.18 0.14
N VAL A 37 18.90 -0.94 -0.01
CA VAL A 37 19.21 -0.06 -1.16
C VAL A 37 19.95 1.18 -0.67
N VAL A 38 20.98 1.58 -1.45
CA VAL A 38 21.63 2.89 -1.36
C VAL A 38 21.18 3.73 -2.56
N PRO A 39 20.41 4.82 -2.36
CA PRO A 39 19.96 5.71 -3.43
C PRO A 39 21.04 6.74 -3.82
N PRO A 40 20.83 7.51 -4.90
CA PRO A 40 21.66 8.67 -5.27
C PRO A 40 21.89 9.69 -4.16
N SER A 41 20.96 9.84 -3.20
CA SER A 41 21.08 10.74 -2.04
C SER A 41 21.92 10.17 -0.88
N GLY A 42 22.28 8.87 -0.94
CA GLY A 42 23.03 8.15 0.10
C GLY A 42 22.20 7.70 1.31
N ARG A 43 20.89 8.02 1.35
CA ARG A 43 19.96 7.69 2.43
C ARG A 43 19.56 6.21 2.38
N GLU A 44 20.33 5.33 3.03
CA GLU A 44 20.14 3.88 2.99
C GLU A 44 18.76 3.46 3.52
N GLU A 45 18.08 2.56 2.79
CA GLU A 45 16.74 2.03 3.10
C GLU A 45 16.76 0.48 3.03
N PRO A 46 15.99 -0.24 3.87
CA PRO A 46 15.85 -1.68 3.79
C PRO A 46 14.92 -2.10 2.65
N CYS A 47 15.14 -3.30 2.11
CA CYS A 47 14.27 -3.92 1.11
C CYS A 47 13.29 -4.90 1.76
N LEU A 48 12.11 -5.06 1.15
CA LEU A 48 11.23 -6.21 1.34
C LEU A 48 11.73 -7.35 0.43
N LEU A 49 11.93 -8.55 1.00
CA LEU A 49 12.26 -9.77 0.25
C LEU A 49 11.00 -10.59 -0.03
N LYS A 50 10.93 -11.19 -1.22
CA LYS A 50 9.80 -12.00 -1.71
C LYS A 50 10.28 -13.28 -2.41
N ARG A 51 9.52 -14.37 -2.26
CA ARG A 51 9.54 -15.54 -3.15
C ARG A 51 8.37 -15.40 -4.15
N LEU A 52 8.69 -15.30 -5.44
CA LEU A 52 7.79 -14.90 -6.52
C LEU A 52 7.11 -16.10 -7.21
N ARG A 53 6.20 -15.81 -8.15
CA ARG A 53 5.24 -16.78 -8.72
C ARG A 53 5.88 -18.02 -9.37
N ASN A 54 7.05 -17.86 -10.01
CA ASN A 54 7.76 -18.94 -10.72
C ASN A 54 8.77 -19.70 -9.83
N GLY A 55 8.85 -19.38 -8.54
CA GLY A 55 9.77 -19.98 -7.56
C GLY A 55 11.07 -19.20 -7.37
N HIS A 56 11.34 -18.20 -8.20
CA HIS A 56 12.48 -17.28 -8.11
C HIS A 56 12.34 -16.24 -6.97
N VAL A 57 13.43 -15.60 -6.57
CA VAL A 57 13.51 -14.64 -5.46
C VAL A 57 13.68 -13.21 -5.98
N GLY A 58 13.06 -12.23 -5.30
CA GLY A 58 13.15 -10.80 -5.63
C GLY A 58 13.11 -9.85 -4.43
N ILE A 59 13.37 -8.57 -4.71
CA ILE A 59 13.29 -7.44 -3.76
C ILE A 59 12.25 -6.40 -4.20
N SER A 60 11.70 -5.67 -3.23
CA SER A 60 10.87 -4.47 -3.43
C SER A 60 11.33 -3.35 -2.48
N PHE A 61 11.21 -2.08 -2.90
CA PHE A 61 11.59 -0.90 -2.12
C PHE A 61 10.97 0.38 -2.72
N VAL A 62 10.91 1.48 -1.94
CA VAL A 62 10.48 2.81 -2.42
C VAL A 62 11.72 3.70 -2.63
N PRO A 63 11.99 4.19 -3.86
CA PRO A 63 13.10 5.08 -4.17
C PRO A 63 12.79 6.51 -3.71
N LYS A 64 13.82 7.23 -3.24
CA LYS A 64 13.70 8.61 -2.73
C LYS A 64 14.31 9.66 -3.67
N GLU A 65 14.87 9.23 -4.81
CA GLU A 65 15.40 10.04 -5.90
C GLU A 65 15.09 9.38 -7.26
N THR A 66 15.49 10.00 -8.37
CA THR A 66 15.59 9.38 -9.71
C THR A 66 17.05 9.08 -10.06
N GLY A 67 17.26 8.15 -10.99
CA GLY A 67 18.58 7.68 -11.43
C GLY A 67 18.96 6.32 -10.84
N GLU A 68 20.25 5.97 -10.93
CA GLU A 68 20.79 4.67 -10.55
C GLU A 68 20.83 4.48 -9.03
N HIS A 69 19.99 3.58 -8.52
CA HIS A 69 20.01 3.07 -7.15
C HIS A 69 20.81 1.76 -7.11
N LEU A 70 21.61 1.55 -6.07
CA LEU A 70 22.38 0.31 -5.85
C LEU A 70 21.68 -0.54 -4.79
N VAL A 71 21.31 -1.77 -5.15
CA VAL A 71 20.83 -2.81 -4.23
C VAL A 71 22.05 -3.56 -3.67
N HIS A 72 22.11 -3.75 -2.36
CA HIS A 72 23.10 -4.57 -1.67
C HIS A 72 22.41 -5.76 -0.97
N VAL A 73 22.77 -7.00 -1.34
CA VAL A 73 22.24 -8.23 -0.76
C VAL A 73 23.33 -8.89 0.11
N LYS A 74 22.93 -9.34 1.30
CA LYS A 74 23.79 -10.03 2.27
C LYS A 74 23.30 -11.44 2.61
N LYS A 75 24.27 -12.31 2.93
CA LYS A 75 24.10 -13.69 3.41
C LYS A 75 24.88 -13.86 4.73
N ASN A 76 24.19 -14.17 5.83
CA ASN A 76 24.79 -14.42 7.16
C ASN A 76 25.64 -13.23 7.72
N GLY A 77 25.41 -12.00 7.21
CA GLY A 77 26.08 -10.76 7.61
C GLY A 77 27.19 -10.26 6.67
N GLN A 78 27.64 -11.07 5.70
CA GLN A 78 28.55 -10.63 4.64
C GLN A 78 27.79 -10.35 3.33
N HIS A 79 28.38 -9.60 2.41
CA HIS A 79 27.84 -9.41 1.05
C HIS A 79 27.83 -10.73 0.23
N VAL A 80 26.91 -10.84 -0.73
CA VAL A 80 26.91 -11.91 -1.76
C VAL A 80 27.75 -11.49 -2.97
N ALA A 81 28.27 -12.46 -3.72
CA ALA A 81 29.18 -12.24 -4.86
C ALA A 81 28.56 -11.44 -6.03
N SER A 82 27.23 -11.40 -6.13
CA SER A 82 26.50 -10.63 -7.16
C SER A 82 26.31 -9.14 -6.79
N SER A 83 26.51 -8.73 -5.54
CA SER A 83 26.30 -7.34 -5.09
C SER A 83 27.50 -6.41 -5.34
N PRO A 84 27.27 -5.09 -5.50
CA PRO A 84 25.97 -4.43 -5.58
C PRO A 84 25.34 -4.57 -6.97
N ILE A 85 24.00 -4.52 -7.03
CA ILE A 85 23.22 -4.58 -8.27
C ILE A 85 22.62 -3.19 -8.57
N PRO A 86 22.88 -2.59 -9.75
CA PRO A 86 22.30 -1.31 -10.13
C PRO A 86 20.87 -1.46 -10.67
N VAL A 87 19.99 -0.55 -10.29
CA VAL A 87 18.62 -0.42 -10.80
C VAL A 87 18.33 1.07 -11.07
N VAL A 88 18.01 1.42 -12.31
CA VAL A 88 17.76 2.83 -12.73
C VAL A 88 16.27 3.15 -12.62
N ILE A 89 15.93 4.18 -11.84
CA ILE A 89 14.56 4.65 -11.60
C ILE A 89 14.31 5.94 -12.42
N SER A 90 13.18 6.00 -13.11
CA SER A 90 12.68 7.21 -13.78
C SER A 90 11.51 7.83 -12.99
N GLN A 91 11.23 9.13 -13.20
CA GLN A 91 10.13 9.84 -12.52
C GLN A 91 8.76 9.22 -12.81
N SER A 92 8.57 8.61 -13.97
CA SER A 92 7.33 7.90 -14.36
C SER A 92 7.04 6.65 -13.50
N GLU A 93 8.02 6.18 -12.73
CA GLU A 93 7.90 5.06 -11.79
C GLU A 93 7.55 5.53 -10.36
N ILE A 94 7.59 6.83 -10.07
CA ILE A 94 7.41 7.38 -8.71
C ILE A 94 6.10 8.17 -8.62
N GLY A 95 5.16 7.72 -7.78
CA GLY A 95 4.11 8.56 -7.22
C GLY A 95 3.01 9.04 -8.17
N ASP A 96 2.90 8.48 -9.38
CA ASP A 96 1.85 8.85 -10.35
C ASP A 96 0.48 8.27 -9.91
N ALA A 97 -0.30 9.08 -9.19
CA ALA A 97 -1.63 8.72 -8.69
C ALA A 97 -2.60 8.29 -9.81
N SER A 98 -2.52 8.93 -10.98
CA SER A 98 -3.32 8.62 -12.17
C SER A 98 -3.24 7.15 -12.62
N ARG A 99 -2.14 6.44 -12.28
CA ARG A 99 -1.92 5.03 -12.57
C ARG A 99 -2.51 4.07 -11.53
N VAL A 100 -2.91 4.56 -10.35
CA VAL A 100 -3.43 3.74 -9.24
C VAL A 100 -4.88 3.34 -9.52
N ARG A 101 -5.22 2.06 -9.30
CA ARG A 101 -6.55 1.48 -9.47
C ARG A 101 -7.05 0.85 -8.16
N VAL A 102 -8.36 0.66 -8.03
CA VAL A 102 -9.03 0.09 -6.83
C VAL A 102 -10.27 -0.72 -7.24
N SER A 103 -10.72 -1.63 -6.38
CA SER A 103 -11.88 -2.52 -6.64
C SER A 103 -12.51 -3.05 -5.34
N GLY A 104 -13.68 -3.69 -5.43
CA GLY A 104 -14.42 -4.26 -4.29
C GLY A 104 -15.64 -3.44 -3.87
N GLN A 105 -16.57 -4.09 -3.16
CA GLN A 105 -17.89 -3.55 -2.85
C GLN A 105 -17.86 -2.41 -1.81
N GLY A 106 -16.86 -2.39 -0.92
CA GLY A 106 -16.74 -1.41 0.18
C GLY A 106 -16.43 0.03 -0.25
N LEU A 107 -16.25 0.27 -1.56
CA LEU A 107 -16.18 1.59 -2.18
C LEU A 107 -17.57 2.12 -2.62
N HIS A 108 -18.62 1.30 -2.52
CA HIS A 108 -19.97 1.60 -3.02
C HIS A 108 -21.10 1.28 -2.02
N GLU A 109 -21.00 0.17 -1.28
CA GLU A 109 -22.01 -0.32 -0.34
C GLU A 109 -21.37 -0.88 0.95
N GLY A 110 -22.07 -0.76 2.09
CA GLY A 110 -21.66 -1.32 3.38
C GLY A 110 -22.82 -1.68 4.30
N HIS A 111 -22.48 -2.22 5.47
CA HIS A 111 -23.43 -2.70 6.50
C HIS A 111 -22.98 -2.27 7.92
N THR A 112 -23.92 -2.07 8.85
CA THR A 112 -23.62 -1.60 10.22
C THR A 112 -22.97 -2.64 11.12
N PHE A 113 -23.29 -3.93 10.93
CA PHE A 113 -22.91 -5.01 11.86
C PHE A 113 -21.96 -6.06 11.23
N GLU A 114 -21.48 -5.81 10.02
CA GLU A 114 -20.49 -6.62 9.30
C GLU A 114 -19.47 -5.69 8.60
N PRO A 115 -18.18 -6.06 8.51
CA PRO A 115 -17.16 -5.22 7.90
C PRO A 115 -17.32 -5.17 6.37
N ALA A 116 -17.11 -3.99 5.80
CA ALA A 116 -16.96 -3.78 4.36
C ALA A 116 -15.49 -3.97 3.94
N GLU A 117 -15.25 -4.38 2.69
CA GLU A 117 -13.91 -4.65 2.15
C GLU A 117 -13.70 -4.09 0.74
N PHE A 118 -12.46 -3.72 0.44
CA PHE A 118 -12.00 -3.26 -0.86
C PHE A 118 -10.50 -3.49 -1.04
N ILE A 119 -10.08 -3.66 -2.29
CA ILE A 119 -8.71 -3.96 -2.72
C ILE A 119 -8.11 -2.74 -3.46
N ILE A 120 -6.82 -2.49 -3.23
CA ILE A 120 -6.02 -1.43 -3.89
C ILE A 120 -4.94 -2.09 -4.76
N ASP A 121 -4.79 -1.60 -5.99
CA ASP A 121 -3.82 -2.03 -7.00
C ASP A 121 -2.86 -0.87 -7.35
N THR A 122 -1.59 -1.04 -6.97
CA THR A 122 -0.51 -0.04 -7.15
C THR A 122 0.66 -0.56 -7.98
N ARG A 123 0.68 -1.82 -8.42
CA ARG A 123 1.81 -2.37 -9.21
C ARG A 123 2.02 -1.64 -10.55
N ASP A 124 0.96 -1.10 -11.14
CA ASP A 124 1.00 -0.30 -12.38
C ASP A 124 1.48 1.15 -12.14
N ALA A 125 1.41 1.63 -10.89
CA ALA A 125 1.86 2.95 -10.46
C ALA A 125 3.34 2.99 -10.01
N GLY A 126 4.02 1.84 -9.97
CA GLY A 126 5.44 1.70 -9.64
C GLY A 126 5.68 1.70 -8.14
N TYR A 127 6.21 2.81 -7.61
CA TYR A 127 6.64 2.97 -6.23
C TYR A 127 6.07 4.23 -5.56
N GLY A 128 5.78 4.17 -4.25
CA GLY A 128 5.37 5.32 -3.44
C GLY A 128 4.60 4.96 -2.17
N GLY A 129 4.30 5.99 -1.37
CA GLY A 129 3.48 5.89 -0.16
C GLY A 129 1.99 6.03 -0.50
N LEU A 130 1.19 5.02 -0.16
CA LEU A 130 -0.27 5.04 -0.22
C LEU A 130 -0.80 5.48 1.16
N SER A 131 -1.59 6.54 1.17
CA SER A 131 -2.24 7.13 2.36
C SER A 131 -3.76 7.10 2.17
N LEU A 132 -4.52 6.89 3.25
CA LEU A 132 -5.93 6.54 3.21
C LEU A 132 -6.69 7.16 4.38
N SER A 133 -7.93 7.58 4.17
CA SER A 133 -8.83 7.99 5.26
C SER A 133 -10.31 7.68 4.96
N ILE A 134 -11.10 7.50 6.03
CA ILE A 134 -12.55 7.25 5.99
C ILE A 134 -13.24 8.23 6.94
N GLU A 135 -14.30 8.89 6.47
CA GLU A 135 -15.06 9.91 7.19
C GLU A 135 -16.57 9.71 6.96
N GLY A 136 -17.41 10.14 7.90
CA GLY A 136 -18.87 9.93 7.83
C GLY A 136 -19.61 10.21 9.14
N PRO A 137 -20.77 9.57 9.40
CA PRO A 137 -21.60 9.83 10.58
C PRO A 137 -21.00 9.32 11.90
N SER A 138 -19.92 8.54 11.87
CA SER A 138 -19.18 8.11 13.07
C SER A 138 -17.73 7.70 12.75
N LYS A 139 -16.90 7.52 13.77
CA LYS A 139 -15.54 6.97 13.67
C LYS A 139 -15.58 5.45 13.36
N VAL A 140 -14.57 4.92 12.67
CA VAL A 140 -14.47 3.49 12.30
C VAL A 140 -13.08 2.92 12.64
N ASP A 141 -13.00 1.61 12.91
CA ASP A 141 -11.72 0.90 12.94
C ASP A 141 -11.29 0.54 11.50
N ILE A 142 -10.08 0.92 11.10
CA ILE A 142 -9.49 0.57 9.79
C ILE A 142 -8.41 -0.49 9.98
N ASN A 143 -8.47 -1.53 9.15
CA ASN A 143 -7.54 -2.67 9.13
C ASN A 143 -7.05 -2.90 7.69
N THR A 144 -5.87 -3.52 7.53
CA THR A 144 -5.23 -3.78 6.23
C THR A 144 -4.57 -5.15 6.19
N GLU A 145 -4.35 -5.68 4.99
CA GLU A 145 -3.65 -6.94 4.75
C GLU A 145 -3.02 -6.97 3.35
N ASP A 146 -1.72 -7.29 3.27
CA ASP A 146 -1.00 -7.53 2.01
C ASP A 146 -1.28 -8.96 1.52
N LEU A 147 -1.88 -9.08 0.33
CA LEU A 147 -2.33 -10.36 -0.24
C LEU A 147 -1.20 -11.05 -1.02
N GLU A 148 -1.34 -12.36 -1.23
CA GLU A 148 -0.35 -13.19 -1.93
C GLU A 148 -0.18 -12.82 -3.42
N ASP A 149 -1.17 -12.15 -4.01
CA ASP A 149 -1.12 -11.60 -5.38
C ASP A 149 -0.34 -10.28 -5.49
N GLY A 150 -0.02 -9.63 -4.35
CA GLY A 150 0.72 -8.36 -4.27
C GLY A 150 -0.16 -7.11 -4.14
N THR A 151 -1.49 -7.26 -4.15
CA THR A 151 -2.49 -6.21 -3.85
C THR A 151 -2.67 -6.03 -2.34
N CYS A 152 -3.25 -4.90 -1.93
CA CYS A 152 -3.60 -4.62 -0.54
C CYS A 152 -5.12 -4.67 -0.33
N ARG A 153 -5.61 -5.49 0.58
CA ARG A 153 -6.98 -5.43 1.11
C ARG A 153 -7.05 -4.38 2.23
N VAL A 154 -8.11 -3.59 2.23
CA VAL A 154 -8.51 -2.66 3.30
C VAL A 154 -9.91 -3.06 3.79
N THR A 155 -10.10 -3.07 5.12
CA THR A 155 -11.36 -3.47 5.78
C THR A 155 -11.72 -2.53 6.92
N TYR A 156 -13.01 -2.31 7.13
CA TYR A 156 -13.56 -1.41 8.16
C TYR A 156 -15.04 -1.72 8.49
N CYS A 157 -15.46 -1.46 9.73
CA CYS A 157 -16.84 -1.65 10.18
C CYS A 157 -17.52 -0.28 10.48
N PRO A 158 -18.42 0.23 9.61
CA PRO A 158 -19.11 1.50 9.81
C PRO A 158 -20.28 1.33 10.79
N THR A 159 -20.08 1.69 12.06
CA THR A 159 -21.01 1.40 13.18
C THR A 159 -22.39 2.01 12.99
N GLU A 160 -22.47 3.28 12.56
CA GLU A 160 -23.72 4.00 12.30
C GLU A 160 -24.13 3.88 10.81
N PRO A 161 -25.43 3.83 10.47
CA PRO A 161 -25.91 3.86 9.10
C PRO A 161 -25.83 5.27 8.51
N GLY A 162 -25.93 5.38 7.18
CA GLY A 162 -25.82 6.64 6.42
C GLY A 162 -24.88 6.51 5.22
N ASN A 163 -24.07 7.54 4.95
CA ASN A 163 -23.08 7.53 3.87
C ASN A 163 -21.69 7.97 4.38
N TYR A 164 -20.66 7.18 4.04
CA TYR A 164 -19.25 7.43 4.36
C TYR A 164 -18.44 7.78 3.11
N ILE A 165 -17.47 8.68 3.21
CA ILE A 165 -16.50 8.99 2.16
C ILE A 165 -15.18 8.27 2.45
N ILE A 166 -14.61 7.63 1.45
CA ILE A 166 -13.25 7.06 1.47
C ILE A 166 -12.35 7.87 0.53
N ASN A 167 -11.19 8.30 1.04
CA ASN A 167 -10.15 9.01 0.29
C ASN A 167 -8.95 8.09 0.07
N ILE A 168 -8.53 7.91 -1.19
CA ILE A 168 -7.31 7.18 -1.55
C ILE A 168 -6.30 8.15 -2.16
N LYS A 169 -5.09 8.21 -1.59
CA LYS A 169 -4.04 9.16 -1.94
C LYS A 169 -2.70 8.43 -2.15
N PHE A 170 -1.95 8.76 -3.20
CA PHE A 170 -0.64 8.18 -3.53
C PHE A 170 0.38 9.28 -3.76
N ALA A 171 1.47 9.29 -2.98
CA ALA A 171 2.55 10.28 -3.02
C ALA A 171 2.02 11.73 -3.05
N ASP A 172 1.21 12.08 -2.05
CA ASP A 172 0.61 13.40 -1.76
C ASP A 172 -0.62 13.73 -2.65
N GLN A 173 -0.94 12.91 -3.65
CA GLN A 173 -1.93 13.20 -4.70
C GLN A 173 -3.14 12.25 -4.60
N HIS A 174 -4.36 12.81 -4.58
CA HIS A 174 -5.63 12.07 -4.52
C HIS A 174 -5.86 11.27 -5.82
N VAL A 175 -6.10 9.95 -5.74
CA VAL A 175 -6.17 9.07 -6.94
C VAL A 175 -7.51 9.23 -7.68
N PRO A 176 -7.59 8.95 -9.01
CA PRO A 176 -8.84 9.05 -9.76
C PRO A 176 -9.87 8.05 -9.24
N GLY A 177 -11.13 8.50 -9.17
CA GLY A 177 -12.26 7.79 -8.57
C GLY A 177 -12.56 8.21 -7.13
N SER A 178 -11.57 8.70 -6.38
CA SER A 178 -11.82 9.34 -5.08
C SER A 178 -12.42 10.75 -5.24
N PRO A 179 -13.25 11.23 -4.29
CA PRO A 179 -13.72 10.55 -3.10
C PRO A 179 -14.79 9.50 -3.44
N PHE A 180 -14.72 8.33 -2.79
CA PHE A 180 -15.69 7.24 -2.95
C PHE A 180 -16.79 7.36 -1.88
N SER A 181 -18.02 7.66 -2.29
CA SER A 181 -19.19 7.75 -1.41
C SER A 181 -19.86 6.36 -1.26
N VAL A 182 -19.91 5.83 -0.03
CA VAL A 182 -20.33 4.47 0.31
C VAL A 182 -21.63 4.51 1.11
N LYS A 183 -22.72 3.96 0.57
CA LYS A 183 -24.01 3.89 1.27
C LYS A 183 -24.04 2.70 2.25
N VAL A 184 -24.27 2.95 3.54
CA VAL A 184 -24.28 1.95 4.63
C VAL A 184 -25.71 1.76 5.14
N THR A 185 -26.21 0.52 5.03
CA THR A 185 -27.54 0.12 5.53
C THR A 185 -27.42 -0.56 6.90
N GLY A 186 -28.49 -0.51 7.70
CA GLY A 186 -28.50 -1.02 9.07
C GLY A 186 -29.86 -1.01 9.76
N GLU A 187 -29.84 -1.13 11.09
CA GLU A 187 -31.00 -1.20 11.98
C GLU A 187 -30.58 -0.81 13.42
N GLY A 188 -31.35 -1.22 14.45
CA GLY A 188 -31.00 -0.99 15.86
C GLY A 188 -29.85 -1.90 16.32
N ARG A 189 -28.91 -1.35 17.10
CA ARG A 189 -27.67 -2.01 17.52
C ARG A 189 -27.93 -3.21 18.45
N VAL A 190 -27.15 -4.29 18.28
CA VAL A 190 -27.09 -5.44 19.19
C VAL A 190 -26.69 -5.02 20.62
N LYS A 191 -27.29 -5.67 21.62
CA LYS A 191 -27.13 -5.37 23.07
C LYS A 191 -27.03 -6.66 23.90
N GLY A 1 -26.29 30.31 20.64
CA GLY A 1 -26.37 30.62 19.20
C GLY A 1 -26.15 29.37 18.36
N ALA A 2 -25.36 29.49 17.29
CA ALA A 2 -24.99 28.38 16.39
C ALA A 2 -23.96 27.41 17.03
N MET A 3 -23.74 26.27 16.38
CA MET A 3 -22.72 25.27 16.75
C MET A 3 -21.27 25.78 16.52
N GLY A 4 -20.33 25.24 17.30
CA GLY A 4 -18.90 25.57 17.22
C GLY A 4 -18.10 24.68 16.26
N ASP A 5 -18.63 23.51 15.90
CA ASP A 5 -18.04 22.50 15.00
C ASP A 5 -19.13 21.54 14.49
N ASP A 6 -18.98 21.01 13.27
CA ASP A 6 -19.96 20.13 12.63
C ASP A 6 -19.95 18.67 13.14
N SER A 7 -20.93 17.88 12.72
CA SER A 7 -21.22 16.54 13.25
C SER A 7 -20.39 15.37 12.66
N MET A 8 -19.60 15.60 11.61
CA MET A 8 -18.79 14.55 10.97
C MET A 8 -17.59 14.11 11.83
N ARG A 9 -17.19 12.85 11.69
CA ARG A 9 -15.99 12.26 12.29
C ARG A 9 -15.25 11.40 11.26
N MET A 10 -14.03 11.79 10.91
CA MET A 10 -13.13 11.02 10.04
C MET A 10 -12.46 9.87 10.82
N SER A 11 -12.12 8.81 10.10
CA SER A 11 -11.28 7.69 10.54
C SER A 11 -10.15 7.50 9.52
N HIS A 12 -8.90 7.22 9.92
CA HIS A 12 -7.74 7.31 9.02
C HIS A 12 -6.65 6.24 9.21
N LEU A 13 -5.82 6.06 8.17
CA LEU A 13 -4.77 5.04 8.06
C LEU A 13 -3.72 5.47 7.01
N LYS A 14 -2.46 5.05 7.16
CA LYS A 14 -1.38 5.26 6.18
C LYS A 14 -0.56 3.99 5.93
N VAL A 15 -0.06 3.79 4.71
CA VAL A 15 0.71 2.62 4.26
C VAL A 15 1.85 3.07 3.35
N GLY A 16 3.07 2.55 3.57
CA GLY A 16 4.20 2.72 2.64
C GLY A 16 4.15 1.63 1.57
N SER A 17 4.02 2.02 0.30
CA SER A 17 3.72 1.09 -0.81
C SER A 17 4.80 1.14 -1.91
N ALA A 18 5.05 -0.01 -2.56
CA ALA A 18 6.16 -0.20 -3.50
C ALA A 18 5.96 -1.41 -4.41
N ALA A 19 6.41 -1.29 -5.66
CA ALA A 19 6.49 -2.39 -6.63
C ALA A 19 7.59 -3.41 -6.25
N ASP A 20 7.47 -4.64 -6.78
CA ASP A 20 8.40 -5.75 -6.59
C ASP A 20 9.43 -5.87 -7.74
N ILE A 21 10.67 -6.24 -7.42
CA ILE A 21 11.74 -6.56 -8.39
C ILE A 21 12.38 -7.92 -8.03
N PRO A 22 12.32 -8.95 -8.90
CA PRO A 22 12.89 -10.26 -8.62
C PRO A 22 14.41 -10.29 -8.80
N ILE A 23 15.14 -10.86 -7.83
CA ILE A 23 16.62 -10.82 -7.75
C ILE A 23 17.15 -12.10 -7.08
N ASN A 24 18.30 -12.62 -7.55
CA ASN A 24 19.06 -13.75 -6.97
C ASN A 24 18.21 -15.04 -6.83
N ILE A 25 17.68 -15.50 -7.98
CA ILE A 25 16.68 -16.58 -8.06
C ILE A 25 17.27 -17.96 -7.75
N SER A 26 18.57 -18.15 -7.98
CA SER A 26 19.31 -19.43 -7.83
C SER A 26 19.62 -19.79 -6.36
N GLU A 27 18.60 -19.85 -5.51
CA GLU A 27 18.68 -20.20 -4.08
C GLU A 27 17.41 -20.94 -3.63
N THR A 28 17.57 -21.91 -2.73
CA THR A 28 16.51 -22.75 -2.14
C THR A 28 16.17 -22.31 -0.72
N ASP A 29 17.18 -21.97 0.10
CA ASP A 29 16.98 -21.47 1.47
C ASP A 29 16.87 -19.94 1.47
N LEU A 30 15.65 -19.43 1.72
CA LEU A 30 15.36 -17.99 1.73
C LEU A 30 15.52 -17.36 3.12
N SER A 31 15.74 -18.15 4.18
CA SER A 31 15.82 -17.65 5.57
C SER A 31 17.16 -16.97 5.88
N LEU A 32 18.25 -17.42 5.23
CA LEU A 32 19.60 -16.86 5.35
C LEU A 32 19.84 -15.60 4.49
N LEU A 33 18.86 -15.17 3.70
CA LEU A 33 19.01 -14.12 2.69
C LEU A 33 18.45 -12.77 3.20
N THR A 34 19.18 -11.68 2.98
CA THR A 34 18.80 -10.28 3.31
C THR A 34 19.22 -9.34 2.18
N ALA A 35 18.75 -8.09 2.20
CA ALA A 35 19.02 -7.10 1.14
C ALA A 35 18.94 -5.64 1.61
N THR A 36 19.72 -4.78 0.95
CA THR A 36 19.80 -3.32 1.14
C THR A 36 19.87 -2.62 -0.22
N VAL A 37 19.63 -1.31 -0.24
CA VAL A 37 19.81 -0.42 -1.41
C VAL A 37 20.76 0.72 -1.05
N VAL A 38 21.62 1.07 -2.01
CA VAL A 38 22.44 2.29 -2.03
C VAL A 38 21.92 3.19 -3.17
N PRO A 39 21.34 4.38 -2.88
CA PRO A 39 20.88 5.33 -3.89
C PRO A 39 22.08 6.12 -4.47
N PRO A 40 21.89 6.91 -5.55
CA PRO A 40 22.94 7.77 -6.09
C PRO A 40 23.37 8.90 -5.12
N SER A 41 22.57 9.21 -4.10
CA SER A 41 22.95 10.12 -2.99
C SER A 41 23.76 9.44 -1.87
N GLY A 42 23.97 8.12 -1.94
CA GLY A 42 24.82 7.33 -1.02
C GLY A 42 24.17 6.92 0.31
N ARG A 43 22.92 7.33 0.57
CA ARG A 43 22.18 7.10 1.81
C ARG A 43 21.64 5.66 1.89
N GLU A 44 22.45 4.72 2.38
CA GLU A 44 22.14 3.28 2.43
C GLU A 44 20.90 2.99 3.32
N GLU A 45 20.00 2.13 2.84
CA GLU A 45 18.77 1.71 3.51
C GLU A 45 18.47 0.21 3.28
N PRO A 46 17.77 -0.48 4.21
CA PRO A 46 17.36 -1.87 4.05
C PRO A 46 16.14 -2.01 3.11
N CYS A 47 16.00 -3.18 2.49
CA CYS A 47 14.87 -3.53 1.62
C CYS A 47 13.78 -4.35 2.34
N LEU A 48 12.55 -4.28 1.83
CA LEU A 48 11.48 -5.23 2.12
C LEU A 48 11.63 -6.43 1.18
N LEU A 49 11.50 -7.66 1.70
CA LEU A 49 11.69 -8.92 0.98
C LEU A 49 10.35 -9.62 0.73
N LYS A 50 10.18 -10.19 -0.47
CA LYS A 50 8.96 -10.91 -0.89
C LYS A 50 9.25 -12.24 -1.62
N ARG A 51 8.63 -13.33 -1.15
CA ARG A 51 8.24 -14.46 -2.00
C ARG A 51 7.00 -14.04 -2.81
N LEU A 52 7.07 -14.16 -4.14
CA LEU A 52 6.04 -13.69 -5.07
C LEU A 52 5.18 -14.85 -5.58
N ARG A 53 3.98 -14.55 -6.09
CA ARG A 53 2.96 -15.55 -6.47
C ARG A 53 3.43 -16.59 -7.51
N ASN A 54 4.31 -16.20 -8.44
CA ASN A 54 4.75 -17.04 -9.56
C ASN A 54 5.88 -18.04 -9.19
N GLY A 55 6.37 -18.03 -7.94
CA GLY A 55 7.41 -18.92 -7.41
C GLY A 55 8.76 -18.24 -7.21
N HIS A 56 9.04 -17.19 -7.98
CA HIS A 56 10.24 -16.34 -7.85
C HIS A 56 10.24 -15.45 -6.58
N VAL A 57 11.38 -14.82 -6.30
CA VAL A 57 11.67 -14.07 -5.05
C VAL A 57 12.30 -12.72 -5.41
N GLY A 58 11.90 -11.65 -4.71
CA GLY A 58 12.32 -10.28 -4.99
C GLY A 58 12.35 -9.33 -3.79
N ILE A 59 12.65 -8.07 -4.09
CA ILE A 59 12.71 -6.95 -3.14
C ILE A 59 11.73 -5.82 -3.50
N SER A 60 11.43 -4.98 -2.51
CA SER A 60 10.68 -3.71 -2.64
C SER A 60 11.32 -2.63 -1.75
N PHE A 61 11.21 -1.36 -2.16
CA PHE A 61 11.73 -0.18 -1.45
C PHE A 61 11.13 1.12 -2.05
N VAL A 62 11.30 2.26 -1.37
CA VAL A 62 10.84 3.58 -1.86
C VAL A 62 12.06 4.50 -2.07
N PRO A 63 12.38 4.89 -3.33
CA PRO A 63 13.46 5.83 -3.63
C PRO A 63 13.03 7.28 -3.38
N LYS A 64 14.01 8.14 -3.06
CA LYS A 64 13.80 9.59 -2.90
C LYS A 64 14.22 10.41 -4.15
N GLU A 65 14.92 9.78 -5.10
CA GLU A 65 15.49 10.41 -6.31
C GLU A 65 15.30 9.52 -7.54
N THR A 66 15.54 10.07 -8.73
CA THR A 66 15.62 9.34 -10.00
C THR A 66 17.05 8.85 -10.27
N GLY A 67 17.22 8.03 -11.32
CA GLY A 67 18.51 7.52 -11.78
C GLY A 67 18.88 6.15 -11.19
N GLU A 68 20.11 5.70 -11.46
CA GLU A 68 20.59 4.37 -11.08
C GLU A 68 20.80 4.24 -9.57
N HIS A 69 19.99 3.40 -8.94
CA HIS A 69 20.18 2.89 -7.59
C HIS A 69 20.79 1.47 -7.67
N LEU A 70 21.64 1.10 -6.70
CA LEU A 70 22.25 -0.22 -6.60
C LEU A 70 21.60 -1.00 -5.45
N VAL A 71 21.08 -2.20 -5.73
CA VAL A 71 20.65 -3.18 -4.73
C VAL A 71 21.87 -4.06 -4.37
N HIS A 72 22.05 -4.34 -3.08
CA HIS A 72 23.06 -5.25 -2.55
C HIS A 72 22.37 -6.38 -1.75
N VAL A 73 22.52 -7.63 -2.20
CA VAL A 73 21.91 -8.83 -1.58
C VAL A 73 23.00 -9.63 -0.85
N LYS A 74 22.66 -10.12 0.34
CA LYS A 74 23.55 -10.86 1.24
C LYS A 74 23.01 -12.26 1.60
N LYS A 75 23.94 -13.21 1.74
CA LYS A 75 23.74 -14.57 2.27
C LYS A 75 24.60 -14.75 3.53
N ASN A 76 23.97 -14.97 4.69
CA ASN A 76 24.63 -15.12 5.99
C ASN A 76 25.55 -13.93 6.37
N GLY A 77 25.22 -12.72 5.89
CA GLY A 77 25.93 -11.46 6.17
C GLY A 77 26.97 -11.04 5.14
N GLN A 78 27.43 -11.94 4.25
CA GLN A 78 28.35 -11.61 3.14
C GLN A 78 27.56 -11.43 1.83
N HIS A 79 28.05 -10.58 0.92
CA HIS A 79 27.37 -10.31 -0.36
C HIS A 79 27.31 -11.55 -1.29
N VAL A 80 26.24 -11.66 -2.08
CA VAL A 80 26.06 -12.72 -3.09
C VAL A 80 26.74 -12.34 -4.42
N ALA A 81 27.08 -13.34 -5.25
CA ALA A 81 27.77 -13.16 -6.52
C ALA A 81 27.02 -12.28 -7.55
N SER A 82 25.69 -12.17 -7.42
CA SER A 82 24.84 -11.30 -8.25
C SER A 82 25.03 -9.80 -7.98
N SER A 83 25.51 -9.41 -6.79
CA SER A 83 25.56 -8.00 -6.35
C SER A 83 26.84 -7.25 -6.83
N PRO A 84 26.75 -5.91 -7.04
CA PRO A 84 25.55 -5.08 -6.96
C PRO A 84 24.64 -5.25 -8.19
N ILE A 85 23.33 -5.11 -7.98
CA ILE A 85 22.32 -5.13 -9.05
C ILE A 85 21.84 -3.69 -9.30
N PRO A 86 22.01 -3.12 -10.51
CA PRO A 86 21.54 -1.78 -10.83
C PRO A 86 20.04 -1.79 -11.16
N VAL A 87 19.33 -0.77 -10.66
CA VAL A 87 17.92 -0.49 -10.97
C VAL A 87 17.79 1.02 -11.25
N VAL A 88 17.31 1.39 -12.44
CA VAL A 88 17.15 2.81 -12.84
C VAL A 88 15.72 3.28 -12.55
N ILE A 89 15.59 4.34 -11.75
CA ILE A 89 14.31 4.93 -11.34
C ILE A 89 13.97 6.10 -12.27
N SER A 90 12.76 6.12 -12.83
CA SER A 90 12.23 7.26 -13.61
C SER A 90 11.26 8.12 -12.77
N GLN A 91 11.02 9.37 -13.20
CA GLN A 91 10.15 10.31 -12.49
C GLN A 91 8.70 9.79 -12.34
N SER A 92 8.24 8.98 -13.29
CA SER A 92 6.91 8.33 -13.27
C SER A 92 6.75 7.28 -12.15
N GLU A 93 7.85 6.87 -11.50
CA GLU A 93 7.85 5.89 -10.40
C GLU A 93 7.88 6.55 -9.02
N ILE A 94 8.11 7.87 -8.92
CA ILE A 94 8.36 8.58 -7.65
C ILE A 94 7.09 8.80 -6.81
N GLY A 95 5.90 8.81 -7.44
CA GLY A 95 4.62 9.05 -6.76
C GLY A 95 3.47 9.45 -7.68
N ASP A 96 3.30 8.74 -8.81
CA ASP A 96 2.28 9.07 -9.81
C ASP A 96 0.88 8.58 -9.37
N ALA A 97 0.09 9.47 -8.76
CA ALA A 97 -1.26 9.16 -8.30
C ALA A 97 -2.20 8.72 -9.45
N SER A 98 -2.09 9.37 -10.61
CA SER A 98 -2.87 9.04 -11.82
C SER A 98 -2.64 7.60 -12.34
N ARG A 99 -1.56 6.93 -11.91
CA ARG A 99 -1.26 5.53 -12.20
C ARG A 99 -1.74 4.53 -11.12
N VAL A 100 -2.26 4.99 -9.97
CA VAL A 100 -2.78 4.10 -8.90
C VAL A 100 -4.14 3.53 -9.30
N ARG A 101 -4.35 2.24 -9.04
CA ARG A 101 -5.58 1.49 -9.37
C ARG A 101 -6.17 0.84 -8.10
N VAL A 102 -7.45 0.47 -8.15
CA VAL A 102 -8.21 -0.09 -7.01
C VAL A 102 -9.28 -1.10 -7.48
N SER A 103 -9.74 -1.97 -6.58
CA SER A 103 -10.77 -2.99 -6.83
C SER A 103 -11.44 -3.49 -5.52
N GLY A 104 -12.45 -4.36 -5.61
CA GLY A 104 -13.18 -4.94 -4.48
C GLY A 104 -14.59 -4.36 -4.27
N GLN A 105 -15.18 -4.62 -3.10
CA GLN A 105 -16.57 -4.28 -2.78
C GLN A 105 -16.70 -2.96 -1.99
N GLY A 106 -15.78 -2.70 -1.06
CA GLY A 106 -15.90 -1.64 -0.05
C GLY A 106 -15.70 -0.21 -0.57
N LEU A 107 -15.51 -0.04 -1.88
CA LEU A 107 -15.60 1.26 -2.58
C LEU A 107 -16.97 1.48 -3.24
N HIS A 108 -17.90 0.54 -3.08
CA HIS A 108 -19.25 0.56 -3.68
C HIS A 108 -20.38 0.25 -2.66
N GLU A 109 -20.21 -0.73 -1.78
CA GLU A 109 -21.21 -1.13 -0.78
C GLU A 109 -20.64 -1.90 0.43
N GLY A 110 -21.36 -1.84 1.56
CA GLY A 110 -21.01 -2.50 2.82
C GLY A 110 -22.22 -2.83 3.71
N HIS A 111 -21.95 -3.27 4.94
CA HIS A 111 -22.95 -3.76 5.91
C HIS A 111 -22.64 -3.30 7.35
N THR A 112 -23.66 -3.04 8.17
CA THR A 112 -23.50 -2.59 9.59
C THR A 112 -22.96 -3.66 10.53
N PHE A 113 -23.10 -4.95 10.19
CA PHE A 113 -22.75 -6.09 11.06
C PHE A 113 -21.59 -6.95 10.53
N GLU A 114 -21.04 -6.64 9.35
CA GLU A 114 -19.92 -7.36 8.72
C GLU A 114 -18.98 -6.36 8.01
N PRO A 115 -17.65 -6.57 8.04
CA PRO A 115 -16.69 -5.66 7.43
C PRO A 115 -16.73 -5.73 5.90
N ALA A 116 -16.43 -4.60 5.25
CA ALA A 116 -16.25 -4.48 3.81
C ALA A 116 -14.76 -4.47 3.43
N GLU A 117 -14.39 -5.04 2.28
CA GLU A 117 -13.01 -5.13 1.79
C GLU A 117 -12.83 -4.51 0.41
N PHE A 118 -11.65 -3.92 0.19
CA PHE A 118 -11.20 -3.38 -1.09
C PHE A 118 -9.67 -3.41 -1.20
N ILE A 119 -9.16 -3.59 -2.41
CA ILE A 119 -7.72 -3.73 -2.72
C ILE A 119 -7.23 -2.45 -3.43
N ILE A 120 -6.01 -2.03 -3.10
CA ILE A 120 -5.28 -0.94 -3.74
C ILE A 120 -4.03 -1.52 -4.43
N ASP A 121 -3.77 -1.08 -5.66
CA ASP A 121 -2.64 -1.49 -6.50
C ASP A 121 -1.81 -0.27 -6.94
N THR A 122 -0.61 -0.13 -6.37
CA THR A 122 0.36 0.93 -6.65
C THR A 122 1.50 0.46 -7.57
N ARG A 123 1.51 -0.80 -8.03
CA ARG A 123 2.63 -1.40 -8.78
C ARG A 123 2.91 -0.66 -10.10
N ASP A 124 1.87 -0.19 -10.78
CA ASP A 124 1.96 0.59 -12.02
C ASP A 124 2.32 2.08 -11.78
N ALA A 125 2.21 2.54 -10.53
CA ALA A 125 2.62 3.88 -10.08
C ALA A 125 4.04 3.93 -9.48
N GLY A 126 4.71 2.77 -9.35
CA GLY A 126 6.05 2.63 -8.79
C GLY A 126 6.03 2.55 -7.26
N TYR A 127 6.31 3.68 -6.60
CA TYR A 127 6.62 3.76 -5.17
C TYR A 127 6.02 5.01 -4.51
N GLY A 128 5.73 4.96 -3.20
CA GLY A 128 5.29 6.12 -2.42
C GLY A 128 4.38 5.82 -1.23
N GLY A 129 4.00 6.88 -0.50
CA GLY A 129 3.10 6.81 0.66
C GLY A 129 1.64 6.92 0.25
N LEU A 130 0.84 5.90 0.59
CA LEU A 130 -0.62 5.86 0.47
C LEU A 130 -1.24 6.32 1.81
N SER A 131 -2.04 7.37 1.78
CA SER A 131 -2.87 7.82 2.92
C SER A 131 -4.36 7.66 2.61
N LEU A 132 -5.14 7.29 3.62
CA LEU A 132 -6.54 6.86 3.48
C LEU A 132 -7.38 7.45 4.61
N SER A 133 -8.54 8.02 4.27
CA SER A 133 -9.50 8.55 5.25
C SER A 133 -10.94 8.17 4.88
N ILE A 134 -11.67 7.57 5.84
CA ILE A 134 -13.10 7.23 5.73
C ILE A 134 -13.92 8.24 6.55
N GLU A 135 -15.03 8.70 5.99
CA GLU A 135 -15.96 9.67 6.58
C GLU A 135 -17.40 9.15 6.43
N GLY A 136 -18.31 9.51 7.34
CA GLY A 136 -19.71 9.05 7.27
C GLY A 136 -20.53 9.35 8.54
N PRO A 137 -21.66 8.63 8.75
CA PRO A 137 -22.57 8.84 9.87
C PRO A 137 -21.99 8.46 11.25
N SER A 138 -20.85 7.76 11.30
CA SER A 138 -20.11 7.47 12.54
C SER A 138 -18.63 7.12 12.26
N LYS A 139 -17.79 7.06 13.31
CA LYS A 139 -16.39 6.61 13.23
C LYS A 139 -16.30 5.10 12.90
N VAL A 140 -15.22 4.65 12.26
CA VAL A 140 -14.96 3.25 11.92
C VAL A 140 -13.53 2.84 12.33
N ASP A 141 -13.31 1.54 12.60
CA ASP A 141 -11.97 0.96 12.66
C ASP A 141 -11.49 0.57 11.25
N ILE A 142 -10.22 0.84 10.93
CA ILE A 142 -9.59 0.56 9.63
C ILE A 142 -8.39 -0.37 9.85
N ASN A 143 -8.27 -1.39 9.00
CA ASN A 143 -7.24 -2.42 9.04
C ASN A 143 -6.64 -2.61 7.63
N THR A 144 -5.39 -3.09 7.54
CA THR A 144 -4.63 -3.24 6.28
C THR A 144 -3.84 -4.54 6.25
N GLU A 145 -3.59 -5.04 5.04
CA GLU A 145 -2.92 -6.32 4.79
C GLU A 145 -2.21 -6.29 3.42
N ASP A 146 -0.88 -6.21 3.44
CA ASP A 146 -0.02 -6.23 2.25
C ASP A 146 0.24 -7.67 1.78
N LEU A 147 0.12 -7.91 0.46
CA LEU A 147 0.00 -9.24 -0.13
C LEU A 147 1.24 -9.68 -0.93
N GLU A 148 1.35 -10.99 -1.18
CA GLU A 148 2.44 -11.62 -1.96
C GLU A 148 2.36 -11.30 -3.46
N ASP A 149 1.24 -10.75 -3.95
CA ASP A 149 1.08 -10.25 -5.33
C ASP A 149 1.60 -8.80 -5.49
N GLY A 150 1.96 -8.12 -4.38
CA GLY A 150 2.47 -6.75 -4.35
C GLY A 150 1.40 -5.66 -4.18
N THR A 151 0.13 -6.06 -4.05
CA THR A 151 -1.03 -5.20 -3.75
C THR A 151 -1.32 -5.16 -2.24
N CYS A 152 -2.24 -4.29 -1.82
CA CYS A 152 -2.67 -4.16 -0.42
C CYS A 152 -4.20 -4.22 -0.28
N ARG A 153 -4.70 -5.12 0.58
CA ARG A 153 -6.09 -5.12 1.04
C ARG A 153 -6.28 -4.09 2.15
N VAL A 154 -7.37 -3.33 2.08
CA VAL A 154 -7.90 -2.47 3.15
C VAL A 154 -9.27 -3.03 3.56
N THR A 155 -9.55 -3.05 4.87
CA THR A 155 -10.82 -3.49 5.46
C THR A 155 -11.28 -2.51 6.52
N TYR A 156 -12.60 -2.36 6.65
CA TYR A 156 -13.25 -1.52 7.67
C TYR A 156 -14.65 -2.03 8.05
N CYS A 157 -15.08 -1.75 9.28
CA CYS A 157 -16.40 -2.14 9.79
C CYS A 157 -17.20 -0.91 10.29
N PRO A 158 -18.31 -0.52 9.62
CA PRO A 158 -19.20 0.55 10.05
C PRO A 158 -20.20 0.05 11.13
N THR A 159 -21.00 0.98 11.68
CA THR A 159 -22.03 0.68 12.70
C THR A 159 -23.40 1.26 12.32
N GLU A 160 -23.44 2.51 11.88
CA GLU A 160 -24.66 3.16 11.38
C GLU A 160 -24.86 2.87 9.87
N PRO A 161 -26.10 2.70 9.38
CA PRO A 161 -26.37 2.61 7.94
C PRO A 161 -26.33 4.00 7.28
N GLY A 162 -26.17 4.01 5.95
CA GLY A 162 -26.10 5.23 5.13
C GLY A 162 -24.93 5.24 4.14
N ASN A 163 -24.59 6.42 3.62
CA ASN A 163 -23.45 6.62 2.71
C ASN A 163 -22.17 6.96 3.49
N TYR A 164 -21.13 6.13 3.33
CA TYR A 164 -19.75 6.44 3.74
C TYR A 164 -18.93 6.91 2.53
N ILE A 165 -18.02 7.87 2.77
CA ILE A 165 -17.09 8.43 1.78
C ILE A 165 -15.69 7.90 2.10
N ILE A 166 -14.96 7.42 1.10
CA ILE A 166 -13.56 6.96 1.24
C ILE A 166 -12.64 7.79 0.33
N ASN A 167 -11.62 8.39 0.93
CA ASN A 167 -10.60 9.20 0.28
C ASN A 167 -9.31 8.37 0.10
N ILE A 168 -8.76 8.32 -1.11
CA ILE A 168 -7.50 7.65 -1.44
C ILE A 168 -6.49 8.66 -2.02
N LYS A 169 -5.39 8.88 -1.30
CA LYS A 169 -4.31 9.81 -1.64
C LYS A 169 -2.95 9.09 -1.72
N PHE A 170 -2.16 9.36 -2.75
CA PHE A 170 -0.83 8.79 -2.98
C PHE A 170 0.19 9.91 -3.26
N ALA A 171 1.29 9.94 -2.49
CA ALA A 171 2.38 10.92 -2.61
C ALA A 171 1.89 12.40 -2.56
N ASP A 172 0.84 12.65 -1.77
CA ASP A 172 0.19 13.95 -1.52
C ASP A 172 -0.69 14.45 -2.69
N GLN A 173 -1.13 13.55 -3.58
CA GLN A 173 -2.13 13.80 -4.62
C GLN A 173 -3.29 12.78 -4.53
N HIS A 174 -4.53 13.25 -4.66
CA HIS A 174 -5.75 12.42 -4.66
C HIS A 174 -5.80 11.52 -5.93
N VAL A 175 -6.02 10.21 -5.79
CA VAL A 175 -5.98 9.27 -6.94
C VAL A 175 -7.26 9.36 -7.79
N PRO A 176 -7.25 9.00 -9.10
CA PRO A 176 -8.46 9.05 -9.94
C PRO A 176 -9.52 8.06 -9.45
N GLY A 177 -10.79 8.49 -9.51
CA GLY A 177 -11.95 7.78 -8.96
C GLY A 177 -12.27 8.16 -7.51
N SER A 178 -11.29 8.66 -6.75
CA SER A 178 -11.49 9.20 -5.39
C SER A 178 -12.10 10.61 -5.45
N PRO A 179 -12.99 11.00 -4.50
CA PRO A 179 -13.51 10.20 -3.39
C PRO A 179 -14.60 9.21 -3.84
N PHE A 180 -14.69 8.08 -3.16
CA PHE A 180 -15.65 7.00 -3.43
C PHE A 180 -16.82 7.04 -2.44
N SER A 181 -18.06 7.04 -2.92
CA SER A 181 -19.28 6.89 -2.10
C SER A 181 -19.67 5.40 -1.96
N VAL A 182 -20.01 4.97 -0.75
CA VAL A 182 -20.17 3.55 -0.36
C VAL A 182 -21.48 3.37 0.41
N LYS A 183 -22.45 2.67 -0.17
CA LYS A 183 -23.76 2.43 0.47
C LYS A 183 -23.68 1.31 1.51
N VAL A 184 -23.78 1.64 2.79
CA VAL A 184 -23.82 0.68 3.91
C VAL A 184 -25.28 0.42 4.28
N THR A 185 -25.73 -0.83 4.14
CA THR A 185 -27.08 -1.28 4.51
C THR A 185 -27.10 -1.91 5.89
N GLY A 186 -28.24 -1.84 6.59
CA GLY A 186 -28.39 -2.33 7.96
C GLY A 186 -29.61 -1.81 8.71
N GLU A 187 -29.53 -1.86 10.04
CA GLU A 187 -30.60 -1.54 11.00
C GLU A 187 -30.02 -1.37 12.43
N GLY A 188 -30.88 -1.07 13.41
CA GLY A 188 -30.49 -0.89 14.81
C GLY A 188 -30.09 -2.22 15.48
N ARG A 189 -28.96 -2.22 16.19
CA ARG A 189 -28.41 -3.40 16.88
C ARG A 189 -29.15 -3.71 18.19
N VAL A 190 -29.29 -4.99 18.54
CA VAL A 190 -29.93 -5.50 19.77
C VAL A 190 -29.03 -6.55 20.42
N LYS A 191 -28.98 -6.55 21.76
CA LYS A 191 -28.22 -7.49 22.61
C LYS A 191 -29.01 -7.87 23.87
N GLY A 1 -14.58 29.31 13.73
CA GLY A 1 -15.44 29.55 12.56
C GLY A 1 -16.42 28.40 12.34
N ALA A 2 -17.63 28.71 11.88
CA ALA A 2 -18.74 27.74 11.70
C ALA A 2 -18.60 26.85 10.44
N MET A 3 -17.65 27.15 9.55
CA MET A 3 -17.46 26.49 8.24
C MET A 3 -17.03 25.01 8.32
N GLY A 4 -16.45 24.59 9.45
CA GLY A 4 -16.02 23.21 9.70
C GLY A 4 -15.48 22.99 11.13
N ASP A 5 -15.49 21.73 11.58
CA ASP A 5 -15.09 21.33 12.95
C ASP A 5 -14.73 19.83 13.02
N ASP A 6 -13.88 19.45 13.96
CA ASP A 6 -13.37 18.08 14.17
C ASP A 6 -14.37 17.10 14.83
N SER A 7 -15.61 17.54 15.08
CA SER A 7 -16.71 16.70 15.60
C SER A 7 -17.11 15.53 14.68
N MET A 8 -16.80 15.61 13.37
CA MET A 8 -16.98 14.51 12.42
C MET A 8 -15.91 13.43 12.65
N ARG A 9 -16.35 12.22 13.03
CA ARG A 9 -15.47 11.08 13.35
C ARG A 9 -14.74 10.56 12.10
N MET A 10 -13.49 10.14 12.28
CA MET A 10 -12.64 9.56 11.24
C MET A 10 -11.70 8.48 11.79
N SER A 11 -11.26 7.59 10.90
CA SER A 11 -10.39 6.44 11.15
C SER A 11 -9.34 6.37 10.03
N HIS A 12 -8.09 5.96 10.30
CA HIS A 12 -6.99 6.10 9.34
C HIS A 12 -5.91 4.99 9.41
N LEU A 13 -5.17 4.81 8.31
CA LEU A 13 -4.21 3.74 8.07
C LEU A 13 -3.23 4.14 6.95
N LYS A 14 -1.94 3.78 7.09
CA LYS A 14 -0.90 3.99 6.06
C LYS A 14 -0.15 2.69 5.71
N VAL A 15 0.30 2.55 4.46
CA VAL A 15 1.01 1.37 3.93
C VAL A 15 2.24 1.82 3.12
N GLY A 16 3.38 1.17 3.34
CA GLY A 16 4.65 1.44 2.64
C GLY A 16 4.74 0.75 1.28
N SER A 17 3.76 1.00 0.42
CA SER A 17 3.57 0.35 -0.88
C SER A 17 4.73 0.59 -1.88
N ALA A 18 4.99 -0.40 -2.74
CA ALA A 18 6.10 -0.44 -3.71
C ALA A 18 5.93 -1.58 -4.73
N ALA A 19 6.56 -1.44 -5.89
CA ALA A 19 6.71 -2.51 -6.89
C ALA A 19 7.86 -3.46 -6.54
N ASP A 20 7.72 -4.73 -6.91
CA ASP A 20 8.71 -5.79 -6.68
C ASP A 20 9.68 -5.99 -7.87
N ILE A 21 10.91 -6.40 -7.57
CA ILE A 21 11.94 -6.79 -8.55
C ILE A 21 12.60 -8.11 -8.09
N PRO A 22 12.67 -9.17 -8.93
CA PRO A 22 13.33 -10.41 -8.58
C PRO A 22 14.86 -10.26 -8.64
N ILE A 23 15.58 -10.86 -7.68
CA ILE A 23 17.04 -10.69 -7.48
C ILE A 23 17.69 -12.05 -7.13
N ASN A 24 18.84 -12.34 -7.75
CA ASN A 24 19.73 -13.47 -7.47
C ASN A 24 19.00 -14.79 -7.15
N ILE A 25 18.35 -15.38 -8.16
CA ILE A 25 17.40 -16.49 -8.00
C ILE A 25 18.07 -17.74 -7.40
N SER A 26 17.59 -18.18 -6.24
CA SER A 26 18.12 -19.30 -5.44
C SER A 26 17.15 -19.62 -4.28
N GLU A 27 17.20 -20.84 -3.76
CA GLU A 27 16.35 -21.29 -2.64
C GLU A 27 17.01 -20.94 -1.29
N THR A 28 17.01 -19.65 -0.96
CA THR A 28 17.58 -19.06 0.27
C THR A 28 16.51 -18.82 1.34
N ASP A 29 16.94 -18.77 2.60
CA ASP A 29 16.09 -18.44 3.75
C ASP A 29 16.14 -16.92 4.04
N LEU A 30 14.98 -16.26 3.93
CA LEU A 30 14.84 -14.80 4.11
C LEU A 30 15.06 -14.36 5.57
N SER A 31 15.17 -15.29 6.51
CA SER A 31 15.55 -15.03 7.92
C SER A 31 17.05 -14.75 8.10
N LEU A 32 17.90 -15.13 7.14
CA LEU A 32 19.37 -14.96 7.16
C LEU A 32 19.95 -14.33 5.87
N LEU A 33 19.07 -13.92 4.95
CA LEU A 33 19.35 -13.14 3.74
C LEU A 33 18.74 -11.75 3.94
N THR A 34 19.55 -10.68 3.77
CA THR A 34 19.14 -9.27 3.94
C THR A 34 19.59 -8.45 2.73
N ALA A 35 18.82 -7.41 2.39
CA ALA A 35 19.08 -6.56 1.22
C ALA A 35 18.86 -5.06 1.50
N THR A 36 19.60 -4.21 0.78
CA THR A 36 19.59 -2.75 0.88
C THR A 36 19.72 -2.13 -0.51
N VAL A 37 19.32 -0.88 -0.66
CA VAL A 37 19.55 -0.06 -1.87
C VAL A 37 20.48 1.11 -1.52
N VAL A 38 21.46 1.35 -2.39
CA VAL A 38 22.30 2.55 -2.41
C VAL A 38 21.90 3.41 -3.63
N PRO A 39 21.34 4.61 -3.45
CA PRO A 39 20.97 5.53 -4.52
C PRO A 39 22.20 6.30 -5.05
N PRO A 40 22.07 7.08 -6.14
CA PRO A 40 23.13 7.96 -6.66
C PRO A 40 23.73 8.93 -5.64
N SER A 41 22.96 9.35 -4.62
CA SER A 41 23.39 10.24 -3.54
C SER A 41 24.09 9.53 -2.37
N GLY A 42 24.15 8.19 -2.38
CA GLY A 42 24.81 7.36 -1.34
C GLY A 42 23.97 7.14 -0.08
N ARG A 43 22.73 7.63 -0.04
CA ARG A 43 21.79 7.53 1.08
C ARG A 43 21.21 6.10 1.23
N GLU A 44 22.00 5.18 1.80
CA GLU A 44 21.65 3.76 1.92
C GLU A 44 20.38 3.55 2.75
N GLU A 45 19.46 2.71 2.25
CA GLU A 45 18.21 2.31 2.92
C GLU A 45 17.92 0.81 2.71
N PRO A 46 17.25 0.13 3.66
CA PRO A 46 16.94 -1.29 3.57
C PRO A 46 15.77 -1.57 2.62
N CYS A 47 15.77 -2.78 2.04
CA CYS A 47 14.67 -3.31 1.23
C CYS A 47 13.67 -4.11 2.08
N LEU A 48 12.43 -4.20 1.60
CA LEU A 48 11.53 -5.32 1.91
C LEU A 48 11.95 -6.52 1.03
N LEU A 49 11.92 -7.73 1.59
CA LEU A 49 12.14 -8.99 0.87
C LEU A 49 10.82 -9.76 0.74
N LYS A 50 10.63 -10.41 -0.41
CA LYS A 50 9.43 -11.19 -0.75
C LYS A 50 9.77 -12.52 -1.43
N ARG A 51 9.05 -13.58 -1.04
CA ARG A 51 8.78 -14.73 -1.91
C ARG A 51 7.63 -14.35 -2.86
N LEU A 52 7.86 -14.45 -4.17
CA LEU A 52 6.95 -14.01 -5.22
C LEU A 52 6.08 -15.18 -5.74
N ARG A 53 5.00 -14.85 -6.45
CA ARG A 53 3.93 -15.80 -6.86
C ARG A 53 4.37 -16.94 -7.80
N ASN A 54 5.51 -16.82 -8.50
CA ASN A 54 6.08 -17.89 -9.34
C ASN A 54 7.09 -18.79 -8.58
N GLY A 55 7.30 -18.56 -7.26
CA GLY A 55 8.19 -19.33 -6.38
C GLY A 55 9.59 -18.74 -6.24
N HIS A 56 9.94 -17.73 -7.05
CA HIS A 56 11.21 -16.99 -7.00
C HIS A 56 11.24 -15.89 -5.91
N VAL A 57 12.41 -15.30 -5.66
CA VAL A 57 12.67 -14.32 -4.58
C VAL A 57 13.01 -12.95 -5.16
N GLY A 58 12.53 -11.87 -4.52
CA GLY A 58 12.78 -10.49 -4.93
C GLY A 58 12.80 -9.47 -3.79
N ILE A 59 13.16 -8.22 -4.15
CA ILE A 59 13.16 -7.04 -3.28
C ILE A 59 12.01 -6.09 -3.64
N SER A 60 11.60 -5.25 -2.70
CA SER A 60 10.75 -4.06 -2.91
C SER A 60 11.29 -2.87 -2.08
N PHE A 61 11.15 -1.65 -2.59
CA PHE A 61 11.63 -0.41 -1.96
C PHE A 61 11.01 0.84 -2.63
N VAL A 62 11.21 2.04 -2.07
CA VAL A 62 10.82 3.32 -2.68
C VAL A 62 12.08 4.20 -2.89
N PRO A 63 12.40 4.61 -4.13
CA PRO A 63 13.51 5.51 -4.42
C PRO A 63 13.14 6.97 -4.12
N LYS A 64 14.09 7.75 -3.61
CA LYS A 64 13.93 9.18 -3.36
C LYS A 64 14.21 10.04 -4.62
N GLU A 65 14.95 9.50 -5.58
CA GLU A 65 15.52 10.19 -6.75
C GLU A 65 15.46 9.29 -7.99
N THR A 66 15.80 9.84 -9.17
CA THR A 66 15.98 9.11 -10.43
C THR A 66 17.43 8.68 -10.63
N GLY A 67 17.68 7.82 -11.63
CA GLY A 67 19.01 7.32 -12.02
C GLY A 67 19.31 5.91 -11.54
N GLU A 68 20.55 5.46 -11.76
CA GLU A 68 21.00 4.11 -11.42
C GLU A 68 21.15 3.93 -9.90
N HIS A 69 20.26 3.14 -9.31
CA HIS A 69 20.33 2.66 -7.94
C HIS A 69 20.97 1.26 -7.91
N LEU A 70 21.82 0.99 -6.92
CA LEU A 70 22.49 -0.30 -6.72
C LEU A 70 21.78 -1.06 -5.59
N VAL A 71 21.29 -2.28 -5.89
CA VAL A 71 20.79 -3.23 -4.89
C VAL A 71 21.98 -4.05 -4.38
N HIS A 72 22.26 -3.95 -3.09
CA HIS A 72 23.21 -4.80 -2.37
C HIS A 72 22.47 -5.90 -1.57
N VAL A 73 23.07 -7.06 -1.37
CA VAL A 73 22.37 -8.24 -0.80
C VAL A 73 23.37 -9.26 -0.25
N LYS A 74 23.13 -9.63 1.04
CA LYS A 74 24.05 -10.31 1.94
C LYS A 74 23.41 -11.55 2.57
N LYS A 75 24.09 -12.69 2.50
CA LYS A 75 23.71 -13.94 3.18
C LYS A 75 24.71 -14.24 4.31
N ASN A 76 24.21 -14.58 5.51
CA ASN A 76 25.01 -14.85 6.71
C ASN A 76 25.90 -13.64 7.08
N GLY A 77 27.19 -13.64 6.66
CA GLY A 77 28.16 -12.57 6.89
C GLY A 77 28.80 -11.98 5.63
N GLN A 78 28.31 -12.29 4.41
CA GLN A 78 28.96 -11.88 3.16
C GLN A 78 27.96 -11.57 2.02
N HIS A 79 28.34 -10.66 1.13
CA HIS A 79 27.62 -10.39 -0.12
C HIS A 79 27.75 -11.55 -1.14
N VAL A 80 26.79 -11.65 -2.07
CA VAL A 80 26.74 -12.73 -3.09
C VAL A 80 27.61 -12.40 -4.31
N ALA A 81 27.93 -13.41 -5.14
CA ALA A 81 28.76 -13.25 -6.34
C ALA A 81 28.13 -12.32 -7.40
N SER A 82 26.80 -12.22 -7.42
CA SER A 82 26.04 -11.43 -8.40
C SER A 82 25.85 -9.95 -8.01
N SER A 83 26.10 -9.56 -6.76
CA SER A 83 25.84 -8.20 -6.24
C SER A 83 27.08 -7.27 -6.33
N PRO A 84 26.89 -5.94 -6.42
CA PRO A 84 25.61 -5.23 -6.48
C PRO A 84 24.91 -5.37 -7.84
N ILE A 85 23.58 -5.32 -7.82
CA ILE A 85 22.72 -5.37 -9.00
C ILE A 85 22.25 -3.93 -9.32
N PRO A 86 22.52 -3.38 -10.53
CA PRO A 86 22.05 -2.06 -10.91
C PRO A 86 20.59 -2.10 -11.36
N VAL A 87 19.80 -1.10 -10.94
CA VAL A 87 18.42 -0.86 -11.36
C VAL A 87 18.27 0.63 -11.67
N VAL A 88 17.85 0.98 -12.89
CA VAL A 88 17.71 2.39 -13.33
C VAL A 88 16.26 2.86 -13.12
N ILE A 89 16.10 3.93 -12.34
CA ILE A 89 14.80 4.52 -11.99
C ILE A 89 14.57 5.78 -12.87
N SER A 90 13.35 5.95 -13.39
CA SER A 90 12.90 7.17 -14.06
C SER A 90 11.66 7.76 -13.39
N GLN A 91 11.35 9.04 -13.64
CA GLN A 91 10.32 9.80 -12.94
C GLN A 91 8.90 9.20 -13.10
N SER A 92 8.63 8.49 -14.19
CA SER A 92 7.36 7.80 -14.44
C SER A 92 7.11 6.61 -13.50
N GLU A 93 8.13 6.13 -12.79
CA GLU A 93 8.02 5.10 -11.75
C GLU A 93 7.77 5.69 -10.34
N ILE A 94 7.87 7.01 -10.16
CA ILE A 94 7.85 7.66 -8.84
C ILE A 94 6.55 8.48 -8.66
N GLY A 95 5.67 8.00 -7.78
CA GLY A 95 4.67 8.84 -7.10
C GLY A 95 3.49 9.33 -7.95
N ASP A 96 3.28 8.81 -9.17
CA ASP A 96 2.17 9.20 -10.04
C ASP A 96 0.84 8.59 -9.55
N ALA A 97 0.12 9.33 -8.70
CA ALA A 97 -1.21 8.96 -8.20
C ALA A 97 -2.22 8.71 -9.33
N SER A 98 -2.11 9.44 -10.44
CA SER A 98 -2.91 9.31 -11.66
C SER A 98 -2.93 7.88 -12.24
N ARG A 99 -1.89 7.09 -11.98
CA ARG A 99 -1.75 5.69 -12.42
C ARG A 99 -2.37 4.67 -11.45
N VAL A 100 -2.74 5.05 -10.23
CA VAL A 100 -3.29 4.13 -9.21
C VAL A 100 -4.73 3.75 -9.55
N ARG A 101 -5.04 2.45 -9.44
CA ARG A 101 -6.37 1.88 -9.66
C ARG A 101 -6.91 1.25 -8.36
N VAL A 102 -8.23 1.08 -8.27
CA VAL A 102 -8.94 0.47 -7.13
C VAL A 102 -10.19 -0.29 -7.60
N SER A 103 -10.69 -1.22 -6.80
CA SER A 103 -11.86 -2.06 -7.13
C SER A 103 -12.51 -2.66 -5.86
N GLY A 104 -13.72 -3.24 -5.99
CA GLY A 104 -14.46 -3.89 -4.91
C GLY A 104 -15.65 -3.08 -4.38
N GLN A 105 -16.58 -3.79 -3.73
CA GLN A 105 -17.91 -3.29 -3.36
C GLN A 105 -17.89 -2.23 -2.23
N GLY A 106 -16.87 -2.26 -1.37
CA GLY A 106 -16.73 -1.35 -0.21
C GLY A 106 -16.42 0.10 -0.56
N LEU A 107 -16.21 0.41 -1.84
CA LEU A 107 -16.13 1.78 -2.38
C LEU A 107 -17.50 2.32 -2.85
N HIS A 108 -18.57 1.51 -2.76
CA HIS A 108 -19.92 1.84 -3.25
C HIS A 108 -21.03 1.61 -2.21
N GLU A 109 -20.94 0.55 -1.39
CA GLU A 109 -21.95 0.20 -0.38
C GLU A 109 -21.38 -0.67 0.76
N GLY A 110 -22.10 -0.72 1.89
CA GLY A 110 -21.75 -1.51 3.09
C GLY A 110 -22.94 -1.87 3.97
N HIS A 111 -22.66 -2.49 5.12
CA HIS A 111 -23.65 -2.99 6.08
C HIS A 111 -23.23 -2.71 7.54
N THR A 112 -24.19 -2.43 8.43
CA THR A 112 -23.94 -2.19 9.87
C THR A 112 -23.53 -3.44 10.66
N PHE A 113 -23.81 -4.64 10.12
CA PHE A 113 -23.63 -5.91 10.81
C PHE A 113 -22.58 -6.85 10.17
N GLU A 114 -21.97 -6.46 9.04
CA GLU A 114 -20.96 -7.22 8.31
C GLU A 114 -19.90 -6.26 7.71
N PRO A 115 -18.61 -6.66 7.64
CA PRO A 115 -17.56 -5.82 7.09
C PRO A 115 -17.66 -5.69 5.57
N ALA A 116 -17.21 -4.55 5.06
CA ALA A 116 -17.02 -4.27 3.63
C ALA A 116 -15.55 -4.46 3.22
N GLU A 117 -15.30 -4.78 1.94
CA GLU A 117 -13.95 -4.96 1.39
C GLU A 117 -13.75 -4.24 0.05
N PHE A 118 -12.51 -3.84 -0.21
CA PHE A 118 -12.05 -3.25 -1.47
C PHE A 118 -10.54 -3.43 -1.63
N ILE A 119 -10.08 -3.53 -2.88
CA ILE A 119 -8.69 -3.79 -3.27
C ILE A 119 -8.11 -2.51 -3.91
N ILE A 120 -6.84 -2.23 -3.60
CA ILE A 120 -6.03 -1.16 -4.18
C ILE A 120 -4.91 -1.78 -5.04
N ASP A 121 -4.69 -1.22 -6.22
CA ASP A 121 -3.70 -1.65 -7.20
C ASP A 121 -2.77 -0.49 -7.59
N THR A 122 -1.59 -0.46 -6.96
CA THR A 122 -0.50 0.50 -7.19
C THR A 122 0.54 -0.01 -8.18
N ARG A 123 0.38 -1.21 -8.75
CA ARG A 123 1.40 -1.88 -9.59
C ARG A 123 1.76 -1.08 -10.85
N ASP A 124 0.79 -0.38 -11.44
CA ASP A 124 0.98 0.51 -12.60
C ASP A 124 1.55 1.90 -12.21
N ALA A 125 1.46 2.29 -10.94
CA ALA A 125 1.99 3.54 -10.39
C ALA A 125 3.45 3.44 -9.91
N GLY A 126 3.98 2.22 -9.74
CA GLY A 126 5.37 1.97 -9.36
C GLY A 126 5.57 2.12 -7.85
N TYR A 127 6.34 3.14 -7.45
CA TYR A 127 6.78 3.37 -6.07
C TYR A 127 6.06 4.56 -5.41
N GLY A 128 5.79 4.44 -4.11
CA GLY A 128 5.17 5.49 -3.29
C GLY A 128 4.21 4.94 -2.23
N GLY A 129 4.17 5.57 -1.06
CA GLY A 129 3.33 5.13 0.07
C GLY A 129 1.85 5.45 -0.15
N LEU A 130 0.97 4.54 0.29
CA LEU A 130 -0.49 4.68 0.28
C LEU A 130 -0.94 5.15 1.67
N SER A 131 -1.72 6.23 1.73
CA SER A 131 -2.36 6.78 2.93
C SER A 131 -3.88 6.79 2.75
N LEU A 132 -4.62 6.37 3.79
CA LEU A 132 -6.06 6.06 3.70
C LEU A 132 -6.80 6.56 4.94
N SER A 133 -7.96 7.19 4.73
CA SER A 133 -8.83 7.67 5.81
C SER A 133 -10.31 7.41 5.50
N ILE A 134 -11.05 6.83 6.45
CA ILE A 134 -12.51 6.61 6.38
C ILE A 134 -13.19 7.54 7.39
N GLU A 135 -14.29 8.18 7.01
CA GLU A 135 -15.01 9.15 7.84
C GLU A 135 -16.52 9.10 7.59
N GLY A 136 -17.32 9.54 8.57
CA GLY A 136 -18.79 9.46 8.50
C GLY A 136 -19.49 9.56 9.86
N PRO A 137 -20.63 8.87 10.06
CA PRO A 137 -21.48 9.01 11.25
C PRO A 137 -20.87 8.44 12.54
N SER A 138 -19.80 7.62 12.46
CA SER A 138 -19.07 7.10 13.63
C SER A 138 -17.66 6.60 13.22
N LYS A 139 -16.81 6.26 14.21
CA LYS A 139 -15.48 5.67 13.99
C LYS A 139 -15.60 4.19 13.53
N VAL A 140 -14.59 3.67 12.83
CA VAL A 140 -14.48 2.26 12.39
C VAL A 140 -13.11 1.68 12.73
N ASP A 141 -12.99 0.35 12.71
CA ASP A 141 -11.70 -0.35 12.67
C ASP A 141 -11.28 -0.61 11.20
N ILE A 142 -10.03 -0.29 10.85
CA ILE A 142 -9.47 -0.51 9.51
C ILE A 142 -8.40 -1.60 9.59
N ASN A 143 -8.48 -2.55 8.66
CA ASN A 143 -7.58 -3.70 8.52
C ASN A 143 -7.09 -3.80 7.06
N THR A 144 -5.93 -4.42 6.82
CA THR A 144 -5.31 -4.59 5.49
C THR A 144 -4.64 -5.95 5.33
N GLU A 145 -4.44 -6.33 4.07
CA GLU A 145 -3.85 -7.59 3.65
C GLU A 145 -3.17 -7.42 2.29
N ASP A 146 -1.83 -7.41 2.28
CA ASP A 146 -1.00 -7.35 1.07
C ASP A 146 -0.91 -8.73 0.40
N LEU A 147 -1.17 -8.78 -0.92
CA LEU A 147 -1.40 -10.02 -1.68
C LEU A 147 -0.22 -10.38 -2.58
N GLU A 148 -0.10 -11.67 -2.92
CA GLU A 148 0.97 -12.21 -3.78
C GLU A 148 0.86 -11.75 -5.24
N ASP A 149 -0.31 -11.26 -5.66
CA ASP A 149 -0.55 -10.60 -6.96
C ASP A 149 0.06 -9.19 -7.05
N GLY A 150 0.53 -8.63 -5.94
CA GLY A 150 1.13 -7.28 -5.83
C GLY A 150 0.12 -6.17 -5.46
N THR A 151 -1.16 -6.51 -5.33
CA THR A 151 -2.26 -5.63 -4.86
C THR A 151 -2.42 -5.73 -3.34
N CYS A 152 -3.31 -4.91 -2.77
CA CYS A 152 -3.64 -4.94 -1.34
C CYS A 152 -5.14 -4.84 -1.09
N ARG A 153 -5.70 -5.75 -0.29
CA ARG A 153 -7.06 -5.68 0.23
C ARG A 153 -7.10 -4.76 1.45
N VAL A 154 -8.15 -3.92 1.53
CA VAL A 154 -8.54 -3.12 2.70
C VAL A 154 -9.93 -3.59 3.16
N THR A 155 -10.14 -3.71 4.47
CA THR A 155 -11.40 -4.15 5.10
C THR A 155 -11.74 -3.29 6.31
N TYR A 156 -13.03 -3.04 6.51
CA TYR A 156 -13.57 -2.25 7.63
C TYR A 156 -15.03 -2.58 7.93
N CYS A 157 -15.46 -2.41 9.19
CA CYS A 157 -16.85 -2.62 9.61
C CYS A 157 -17.48 -1.31 10.14
N PRO A 158 -18.44 -0.69 9.41
CA PRO A 158 -19.21 0.44 9.91
C PRO A 158 -20.30 -0.05 10.88
N THR A 159 -20.70 0.82 11.81
CA THR A 159 -21.66 0.48 12.90
C THR A 159 -22.98 1.23 12.74
N GLU A 160 -22.96 2.50 12.32
CA GLU A 160 -24.15 3.32 12.07
C GLU A 160 -24.53 3.28 10.58
N PRO A 161 -25.83 3.39 10.23
CA PRO A 161 -26.27 3.51 8.84
C PRO A 161 -26.03 4.94 8.32
N GLY A 162 -26.01 5.10 6.98
CA GLY A 162 -25.80 6.38 6.29
C GLY A 162 -24.64 6.36 5.30
N ASN A 163 -24.13 7.54 4.95
CA ASN A 163 -23.02 7.69 4.01
C ASN A 163 -21.66 7.82 4.72
N TYR A 164 -20.74 6.90 4.44
CA TYR A 164 -19.31 7.01 4.77
C TYR A 164 -18.50 7.49 3.56
N ILE A 165 -17.46 8.28 3.80
CA ILE A 165 -16.49 8.74 2.79
C ILE A 165 -15.17 7.98 3.01
N ILE A 166 -14.54 7.52 1.92
CA ILE A 166 -13.22 6.89 1.92
C ILE A 166 -12.27 7.73 1.06
N ASN A 167 -11.13 8.12 1.63
CA ASN A 167 -10.05 8.88 1.00
C ASN A 167 -8.88 7.95 0.63
N ILE A 168 -8.39 8.04 -0.61
CA ILE A 168 -7.22 7.28 -1.09
C ILE A 168 -6.15 8.26 -1.63
N LYS A 169 -5.00 8.29 -0.95
CA LYS A 169 -3.85 9.15 -1.25
C LYS A 169 -2.60 8.31 -1.56
N PHE A 170 -1.87 8.63 -2.63
CA PHE A 170 -0.62 7.98 -3.03
C PHE A 170 0.49 9.02 -3.19
N ALA A 171 1.60 8.82 -2.49
CA ALA A 171 2.82 9.63 -2.59
C ALA A 171 2.60 11.15 -2.42
N ASP A 172 1.66 11.52 -1.52
CA ASP A 172 1.22 12.86 -1.09
C ASP A 172 -0.04 13.38 -1.83
N GLN A 173 -0.46 12.72 -2.92
CA GLN A 173 -1.54 13.19 -3.80
C GLN A 173 -2.79 12.29 -3.73
N HIS A 174 -3.98 12.90 -3.63
CA HIS A 174 -5.27 12.22 -3.69
C HIS A 174 -5.49 11.55 -5.08
N VAL A 175 -5.85 10.26 -5.14
CA VAL A 175 -5.97 9.53 -6.44
C VAL A 175 -7.23 9.97 -7.21
N PRO A 176 -7.29 9.83 -8.56
CA PRO A 176 -8.34 10.40 -9.41
C PRO A 176 -9.78 10.04 -9.02
N GLY A 177 -10.03 8.82 -8.54
CA GLY A 177 -11.38 8.37 -8.15
C GLY A 177 -11.80 8.77 -6.73
N SER A 178 -10.86 9.23 -5.91
CA SER A 178 -11.08 9.65 -4.52
C SER A 178 -11.59 11.10 -4.45
N PRO A 179 -12.46 11.46 -3.48
CA PRO A 179 -13.04 10.61 -2.44
C PRO A 179 -14.19 9.74 -2.98
N PHE A 180 -14.40 8.59 -2.33
CA PHE A 180 -15.48 7.64 -2.62
C PHE A 180 -16.57 7.75 -1.54
N SER A 181 -17.83 7.95 -1.93
CA SER A 181 -19.01 7.88 -1.05
C SER A 181 -19.60 6.46 -1.02
N VAL A 182 -19.97 5.98 0.18
CA VAL A 182 -20.31 4.57 0.45
C VAL A 182 -21.61 4.51 1.27
N LYS A 183 -22.68 4.00 0.66
CA LYS A 183 -24.00 3.87 1.30
C LYS A 183 -24.07 2.63 2.21
N VAL A 184 -24.06 2.82 3.53
CA VAL A 184 -24.18 1.75 4.54
C VAL A 184 -25.65 1.61 4.94
N THR A 185 -26.21 0.40 4.74
CA THR A 185 -27.57 0.03 5.17
C THR A 185 -27.54 -0.72 6.49
N GLY A 186 -28.64 -0.66 7.25
CA GLY A 186 -28.72 -1.25 8.59
C GLY A 186 -30.11 -1.27 9.23
N GLU A 187 -30.12 -1.62 10.52
CA GLU A 187 -31.27 -1.78 11.45
C GLU A 187 -31.77 -3.24 11.45
N GLY A 188 -32.08 -3.78 12.64
CA GLY A 188 -32.51 -5.16 12.84
C GLY A 188 -31.33 -6.12 13.03
N ARG A 189 -30.58 -5.93 14.12
CA ARG A 189 -29.37 -6.71 14.45
C ARG A 189 -29.66 -8.21 14.69
N VAL A 190 -28.62 -9.04 14.52
CA VAL A 190 -28.64 -10.47 14.88
C VAL A 190 -28.72 -10.67 16.40
N LYS A 191 -29.32 -11.78 16.84
CA LYS A 191 -29.49 -12.16 18.25
C LYS A 191 -28.18 -12.63 18.89
N GLY A 1 -12.76 22.36 23.68
CA GLY A 1 -12.67 23.29 22.53
C GLY A 1 -13.96 24.08 22.36
N ALA A 2 -14.33 24.40 21.12
CA ALA A 2 -15.57 25.13 20.77
C ALA A 2 -16.84 24.27 20.93
N MET A 3 -18.00 24.92 20.91
CA MET A 3 -19.33 24.29 20.96
C MET A 3 -19.74 23.57 19.65
N GLY A 4 -19.02 23.85 18.55
CA GLY A 4 -19.20 23.22 17.24
C GLY A 4 -18.41 21.91 17.13
N ASP A 5 -17.29 21.95 16.39
CA ASP A 5 -16.29 20.87 16.18
C ASP A 5 -16.72 19.80 15.16
N ASP A 6 -17.99 19.83 14.72
CA ASP A 6 -18.64 19.02 13.68
C ASP A 6 -19.03 17.61 14.15
N SER A 7 -20.15 17.08 13.62
CA SER A 7 -20.65 15.73 13.92
C SER A 7 -19.92 14.61 13.17
N MET A 8 -19.07 14.96 12.19
CA MET A 8 -18.33 14.01 11.36
C MET A 8 -17.21 13.31 12.16
N ARG A 9 -17.26 11.98 12.22
CA ARG A 9 -16.18 11.13 12.78
C ARG A 9 -15.15 10.79 11.69
N MET A 10 -13.90 10.55 12.12
CA MET A 10 -12.77 10.15 11.25
C MET A 10 -12.17 8.82 11.71
N SER A 11 -11.82 7.98 10.74
CA SER A 11 -11.06 6.73 10.90
C SER A 11 -9.90 6.71 9.89
N HIS A 12 -8.72 6.21 10.26
CA HIS A 12 -7.48 6.40 9.47
C HIS A 12 -6.57 5.16 9.40
N LEU A 13 -5.80 5.02 8.31
CA LEU A 13 -4.87 3.92 8.04
C LEU A 13 -3.74 4.41 7.11
N LYS A 14 -2.49 4.00 7.34
CA LYS A 14 -1.34 4.27 6.47
C LYS A 14 -0.52 2.98 6.22
N VAL A 15 0.04 2.83 5.01
CA VAL A 15 0.86 1.65 4.63
C VAL A 15 1.83 1.99 3.49
N GLY A 16 3.05 1.44 3.54
CA GLY A 16 4.08 1.64 2.50
C GLY A 16 3.80 0.81 1.25
N SER A 17 4.25 1.30 0.09
CA SER A 17 3.92 0.72 -1.22
C SER A 17 5.17 0.54 -2.10
N ALA A 18 5.39 -0.66 -2.63
CA ALA A 18 6.57 -1.00 -3.43
C ALA A 18 6.34 -2.22 -4.33
N ALA A 19 6.99 -2.21 -5.50
CA ALA A 19 7.09 -3.37 -6.38
C ALA A 19 8.21 -4.32 -5.92
N ASP A 20 7.96 -5.63 -5.97
CA ASP A 20 8.95 -6.67 -5.65
C ASP A 20 9.88 -6.95 -6.84
N ILE A 21 11.15 -7.23 -6.55
CA ILE A 21 12.17 -7.60 -7.55
C ILE A 21 12.88 -8.90 -7.09
N PRO A 22 12.93 -9.96 -7.91
CA PRO A 22 13.61 -11.20 -7.56
C PRO A 22 15.13 -11.05 -7.65
N ILE A 23 15.85 -11.66 -6.70
CA ILE A 23 17.31 -11.56 -6.51
C ILE A 23 17.87 -12.96 -6.19
N ASN A 24 19.03 -13.31 -6.75
CA ASN A 24 19.74 -14.59 -6.48
C ASN A 24 18.87 -15.84 -6.77
N ILE A 25 18.20 -15.84 -7.93
CA ILE A 25 17.09 -16.75 -8.30
C ILE A 25 17.45 -18.25 -8.22
N SER A 26 18.72 -18.59 -8.43
CA SER A 26 19.20 -19.98 -8.49
C SER A 26 19.08 -20.78 -7.18
N GLU A 27 18.92 -20.10 -6.02
CA GLU A 27 18.84 -20.72 -4.68
C GLU A 27 17.84 -19.96 -3.77
N THR A 28 17.39 -20.64 -2.70
CA THR A 28 16.49 -20.07 -1.67
C THR A 28 17.15 -20.15 -0.30
N ASP A 29 17.30 -19.00 0.35
CA ASP A 29 17.75 -18.86 1.74
C ASP A 29 17.31 -17.49 2.30
N LEU A 30 16.66 -17.51 3.47
CA LEU A 30 16.10 -16.33 4.16
C LEU A 30 16.77 -16.08 5.52
N SER A 31 17.69 -16.96 5.95
CA SER A 31 18.23 -16.98 7.32
C SER A 31 19.54 -16.20 7.48
N LEU A 32 20.35 -16.12 6.40
CA LEU A 32 21.66 -15.43 6.37
C LEU A 32 21.72 -14.24 5.40
N LEU A 33 20.62 -13.89 4.71
CA LEU A 33 20.59 -12.83 3.70
C LEU A 33 20.21 -11.48 4.32
N THR A 34 20.92 -10.41 3.91
CA THR A 34 20.62 -9.00 4.23
C THR A 34 20.89 -8.13 3.02
N ALA A 35 20.04 -7.13 2.76
CA ALA A 35 20.09 -6.30 1.54
C ALA A 35 19.82 -4.81 1.80
N THR A 36 20.44 -3.96 0.97
CA THR A 36 20.32 -2.49 0.98
C THR A 36 20.20 -1.98 -0.46
N VAL A 37 19.75 -0.74 -0.64
CA VAL A 37 19.80 0.01 -1.89
C VAL A 37 20.65 1.27 -1.72
N VAL A 38 21.50 1.53 -2.72
CA VAL A 38 22.21 2.80 -2.91
C VAL A 38 21.55 3.56 -4.08
N PRO A 39 20.91 4.72 -3.82
CA PRO A 39 20.26 5.54 -4.85
C PRO A 39 21.28 6.44 -5.58
N PRO A 40 20.87 7.15 -6.65
CA PRO A 40 21.66 8.18 -7.32
C PRO A 40 22.18 9.29 -6.40
N SER A 41 21.48 9.60 -5.29
CA SER A 41 21.90 10.59 -4.28
C SER A 41 22.93 10.05 -3.26
N GLY A 42 23.20 8.74 -3.27
CA GLY A 42 24.14 8.07 -2.35
C GLY A 42 23.57 7.76 -0.96
N ARG A 43 22.31 8.13 -0.69
CA ARG A 43 21.62 7.95 0.60
C ARG A 43 21.18 6.49 0.80
N GLU A 44 22.11 5.64 1.27
CA GLU A 44 21.90 4.20 1.46
C GLU A 44 20.75 3.89 2.45
N GLU A 45 19.89 2.93 2.10
CA GLU A 45 18.76 2.46 2.92
C GLU A 45 18.61 0.92 2.83
N PRO A 46 18.08 0.25 3.88
CA PRO A 46 17.83 -1.18 3.88
C PRO A 46 16.61 -1.56 3.03
N CYS A 47 16.63 -2.79 2.51
CA CYS A 47 15.52 -3.40 1.75
C CYS A 47 14.66 -4.32 2.63
N LEU A 48 13.40 -4.50 2.25
CA LEU A 48 12.50 -5.53 2.79
C LEU A 48 12.69 -6.82 1.96
N LEU A 49 13.17 -7.90 2.58
CA LEU A 49 13.38 -9.20 1.95
C LEU A 49 12.11 -10.07 1.98
N LYS A 50 11.80 -10.71 0.86
CA LYS A 50 10.58 -11.49 0.63
C LYS A 50 10.87 -12.88 0.01
N ARG A 51 10.04 -13.87 0.35
CA ARG A 51 9.88 -15.11 -0.42
C ARG A 51 8.71 -14.91 -1.40
N LEU A 52 8.98 -14.94 -2.71
CA LEU A 52 8.01 -14.56 -3.74
C LEU A 52 7.16 -15.75 -4.22
N ARG A 53 6.14 -15.46 -5.04
CA ARG A 53 5.12 -16.41 -5.50
C ARG A 53 5.68 -17.60 -6.30
N ASN A 54 6.76 -17.38 -7.07
CA ASN A 54 7.43 -18.41 -7.88
C ASN A 54 8.39 -19.32 -7.08
N GLY A 55 8.71 -18.94 -5.82
CA GLY A 55 9.61 -19.69 -4.91
C GLY A 55 11.00 -19.09 -4.77
N HIS A 56 11.40 -18.17 -5.66
CA HIS A 56 12.64 -17.40 -5.55
C HIS A 56 12.57 -16.30 -4.45
N VAL A 57 13.74 -15.84 -4.00
CA VAL A 57 13.89 -14.74 -3.03
C VAL A 57 13.87 -13.39 -3.79
N GLY A 58 13.40 -12.31 -3.15
CA GLY A 58 13.40 -10.97 -3.70
C GLY A 58 13.48 -9.84 -2.67
N ILE A 59 13.59 -8.61 -3.17
CA ILE A 59 13.65 -7.36 -2.39
C ILE A 59 12.50 -6.41 -2.72
N SER A 60 12.26 -5.44 -1.84
CA SER A 60 11.41 -4.27 -2.05
C SER A 60 12.01 -3.04 -1.32
N PHE A 61 11.77 -1.83 -1.87
CA PHE A 61 12.30 -0.54 -1.39
C PHE A 61 11.50 0.63 -1.98
N VAL A 62 11.82 1.88 -1.64
CA VAL A 62 11.22 3.10 -2.23
C VAL A 62 12.33 4.08 -2.66
N PRO A 63 12.39 4.50 -3.95
CA PRO A 63 13.42 5.39 -4.49
C PRO A 63 13.13 6.86 -4.13
N LYS A 64 14.20 7.65 -3.97
CA LYS A 64 14.14 9.10 -3.69
C LYS A 64 14.52 9.98 -4.90
N GLU A 65 15.05 9.39 -5.98
CA GLU A 65 15.51 10.04 -7.21
C GLU A 65 15.10 9.22 -8.45
N THR A 66 15.31 9.77 -9.65
CA THR A 66 15.23 9.03 -10.93
C THR A 66 16.61 8.58 -11.38
N GLY A 67 16.66 7.51 -12.17
CA GLY A 67 17.90 6.89 -12.69
C GLY A 67 18.28 5.59 -11.99
N GLU A 68 19.53 5.16 -12.21
CA GLU A 68 20.04 3.86 -11.76
C GLU A 68 20.27 3.80 -10.24
N HIS A 69 19.49 2.97 -9.57
CA HIS A 69 19.71 2.52 -8.20
C HIS A 69 20.44 1.17 -8.22
N LEU A 70 21.35 0.95 -7.26
CA LEU A 70 22.06 -0.32 -7.08
C LEU A 70 21.51 -1.01 -5.83
N VAL A 71 21.02 -2.25 -5.97
CA VAL A 71 20.72 -3.16 -4.86
C VAL A 71 22.04 -3.86 -4.49
N HIS A 72 22.49 -3.72 -3.24
CA HIS A 72 23.60 -4.48 -2.68
C HIS A 72 23.06 -5.58 -1.73
N VAL A 73 23.63 -6.79 -1.77
CA VAL A 73 23.13 -7.94 -0.99
C VAL A 73 24.25 -8.87 -0.53
N LYS A 74 24.17 -9.25 0.75
CA LYS A 74 25.16 -10.02 1.50
C LYS A 74 24.57 -11.36 1.99
N LYS A 75 25.39 -12.41 1.91
CA LYS A 75 25.19 -13.76 2.44
C LYS A 75 26.15 -13.96 3.63
N ASN A 76 25.64 -14.01 4.86
CA ASN A 76 26.42 -14.08 6.10
C ASN A 76 27.46 -12.93 6.19
N GLY A 77 28.75 -13.20 5.94
CA GLY A 77 29.85 -12.23 5.96
C GLY A 77 30.44 -11.87 4.58
N GLN A 78 29.85 -12.34 3.48
CA GLN A 78 30.35 -12.15 2.11
C GLN A 78 29.26 -11.62 1.17
N HIS A 79 29.62 -10.83 0.15
CA HIS A 79 28.68 -10.41 -0.88
C HIS A 79 28.18 -11.59 -1.75
N VAL A 80 26.94 -11.53 -2.22
CA VAL A 80 26.38 -12.52 -3.16
C VAL A 80 27.01 -12.30 -4.55
N ALA A 81 27.25 -13.37 -5.31
CA ALA A 81 27.92 -13.33 -6.62
C ALA A 81 27.24 -12.43 -7.67
N SER A 82 25.93 -12.19 -7.55
CA SER A 82 25.15 -11.29 -8.42
C SER A 82 25.22 -9.80 -7.98
N SER A 83 25.72 -9.50 -6.79
CA SER A 83 25.71 -8.14 -6.20
C SER A 83 26.84 -7.25 -6.76
N PRO A 84 26.59 -5.94 -7.02
CA PRO A 84 25.29 -5.26 -6.94
C PRO A 84 24.41 -5.52 -8.18
N ILE A 85 23.09 -5.45 -7.99
CA ILE A 85 22.07 -5.58 -9.04
C ILE A 85 21.54 -4.17 -9.38
N PRO A 86 21.61 -3.70 -10.64
CA PRO A 86 21.11 -2.39 -11.05
C PRO A 86 19.59 -2.42 -11.30
N VAL A 87 18.91 -1.33 -10.92
CA VAL A 87 17.48 -1.10 -11.18
C VAL A 87 17.29 0.38 -11.57
N VAL A 88 16.81 0.65 -12.80
CA VAL A 88 16.63 2.02 -13.32
C VAL A 88 15.18 2.49 -13.08
N ILE A 89 15.03 3.61 -12.37
CA ILE A 89 13.74 4.20 -11.99
C ILE A 89 13.39 5.39 -12.90
N SER A 90 12.18 5.39 -13.45
CA SER A 90 11.60 6.50 -14.23
C SER A 90 10.72 7.41 -13.34
N GLN A 91 10.47 8.66 -13.78
CA GLN A 91 9.67 9.63 -13.02
C GLN A 91 8.23 9.16 -12.74
N SER A 92 7.68 8.29 -13.59
CA SER A 92 6.36 7.67 -13.44
C SER A 92 6.24 6.72 -12.22
N GLU A 93 7.37 6.27 -11.68
CA GLU A 93 7.45 5.29 -10.59
C GLU A 93 7.70 5.93 -9.21
N ILE A 94 7.93 7.26 -9.15
CA ILE A 94 8.31 7.98 -7.92
C ILE A 94 7.13 8.14 -6.93
N GLY A 95 5.91 8.29 -7.45
CA GLY A 95 4.71 8.56 -6.65
C GLY A 95 3.60 9.30 -7.40
N ASP A 96 3.27 8.87 -8.62
CA ASP A 96 2.20 9.48 -9.41
C ASP A 96 0.83 8.93 -9.00
N ALA A 97 0.08 9.68 -8.20
CA ALA A 97 -1.28 9.35 -7.75
C ALA A 97 -2.25 9.13 -8.93
N SER A 98 -2.09 9.89 -10.01
CA SER A 98 -2.89 9.77 -11.25
C SER A 98 -2.88 8.35 -11.84
N ARG A 99 -1.79 7.59 -11.62
CA ARG A 99 -1.61 6.21 -12.09
C ARG A 99 -2.21 5.15 -11.14
N VAL A 100 -2.64 5.52 -9.93
CA VAL A 100 -3.24 4.58 -8.96
C VAL A 100 -4.68 4.27 -9.36
N ARG A 101 -5.01 2.98 -9.41
CA ARG A 101 -6.35 2.45 -9.69
C ARG A 101 -6.98 1.85 -8.43
N VAL A 102 -8.31 1.79 -8.38
CA VAL A 102 -9.11 1.24 -7.27
C VAL A 102 -10.37 0.55 -7.78
N SER A 103 -10.82 -0.50 -7.08
CA SER A 103 -11.96 -1.34 -7.47
C SER A 103 -12.67 -1.97 -6.25
N GLY A 104 -13.95 -2.35 -6.39
CA GLY A 104 -14.70 -3.11 -5.36
C GLY A 104 -15.94 -2.40 -4.81
N GLN A 105 -16.83 -3.19 -4.21
CA GLN A 105 -18.17 -2.80 -3.76
C GLN A 105 -18.16 -1.75 -2.65
N GLY A 106 -17.14 -1.78 -1.76
CA GLY A 106 -17.02 -0.89 -0.59
C GLY A 106 -16.70 0.56 -0.92
N LEU A 107 -16.48 0.89 -2.21
CA LEU A 107 -16.40 2.28 -2.73
C LEU A 107 -17.79 2.84 -3.12
N HIS A 108 -18.84 2.02 -3.11
CA HIS A 108 -20.19 2.38 -3.58
C HIS A 108 -21.31 2.09 -2.56
N GLU A 109 -21.21 1.00 -1.80
CA GLU A 109 -22.22 0.57 -0.82
C GLU A 109 -21.66 -0.35 0.27
N GLY A 110 -22.34 -0.40 1.42
CA GLY A 110 -21.95 -1.21 2.59
C GLY A 110 -23.11 -1.59 3.51
N HIS A 111 -22.78 -2.24 4.63
CA HIS A 111 -23.74 -2.81 5.59
C HIS A 111 -23.29 -2.58 7.06
N THR A 112 -24.23 -2.29 7.99
CA THR A 112 -23.92 -2.11 9.42
C THR A 112 -23.58 -3.39 10.18
N PHE A 113 -23.88 -4.56 9.60
CA PHE A 113 -23.76 -5.87 10.25
C PHE A 113 -22.71 -6.81 9.63
N GLU A 114 -22.05 -6.39 8.54
CA GLU A 114 -21.01 -7.14 7.83
C GLU A 114 -19.95 -6.18 7.27
N PRO A 115 -18.65 -6.56 7.23
CA PRO A 115 -17.60 -5.72 6.69
C PRO A 115 -17.73 -5.56 5.17
N ALA A 116 -17.42 -4.36 4.68
CA ALA A 116 -17.25 -4.05 3.26
C ALA A 116 -15.77 -4.10 2.88
N GLU A 117 -15.47 -4.18 1.57
CA GLU A 117 -14.09 -4.21 1.06
C GLU A 117 -13.93 -3.60 -0.33
N PHE A 118 -12.68 -3.25 -0.61
CA PHE A 118 -12.21 -2.69 -1.88
C PHE A 118 -10.69 -2.89 -2.01
N ILE A 119 -10.22 -2.95 -3.26
CA ILE A 119 -8.83 -3.19 -3.64
C ILE A 119 -8.23 -1.88 -4.18
N ILE A 120 -6.97 -1.61 -3.83
CA ILE A 120 -6.12 -0.57 -4.39
C ILE A 120 -5.01 -1.23 -5.21
N ASP A 121 -4.77 -0.71 -6.41
CA ASP A 121 -3.73 -1.15 -7.35
C ASP A 121 -2.76 0.01 -7.64
N THR A 122 -1.59 -0.04 -7.00
CA THR A 122 -0.48 0.91 -7.12
C THR A 122 0.59 0.46 -8.13
N ARG A 123 0.42 -0.70 -8.79
CA ARG A 123 1.46 -1.34 -9.61
C ARG A 123 1.91 -0.47 -10.78
N ASP A 124 0.99 0.28 -11.41
CA ASP A 124 1.29 1.23 -12.50
C ASP A 124 1.86 2.57 -12.01
N ALA A 125 1.69 2.89 -10.72
CA ALA A 125 2.25 4.07 -10.05
C ALA A 125 3.66 3.83 -9.44
N GLY A 126 4.15 2.58 -9.45
CA GLY A 126 5.48 2.19 -8.99
C GLY A 126 5.56 2.09 -7.46
N TYR A 127 6.31 3.00 -6.85
CA TYR A 127 6.67 3.02 -5.43
C TYR A 127 6.09 4.24 -4.69
N GLY A 128 6.07 4.21 -3.34
CA GLY A 128 5.64 5.31 -2.48
C GLY A 128 4.99 4.84 -1.18
N GLY A 129 3.86 5.46 -0.82
CA GLY A 129 3.05 5.09 0.33
C GLY A 129 1.59 5.52 0.18
N LEU A 130 0.67 4.66 0.62
CA LEU A 130 -0.77 4.85 0.61
C LEU A 130 -1.25 5.31 2.00
N SER A 131 -1.88 6.47 2.08
CA SER A 131 -2.65 6.98 3.22
C SER A 131 -4.15 6.94 2.91
N LEU A 132 -4.97 6.57 3.88
CA LEU A 132 -6.39 6.29 3.70
C LEU A 132 -7.18 6.79 4.91
N SER A 133 -8.33 7.41 4.66
CA SER A 133 -9.29 7.74 5.72
C SER A 133 -10.72 7.39 5.31
N ILE A 134 -11.53 7.03 6.31
CA ILE A 134 -12.98 6.81 6.18
C ILE A 134 -13.67 7.74 7.18
N GLU A 135 -14.60 8.55 6.68
CA GLU A 135 -15.33 9.55 7.45
C GLU A 135 -16.83 9.23 7.40
N GLY A 136 -17.58 9.52 8.47
CA GLY A 136 -19.01 9.24 8.50
C GLY A 136 -19.73 9.49 9.83
N PRO A 137 -20.95 8.95 10.01
CA PRO A 137 -21.78 9.09 11.20
C PRO A 137 -21.26 8.30 12.43
N SER A 138 -20.18 7.53 12.29
CA SER A 138 -19.46 6.89 13.39
C SER A 138 -18.03 6.49 12.98
N LYS A 139 -17.17 6.17 13.95
CA LYS A 139 -15.83 5.61 13.73
C LYS A 139 -15.91 4.16 13.22
N VAL A 140 -15.02 3.75 12.31
CA VAL A 140 -14.91 2.38 11.79
C VAL A 140 -13.50 1.81 12.05
N ASP A 141 -13.40 0.50 12.21
CA ASP A 141 -12.12 -0.21 12.36
C ASP A 141 -11.62 -0.67 10.98
N ILE A 142 -10.53 -0.06 10.50
CA ILE A 142 -9.94 -0.31 9.18
C ILE A 142 -8.82 -1.36 9.30
N ASN A 143 -8.83 -2.34 8.39
CA ASN A 143 -7.87 -3.43 8.28
C ASN A 143 -7.38 -3.60 6.83
N THR A 144 -6.27 -4.33 6.63
CA THR A 144 -5.56 -4.50 5.35
C THR A 144 -5.12 -5.93 5.12
N GLU A 145 -4.95 -6.31 3.84
CA GLU A 145 -4.34 -7.58 3.43
C GLU A 145 -3.65 -7.43 2.06
N ASP A 146 -2.41 -7.88 1.95
CA ASP A 146 -1.62 -7.90 0.71
C ASP A 146 -1.91 -9.18 -0.09
N LEU A 147 -2.31 -9.01 -1.37
CA LEU A 147 -2.72 -10.11 -2.24
C LEU A 147 -1.57 -10.61 -3.13
N GLU A 148 -1.62 -11.88 -3.53
CA GLU A 148 -0.58 -12.56 -4.32
C GLU A 148 -0.47 -12.04 -5.77
N ASP A 149 -1.45 -11.26 -6.25
CA ASP A 149 -1.41 -10.58 -7.55
C ASP A 149 -0.64 -9.23 -7.51
N GLY A 150 -0.23 -8.78 -6.31
CA GLY A 150 0.54 -7.55 -6.07
C GLY A 150 -0.31 -6.32 -5.69
N THR A 151 -1.62 -6.51 -5.48
CA THR A 151 -2.59 -5.47 -5.06
C THR A 151 -2.86 -5.54 -3.56
N CYS A 152 -3.49 -4.50 -3.00
CA CYS A 152 -3.84 -4.41 -1.58
C CYS A 152 -5.36 -4.37 -1.38
N ARG A 153 -5.91 -5.28 -0.57
CA ARG A 153 -7.31 -5.27 -0.10
C ARG A 153 -7.41 -4.45 1.19
N VAL A 154 -8.40 -3.56 1.27
CA VAL A 154 -8.82 -2.85 2.49
C VAL A 154 -10.19 -3.36 2.91
N THR A 155 -10.37 -3.58 4.21
CA THR A 155 -11.61 -4.04 4.87
C THR A 155 -11.98 -3.09 6.00
N TYR A 156 -13.29 -2.92 6.22
CA TYR A 156 -13.83 -2.12 7.33
C TYR A 156 -15.31 -2.46 7.61
N CYS A 157 -15.75 -2.33 8.87
CA CYS A 157 -17.15 -2.53 9.27
C CYS A 157 -17.74 -1.23 9.86
N PRO A 158 -18.72 -0.59 9.20
CA PRO A 158 -19.49 0.52 9.76
C PRO A 158 -20.55 -0.01 10.74
N THR A 159 -21.15 0.90 11.54
CA THR A 159 -22.09 0.55 12.63
C THR A 159 -23.38 1.36 12.57
N GLU A 160 -23.31 2.67 12.32
CA GLU A 160 -24.46 3.52 11.99
C GLU A 160 -24.71 3.49 10.47
N PRO A 161 -25.98 3.53 10.00
CA PRO A 161 -26.30 3.65 8.58
C PRO A 161 -26.13 5.09 8.08
N GLY A 162 -26.06 5.26 6.75
CA GLY A 162 -25.93 6.56 6.07
C GLY A 162 -24.81 6.60 5.03
N ASN A 163 -24.35 7.80 4.66
CA ASN A 163 -23.22 7.99 3.76
C ASN A 163 -21.88 8.04 4.52
N TYR A 164 -20.95 7.17 4.15
CA TYR A 164 -19.53 7.24 4.54
C TYR A 164 -18.68 7.71 3.36
N ILE A 165 -17.69 8.55 3.62
CA ILE A 165 -16.78 9.12 2.61
C ILE A 165 -15.41 8.45 2.77
N ILE A 166 -14.85 7.91 1.69
CA ILE A 166 -13.51 7.29 1.67
C ILE A 166 -12.56 8.17 0.84
N ASN A 167 -11.40 8.51 1.41
CA ASN A 167 -10.32 9.23 0.76
C ASN A 167 -9.12 8.30 0.51
N ILE A 168 -8.67 8.20 -0.74
CA ILE A 168 -7.45 7.44 -1.11
C ILE A 168 -6.37 8.45 -1.55
N LYS A 169 -5.22 8.42 -0.88
CA LYS A 169 -4.10 9.37 -1.08
C LYS A 169 -2.76 8.64 -1.17
N PHE A 170 -1.99 8.90 -2.23
CA PHE A 170 -0.74 8.23 -2.55
C PHE A 170 0.40 9.23 -2.72
N ALA A 171 1.52 9.04 -2.02
CA ALA A 171 2.71 9.89 -2.10
C ALA A 171 2.39 11.40 -1.97
N ASP A 172 1.58 11.75 -0.96
CA ASP A 172 1.13 13.10 -0.57
C ASP A 172 -0.05 13.64 -1.42
N GLN A 173 -0.50 12.89 -2.44
CA GLN A 173 -1.44 13.36 -3.46
C GLN A 173 -2.73 12.51 -3.51
N HIS A 174 -3.89 13.16 -3.44
CA HIS A 174 -5.22 12.52 -3.46
C HIS A 174 -5.49 11.86 -4.85
N VAL A 175 -5.83 10.56 -4.90
CA VAL A 175 -5.88 9.80 -6.17
C VAL A 175 -7.22 10.03 -6.92
N PRO A 176 -7.30 9.80 -8.24
CA PRO A 176 -8.52 9.94 -9.03
C PRO A 176 -9.71 9.15 -8.49
N GLY A 177 -10.91 9.72 -8.57
CA GLY A 177 -12.17 9.11 -8.13
C GLY A 177 -12.53 9.41 -6.66
N SER A 178 -11.54 9.73 -5.82
CA SER A 178 -11.78 10.21 -4.45
C SER A 178 -12.32 11.66 -4.43
N PRO A 179 -13.12 12.05 -3.42
CA PRO A 179 -13.66 11.22 -2.35
C PRO A 179 -14.79 10.32 -2.87
N PHE A 180 -14.84 9.07 -2.38
CA PHE A 180 -15.89 8.11 -2.70
C PHE A 180 -17.00 8.15 -1.63
N SER A 181 -18.23 8.51 -2.02
CA SER A 181 -19.41 8.39 -1.15
C SER A 181 -19.98 6.95 -1.20
N VAL A 182 -20.21 6.35 -0.03
CA VAL A 182 -20.59 4.94 0.15
C VAL A 182 -21.90 4.86 0.93
N LYS A 183 -22.96 4.37 0.29
CA LYS A 183 -24.27 4.21 0.94
C LYS A 183 -24.31 2.95 1.83
N VAL A 184 -24.26 3.12 3.15
CA VAL A 184 -24.34 2.02 4.13
C VAL A 184 -25.79 1.85 4.56
N THR A 185 -26.36 0.66 4.29
CA THR A 185 -27.69 0.26 4.75
C THR A 185 -27.59 -0.53 6.05
N GLY A 186 -28.67 -0.57 6.84
CA GLY A 186 -28.64 -1.16 8.18
C GLY A 186 -29.91 -0.99 9.00
N GLU A 187 -29.73 -1.11 10.33
CA GLU A 187 -30.69 -0.90 11.42
C GLU A 187 -31.55 -2.15 11.73
N GLY A 188 -31.89 -2.95 10.71
CA GLY A 188 -32.67 -4.19 10.85
C GLY A 188 -31.77 -5.37 11.23
N ARG A 189 -31.53 -5.55 12.54
CA ARG A 189 -30.66 -6.59 13.10
C ARG A 189 -31.13 -8.00 12.73
N VAL A 190 -30.17 -8.90 12.48
CA VAL A 190 -30.39 -10.32 12.16
C VAL A 190 -30.17 -11.17 13.42
N LYS A 191 -31.02 -12.18 13.62
CA LYS A 191 -30.98 -13.12 14.77
C LYS A 191 -31.57 -14.49 14.39
N GLY A 1 -21.09 16.48 15.37
CA GLY A 1 -20.91 17.39 14.21
C GLY A 1 -20.94 18.85 14.62
N ALA A 2 -21.34 19.73 13.70
CA ALA A 2 -21.43 21.17 13.89
C ALA A 2 -22.67 21.61 14.72
N MET A 3 -23.71 20.79 14.77
CA MET A 3 -24.98 21.08 15.47
C MET A 3 -25.62 19.85 16.16
N GLY A 4 -25.25 18.63 15.76
CA GLY A 4 -25.78 17.37 16.30
C GLY A 4 -25.18 16.15 15.61
N ASP A 5 -26.03 15.26 15.11
CA ASP A 5 -25.68 14.04 14.36
C ASP A 5 -25.34 14.30 12.87
N ASP A 6 -25.15 15.57 12.49
CA ASP A 6 -24.87 16.03 11.12
C ASP A 6 -23.54 15.50 10.52
N SER A 7 -22.61 15.07 11.37
CA SER A 7 -21.28 14.56 11.04
C SER A 7 -20.56 14.01 12.28
N MET A 8 -19.54 13.15 12.09
CA MET A 8 -18.72 12.55 13.15
C MET A 8 -17.23 12.52 12.76
N ARG A 9 -16.37 12.27 13.76
CA ARG A 9 -14.91 12.30 13.65
C ARG A 9 -14.38 11.34 12.57
N MET A 10 -13.43 11.82 11.76
CA MET A 10 -12.75 11.03 10.72
C MET A 10 -11.94 9.86 11.28
N SER A 11 -11.74 8.84 10.46
CA SER A 11 -10.90 7.66 10.75
C SER A 11 -9.80 7.56 9.67
N HIS A 12 -8.58 7.09 9.99
CA HIS A 12 -7.43 7.16 9.06
C HIS A 12 -6.32 6.12 9.29
N LEU A 13 -5.51 5.88 8.25
CA LEU A 13 -4.47 4.83 8.16
C LEU A 13 -3.48 5.14 7.02
N LYS A 14 -2.24 4.61 7.09
CA LYS A 14 -1.21 4.75 6.04
C LYS A 14 -0.56 3.41 5.66
N VAL A 15 -0.07 3.28 4.42
CA VAL A 15 0.65 2.11 3.89
C VAL A 15 1.84 2.58 3.03
N GLY A 16 3.03 2.01 3.27
CA GLY A 16 4.25 2.28 2.50
C GLY A 16 4.37 1.35 1.29
N SER A 17 3.62 1.65 0.23
CA SER A 17 3.50 0.77 -0.94
C SER A 17 4.72 0.80 -1.89
N ALA A 18 4.92 -0.31 -2.62
CA ALA A 18 6.08 -0.52 -3.50
C ALA A 18 5.86 -1.67 -4.51
N ALA A 19 6.50 -1.55 -5.67
CA ALA A 19 6.63 -2.62 -6.66
C ALA A 19 7.75 -3.62 -6.30
N ASP A 20 7.70 -4.82 -6.87
CA ASP A 20 8.70 -5.88 -6.71
C ASP A 20 9.76 -5.87 -7.83
N ILE A 21 11.02 -6.13 -7.48
CA ILE A 21 12.14 -6.34 -8.41
C ILE A 21 12.77 -7.73 -8.14
N PRO A 22 12.72 -8.70 -9.08
CA PRO A 22 13.23 -10.05 -8.88
C PRO A 22 14.77 -10.09 -8.99
N ILE A 23 15.43 -10.73 -8.03
CA ILE A 23 16.90 -10.71 -7.83
C ILE A 23 17.38 -12.05 -7.24
N ASN A 24 18.57 -12.51 -7.66
CA ASN A 24 19.26 -13.71 -7.16
C ASN A 24 18.40 -14.99 -7.29
N ILE A 25 17.88 -15.22 -8.50
CA ILE A 25 16.87 -16.25 -8.83
C ILE A 25 17.36 -17.68 -8.52
N SER A 26 18.67 -17.91 -8.62
CA SER A 26 19.30 -19.22 -8.36
C SER A 26 19.35 -19.63 -6.88
N GLU A 27 19.13 -18.70 -5.94
CA GLU A 27 19.16 -18.98 -4.50
C GLU A 27 17.85 -19.60 -3.99
N THR A 28 17.98 -20.57 -3.07
CA THR A 28 16.87 -21.30 -2.42
C THR A 28 16.82 -21.02 -0.92
N ASP A 29 17.97 -20.82 -0.27
CA ASP A 29 18.08 -20.66 1.18
C ASP A 29 17.88 -19.18 1.61
N LEU A 30 16.69 -18.66 1.29
CA LEU A 30 16.27 -17.28 1.55
C LEU A 30 16.26 -16.92 3.05
N SER A 31 16.09 -17.91 3.92
CA SER A 31 16.00 -17.75 5.39
C SER A 31 17.23 -17.09 6.06
N LEU A 32 18.41 -17.16 5.44
CA LEU A 32 19.65 -16.50 5.91
C LEU A 32 20.07 -15.28 5.07
N LEU A 33 19.28 -14.89 4.07
CA LEU A 33 19.54 -13.73 3.21
C LEU A 33 19.00 -12.43 3.84
N THR A 34 19.71 -11.32 3.61
CA THR A 34 19.30 -9.94 3.91
C THR A 34 19.73 -9.02 2.76
N ALA A 35 19.05 -7.89 2.58
CA ALA A 35 19.27 -6.99 1.44
C ALA A 35 19.03 -5.50 1.77
N THR A 36 19.72 -4.62 1.05
CA THR A 36 19.67 -3.15 1.17
C THR A 36 19.73 -2.49 -0.21
N VAL A 37 19.28 -1.24 -0.30
CA VAL A 37 19.48 -0.35 -1.46
C VAL A 37 20.39 0.80 -1.06
N VAL A 38 21.36 1.09 -1.93
CA VAL A 38 22.13 2.35 -1.95
C VAL A 38 21.59 3.22 -3.10
N PRO A 39 20.93 4.36 -2.80
CA PRO A 39 20.48 5.32 -3.81
C PRO A 39 21.64 6.21 -4.29
N PRO A 40 21.49 6.98 -5.38
CA PRO A 40 22.51 7.91 -5.87
C PRO A 40 22.78 9.07 -4.90
N SER A 41 21.89 9.34 -3.93
CA SER A 41 22.10 10.28 -2.83
C SER A 41 22.96 9.71 -1.67
N GLY A 42 23.25 8.40 -1.68
CA GLY A 42 24.07 7.70 -0.67
C GLY A 42 23.32 7.30 0.61
N ARG A 43 22.02 7.64 0.73
CA ARG A 43 21.17 7.36 1.89
C ARG A 43 20.71 5.89 1.92
N GLU A 44 21.60 4.99 2.33
CA GLU A 44 21.36 3.54 2.37
C GLU A 44 20.14 3.18 3.24
N GLU A 45 19.27 2.27 2.74
CA GLU A 45 18.09 1.76 3.44
C GLU A 45 17.90 0.25 3.19
N PRO A 46 17.30 -0.50 4.13
CA PRO A 46 17.02 -1.93 3.99
C PRO A 46 15.85 -2.20 3.05
N CYS A 47 15.86 -3.39 2.43
CA CYS A 47 14.80 -3.91 1.57
C CYS A 47 13.85 -4.87 2.31
N LEU A 48 12.62 -4.99 1.81
CA LEU A 48 11.72 -6.11 2.09
C LEU A 48 12.00 -7.23 1.07
N LEU A 49 12.45 -8.41 1.52
CA LEU A 49 12.58 -9.61 0.70
C LEU A 49 11.23 -10.31 0.55
N LYS A 50 10.94 -10.84 -0.65
CA LYS A 50 9.66 -11.43 -1.03
C LYS A 50 9.81 -12.75 -1.81
N ARG A 51 8.92 -13.71 -1.53
CA ARG A 51 8.56 -14.82 -2.41
C ARG A 51 7.50 -14.31 -3.41
N LEU A 52 7.82 -14.32 -4.70
CA LEU A 52 7.01 -13.72 -5.76
C LEU A 52 6.18 -14.76 -6.54
N ARG A 53 5.28 -14.29 -7.40
CA ARG A 53 4.18 -15.06 -8.03
C ARG A 53 4.64 -16.30 -8.81
N ASN A 54 5.78 -16.24 -9.51
CA ASN A 54 6.33 -17.36 -10.30
C ASN A 54 7.18 -18.35 -9.46
N GLY A 55 7.30 -18.13 -8.14
CA GLY A 55 8.11 -18.92 -7.20
C GLY A 55 9.54 -18.40 -7.02
N HIS A 56 9.89 -17.30 -7.66
CA HIS A 56 11.20 -16.64 -7.60
C HIS A 56 11.34 -15.65 -6.41
N VAL A 57 12.58 -15.23 -6.13
CA VAL A 57 12.95 -14.28 -5.05
C VAL A 57 13.08 -12.85 -5.63
N GLY A 58 12.69 -11.84 -4.84
CA GLY A 58 12.92 -10.43 -5.16
C GLY A 58 12.89 -9.49 -3.95
N ILE A 59 13.11 -8.21 -4.21
CA ILE A 59 13.05 -7.12 -3.22
C ILE A 59 11.94 -6.10 -3.52
N SER A 60 11.50 -5.40 -2.48
CA SER A 60 10.76 -4.13 -2.56
C SER A 60 11.39 -3.06 -1.66
N PHE A 61 11.23 -1.79 -2.04
CA PHE A 61 11.77 -0.57 -1.40
C PHE A 61 11.06 0.67 -1.98
N VAL A 62 11.42 1.88 -1.54
CA VAL A 62 10.94 3.15 -2.16
C VAL A 62 12.14 4.06 -2.49
N PRO A 63 12.36 4.44 -3.77
CA PRO A 63 13.39 5.39 -4.18
C PRO A 63 12.93 6.84 -3.93
N LYS A 64 13.88 7.71 -3.57
CA LYS A 64 13.66 9.15 -3.40
C LYS A 64 14.01 9.95 -4.67
N GLU A 65 15.20 9.71 -5.23
CA GLU A 65 15.70 10.29 -6.49
C GLU A 65 15.40 9.36 -7.68
N THR A 66 15.65 9.85 -8.90
CA THR A 66 15.64 9.07 -10.15
C THR A 66 17.02 8.51 -10.47
N GLY A 67 17.12 7.67 -11.51
CA GLY A 67 18.37 7.11 -12.03
C GLY A 67 18.77 5.79 -11.38
N GLU A 68 20.02 5.39 -11.58
CA GLU A 68 20.56 4.11 -11.12
C GLU A 68 20.65 4.04 -9.59
N HIS A 69 19.89 3.13 -9.00
CA HIS A 69 20.00 2.66 -7.62
C HIS A 69 20.68 1.28 -7.60
N LEU A 70 21.50 1.00 -6.58
CA LEU A 70 22.26 -0.24 -6.43
C LEU A 70 21.66 -1.07 -5.28
N VAL A 71 21.18 -2.27 -5.58
CA VAL A 71 20.77 -3.27 -4.58
C VAL A 71 21.98 -4.11 -4.19
N HIS A 72 22.20 -4.29 -2.89
CA HIS A 72 23.17 -5.24 -2.33
C HIS A 72 22.43 -6.37 -1.57
N VAL A 73 22.88 -7.62 -1.69
CA VAL A 73 22.27 -8.79 -1.03
C VAL A 73 23.35 -9.73 -0.47
N LYS A 74 23.15 -10.14 0.78
CA LYS A 74 24.14 -10.75 1.66
C LYS A 74 23.80 -12.21 2.03
N LYS A 75 24.82 -13.06 2.10
CA LYS A 75 24.77 -14.47 2.47
C LYS A 75 25.97 -14.83 3.38
N ASN A 76 25.72 -15.50 4.51
CA ASN A 76 26.76 -15.95 5.45
C ASN A 76 27.71 -14.83 5.93
N GLY A 77 27.20 -13.59 6.02
CA GLY A 77 27.93 -12.39 6.47
C GLY A 77 28.64 -11.57 5.38
N GLN A 78 28.61 -12.01 4.12
CA GLN A 78 29.28 -11.33 2.98
C GLN A 78 28.31 -11.12 1.80
N HIS A 79 28.52 -10.07 1.01
CA HIS A 79 27.71 -9.84 -0.20
C HIS A 79 27.95 -10.93 -1.27
N VAL A 80 26.89 -11.37 -1.95
CA VAL A 80 26.96 -12.42 -2.99
C VAL A 80 27.69 -11.91 -4.24
N ALA A 81 28.17 -12.84 -5.09
CA ALA A 81 28.92 -12.53 -6.32
C ALA A 81 28.14 -11.63 -7.31
N SER A 82 26.82 -11.67 -7.30
CA SER A 82 25.94 -10.84 -8.14
C SER A 82 25.81 -9.39 -7.66
N SER A 83 26.15 -9.06 -6.40
CA SER A 83 26.05 -7.70 -5.87
C SER A 83 27.21 -6.77 -6.31
N PRO A 84 26.95 -5.47 -6.55
CA PRO A 84 25.65 -4.82 -6.54
C PRO A 84 24.85 -5.10 -7.83
N ILE A 85 23.53 -5.17 -7.71
CA ILE A 85 22.59 -5.25 -8.83
C ILE A 85 22.04 -3.84 -9.10
N PRO A 86 22.20 -3.28 -10.32
CA PRO A 86 21.65 -1.98 -10.68
C PRO A 86 20.16 -2.08 -11.03
N VAL A 87 19.39 -1.10 -10.57
CA VAL A 87 17.98 -0.88 -10.93
C VAL A 87 17.81 0.59 -11.31
N VAL A 88 17.30 0.89 -12.51
CA VAL A 88 17.18 2.27 -13.02
C VAL A 88 15.75 2.78 -12.83
N ILE A 89 15.61 3.89 -12.10
CA ILE A 89 14.32 4.48 -11.70
C ILE A 89 13.97 5.66 -12.63
N SER A 90 12.83 5.60 -13.30
CA SER A 90 12.25 6.73 -14.05
C SER A 90 11.44 7.66 -13.13
N GLN A 91 11.31 8.93 -13.50
CA GLN A 91 10.45 9.91 -12.81
C GLN A 91 9.00 9.44 -12.69
N SER A 92 8.50 8.63 -13.64
CA SER A 92 7.15 8.06 -13.61
C SER A 92 6.94 7.02 -12.49
N GLU A 93 8.01 6.49 -11.88
CA GLU A 93 7.95 5.50 -10.80
C GLU A 93 7.97 6.13 -9.39
N ILE A 94 8.34 7.42 -9.27
CA ILE A 94 8.54 8.12 -7.99
C ILE A 94 7.23 8.31 -7.20
N GLY A 95 6.09 8.39 -7.91
CA GLY A 95 4.75 8.48 -7.34
C GLY A 95 3.82 9.33 -8.20
N ASP A 96 3.06 8.67 -9.06
CA ASP A 96 1.94 9.24 -9.82
C ASP A 96 0.64 8.51 -9.46
N ALA A 97 -0.29 9.22 -8.82
CA ALA A 97 -1.59 8.69 -8.42
C ALA A 97 -2.44 8.28 -9.64
N SER A 98 -2.27 8.96 -10.77
CA SER A 98 -2.90 8.66 -12.07
C SER A 98 -2.70 7.20 -12.54
N ARG A 99 -1.65 6.51 -12.06
CA ARG A 99 -1.38 5.09 -12.34
C ARG A 99 -2.07 4.12 -11.36
N VAL A 100 -2.54 4.57 -10.19
CA VAL A 100 -3.10 3.71 -9.13
C VAL A 100 -4.54 3.31 -9.48
N ARG A 101 -4.87 2.03 -9.28
CA ARG A 101 -6.22 1.47 -9.43
C ARG A 101 -6.70 0.87 -8.10
N VAL A 102 -8.02 0.72 -7.97
CA VAL A 102 -8.71 0.20 -6.77
C VAL A 102 -9.96 -0.60 -7.16
N SER A 103 -10.42 -1.51 -6.30
CA SER A 103 -11.57 -2.40 -6.56
C SER A 103 -12.20 -2.93 -5.25
N GLY A 104 -13.31 -3.68 -5.35
CA GLY A 104 -14.04 -4.29 -4.22
C GLY A 104 -15.30 -3.52 -3.81
N GLN A 105 -16.13 -4.16 -2.98
CA GLN A 105 -17.49 -3.70 -2.63
C GLN A 105 -17.48 -2.41 -1.80
N GLY A 106 -16.48 -2.23 -0.92
CA GLY A 106 -16.39 -1.14 0.06
C GLY A 106 -16.02 0.22 -0.53
N LEU A 107 -16.04 0.36 -1.86
CA LEU A 107 -16.03 1.63 -2.60
C LEU A 107 -17.45 2.04 -3.08
N HIS A 108 -18.44 1.16 -2.91
CA HIS A 108 -19.81 1.31 -3.46
C HIS A 108 -20.93 1.06 -2.42
N GLU A 109 -20.79 0.03 -1.56
CA GLU A 109 -21.78 -0.32 -0.54
C GLU A 109 -21.23 -1.16 0.62
N GLY A 110 -21.89 -1.08 1.79
CA GLY A 110 -21.54 -1.79 3.02
C GLY A 110 -22.74 -2.10 3.92
N HIS A 111 -22.46 -2.56 5.14
CA HIS A 111 -23.46 -3.04 6.11
C HIS A 111 -23.12 -2.61 7.56
N THR A 112 -24.13 -2.34 8.40
CA THR A 112 -23.96 -1.98 9.82
C THR A 112 -23.54 -3.14 10.73
N PHE A 113 -23.71 -4.39 10.27
CA PHE A 113 -23.48 -5.60 11.08
C PHE A 113 -22.32 -6.49 10.57
N GLU A 114 -21.70 -6.15 9.44
CA GLU A 114 -20.59 -6.87 8.81
C GLU A 114 -19.60 -5.89 8.15
N PRO A 115 -18.27 -6.18 8.16
CA PRO A 115 -17.27 -5.29 7.60
C PRO A 115 -17.34 -5.26 6.07
N ALA A 116 -17.04 -4.09 5.50
CA ALA A 116 -16.81 -3.90 4.06
C ALA A 116 -15.33 -4.10 3.71
N GLU A 117 -15.03 -4.44 2.44
CA GLU A 117 -13.66 -4.64 1.95
C GLU A 117 -13.43 -3.99 0.58
N PHE A 118 -12.21 -3.48 0.37
CA PHE A 118 -11.74 -2.95 -0.90
C PHE A 118 -10.21 -3.15 -1.04
N ILE A 119 -9.75 -3.39 -2.27
CA ILE A 119 -8.36 -3.71 -2.62
C ILE A 119 -7.74 -2.53 -3.40
N ILE A 120 -6.45 -2.29 -3.20
CA ILE A 120 -5.65 -1.25 -3.85
C ILE A 120 -4.49 -1.89 -4.64
N ASP A 121 -4.26 -1.43 -5.87
CA ASP A 121 -3.34 -1.99 -6.87
C ASP A 121 -2.08 -1.12 -7.08
N THR A 122 -1.47 -0.61 -6.01
CA THR A 122 -0.28 0.27 -6.04
C THR A 122 0.94 -0.36 -6.74
N ARG A 123 1.02 -1.69 -6.85
CA ARG A 123 2.12 -2.38 -7.58
C ARG A 123 2.28 -1.92 -9.03
N ASP A 124 1.21 -1.48 -9.69
CA ASP A 124 1.20 -1.03 -11.10
C ASP A 124 1.51 0.48 -11.24
N ALA A 125 1.67 1.19 -10.11
CA ALA A 125 1.98 2.62 -10.04
C ALA A 125 3.44 2.95 -9.70
N GLY A 126 4.30 1.93 -9.54
CA GLY A 126 5.69 2.09 -9.11
C GLY A 126 5.79 2.10 -7.59
N TYR A 127 6.25 3.21 -7.01
CA TYR A 127 6.53 3.37 -5.59
C TYR A 127 5.85 4.62 -4.99
N GLY A 128 5.73 4.66 -3.66
CA GLY A 128 5.23 5.83 -2.90
C GLY A 128 4.22 5.49 -1.79
N GLY A 129 3.97 6.47 -0.92
CA GLY A 129 3.08 6.33 0.23
C GLY A 129 1.61 6.45 -0.16
N LEU A 130 0.79 5.51 0.33
CA LEU A 130 -0.67 5.51 0.26
C LEU A 130 -1.21 5.95 1.63
N SER A 131 -2.04 7.00 1.67
CA SER A 131 -2.75 7.44 2.87
C SER A 131 -4.27 7.36 2.66
N LEU A 132 -4.97 6.91 3.70
CA LEU A 132 -6.39 6.57 3.70
C LEU A 132 -7.12 7.39 4.76
N SER A 133 -8.26 7.97 4.41
CA SER A 133 -9.18 8.60 5.38
C SER A 133 -10.64 8.21 5.08
N ILE A 134 -11.38 7.77 6.09
CA ILE A 134 -12.80 7.42 6.03
C ILE A 134 -13.61 8.42 6.87
N GLU A 135 -14.72 8.89 6.31
CA GLU A 135 -15.61 9.90 6.91
C GLU A 135 -17.08 9.45 6.78
N GLY A 136 -17.98 9.92 7.65
CA GLY A 136 -19.40 9.55 7.60
C GLY A 136 -20.20 9.85 8.89
N PRO A 137 -21.35 9.19 9.11
CA PRO A 137 -22.23 9.39 10.26
C PRO A 137 -21.68 8.79 11.57
N SER A 138 -20.53 8.11 11.56
CA SER A 138 -19.85 7.61 12.76
C SER A 138 -18.34 7.40 12.49
N LYS A 139 -17.52 7.32 13.55
CA LYS A 139 -16.14 6.84 13.45
C LYS A 139 -16.12 5.34 13.07
N VAL A 140 -15.10 4.87 12.36
CA VAL A 140 -14.89 3.45 12.04
C VAL A 140 -13.51 2.98 12.52
N ASP A 141 -13.35 1.66 12.68
CA ASP A 141 -12.05 1.03 12.95
C ASP A 141 -11.53 0.37 11.66
N ILE A 142 -10.33 0.77 11.22
CA ILE A 142 -9.73 0.39 9.93
C ILE A 142 -8.63 -0.65 10.14
N ASN A 143 -8.63 -1.69 9.31
CA ASN A 143 -7.63 -2.77 9.27
C ASN A 143 -7.15 -2.99 7.82
N THR A 144 -6.03 -3.71 7.65
CA THR A 144 -5.39 -4.00 6.35
C THR A 144 -4.80 -5.40 6.30
N GLU A 145 -4.53 -5.87 5.08
CA GLU A 145 -3.94 -7.18 4.78
C GLU A 145 -3.16 -7.09 3.46
N ASP A 146 -1.84 -7.29 3.52
CA ASP A 146 -0.95 -7.36 2.35
C ASP A 146 -1.08 -8.71 1.64
N LEU A 147 -1.22 -8.69 0.30
CA LEU A 147 -1.50 -9.87 -0.53
C LEU A 147 -0.30 -10.24 -1.41
N GLU A 148 -0.20 -11.52 -1.76
CA GLU A 148 0.97 -12.11 -2.45
C GLU A 148 1.16 -11.61 -3.90
N ASP A 149 0.12 -11.05 -4.52
CA ASP A 149 0.17 -10.45 -5.87
C ASP A 149 0.68 -8.99 -5.86
N GLY A 150 1.07 -8.47 -4.69
CA GLY A 150 1.56 -7.09 -4.49
C GLY A 150 0.46 -6.06 -4.22
N THR A 151 -0.80 -6.49 -4.19
CA THR A 151 -1.98 -5.68 -3.82
C THR A 151 -2.13 -5.60 -2.30
N CYS A 152 -2.98 -4.69 -1.84
CA CYS A 152 -3.36 -4.55 -0.43
C CYS A 152 -4.88 -4.51 -0.26
N ARG A 153 -5.44 -5.39 0.58
CA ARG A 153 -6.81 -5.31 1.07
C ARG A 153 -6.90 -4.32 2.23
N VAL A 154 -7.91 -3.46 2.21
CA VAL A 154 -8.36 -2.59 3.30
C VAL A 154 -9.74 -3.05 3.76
N THR A 155 -10.00 -3.05 5.07
CA THR A 155 -11.28 -3.43 5.68
C THR A 155 -11.69 -2.45 6.77
N TYR A 156 -12.99 -2.29 6.96
CA TYR A 156 -13.58 -1.48 8.04
C TYR A 156 -15.04 -1.88 8.32
N CYS A 157 -15.49 -1.73 9.58
CA CYS A 157 -16.87 -2.00 9.99
C CYS A 157 -17.58 -0.71 10.44
N PRO A 158 -18.56 -0.18 9.67
CA PRO A 158 -19.42 0.93 10.09
C PRO A 158 -20.54 0.42 11.01
N THR A 159 -21.05 1.30 11.88
CA THR A 159 -22.08 0.96 12.89
C THR A 159 -23.41 1.67 12.63
N GLU A 160 -23.38 2.95 12.26
CA GLU A 160 -24.57 3.71 11.86
C GLU A 160 -24.84 3.54 10.35
N PRO A 161 -26.11 3.45 9.90
CA PRO A 161 -26.46 3.44 8.48
C PRO A 161 -26.36 4.84 7.87
N GLY A 162 -26.32 4.91 6.54
CA GLY A 162 -26.17 6.16 5.76
C GLY A 162 -25.15 6.02 4.64
N ASN A 163 -24.38 7.07 4.37
CA ASN A 163 -23.30 7.06 3.37
C ASN A 163 -21.94 7.46 3.98
N TYR A 164 -20.91 6.66 3.74
CA TYR A 164 -19.52 6.91 4.15
C TYR A 164 -18.65 7.26 2.94
N ILE A 165 -17.68 8.15 3.13
CA ILE A 165 -16.74 8.62 2.11
C ILE A 165 -15.36 7.98 2.37
N ILE A 166 -14.73 7.43 1.34
CA ILE A 166 -13.36 6.92 1.34
C ILE A 166 -12.47 7.86 0.52
N ASN A 167 -11.35 8.32 1.10
CA ASN A 167 -10.34 9.14 0.43
C ASN A 167 -9.06 8.31 0.18
N ILE A 168 -8.58 8.27 -1.07
CA ILE A 168 -7.34 7.58 -1.45
C ILE A 168 -6.29 8.59 -1.97
N LYS A 169 -5.41 9.04 -1.07
CA LYS A 169 -4.21 9.84 -1.40
C LYS A 169 -3.03 8.90 -1.73
N PHE A 170 -2.34 9.14 -2.85
CA PHE A 170 -1.07 8.50 -3.17
C PHE A 170 -0.04 9.56 -3.56
N ALA A 171 1.16 9.53 -2.97
CA ALA A 171 2.27 10.46 -3.22
C ALA A 171 1.91 11.95 -2.99
N ASP A 172 0.92 12.20 -2.13
CA ASP A 172 0.32 13.51 -1.79
C ASP A 172 -0.57 14.12 -2.90
N GLN A 173 -0.91 13.30 -3.91
CA GLN A 173 -1.98 13.55 -4.89
C GLN A 173 -3.26 12.79 -4.47
N HIS A 174 -4.19 12.54 -5.40
CA HIS A 174 -5.45 11.82 -5.15
C HIS A 174 -5.80 10.90 -6.34
N VAL A 175 -6.06 9.62 -6.11
CA VAL A 175 -6.14 8.61 -7.21
C VAL A 175 -7.43 8.78 -8.05
N PRO A 176 -7.44 8.35 -9.33
CA PRO A 176 -8.63 8.37 -10.18
C PRO A 176 -9.85 7.69 -9.52
N GLY A 177 -11.00 8.38 -9.54
CA GLY A 177 -12.25 7.93 -8.93
C GLY A 177 -12.43 8.33 -7.46
N SER A 178 -11.36 8.71 -6.76
CA SER A 178 -11.42 9.20 -5.38
C SER A 178 -11.92 10.67 -5.31
N PRO A 179 -12.70 11.07 -4.28
CA PRO A 179 -13.22 10.24 -3.18
C PRO A 179 -14.40 9.36 -3.63
N PHE A 180 -14.58 8.22 -2.95
CA PHE A 180 -15.61 7.22 -3.21
C PHE A 180 -16.74 7.29 -2.16
N SER A 181 -17.99 7.30 -2.59
CA SER A 181 -19.18 7.33 -1.71
C SER A 181 -19.81 5.93 -1.57
N VAL A 182 -19.99 5.46 -0.33
CA VAL A 182 -20.32 4.06 0.02
C VAL A 182 -21.66 4.02 0.78
N LYS A 183 -22.70 3.44 0.15
CA LYS A 183 -24.03 3.32 0.77
C LYS A 183 -24.06 2.16 1.80
N VAL A 184 -24.21 2.47 3.09
CA VAL A 184 -24.24 1.48 4.18
C VAL A 184 -25.69 1.26 4.60
N THR A 185 -26.20 0.04 4.36
CA THR A 185 -27.54 -0.39 4.76
C THR A 185 -27.52 -1.04 6.15
N GLY A 186 -28.65 -1.01 6.86
CA GLY A 186 -28.75 -1.47 8.23
C GLY A 186 -30.13 -1.40 8.87
N GLU A 187 -30.14 -1.45 10.20
CA GLU A 187 -31.32 -1.45 11.07
C GLU A 187 -30.92 -0.97 12.48
N GLY A 188 -31.88 -0.58 13.32
CA GLY A 188 -31.62 -0.12 14.69
C GLY A 188 -31.00 -1.23 15.55
N ARG A 189 -29.80 -0.97 16.08
CA ARG A 189 -28.99 -1.94 16.83
C ARG A 189 -29.57 -2.16 18.24
N VAL A 190 -29.98 -3.38 18.54
CA VAL A 190 -30.61 -3.82 19.82
C VAL A 190 -30.12 -5.24 20.17
N LYS A 191 -29.89 -5.50 21.46
CA LYS A 191 -29.46 -6.80 22.00
C LYS A 191 -29.95 -6.98 23.45
N GLY A 1 -10.06 10.05 22.79
CA GLY A 1 -10.42 9.28 21.59
C GLY A 1 -11.48 9.98 20.75
N ALA A 2 -11.43 9.80 19.43
CA ALA A 2 -12.39 10.37 18.48
C ALA A 2 -13.79 9.69 18.56
N MET A 3 -14.82 10.40 18.09
CA MET A 3 -16.23 9.99 18.14
C MET A 3 -17.11 10.86 17.23
N GLY A 4 -18.31 10.39 16.88
CA GLY A 4 -19.30 11.15 16.10
C GLY A 4 -19.85 12.34 16.89
N ASP A 5 -20.08 13.46 16.20
CA ASP A 5 -20.44 14.76 16.80
C ASP A 5 -21.21 15.65 15.79
N ASP A 6 -22.06 15.02 14.97
CA ASP A 6 -22.91 15.58 13.90
C ASP A 6 -22.13 16.05 12.65
N SER A 7 -20.90 16.52 12.84
CA SER A 7 -19.96 16.84 11.75
C SER A 7 -19.30 15.58 11.14
N MET A 8 -18.68 15.73 9.96
CA MET A 8 -18.05 14.65 9.19
C MET A 8 -16.69 14.28 9.78
N ARG A 9 -16.69 13.51 10.88
CA ARG A 9 -15.48 13.05 11.58
C ARG A 9 -14.60 12.20 10.64
N MET A 10 -13.32 12.57 10.51
CA MET A 10 -12.33 11.83 9.73
C MET A 10 -11.72 10.68 10.56
N SER A 11 -11.71 9.49 9.98
CA SER A 11 -10.95 8.31 10.43
C SER A 11 -9.88 7.98 9.38
N HIS A 12 -8.63 7.75 9.79
CA HIS A 12 -7.46 7.77 8.88
C HIS A 12 -6.55 6.52 8.98
N LEU A 13 -5.85 6.19 7.89
CA LEU A 13 -4.91 5.06 7.77
C LEU A 13 -3.81 5.35 6.72
N LYS A 14 -2.64 4.73 6.85
CA LYS A 14 -1.52 4.80 5.88
C LYS A 14 -0.87 3.43 5.65
N VAL A 15 -0.39 3.16 4.43
CA VAL A 15 0.22 1.88 3.99
C VAL A 15 1.38 2.18 3.02
N GLY A 16 2.53 1.52 3.21
CA GLY A 16 3.69 1.61 2.31
C GLY A 16 3.56 0.65 1.13
N SER A 17 3.80 1.12 -0.09
CA SER A 17 3.59 0.38 -1.34
C SER A 17 4.88 0.23 -2.15
N ALA A 18 5.08 -0.93 -2.78
CA ALA A 18 6.33 -1.30 -3.48
C ALA A 18 6.11 -2.29 -4.62
N ALA A 19 7.05 -2.30 -5.57
CA ALA A 19 7.15 -3.27 -6.67
C ALA A 19 8.40 -4.16 -6.53
N ASP A 20 8.31 -5.38 -7.06
CA ASP A 20 9.40 -6.37 -7.05
C ASP A 20 10.36 -6.22 -8.24
N ILE A 21 11.63 -6.54 -8.02
CA ILE A 21 12.67 -6.68 -9.05
C ILE A 21 13.38 -8.04 -8.86
N PRO A 22 13.47 -8.90 -9.91
CA PRO A 22 14.11 -10.21 -9.82
C PRO A 22 15.63 -10.09 -9.87
N ILE A 23 16.33 -10.73 -8.92
CA ILE A 23 17.80 -10.69 -8.72
C ILE A 23 18.26 -12.02 -8.13
N ASN A 24 19.42 -12.53 -8.55
CA ASN A 24 20.07 -13.75 -8.02
C ASN A 24 19.16 -15.00 -8.20
N ILE A 25 18.72 -15.24 -9.44
CA ILE A 25 17.59 -16.12 -9.80
C ILE A 25 17.77 -17.56 -9.30
N SER A 26 18.99 -18.09 -9.37
CA SER A 26 19.32 -19.50 -9.06
C SER A 26 19.40 -19.81 -7.55
N GLU A 27 19.21 -18.82 -6.67
CA GLU A 27 19.43 -18.93 -5.23
C GLU A 27 18.37 -19.81 -4.53
N THR A 28 18.83 -20.54 -3.50
CA THR A 28 18.02 -21.42 -2.63
C THR A 28 18.33 -21.22 -1.14
N ASP A 29 19.48 -20.66 -0.78
CA ASP A 29 19.94 -20.45 0.60
C ASP A 29 19.44 -19.11 1.18
N LEU A 30 18.13 -18.85 1.07
CA LEU A 30 17.49 -17.60 1.51
C LEU A 30 17.46 -17.42 3.05
N SER A 31 17.98 -18.38 3.81
CA SER A 31 18.15 -18.32 5.27
C SER A 31 19.35 -17.47 5.74
N LEU A 32 20.39 -17.32 4.91
CA LEU A 32 21.60 -16.51 5.22
C LEU A 32 22.02 -15.54 4.09
N LEU A 33 21.18 -15.40 3.07
CA LEU A 33 21.22 -14.34 2.04
C LEU A 33 20.39 -13.14 2.52
N THR A 34 20.91 -11.92 2.35
CA THR A 34 20.24 -10.65 2.70
C THR A 34 20.66 -9.53 1.75
N ALA A 35 19.88 -8.45 1.68
CA ALA A 35 20.08 -7.33 0.76
C ALA A 35 19.61 -5.98 1.32
N THR A 36 20.22 -4.90 0.82
CA THR A 36 19.92 -3.49 1.15
C THR A 36 20.01 -2.64 -0.12
N VAL A 37 19.45 -1.44 -0.08
CA VAL A 37 19.59 -0.41 -1.14
C VAL A 37 20.31 0.82 -0.59
N VAL A 38 21.25 1.34 -1.37
CA VAL A 38 21.86 2.66 -1.19
C VAL A 38 21.31 3.61 -2.28
N PRO A 39 20.53 4.65 -1.92
CA PRO A 39 19.95 5.61 -2.85
C PRO A 39 20.96 6.74 -3.20
N PRO A 40 20.61 7.64 -4.15
CA PRO A 40 21.38 8.86 -4.43
C PRO A 40 21.63 9.76 -3.21
N SER A 41 20.75 9.75 -2.22
CA SER A 41 20.90 10.48 -0.94
C SER A 41 21.81 9.78 0.09
N GLY A 42 22.30 8.58 -0.22
CA GLY A 42 23.21 7.79 0.63
C GLY A 42 22.54 7.12 1.84
N ARG A 43 21.24 7.35 2.06
CA ARG A 43 20.48 6.82 3.20
C ARG A 43 20.14 5.33 3.00
N GLU A 44 21.00 4.45 3.50
CA GLU A 44 20.88 2.99 3.33
C GLU A 44 19.59 2.46 3.98
N GLU A 45 18.83 1.64 3.24
CA GLU A 45 17.57 1.02 3.67
C GLU A 45 17.59 -0.48 3.33
N PRO A 46 17.00 -1.37 4.15
CA PRO A 46 16.97 -2.81 3.92
C PRO A 46 15.91 -3.20 2.87
N CYS A 47 16.14 -4.31 2.18
CA CYS A 47 15.19 -4.92 1.24
C CYS A 47 14.23 -5.91 1.92
N LEU A 48 13.04 -6.05 1.36
CA LEU A 48 12.16 -7.22 1.52
C LEU A 48 12.56 -8.26 0.46
N LEU A 49 12.75 -9.52 0.85
CA LEU A 49 13.10 -10.63 -0.04
C LEU A 49 11.85 -11.46 -0.38
N LYS A 50 11.74 -11.92 -1.63
CA LYS A 50 10.57 -12.64 -2.17
C LYS A 50 10.96 -13.83 -3.07
N ARG A 51 10.23 -14.95 -2.91
CA ARG A 51 10.07 -15.99 -3.95
C ARG A 51 8.81 -15.66 -4.77
N LEU A 52 9.00 -15.34 -6.04
CA LEU A 52 7.96 -14.78 -6.93
C LEU A 52 7.17 -15.88 -7.66
N ARG A 53 6.07 -15.50 -8.32
CA ARG A 53 5.04 -16.43 -8.84
C ARG A 53 5.53 -17.42 -9.92
N ASN A 54 6.56 -17.10 -10.69
CA ASN A 54 7.15 -18.00 -11.69
C ASN A 54 8.28 -18.90 -11.11
N GLY A 55 8.54 -18.82 -9.80
CA GLY A 55 9.55 -19.60 -9.06
C GLY A 55 10.90 -18.89 -8.90
N HIS A 56 11.07 -17.72 -9.51
CA HIS A 56 12.29 -16.91 -9.46
C HIS A 56 12.44 -16.08 -8.15
N VAL A 57 13.67 -15.72 -7.80
CA VAL A 57 14.01 -14.89 -6.63
C VAL A 57 14.00 -13.40 -7.01
N GLY A 58 13.49 -12.55 -6.12
CA GLY A 58 13.57 -11.09 -6.23
C GLY A 58 13.56 -10.35 -4.90
N ILE A 59 13.67 -9.02 -4.98
CA ILE A 59 13.60 -8.10 -3.84
C ILE A 59 12.59 -6.98 -4.08
N SER A 60 12.15 -6.33 -3.01
CA SER A 60 11.35 -5.09 -3.00
C SER A 60 11.91 -4.10 -1.97
N PHE A 61 11.63 -2.81 -2.16
CA PHE A 61 12.09 -1.67 -1.35
C PHE A 61 11.24 -0.43 -1.65
N VAL A 62 11.61 0.77 -1.17
CA VAL A 62 11.00 2.04 -1.60
C VAL A 62 12.11 3.06 -1.92
N PRO A 63 12.27 3.50 -3.20
CA PRO A 63 13.16 4.59 -3.58
C PRO A 63 12.55 5.93 -3.17
N LYS A 64 13.40 6.88 -2.78
CA LYS A 64 13.02 8.23 -2.32
C LYS A 64 13.50 9.35 -3.25
N GLU A 65 14.18 9.00 -4.34
CA GLU A 65 14.72 9.88 -5.39
C GLU A 65 14.54 9.21 -6.77
N THR A 66 14.81 9.94 -7.86
CA THR A 66 15.02 9.40 -9.21
C THR A 66 16.52 9.18 -9.48
N GLY A 67 16.83 8.39 -10.50
CA GLY A 67 18.20 8.06 -10.92
C GLY A 67 18.73 6.75 -10.33
N GLU A 68 20.04 6.54 -10.47
CA GLU A 68 20.70 5.28 -10.13
C GLU A 68 20.74 5.02 -8.61
N HIS A 69 20.05 3.98 -8.19
CA HIS A 69 20.16 3.35 -6.87
C HIS A 69 21.04 2.09 -6.98
N LEU A 70 21.80 1.76 -5.94
CA LEU A 70 22.61 0.54 -5.85
C LEU A 70 21.94 -0.47 -4.91
N VAL A 71 21.67 -1.69 -5.39
CA VAL A 71 21.27 -2.84 -4.58
C VAL A 71 22.54 -3.58 -4.13
N HIS A 72 22.83 -3.57 -2.84
CA HIS A 72 23.90 -4.36 -2.22
C HIS A 72 23.35 -5.70 -1.70
N VAL A 73 24.11 -6.80 -1.85
CA VAL A 73 23.66 -8.17 -1.51
C VAL A 73 24.80 -9.02 -0.93
N LYS A 74 24.47 -9.72 0.16
CA LYS A 74 25.40 -10.36 1.11
C LYS A 74 24.93 -11.77 1.48
N LYS A 75 25.86 -12.73 1.53
CA LYS A 75 25.61 -14.14 1.90
C LYS A 75 26.68 -14.65 2.88
N ASN A 76 26.28 -15.31 3.96
CA ASN A 76 27.19 -15.93 4.95
C ASN A 76 28.19 -14.92 5.59
N GLY A 77 27.82 -13.64 5.64
CA GLY A 77 28.63 -12.54 6.20
C GLY A 77 29.59 -11.85 5.23
N GLN A 78 29.57 -12.20 3.94
CA GLN A 78 30.39 -11.55 2.90
C GLN A 78 29.54 -11.12 1.70
N HIS A 79 29.97 -10.07 0.99
CA HIS A 79 29.29 -9.61 -0.23
C HIS A 79 29.36 -10.65 -1.37
N VAL A 80 28.31 -10.71 -2.21
CA VAL A 80 28.29 -11.52 -3.44
C VAL A 80 29.19 -10.85 -4.48
N ALA A 81 29.88 -11.65 -5.32
CA ALA A 81 30.84 -11.16 -6.32
C ALA A 81 30.24 -10.15 -7.33
N SER A 82 28.94 -10.26 -7.63
CA SER A 82 28.19 -9.35 -8.51
C SER A 82 27.66 -8.08 -7.80
N SER A 83 27.83 -7.95 -6.49
CA SER A 83 27.35 -6.81 -5.69
C SER A 83 28.30 -5.59 -5.77
N PRO A 84 27.80 -4.34 -5.82
CA PRO A 84 26.39 -3.97 -5.93
C PRO A 84 25.86 -4.04 -7.37
N ILE A 85 24.54 -4.19 -7.50
CA ILE A 85 23.80 -4.15 -8.75
C ILE A 85 23.14 -2.76 -8.90
N PRO A 86 23.38 -2.01 -10.00
CA PRO A 86 22.74 -0.72 -10.23
C PRO A 86 21.32 -0.89 -10.79
N VAL A 87 20.39 -0.04 -10.33
CA VAL A 87 19.00 0.03 -10.79
C VAL A 87 18.61 1.50 -10.95
N VAL A 88 18.16 1.93 -12.13
CA VAL A 88 17.79 3.34 -12.42
C VAL A 88 16.28 3.53 -12.25
N ILE A 89 15.88 4.49 -11.40
CA ILE A 89 14.48 4.77 -11.04
C ILE A 89 13.99 6.01 -11.81
N SER A 90 12.84 5.89 -12.47
CA SER A 90 12.15 7.01 -13.16
C SER A 90 11.07 7.67 -12.28
N GLN A 91 10.55 8.83 -12.70
CA GLN A 91 9.44 9.50 -12.01
C GLN A 91 8.13 8.69 -12.12
N SER A 92 7.89 8.02 -13.25
CA SER A 92 6.66 7.27 -13.55
C SER A 92 6.39 6.06 -12.65
N GLU A 93 7.38 5.64 -11.84
CA GLU A 93 7.27 4.56 -10.85
C GLU A 93 7.46 5.05 -9.40
N ILE A 94 7.67 6.35 -9.17
CA ILE A 94 7.95 6.93 -7.84
C ILE A 94 6.68 7.26 -7.03
N GLY A 95 5.54 7.46 -7.70
CA GLY A 95 4.28 7.86 -7.05
C GLY A 95 3.13 8.20 -7.99
N ASP A 96 2.98 7.48 -9.11
CA ASP A 96 1.95 7.75 -10.11
C ASP A 96 0.55 7.32 -9.62
N ALA A 97 -0.26 8.28 -9.16
CA ALA A 97 -1.60 8.02 -8.63
C ALA A 97 -2.58 7.52 -9.70
N SER A 98 -2.49 8.04 -10.93
CA SER A 98 -3.36 7.63 -12.06
C SER A 98 -3.20 6.15 -12.43
N ARG A 99 -2.03 5.55 -12.13
CA ARG A 99 -1.76 4.11 -12.29
C ARG A 99 -2.32 3.23 -11.16
N VAL A 100 -2.76 3.79 -10.01
CA VAL A 100 -3.33 3.02 -8.90
C VAL A 100 -4.78 2.62 -9.23
N ARG A 101 -5.09 1.35 -9.00
CA ARG A 101 -6.43 0.76 -9.18
C ARG A 101 -7.04 0.35 -7.83
N VAL A 102 -8.36 0.17 -7.78
CA VAL A 102 -9.14 -0.21 -6.58
C VAL A 102 -10.34 -1.09 -6.97
N SER A 103 -10.87 -1.85 -6.01
CA SER A 103 -11.98 -2.81 -6.23
C SER A 103 -12.72 -3.17 -4.92
N GLY A 104 -13.78 -3.98 -4.99
CA GLY A 104 -14.59 -4.42 -3.85
C GLY A 104 -15.84 -3.56 -3.60
N GLN A 105 -16.78 -4.09 -2.82
CA GLN A 105 -18.12 -3.50 -2.65
C GLN A 105 -18.12 -2.28 -1.72
N GLY A 106 -17.19 -2.19 -0.77
CA GLY A 106 -17.12 -1.14 0.25
C GLY A 106 -16.75 0.25 -0.27
N LEU A 107 -16.55 0.41 -1.58
CA LEU A 107 -16.43 1.68 -2.30
C LEU A 107 -17.78 2.18 -2.85
N HIS A 108 -18.86 1.39 -2.73
CA HIS A 108 -20.17 1.65 -3.32
C HIS A 108 -21.34 1.42 -2.34
N GLU A 109 -21.31 0.34 -1.55
CA GLU A 109 -22.36 -0.02 -0.57
C GLU A 109 -21.74 -0.62 0.71
N GLY A 110 -22.41 -0.42 1.85
CA GLY A 110 -22.03 -0.98 3.15
C GLY A 110 -23.21 -1.27 4.08
N HIS A 111 -22.90 -1.70 5.30
CA HIS A 111 -23.87 -2.05 6.35
C HIS A 111 -23.44 -1.52 7.73
N THR A 112 -24.40 -1.24 8.63
CA THR A 112 -24.13 -0.81 10.02
C THR A 112 -23.72 -1.98 10.92
N PHE A 113 -24.35 -3.14 10.76
CA PHE A 113 -24.20 -4.30 11.66
C PHE A 113 -23.22 -5.36 11.15
N GLU A 114 -22.59 -5.14 9.98
CA GLU A 114 -21.52 -5.96 9.39
C GLU A 114 -20.46 -5.04 8.75
N PRO A 115 -19.16 -5.40 8.76
CA PRO A 115 -18.09 -4.58 8.19
C PRO A 115 -18.14 -4.56 6.65
N ALA A 116 -17.65 -3.47 6.05
CA ALA A 116 -17.55 -3.28 4.60
C ALA A 116 -16.09 -3.39 4.13
N GLU A 117 -15.82 -4.20 3.11
CA GLU A 117 -14.49 -4.51 2.58
C GLU A 117 -14.23 -3.94 1.19
N PHE A 118 -12.97 -3.56 0.92
CA PHE A 118 -12.49 -3.12 -0.38
C PHE A 118 -10.98 -3.33 -0.55
N ILE A 119 -10.54 -3.45 -1.80
CA ILE A 119 -9.16 -3.79 -2.21
C ILE A 119 -8.52 -2.58 -2.92
N ILE A 120 -7.22 -2.39 -2.69
CA ILE A 120 -6.37 -1.38 -3.33
C ILE A 120 -5.19 -2.09 -4.02
N ASP A 121 -4.90 -1.70 -5.26
CA ASP A 121 -3.89 -2.32 -6.13
C ASP A 121 -2.95 -1.25 -6.72
N THR A 122 -1.75 -1.15 -6.12
CA THR A 122 -0.66 -0.25 -6.50
C THR A 122 0.39 -0.90 -7.40
N ARG A 123 0.22 -2.16 -7.80
CA ARG A 123 1.25 -2.95 -8.49
C ARG A 123 1.68 -2.35 -9.83
N ASP A 124 0.76 -1.71 -10.57
CA ASP A 124 1.02 -1.04 -11.84
C ASP A 124 1.56 0.41 -11.68
N ALA A 125 1.49 0.97 -10.46
CA ALA A 125 1.99 2.31 -10.11
C ALA A 125 3.45 2.32 -9.61
N GLY A 126 4.02 1.16 -9.30
CA GLY A 126 5.40 1.01 -8.81
C GLY A 126 5.47 1.17 -7.30
N TYR A 127 6.23 2.17 -6.86
CA TYR A 127 6.49 2.51 -5.45
C TYR A 127 5.68 3.73 -4.98
N GLY A 128 5.56 3.91 -3.66
CA GLY A 128 4.98 5.13 -3.04
C GLY A 128 4.31 4.91 -1.69
N GLY A 129 3.75 5.99 -1.14
CA GLY A 129 2.95 5.98 0.09
C GLY A 129 1.46 6.11 -0.22
N LEU A 130 0.66 5.12 0.22
CA LEU A 130 -0.80 5.13 0.16
C LEU A 130 -1.34 5.67 1.49
N SER A 131 -2.14 6.72 1.42
CA SER A 131 -2.84 7.35 2.55
C SER A 131 -4.35 7.33 2.31
N LEU A 132 -5.15 7.18 3.37
CA LEU A 132 -6.56 6.81 3.28
C LEU A 132 -7.37 7.51 4.37
N SER A 133 -8.49 8.09 3.98
CA SER A 133 -9.45 8.74 4.90
C SER A 133 -10.86 8.22 4.66
N ILE A 134 -11.61 7.93 5.73
CA ILE A 134 -13.06 7.66 5.70
C ILE A 134 -13.75 8.70 6.59
N GLU A 135 -14.89 9.23 6.15
CA GLU A 135 -15.66 10.24 6.90
C GLU A 135 -17.16 10.11 6.64
N GLY A 136 -17.99 10.41 7.64
CA GLY A 136 -19.44 10.20 7.58
C GLY A 136 -20.19 10.68 8.84
N PRO A 137 -21.45 10.24 9.03
CA PRO A 137 -22.28 10.63 10.17
C PRO A 137 -21.76 10.17 11.54
N SER A 138 -20.75 9.30 11.60
CA SER A 138 -20.00 8.99 12.83
C SER A 138 -18.55 8.53 12.53
N LYS A 139 -17.72 8.44 13.57
CA LYS A 139 -16.36 7.86 13.52
C LYS A 139 -16.40 6.38 13.09
N VAL A 140 -15.41 5.92 12.32
CA VAL A 140 -15.27 4.48 11.96
C VAL A 140 -13.92 3.92 12.41
N ASP A 141 -13.89 2.63 12.74
CA ASP A 141 -12.65 1.91 13.07
C ASP A 141 -12.17 1.13 11.84
N ILE A 142 -10.96 1.48 11.35
CA ILE A 142 -10.37 0.97 10.10
C ILE A 142 -9.29 -0.06 10.43
N ASN A 143 -9.30 -1.17 9.69
CA ASN A 143 -8.28 -2.23 9.72
C ASN A 143 -7.79 -2.55 8.29
N THR A 144 -6.58 -3.12 8.18
CA THR A 144 -5.91 -3.44 6.91
C THR A 144 -5.31 -4.84 6.94
N GLU A 145 -5.15 -5.45 5.76
CA GLU A 145 -4.54 -6.78 5.59
C GLU A 145 -3.86 -6.89 4.22
N ASP A 146 -2.61 -7.38 4.21
CA ASP A 146 -1.83 -7.63 3.00
C ASP A 146 -2.19 -9.01 2.40
N LEU A 147 -2.63 -9.03 1.13
CA LEU A 147 -3.02 -10.25 0.43
C LEU A 147 -1.84 -10.86 -0.35
N GLU A 148 -1.87 -12.19 -0.54
CA GLU A 148 -0.78 -12.96 -1.17
C GLU A 148 -0.54 -12.56 -2.64
N ASP A 149 -1.55 -12.04 -3.33
CA ASP A 149 -1.48 -11.57 -4.73
C ASP A 149 -0.76 -10.20 -4.87
N GLY A 150 -0.39 -9.56 -3.76
CA GLY A 150 0.37 -8.30 -3.71
C GLY A 150 -0.49 -7.04 -3.54
N THR A 151 -1.81 -7.19 -3.38
CA THR A 151 -2.78 -6.12 -3.13
C THR A 151 -3.06 -5.95 -1.63
N CYS A 152 -3.65 -4.81 -1.26
CA CYS A 152 -4.04 -4.49 0.12
C CYS A 152 -5.57 -4.53 0.26
N ARG A 153 -6.08 -5.27 1.25
CA ARG A 153 -7.48 -5.22 1.68
C ARG A 153 -7.62 -4.19 2.81
N VAL A 154 -8.67 -3.37 2.74
CA VAL A 154 -9.09 -2.42 3.78
C VAL A 154 -10.52 -2.79 4.21
N THR A 155 -10.78 -2.75 5.52
CA THR A 155 -12.09 -3.02 6.13
C THR A 155 -12.43 -1.98 7.18
N TYR A 156 -13.70 -1.65 7.32
CA TYR A 156 -14.20 -0.74 8.35
C TYR A 156 -15.64 -1.06 8.80
N CYS A 157 -15.97 -0.72 10.04
CA CYS A 157 -17.31 -0.87 10.63
C CYS A 157 -17.91 0.51 11.00
N PRO A 158 -18.93 0.99 10.26
CA PRO A 158 -19.72 2.17 10.63
C PRO A 158 -20.78 1.79 11.68
N THR A 159 -21.45 2.81 12.28
CA THR A 159 -22.49 2.62 13.30
C THR A 159 -23.82 3.24 12.87
N GLU A 160 -23.81 4.51 12.46
CA GLU A 160 -24.99 5.18 11.89
C GLU A 160 -25.13 4.84 10.39
N PRO A 161 -26.36 4.68 9.86
CA PRO A 161 -26.59 4.55 8.43
C PRO A 161 -26.47 5.91 7.72
N GLY A 162 -26.30 5.88 6.39
CA GLY A 162 -26.17 7.07 5.53
C GLY A 162 -25.03 6.96 4.51
N ASN A 163 -24.60 8.11 3.96
CA ASN A 163 -23.46 8.18 3.04
C ASN A 163 -22.14 8.40 3.79
N TYR A 164 -21.18 7.49 3.61
CA TYR A 164 -19.78 7.66 4.02
C TYR A 164 -18.91 7.95 2.80
N ILE A 165 -17.99 8.90 2.92
CA ILE A 165 -17.03 9.28 1.89
C ILE A 165 -15.69 8.60 2.17
N ILE A 166 -15.07 8.00 1.15
CA ILE A 166 -13.73 7.41 1.21
C ILE A 166 -12.81 8.12 0.20
N ASN A 167 -11.65 8.58 0.67
CA ASN A 167 -10.57 9.14 -0.16
C ASN A 167 -9.38 8.19 -0.20
N ILE A 168 -8.94 7.81 -1.41
CA ILE A 168 -7.71 7.05 -1.64
C ILE A 168 -6.65 7.96 -2.28
N LYS A 169 -5.58 8.22 -1.55
CA LYS A 169 -4.51 9.18 -1.89
C LYS A 169 -3.16 8.47 -2.03
N PHE A 170 -2.39 8.79 -3.07
CA PHE A 170 -1.09 8.19 -3.34
C PHE A 170 -0.03 9.27 -3.60
N ALA A 171 1.09 9.23 -2.87
CA ALA A 171 2.27 10.08 -3.05
C ALA A 171 1.94 11.61 -3.07
N ASP A 172 1.01 12.03 -2.22
CA ASP A 172 0.54 13.42 -2.00
C ASP A 172 -0.48 13.91 -3.06
N GLN A 173 -0.87 13.06 -4.01
CA GLN A 173 -1.83 13.36 -5.09
C GLN A 173 -3.25 12.87 -4.71
N HIS A 174 -3.92 12.08 -5.57
CA HIS A 174 -5.29 11.55 -5.39
C HIS A 174 -5.59 10.51 -6.51
N VAL A 175 -6.05 9.29 -6.19
CA VAL A 175 -6.19 8.23 -7.21
C VAL A 175 -7.55 8.31 -7.95
N PRO A 176 -7.69 7.73 -9.16
CA PRO A 176 -8.94 7.73 -9.93
C PRO A 176 -10.12 7.15 -9.15
N GLY A 177 -11.30 7.75 -9.33
CA GLY A 177 -12.57 7.34 -8.71
C GLY A 177 -12.83 7.95 -7.33
N SER A 178 -11.80 8.42 -6.63
CA SER A 178 -11.98 9.15 -5.36
C SER A 178 -12.46 10.60 -5.61
N PRO A 179 -13.26 11.20 -4.68
CA PRO A 179 -13.83 10.58 -3.49
C PRO A 179 -14.98 9.64 -3.84
N PHE A 180 -15.04 8.50 -3.15
CA PHE A 180 -16.09 7.49 -3.28
C PHE A 180 -17.21 7.74 -2.24
N SER A 181 -18.44 7.94 -2.69
CA SER A 181 -19.63 7.92 -1.81
C SER A 181 -20.16 6.48 -1.64
N VAL A 182 -20.27 6.02 -0.39
CA VAL A 182 -20.64 4.65 -0.01
C VAL A 182 -21.97 4.68 0.74
N LYS A 183 -23.02 4.09 0.17
CA LYS A 183 -24.34 4.01 0.81
C LYS A 183 -24.37 2.89 1.87
N VAL A 184 -24.29 3.27 3.15
CA VAL A 184 -24.37 2.34 4.30
C VAL A 184 -25.84 2.20 4.70
N THR A 185 -26.40 1.00 4.54
CA THR A 185 -27.78 0.66 4.96
C THR A 185 -27.80 0.05 6.35
N GLY A 186 -28.97 0.06 7.00
CA GLY A 186 -29.16 -0.40 8.37
C GLY A 186 -30.33 0.26 9.09
N GLU A 187 -30.12 0.58 10.36
CA GLU A 187 -31.11 1.15 11.28
C GLU A 187 -30.42 2.00 12.36
N GLY A 188 -31.15 2.93 12.99
CA GLY A 188 -30.63 3.89 13.98
C GLY A 188 -30.22 3.28 15.33
N ARG A 189 -30.43 1.97 15.53
CA ARG A 189 -29.93 1.14 16.64
C ARG A 189 -30.79 1.27 17.91
N VAL A 190 -30.89 0.18 18.70
CA VAL A 190 -31.58 0.15 20.01
C VAL A 190 -30.80 1.00 21.04
N LYS A 191 -31.53 1.84 21.80
CA LYS A 191 -30.97 2.75 22.82
C LYS A 191 -30.46 2.00 24.07
N GLY A 1 -23.53 24.29 27.91
CA GLY A 1 -23.73 24.59 26.48
C GLY A 1 -23.52 23.37 25.61
N ALA A 2 -24.34 23.22 24.57
CA ALA A 2 -24.32 22.09 23.61
C ALA A 2 -25.05 22.46 22.30
N MET A 3 -24.90 21.60 21.27
CA MET A 3 -25.61 21.59 19.97
C MET A 3 -25.18 22.70 18.98
N GLY A 4 -24.55 23.78 19.47
CA GLY A 4 -24.00 24.88 18.66
C GLY A 4 -22.57 24.62 18.14
N ASP A 5 -22.02 23.44 18.37
CA ASP A 5 -20.65 23.02 18.04
C ASP A 5 -20.52 21.49 17.94
N ASP A 6 -19.49 21.03 17.23
CA ASP A 6 -19.16 19.61 16.97
C ASP A 6 -17.69 19.47 16.51
N SER A 7 -17.27 18.30 16.05
CA SER A 7 -15.91 18.02 15.57
C SER A 7 -15.87 16.84 14.58
N MET A 8 -15.01 16.92 13.55
CA MET A 8 -14.89 15.91 12.51
C MET A 8 -14.14 14.66 13.02
N ARG A 9 -14.74 13.48 12.84
CA ARG A 9 -14.14 12.17 13.13
C ARG A 9 -13.68 11.49 11.83
N MET A 10 -12.42 11.05 11.81
CA MET A 10 -11.80 10.27 10.74
C MET A 10 -11.16 9.00 11.29
N SER A 11 -11.35 7.89 10.58
CA SER A 11 -10.85 6.56 10.94
C SER A 11 -9.71 6.18 9.97
N HIS A 12 -8.46 6.08 10.44
CA HIS A 12 -7.25 6.10 9.58
C HIS A 12 -6.54 4.73 9.39
N LEU A 13 -5.76 4.60 8.31
CA LEU A 13 -4.90 3.45 7.96
C LEU A 13 -3.71 3.93 7.09
N LYS A 14 -2.51 3.40 7.33
CA LYS A 14 -1.34 3.54 6.44
C LYS A 14 -0.75 2.17 6.07
N VAL A 15 -0.25 2.01 4.84
CA VAL A 15 0.34 0.75 4.34
C VAL A 15 1.35 1.02 3.21
N GLY A 16 2.45 0.26 3.19
CA GLY A 16 3.55 0.43 2.22
C GLY A 16 3.25 -0.18 0.85
N SER A 17 3.83 0.39 -0.20
CA SER A 17 3.60 0.02 -1.61
C SER A 17 4.92 -0.15 -2.38
N ALA A 18 5.93 -0.72 -1.72
CA ALA A 18 7.24 -1.03 -2.28
C ALA A 18 7.13 -2.17 -3.33
N ALA A 19 7.37 -1.85 -4.61
CA ALA A 19 7.34 -2.81 -5.71
C ALA A 19 8.57 -3.75 -5.69
N ASP A 20 8.38 -4.98 -6.16
CA ASP A 20 9.35 -6.07 -6.07
C ASP A 20 10.24 -6.25 -7.32
N ILE A 21 11.46 -6.74 -7.10
CA ILE A 21 12.44 -7.18 -8.12
C ILE A 21 13.08 -8.50 -7.68
N PRO A 22 13.07 -9.59 -8.49
CA PRO A 22 13.76 -10.84 -8.19
C PRO A 22 15.24 -10.81 -8.59
N ILE A 23 16.09 -11.55 -7.86
CA ILE A 23 17.55 -11.66 -8.11
C ILE A 23 18.02 -13.11 -7.89
N ASN A 24 18.85 -13.62 -8.82
CA ASN A 24 19.65 -14.86 -8.70
C ASN A 24 18.92 -16.06 -8.06
N ILE A 25 17.98 -16.66 -8.81
CA ILE A 25 17.11 -17.74 -8.31
C ILE A 25 17.91 -19.02 -8.01
N SER A 26 17.80 -19.52 -6.78
CA SER A 26 18.49 -20.70 -6.24
C SER A 26 17.92 -21.10 -4.87
N GLU A 27 18.24 -22.29 -4.38
CA GLU A 27 17.77 -22.83 -3.08
C GLU A 27 18.69 -22.35 -1.93
N THR A 28 18.74 -21.03 -1.72
CA THR A 28 19.55 -20.36 -0.69
C THR A 28 18.82 -20.29 0.65
N ASP A 29 19.60 -20.12 1.73
CA ASP A 29 19.10 -19.82 3.08
C ASP A 29 18.94 -18.31 3.27
N LEU A 30 17.71 -17.86 3.54
CA LEU A 30 17.37 -16.45 3.76
C LEU A 30 17.80 -15.92 5.13
N SER A 31 18.22 -16.79 6.07
CA SER A 31 18.58 -16.39 7.45
C SER A 31 19.85 -15.52 7.52
N LEU A 32 20.86 -15.81 6.67
CA LEU A 32 22.15 -15.09 6.63
C LEU A 32 22.32 -14.19 5.37
N LEU A 33 21.30 -14.12 4.51
CA LEU A 33 21.23 -13.17 3.39
C LEU A 33 20.52 -11.88 3.82
N THR A 34 21.10 -10.72 3.46
CA THR A 34 20.53 -9.37 3.65
C THR A 34 20.78 -8.50 2.42
N ALA A 35 20.05 -7.40 2.30
CA ALA A 35 20.12 -6.50 1.14
C ALA A 35 19.80 -5.03 1.49
N THR A 36 20.43 -4.11 0.75
CA THR A 36 20.24 -2.65 0.82
C THR A 36 20.14 -2.08 -0.60
N VAL A 37 19.66 -0.84 -0.72
CA VAL A 37 19.76 -0.02 -1.94
C VAL A 37 20.61 1.21 -1.65
N VAL A 38 21.54 1.49 -2.58
CA VAL A 38 22.32 2.74 -2.64
C VAL A 38 21.74 3.59 -3.79
N PRO A 39 21.10 4.74 -3.50
CA PRO A 39 20.61 5.68 -4.51
C PRO A 39 21.76 6.52 -5.08
N PRO A 40 21.54 7.29 -6.17
CA PRO A 40 22.55 8.20 -6.74
C PRO A 40 22.88 9.39 -5.81
N SER A 41 22.04 9.67 -4.79
CA SER A 41 22.34 10.61 -3.70
C SER A 41 23.23 10.02 -2.59
N GLY A 42 23.56 8.72 -2.66
CA GLY A 42 24.43 8.00 -1.71
C GLY A 42 23.76 7.65 -0.37
N ARG A 43 22.49 8.03 -0.17
CA ARG A 43 21.72 7.83 1.06
C ARG A 43 21.21 6.37 1.18
N GLU A 44 22.10 5.45 1.54
CA GLU A 44 21.81 4.01 1.62
C GLU A 44 20.66 3.69 2.59
N GLU A 45 19.76 2.78 2.18
CA GLU A 45 18.63 2.27 2.99
C GLU A 45 18.45 0.75 2.78
N PRO A 46 17.93 0.02 3.78
CA PRO A 46 17.71 -1.42 3.70
C PRO A 46 16.51 -1.79 2.82
N CYS A 47 16.57 -2.99 2.24
CA CYS A 47 15.48 -3.58 1.45
C CYS A 47 14.58 -4.51 2.29
N LEU A 48 13.31 -4.64 1.88
CA LEU A 48 12.39 -5.67 2.36
C LEU A 48 12.51 -6.91 1.46
N LEU A 49 12.81 -8.07 2.05
CA LEU A 49 12.87 -9.35 1.34
C LEU A 49 11.47 -9.99 1.25
N LYS A 50 11.16 -10.58 0.09
CA LYS A 50 9.84 -11.15 -0.22
C LYS A 50 9.94 -12.46 -1.03
N ARG A 51 9.09 -13.44 -0.71
CA ARG A 51 8.75 -14.56 -1.61
C ARG A 51 7.58 -14.12 -2.51
N LEU A 52 7.77 -14.24 -3.82
CA LEU A 52 6.96 -13.58 -4.86
C LEU A 52 5.99 -14.55 -5.58
N ARG A 53 5.19 -13.99 -6.48
CA ARG A 53 3.98 -14.60 -7.08
C ARG A 53 4.18 -15.97 -7.73
N ASN A 54 5.33 -16.19 -8.37
CA ASN A 54 5.64 -17.43 -9.13
C ASN A 54 6.45 -18.46 -8.30
N GLY A 55 6.67 -18.20 -7.01
CA GLY A 55 7.47 -19.03 -6.09
C GLY A 55 8.94 -18.61 -5.98
N HIS A 56 9.37 -17.63 -6.79
CA HIS A 56 10.69 -17.00 -6.75
C HIS A 56 10.86 -16.02 -5.55
N VAL A 57 12.07 -15.48 -5.35
CA VAL A 57 12.44 -14.61 -4.21
C VAL A 57 13.09 -13.32 -4.74
N GLY A 58 12.81 -12.19 -4.08
CA GLY A 58 13.31 -10.87 -4.45
C GLY A 58 13.37 -9.84 -3.32
N ILE A 59 13.74 -8.62 -3.71
CA ILE A 59 13.80 -7.42 -2.85
C ILE A 59 12.68 -6.43 -3.22
N SER A 60 12.36 -5.52 -2.30
CA SER A 60 11.55 -4.33 -2.56
C SER A 60 12.01 -3.14 -1.69
N PHE A 61 11.74 -1.91 -2.14
CA PHE A 61 12.21 -0.65 -1.57
C PHE A 61 11.38 0.54 -2.10
N VAL A 62 11.74 1.78 -1.73
CA VAL A 62 11.20 3.01 -2.34
C VAL A 62 12.38 3.97 -2.64
N PRO A 63 12.55 4.46 -3.89
CA PRO A 63 13.62 5.38 -4.28
C PRO A 63 13.31 6.81 -3.83
N LYS A 64 14.37 7.58 -3.57
CA LYS A 64 14.28 9.01 -3.18
C LYS A 64 14.66 9.97 -4.33
N GLU A 65 15.17 9.45 -5.44
CA GLU A 65 15.65 10.18 -6.63
C GLU A 65 15.29 9.40 -7.91
N THR A 66 15.50 10.03 -9.08
CA THR A 66 15.50 9.36 -10.40
C THR A 66 16.92 8.94 -10.80
N GLY A 67 17.03 8.06 -11.79
CA GLY A 67 18.29 7.55 -12.34
C GLY A 67 18.71 6.20 -11.76
N GLU A 68 19.95 5.81 -12.03
CA GLU A 68 20.49 4.50 -11.66
C GLU A 68 20.69 4.38 -10.14
N HIS A 69 19.97 3.45 -9.52
CA HIS A 69 20.18 2.95 -8.16
C HIS A 69 20.88 1.57 -8.23
N LEU A 70 21.70 1.26 -7.23
CA LEU A 70 22.32 -0.06 -7.06
C LEU A 70 21.67 -0.79 -5.88
N VAL A 71 21.19 -2.02 -6.10
CA VAL A 71 20.86 -2.97 -5.03
C VAL A 71 22.16 -3.70 -4.65
N HIS A 72 22.53 -3.67 -3.38
CA HIS A 72 23.65 -4.45 -2.82
C HIS A 72 23.10 -5.64 -1.99
N VAL A 73 23.58 -6.85 -2.27
CA VAL A 73 23.11 -8.10 -1.65
C VAL A 73 24.30 -8.89 -1.12
N LYS A 74 24.22 -9.33 0.14
CA LYS A 74 25.31 -9.99 0.86
C LYS A 74 24.88 -11.18 1.74
N LYS A 75 25.71 -12.22 1.75
CA LYS A 75 25.57 -13.46 2.52
C LYS A 75 26.67 -13.50 3.61
N ASN A 76 26.28 -13.68 4.87
CA ASN A 76 27.20 -13.77 6.02
C ASN A 76 28.15 -12.54 6.15
N GLY A 77 27.72 -11.37 5.66
CA GLY A 77 28.46 -10.10 5.67
C GLY A 77 29.22 -9.75 4.39
N GLN A 78 29.40 -10.69 3.45
CA GLN A 78 30.15 -10.48 2.20
C GLN A 78 29.24 -10.56 0.96
N HIS A 79 29.53 -9.75 -0.06
CA HIS A 79 28.66 -9.60 -1.24
C HIS A 79 28.47 -10.89 -2.07
N VAL A 80 27.25 -11.09 -2.58
CA VAL A 80 26.88 -12.19 -3.51
C VAL A 80 27.53 -11.94 -4.88
N ALA A 81 27.86 -12.99 -5.63
CA ALA A 81 28.56 -12.92 -6.92
C ALA A 81 27.82 -12.10 -8.00
N SER A 82 26.50 -11.98 -7.91
CA SER A 82 25.66 -11.14 -8.81
C SER A 82 25.54 -9.68 -8.35
N SER A 83 26.02 -9.33 -7.15
CA SER A 83 25.90 -7.99 -6.55
C SER A 83 27.08 -7.06 -6.93
N PRO A 84 26.87 -5.74 -7.10
CA PRO A 84 25.58 -5.04 -7.05
C PRO A 84 24.75 -5.23 -8.33
N ILE A 85 23.43 -5.11 -8.18
CA ILE A 85 22.45 -5.18 -9.27
C ILE A 85 21.95 -3.75 -9.57
N PRO A 86 22.12 -3.22 -10.80
CA PRO A 86 21.65 -1.89 -11.17
C PRO A 86 20.16 -1.90 -11.51
N VAL A 87 19.46 -0.84 -11.12
CA VAL A 87 18.03 -0.59 -11.44
C VAL A 87 17.88 0.89 -11.79
N VAL A 88 17.33 1.22 -12.96
CA VAL A 88 17.14 2.62 -13.41
C VAL A 88 15.71 3.07 -13.09
N ILE A 89 15.57 4.15 -12.31
CA ILE A 89 14.29 4.70 -11.84
C ILE A 89 13.90 5.89 -12.73
N SER A 90 12.71 5.84 -13.33
CA SER A 90 12.10 6.98 -14.04
C SER A 90 11.18 7.79 -13.10
N GLN A 91 10.90 9.06 -13.45
CA GLN A 91 10.04 9.95 -12.67
C GLN A 91 8.62 9.38 -12.46
N SER A 92 8.12 8.57 -13.40
CA SER A 92 6.81 7.92 -13.31
C SER A 92 6.73 6.83 -12.21
N GLU A 93 7.87 6.34 -11.73
CA GLU A 93 7.96 5.27 -10.72
C GLU A 93 8.04 5.81 -9.28
N ILE A 94 8.26 7.11 -9.10
CA ILE A 94 8.49 7.75 -7.78
C ILE A 94 7.23 7.75 -6.90
N GLY A 95 6.05 7.90 -7.52
CA GLY A 95 4.77 8.00 -6.81
C GLY A 95 3.67 8.69 -7.62
N ASP A 96 3.31 8.12 -8.76
CA ASP A 96 2.24 8.65 -9.62
C ASP A 96 0.86 8.15 -9.15
N ALA A 97 0.17 8.97 -8.34
CA ALA A 97 -1.20 8.69 -7.88
C ALA A 97 -2.17 8.47 -9.05
N SER A 98 -2.01 9.21 -10.14
CA SER A 98 -2.77 9.10 -11.39
C SER A 98 -2.79 7.68 -12.01
N ARG A 99 -1.83 6.83 -11.65
CA ARG A 99 -1.70 5.43 -12.09
C ARG A 99 -2.27 4.41 -11.09
N VAL A 100 -2.67 4.81 -9.88
CA VAL A 100 -3.24 3.91 -8.86
C VAL A 100 -4.68 3.55 -9.22
N ARG A 101 -5.04 2.28 -9.06
CA ARG A 101 -6.36 1.72 -9.36
C ARG A 101 -6.98 1.05 -8.13
N VAL A 102 -8.31 0.92 -8.12
CA VAL A 102 -9.10 0.34 -7.01
C VAL A 102 -10.33 -0.41 -7.54
N SER A 103 -10.86 -1.34 -6.77
CA SER A 103 -12.02 -2.17 -7.12
C SER A 103 -12.73 -2.77 -5.89
N GLY A 104 -13.87 -3.44 -6.06
CA GLY A 104 -14.68 -4.05 -4.99
C GLY A 104 -16.02 -3.35 -4.75
N GLN A 105 -16.58 -3.52 -3.56
CA GLN A 105 -17.95 -3.10 -3.21
C GLN A 105 -17.98 -1.92 -2.24
N GLY A 106 -17.04 -1.86 -1.29
CA GLY A 106 -17.01 -0.90 -0.18
C GLY A 106 -16.65 0.54 -0.55
N LEU A 107 -16.39 0.81 -1.83
CA LEU A 107 -16.27 2.16 -2.41
C LEU A 107 -17.61 2.66 -3.00
N HIS A 108 -18.64 1.81 -3.03
CA HIS A 108 -19.96 2.09 -3.62
C HIS A 108 -21.13 1.88 -2.64
N GLU A 109 -21.07 0.84 -1.79
CA GLU A 109 -22.14 0.48 -0.85
C GLU A 109 -21.64 -0.33 0.36
N GLY A 110 -22.36 -0.25 1.48
CA GLY A 110 -22.10 -1.00 2.72
C GLY A 110 -23.37 -1.28 3.55
N HIS A 111 -23.19 -1.88 4.71
CA HIS A 111 -24.27 -2.36 5.60
C HIS A 111 -23.96 -2.10 7.09
N THR A 112 -24.99 -1.80 7.91
CA THR A 112 -24.85 -1.57 9.37
C THR A 112 -24.50 -2.83 10.17
N PHE A 113 -24.68 -4.02 9.59
CA PHE A 113 -24.55 -5.32 10.28
C PHE A 113 -23.43 -6.23 9.73
N GLU A 114 -22.76 -5.84 8.64
CA GLU A 114 -21.72 -6.64 7.96
C GLU A 114 -20.61 -5.73 7.41
N PRO A 115 -19.34 -6.19 7.37
CA PRO A 115 -18.23 -5.43 6.84
C PRO A 115 -18.30 -5.32 5.31
N ALA A 116 -17.87 -4.16 4.79
CA ALA A 116 -17.69 -3.91 3.36
C ALA A 116 -16.21 -4.06 2.97
N GLU A 117 -15.93 -4.50 1.74
CA GLU A 117 -14.57 -4.77 1.24
C GLU A 117 -14.26 -4.07 -0.09
N PHE A 118 -13.01 -3.67 -0.26
CA PHE A 118 -12.45 -3.11 -1.49
C PHE A 118 -10.94 -3.37 -1.58
N ILE A 119 -10.45 -3.53 -2.81
CA ILE A 119 -9.06 -3.86 -3.13
C ILE A 119 -8.38 -2.64 -3.76
N ILE A 120 -7.13 -2.38 -3.39
CA ILE A 120 -6.26 -1.34 -3.95
C ILE A 120 -5.12 -2.01 -4.74
N ASP A 121 -4.84 -1.47 -5.94
CA ASP A 121 -3.78 -1.92 -6.85
C ASP A 121 -2.86 -0.74 -7.22
N THR A 122 -1.67 -0.72 -6.62
CA THR A 122 -0.60 0.28 -6.82
C THR A 122 0.50 -0.20 -7.76
N ARG A 123 0.40 -1.43 -8.32
CA ARG A 123 1.47 -2.07 -9.10
C ARG A 123 1.86 -1.28 -10.37
N ASP A 124 0.90 -0.59 -11.00
CA ASP A 124 1.11 0.26 -12.18
C ASP A 124 1.68 1.66 -11.85
N ALA A 125 1.63 2.06 -10.57
CA ALA A 125 2.11 3.36 -10.08
C ALA A 125 3.58 3.37 -9.61
N GLY A 126 4.27 2.23 -9.69
CA GLY A 126 5.66 2.06 -9.27
C GLY A 126 5.78 1.87 -7.77
N TYR A 127 6.75 2.54 -7.16
CA TYR A 127 7.03 2.51 -5.72
C TYR A 127 6.21 3.58 -4.94
N GLY A 128 6.22 3.51 -3.60
CA GLY A 128 5.64 4.52 -2.71
C GLY A 128 4.94 3.96 -1.48
N GLY A 129 3.95 4.70 -0.98
CA GLY A 129 3.10 4.32 0.16
C GLY A 129 1.68 4.88 0.05
N LEU A 130 0.72 4.14 0.60
CA LEU A 130 -0.72 4.42 0.60
C LEU A 130 -1.17 4.85 2.01
N SER A 131 -1.85 5.98 2.10
CA SER A 131 -2.52 6.48 3.31
C SER A 131 -4.03 6.67 3.04
N LEU A 132 -4.86 6.30 4.01
CA LEU A 132 -6.29 6.04 3.82
C LEU A 132 -7.07 6.51 5.04
N SER A 133 -8.26 7.08 4.84
CA SER A 133 -9.15 7.42 5.94
C SER A 133 -10.63 7.30 5.56
N ILE A 134 -11.48 6.98 6.55
CA ILE A 134 -12.94 6.91 6.42
C ILE A 134 -13.57 7.95 7.34
N GLU A 135 -14.45 8.78 6.79
CA GLU A 135 -15.28 9.78 7.48
C GLU A 135 -16.75 9.39 7.35
N GLY A 136 -17.62 9.82 8.28
CA GLY A 136 -19.06 9.54 8.22
C GLY A 136 -19.81 9.79 9.54
N PRO A 137 -21.03 9.22 9.69
CA PRO A 137 -21.88 9.40 10.87
C PRO A 137 -21.37 8.68 12.13
N SER A 138 -20.31 7.87 12.06
CA SER A 138 -19.65 7.24 13.21
C SER A 138 -18.18 6.89 12.93
N LYS A 139 -17.37 6.77 13.99
CA LYS A 139 -15.97 6.31 13.94
C LYS A 139 -15.93 4.78 13.71
N VAL A 140 -15.18 4.30 12.71
CA VAL A 140 -15.12 2.88 12.31
C VAL A 140 -13.73 2.28 12.52
N ASP A 141 -13.61 0.96 12.40
CA ASP A 141 -12.34 0.23 12.49
C ASP A 141 -11.95 -0.33 11.10
N ILE A 142 -10.77 0.06 10.61
CA ILE A 142 -10.21 -0.42 9.34
C ILE A 142 -9.28 -1.61 9.62
N ASN A 143 -9.46 -2.68 8.87
CA ASN A 143 -8.59 -3.85 8.80
C ASN A 143 -8.05 -4.03 7.36
N THR A 144 -6.93 -4.74 7.21
CA THR A 144 -6.25 -4.96 5.92
C THR A 144 -5.80 -6.42 5.76
N GLU A 145 -5.56 -6.82 4.51
CA GLU A 145 -5.07 -8.15 4.15
C GLU A 145 -4.30 -8.07 2.83
N ASP A 146 -3.01 -8.45 2.86
CA ASP A 146 -2.15 -8.58 1.68
C ASP A 146 -2.52 -9.84 0.88
N LEU A 147 -2.83 -9.69 -0.40
CA LEU A 147 -3.29 -10.77 -1.28
C LEU A 147 -2.13 -11.37 -2.08
N GLU A 148 -2.26 -12.66 -2.43
CA GLU A 148 -1.20 -13.44 -3.09
C GLU A 148 -0.89 -12.98 -4.54
N ASP A 149 -1.78 -12.18 -5.15
CA ASP A 149 -1.57 -11.55 -6.47
C ASP A 149 -0.73 -10.25 -6.39
N GLY A 150 -0.43 -9.76 -5.17
CA GLY A 150 0.38 -8.56 -4.92
C GLY A 150 -0.42 -7.29 -4.62
N THR A 151 -1.75 -7.37 -4.60
CA THR A 151 -2.69 -6.27 -4.24
C THR A 151 -3.06 -6.32 -2.76
N CYS A 152 -3.76 -5.28 -2.27
CA CYS A 152 -4.17 -5.18 -0.86
C CYS A 152 -5.71 -5.06 -0.75
N ARG A 153 -6.33 -5.95 0.03
CA ARG A 153 -7.72 -5.82 0.49
C ARG A 153 -7.76 -4.88 1.71
N VAL A 154 -8.70 -3.94 1.70
CA VAL A 154 -9.08 -3.07 2.82
C VAL A 154 -10.54 -3.35 3.18
N THR A 155 -10.84 -3.44 4.49
CA THR A 155 -12.16 -3.79 5.04
C THR A 155 -12.52 -2.93 6.23
N TYR A 156 -13.80 -2.66 6.41
CA TYR A 156 -14.36 -1.92 7.55
C TYR A 156 -15.84 -2.25 7.80
N CYS A 157 -16.29 -2.16 9.05
CA CYS A 157 -17.69 -2.38 9.45
C CYS A 157 -18.31 -1.08 9.99
N PRO A 158 -19.19 -0.39 9.23
CA PRO A 158 -19.93 0.78 9.71
C PRO A 158 -21.11 0.33 10.59
N THR A 159 -21.49 1.17 11.55
CA THR A 159 -22.53 0.86 12.56
C THR A 159 -23.79 1.70 12.37
N GLU A 160 -23.65 3.01 12.15
CA GLU A 160 -24.76 3.91 11.84
C GLU A 160 -25.05 3.92 10.33
N PRO A 161 -26.33 3.98 9.90
CA PRO A 161 -26.69 4.14 8.50
C PRO A 161 -26.46 5.58 8.02
N GLY A 162 -26.42 5.79 6.70
CA GLY A 162 -26.15 7.07 6.05
C GLY A 162 -25.12 6.96 4.93
N ASN A 163 -24.28 7.98 4.76
CA ASN A 163 -23.20 7.98 3.76
C ASN A 163 -21.82 8.23 4.42
N TYR A 164 -20.85 7.38 4.09
CA TYR A 164 -19.45 7.47 4.52
C TYR A 164 -18.56 7.90 3.36
N ILE A 165 -17.54 8.73 3.62
CA ILE A 165 -16.55 9.18 2.63
C ILE A 165 -15.24 8.42 2.88
N ILE A 166 -14.66 7.84 1.83
CA ILE A 166 -13.34 7.16 1.88
C ILE A 166 -12.33 7.95 1.03
N ASN A 167 -11.25 8.37 1.68
CA ASN A 167 -10.11 9.04 1.06
C ASN A 167 -9.01 8.03 0.73
N ILE A 168 -8.52 8.01 -0.52
CA ILE A 168 -7.39 7.18 -0.96
C ILE A 168 -6.28 8.11 -1.49
N LYS A 169 -5.15 8.15 -0.78
CA LYS A 169 -3.99 9.01 -1.07
C LYS A 169 -2.69 8.19 -1.19
N PHE A 170 -1.91 8.46 -2.24
CA PHE A 170 -0.66 7.76 -2.57
C PHE A 170 0.45 8.80 -2.83
N ALA A 171 1.60 8.65 -2.16
CA ALA A 171 2.76 9.55 -2.30
C ALA A 171 2.38 11.05 -2.14
N ASP A 172 1.54 11.34 -1.14
CA ASP A 172 1.02 12.67 -0.73
C ASP A 172 -0.06 13.25 -1.68
N GLN A 173 -0.55 12.48 -2.65
CA GLN A 173 -1.50 12.91 -3.68
C GLN A 173 -2.78 12.05 -3.66
N HIS A 174 -3.96 12.69 -3.69
CA HIS A 174 -5.27 12.02 -3.74
C HIS A 174 -5.44 11.26 -5.09
N VAL A 175 -5.78 9.97 -5.08
CA VAL A 175 -5.80 9.14 -6.31
C VAL A 175 -7.10 9.34 -7.13
N PRO A 176 -7.15 8.99 -8.44
CA PRO A 176 -8.36 9.09 -9.26
C PRO A 176 -9.58 8.38 -8.65
N GLY A 177 -10.74 9.03 -8.73
CA GLY A 177 -12.01 8.57 -8.15
C GLY A 177 -12.21 8.94 -6.67
N SER A 178 -11.14 9.23 -5.94
CA SER A 178 -11.19 9.71 -4.55
C SER A 178 -11.59 11.20 -4.50
N PRO A 179 -12.39 11.65 -3.50
CA PRO A 179 -13.00 10.87 -2.43
C PRO A 179 -14.19 10.04 -2.94
N PHE A 180 -14.36 8.84 -2.38
CA PHE A 180 -15.46 7.92 -2.69
C PHE A 180 -16.59 8.07 -1.65
N SER A 181 -17.79 8.44 -2.10
CA SER A 181 -19.00 8.51 -1.25
C SER A 181 -19.75 7.17 -1.27
N VAL A 182 -19.98 6.56 -0.10
CA VAL A 182 -20.43 5.17 0.07
C VAL A 182 -21.74 5.13 0.86
N LYS A 183 -22.83 4.67 0.24
CA LYS A 183 -24.14 4.54 0.89
C LYS A 183 -24.19 3.29 1.80
N VAL A 184 -24.44 3.47 3.10
CA VAL A 184 -24.57 2.39 4.10
C VAL A 184 -26.03 2.27 4.49
N THR A 185 -26.61 1.07 4.24
CA THR A 185 -28.02 0.75 4.50
C THR A 185 -28.18 -0.16 5.71
N GLY A 186 -29.41 -0.23 6.24
CA GLY A 186 -29.79 -1.02 7.41
C GLY A 186 -30.51 -0.20 8.49
N GLU A 187 -31.08 -0.90 9.46
CA GLU A 187 -32.02 -0.35 10.45
C GLU A 187 -31.34 0.17 11.73
N GLY A 188 -30.07 -0.19 11.97
CA GLY A 188 -29.35 0.05 13.22
C GLY A 188 -29.64 -1.03 14.28
N ARG A 189 -28.68 -1.26 15.19
CA ARG A 189 -28.73 -2.33 16.18
C ARG A 189 -29.78 -2.06 17.29
N VAL A 190 -30.53 -3.09 17.68
CA VAL A 190 -31.57 -3.06 18.72
C VAL A 190 -31.92 -4.50 19.17
N LYS A 191 -32.29 -4.66 20.45
CA LYS A 191 -32.70 -5.93 21.08
C LYS A 191 -33.93 -5.72 21.98
N GLY A 1 -7.68 28.72 18.10
CA GLY A 1 -8.60 28.35 19.20
C GLY A 1 -9.90 27.77 18.66
N ALA A 2 -10.49 26.82 19.38
CA ALA A 2 -11.75 26.16 19.02
C ALA A 2 -12.97 27.10 19.17
N MET A 3 -14.03 26.85 18.38
CA MET A 3 -15.29 27.60 18.37
C MET A 3 -16.39 26.81 17.64
N GLY A 4 -16.15 26.44 16.39
CA GLY A 4 -17.02 25.58 15.56
C GLY A 4 -16.54 24.13 15.51
N ASP A 5 -17.39 23.25 14.97
CA ASP A 5 -17.14 21.81 14.79
C ASP A 5 -18.11 21.21 13.75
N ASP A 6 -17.64 20.21 12.99
CA ASP A 6 -18.39 19.56 11.90
C ASP A 6 -18.96 18.18 12.31
N SER A 7 -20.10 17.80 11.72
CA SER A 7 -20.79 16.53 12.01
C SER A 7 -20.09 15.28 11.46
N MET A 8 -19.21 15.44 10.46
CA MET A 8 -18.41 14.35 9.89
C MET A 8 -17.29 13.93 10.86
N ARG A 9 -17.31 12.66 11.27
CA ARG A 9 -16.20 12.00 11.95
C ARG A 9 -15.13 11.60 10.91
N MET A 10 -13.87 11.57 11.33
CA MET A 10 -12.71 11.31 10.46
C MET A 10 -11.84 10.18 11.02
N SER A 11 -11.53 9.19 10.19
CA SER A 11 -10.66 8.05 10.49
C SER A 11 -9.61 7.88 9.38
N HIS A 12 -8.38 7.44 9.67
CA HIS A 12 -7.27 7.45 8.69
C HIS A 12 -6.14 6.43 8.95
N LEU A 13 -5.38 6.13 7.90
CA LEU A 13 -4.38 5.05 7.82
C LEU A 13 -3.37 5.33 6.68
N LYS A 14 -2.16 4.80 6.78
CA LYS A 14 -1.10 4.88 5.74
C LYS A 14 -0.40 3.54 5.52
N VAL A 15 -0.02 3.22 4.28
CA VAL A 15 0.73 2.00 3.90
C VAL A 15 1.75 2.28 2.79
N GLY A 16 2.84 1.52 2.76
CA GLY A 16 3.88 1.58 1.71
C GLY A 16 3.56 0.67 0.52
N SER A 17 3.96 1.08 -0.67
CA SER A 17 3.71 0.37 -1.93
C SER A 17 4.95 0.33 -2.84
N ALA A 18 5.11 -0.76 -3.62
CA ALA A 18 6.32 -1.03 -4.38
C ALA A 18 6.12 -2.03 -5.54
N ALA A 19 6.97 -1.93 -6.56
CA ALA A 19 7.13 -2.92 -7.61
C ALA A 19 8.14 -4.03 -7.20
N ASP A 20 8.08 -5.17 -7.88
CA ASP A 20 8.92 -6.34 -7.64
C ASP A 20 10.17 -6.34 -8.56
N ILE A 21 11.35 -6.63 -8.01
CA ILE A 21 12.59 -6.86 -8.80
C ILE A 21 13.19 -8.24 -8.44
N PRO A 22 13.42 -9.15 -9.39
CA PRO A 22 14.03 -10.45 -9.13
C PRO A 22 15.56 -10.33 -8.96
N ILE A 23 16.10 -10.96 -7.92
CA ILE A 23 17.51 -10.98 -7.52
C ILE A 23 17.80 -12.32 -6.82
N ASN A 24 19.00 -12.90 -7.02
CA ASN A 24 19.39 -14.21 -6.46
C ASN A 24 18.46 -15.33 -6.98
N ILE A 25 18.21 -15.29 -8.30
CA ILE A 25 16.97 -15.69 -9.00
C ILE A 25 16.37 -17.02 -8.53
N SER A 26 17.12 -18.11 -8.57
CA SER A 26 16.62 -19.47 -8.32
C SER A 26 17.01 -20.04 -6.94
N GLU A 27 17.73 -19.26 -6.13
CA GLU A 27 18.34 -19.68 -4.87
C GLU A 27 17.40 -19.33 -3.70
N THR A 28 16.32 -20.11 -3.56
CA THR A 28 15.14 -19.89 -2.71
C THR A 28 15.36 -20.06 -1.20
N ASP A 29 16.61 -19.94 -0.73
CA ASP A 29 17.02 -20.02 0.68
C ASP A 29 17.00 -18.62 1.35
N LEU A 30 15.83 -17.99 1.37
CA LEU A 30 15.61 -16.62 1.89
C LEU A 30 15.93 -16.48 3.39
N SER A 31 15.91 -17.58 4.14
CA SER A 31 16.10 -17.61 5.61
C SER A 31 17.47 -17.11 6.09
N LEU A 32 18.47 -17.03 5.21
CA LEU A 32 19.80 -16.46 5.47
C LEU A 32 20.19 -15.31 4.53
N LEU A 33 19.23 -14.74 3.79
CA LEU A 33 19.41 -13.55 2.96
C LEU A 33 18.92 -12.27 3.66
N THR A 34 19.61 -11.14 3.41
CA THR A 34 19.22 -9.76 3.81
C THR A 34 19.68 -8.78 2.74
N ALA A 35 18.92 -7.70 2.52
CA ALA A 35 19.22 -6.70 1.49
C ALA A 35 18.87 -5.26 1.92
N THR A 36 19.62 -4.29 1.38
CA THR A 36 19.51 -2.84 1.63
C THR A 36 19.75 -2.08 0.33
N VAL A 37 19.00 -1.01 0.08
CA VAL A 37 19.24 -0.08 -1.04
C VAL A 37 20.06 1.09 -0.56
N VAL A 38 21.08 1.44 -1.37
CA VAL A 38 21.82 2.70 -1.28
C VAL A 38 21.31 3.61 -2.43
N PRO A 39 20.58 4.71 -2.12
CA PRO A 39 20.14 5.69 -3.10
C PRO A 39 21.29 6.62 -3.53
N PRO A 40 21.12 7.47 -4.55
CA PRO A 40 22.13 8.44 -4.98
C PRO A 40 22.41 9.53 -3.92
N SER A 41 21.53 9.71 -2.93
CA SER A 41 21.76 10.57 -1.75
C SER A 41 22.62 9.92 -0.65
N GLY A 42 22.88 8.60 -0.74
CA GLY A 42 23.67 7.81 0.22
C GLY A 42 22.88 7.34 1.46
N ARG A 43 21.59 7.71 1.58
CA ARG A 43 20.72 7.38 2.72
C ARG A 43 20.23 5.92 2.67
N GLU A 44 21.06 4.99 3.16
CA GLU A 44 20.80 3.54 3.11
C GLU A 44 19.50 3.16 3.84
N GLU A 45 18.68 2.29 3.22
CA GLU A 45 17.42 1.77 3.77
C GLU A 45 17.23 0.29 3.42
N PRO A 46 16.53 -0.51 4.28
CA PRO A 46 16.34 -1.94 4.09
C PRO A 46 15.29 -2.25 3.00
N CYS A 47 15.43 -3.43 2.38
CA CYS A 47 14.48 -3.98 1.42
C CYS A 47 13.50 -4.98 2.07
N LEU A 48 12.34 -5.17 1.45
CA LEU A 48 11.45 -6.30 1.68
C LEU A 48 11.87 -7.45 0.74
N LEU A 49 12.01 -8.67 1.27
CA LEU A 49 12.35 -9.89 0.51
C LEU A 49 11.09 -10.67 0.17
N LYS A 50 11.05 -11.28 -1.02
CA LYS A 50 9.86 -11.92 -1.60
C LYS A 50 10.19 -13.21 -2.40
N ARG A 51 9.27 -14.17 -2.35
CA ARG A 51 9.11 -15.22 -3.36
C ARG A 51 8.06 -14.75 -4.38
N LEU A 52 8.44 -14.64 -5.65
CA LEU A 52 7.64 -14.00 -6.71
C LEU A 52 6.77 -15.01 -7.50
N ARG A 53 5.89 -14.48 -8.34
CA ARG A 53 4.75 -15.18 -8.96
C ARG A 53 5.16 -16.31 -9.92
N ASN A 54 6.32 -16.19 -10.57
CA ASN A 54 6.89 -17.22 -11.47
C ASN A 54 7.72 -18.31 -10.73
N GLY A 55 7.86 -18.19 -9.40
CA GLY A 55 8.59 -19.13 -8.54
C GLY A 55 10.04 -18.72 -8.24
N HIS A 56 10.52 -17.61 -8.80
CA HIS A 56 11.84 -17.03 -8.56
C HIS A 56 11.89 -16.09 -7.33
N VAL A 57 13.10 -15.75 -6.87
CA VAL A 57 13.38 -14.88 -5.71
C VAL A 57 13.49 -13.41 -6.17
N GLY A 58 13.04 -12.48 -5.32
CA GLY A 58 13.20 -11.03 -5.53
C GLY A 58 13.05 -10.16 -4.29
N ILE A 59 13.06 -8.85 -4.50
CA ILE A 59 12.93 -7.81 -3.46
C ILE A 59 11.99 -6.68 -3.88
N SER A 60 11.63 -5.83 -2.92
CA SER A 60 10.97 -4.54 -3.08
C SER A 60 11.56 -3.48 -2.12
N PHE A 61 11.38 -2.20 -2.46
CA PHE A 61 11.86 -1.02 -1.72
C PHE A 61 11.08 0.24 -2.18
N VAL A 62 11.43 1.44 -1.72
CA VAL A 62 10.92 2.72 -2.26
C VAL A 62 12.07 3.70 -2.53
N PRO A 63 12.28 4.17 -3.77
CA PRO A 63 13.23 5.22 -4.11
C PRO A 63 12.64 6.60 -3.75
N LYS A 64 13.45 7.44 -3.11
CA LYS A 64 13.05 8.79 -2.68
C LYS A 64 13.43 9.91 -3.68
N GLU A 65 14.24 9.57 -4.69
CA GLU A 65 14.65 10.43 -5.81
C GLU A 65 14.76 9.60 -7.10
N THR A 66 15.01 10.25 -8.24
CA THR A 66 15.31 9.60 -9.53
C THR A 66 16.80 9.27 -9.65
N GLY A 67 17.16 8.46 -10.65
CA GLY A 67 18.54 8.09 -10.99
C GLY A 67 18.96 6.71 -10.46
N GLU A 68 20.26 6.43 -10.53
CA GLU A 68 20.83 5.12 -10.21
C GLU A 68 20.84 4.85 -8.69
N HIS A 69 20.14 3.80 -8.28
CA HIS A 69 20.15 3.21 -6.94
C HIS A 69 20.87 1.85 -6.99
N LEU A 70 21.63 1.50 -5.95
CA LEU A 70 22.30 0.20 -5.82
C LEU A 70 21.60 -0.65 -4.75
N VAL A 71 21.19 -1.87 -5.10
CA VAL A 71 20.72 -2.89 -4.16
C VAL A 71 21.93 -3.73 -3.72
N HIS A 72 22.31 -3.61 -2.44
CA HIS A 72 23.29 -4.49 -1.81
C HIS A 72 22.57 -5.70 -1.17
N VAL A 73 23.12 -6.92 -1.32
CA VAL A 73 22.49 -8.15 -0.82
C VAL A 73 23.53 -9.16 -0.31
N LYS A 74 23.30 -9.62 0.92
CA LYS A 74 24.16 -10.52 1.70
C LYS A 74 23.50 -11.90 1.86
N LYS A 75 24.29 -12.96 1.66
CA LYS A 75 23.98 -14.36 1.92
C LYS A 75 24.85 -14.88 3.08
N ASN A 76 24.22 -15.34 4.16
CA ASN A 76 24.88 -15.76 5.40
C ASN A 76 25.78 -14.63 5.98
N GLY A 77 27.11 -14.71 5.80
CA GLY A 77 28.09 -13.72 6.26
C GLY A 77 28.81 -12.93 5.16
N GLN A 78 28.40 -13.03 3.89
CA GLN A 78 29.12 -12.45 2.74
C GLN A 78 28.17 -11.93 1.66
N HIS A 79 28.59 -10.93 0.89
CA HIS A 79 27.80 -10.42 -0.25
C HIS A 79 27.65 -11.44 -1.39
N VAL A 80 26.49 -11.45 -2.05
CA VAL A 80 26.21 -12.29 -3.24
C VAL A 80 27.14 -11.87 -4.39
N ALA A 81 27.55 -12.80 -5.25
CA ALA A 81 28.50 -12.55 -6.35
C ALA A 81 28.08 -11.42 -7.32
N SER A 82 26.78 -11.24 -7.52
CA SER A 82 26.19 -10.17 -8.36
C SER A 82 26.02 -8.82 -7.62
N SER A 83 26.24 -8.77 -6.31
CA SER A 83 26.02 -7.57 -5.47
C SER A 83 27.21 -6.57 -5.52
N PRO A 84 26.96 -5.25 -5.54
CA PRO A 84 25.65 -4.60 -5.59
C PRO A 84 25.05 -4.61 -7.01
N ILE A 85 23.72 -4.69 -7.07
CA ILE A 85 22.93 -4.64 -8.31
C ILE A 85 22.47 -3.19 -8.55
N PRO A 86 22.87 -2.53 -9.66
CA PRO A 86 22.38 -1.19 -9.99
C PRO A 86 20.99 -1.25 -10.64
N VAL A 87 20.13 -0.30 -10.28
CA VAL A 87 18.78 -0.10 -10.84
C VAL A 87 18.58 1.39 -11.10
N VAL A 88 18.18 1.79 -12.31
CA VAL A 88 17.98 3.20 -12.69
C VAL A 88 16.49 3.56 -12.64
N ILE A 89 16.15 4.57 -11.84
CA ILE A 89 14.77 4.99 -11.55
C ILE A 89 14.42 6.25 -12.37
N SER A 90 13.30 6.21 -13.08
CA SER A 90 12.71 7.38 -13.77
C SER A 90 11.64 8.07 -12.89
N GLN A 91 11.11 9.23 -13.31
CA GLN A 91 10.07 9.95 -12.56
C GLN A 91 8.73 9.21 -12.58
N SER A 92 8.41 8.50 -13.66
CA SER A 92 7.10 7.84 -13.90
C SER A 92 6.79 6.65 -12.96
N GLU A 93 7.71 6.29 -12.08
CA GLU A 93 7.55 5.24 -11.05
C GLU A 93 7.74 5.76 -9.61
N ILE A 94 7.93 7.08 -9.41
CA ILE A 94 8.08 7.70 -8.07
C ILE A 94 6.74 7.79 -7.33
N GLY A 95 5.61 7.84 -8.05
CA GLY A 95 4.27 7.96 -7.47
C GLY A 95 3.17 8.40 -8.43
N ASP A 96 3.01 7.70 -9.56
CA ASP A 96 2.01 8.03 -10.59
C ASP A 96 0.61 7.57 -10.17
N ALA A 97 -0.14 8.46 -9.51
CA ALA A 97 -1.51 8.20 -9.01
C ALA A 97 -2.45 7.73 -10.13
N SER A 98 -2.36 8.32 -11.32
CA SER A 98 -3.15 7.97 -12.52
C SER A 98 -3.07 6.49 -12.93
N ARG A 99 -1.99 5.79 -12.54
CA ARG A 99 -1.78 4.36 -12.79
C ARG A 99 -2.31 3.44 -11.67
N VAL A 100 -2.72 3.98 -10.51
CA VAL A 100 -3.23 3.19 -9.38
C VAL A 100 -4.64 2.67 -9.68
N ARG A 101 -4.87 1.39 -9.39
CA ARG A 101 -6.17 0.70 -9.54
C ARG A 101 -6.72 0.26 -8.18
N VAL A 102 -8.03 0.05 -8.09
CA VAL A 102 -8.74 -0.40 -6.87
C VAL A 102 -9.93 -1.30 -7.23
N SER A 103 -10.40 -2.11 -6.27
CA SER A 103 -11.52 -3.06 -6.44
C SER A 103 -12.16 -3.45 -5.10
N GLY A 104 -13.25 -4.22 -5.13
CA GLY A 104 -13.99 -4.71 -3.94
C GLY A 104 -15.23 -3.88 -3.58
N GLN A 105 -16.07 -4.44 -2.71
CA GLN A 105 -17.43 -3.97 -2.43
C GLN A 105 -17.47 -2.69 -1.57
N GLY A 106 -16.47 -2.48 -0.69
CA GLY A 106 -16.43 -1.39 0.29
C GLY A 106 -16.15 -0.01 -0.30
N LEU A 107 -16.06 0.11 -1.63
CA LEU A 107 -16.08 1.37 -2.38
C LEU A 107 -17.49 1.75 -2.86
N HIS A 108 -18.48 0.86 -2.70
CA HIS A 108 -19.84 0.99 -3.25
C HIS A 108 -20.95 0.84 -2.20
N GLU A 109 -20.84 -0.13 -1.27
CA GLU A 109 -21.83 -0.40 -0.22
C GLU A 109 -21.27 -1.16 1.00
N GLY A 110 -21.96 -1.06 2.13
CA GLY A 110 -21.63 -1.74 3.39
C GLY A 110 -22.84 -2.01 4.29
N HIS A 111 -22.57 -2.58 5.48
CA HIS A 111 -23.56 -2.90 6.52
C HIS A 111 -23.12 -2.41 7.91
N THR A 112 -24.07 -2.08 8.80
CA THR A 112 -23.81 -1.68 10.20
C THR A 112 -23.35 -2.82 11.12
N PHE A 113 -23.51 -4.07 10.69
CA PHE A 113 -23.25 -5.27 11.51
C PHE A 113 -22.05 -6.11 11.06
N GLU A 114 -21.47 -5.83 9.89
CA GLU A 114 -20.33 -6.53 9.28
C GLU A 114 -19.24 -5.53 8.83
N PRO A 115 -17.97 -5.98 8.69
CA PRO A 115 -16.92 -5.18 8.07
C PRO A 115 -17.13 -5.13 6.55
N ALA A 116 -16.86 -3.96 5.96
CA ALA A 116 -16.70 -3.78 4.51
C ALA A 116 -15.21 -3.96 4.13
N GLU A 117 -14.95 -4.44 2.91
CA GLU A 117 -13.59 -4.64 2.39
C GLU A 117 -13.41 -4.13 0.96
N PHE A 118 -12.21 -3.64 0.67
CA PHE A 118 -11.76 -3.24 -0.67
C PHE A 118 -10.25 -3.41 -0.81
N ILE A 119 -9.80 -3.68 -2.04
CA ILE A 119 -8.39 -3.96 -2.39
C ILE A 119 -7.83 -2.79 -3.21
N ILE A 120 -6.57 -2.44 -2.95
CA ILE A 120 -5.78 -1.45 -3.68
C ILE A 120 -4.64 -2.15 -4.43
N ASP A 121 -4.45 -1.78 -5.69
CA ASP A 121 -3.40 -2.29 -6.59
C ASP A 121 -2.54 -1.13 -7.13
N THR A 122 -1.40 -0.90 -6.47
CA THR A 122 -0.36 0.08 -6.79
C THR A 122 0.79 -0.51 -7.62
N ARG A 123 0.75 -1.81 -7.97
CA ARG A 123 1.86 -2.53 -8.61
C ARG A 123 2.25 -1.93 -9.97
N ASP A 124 1.26 -1.48 -10.76
CA ASP A 124 1.46 -0.82 -12.06
C ASP A 124 1.87 0.67 -11.93
N ALA A 125 1.68 1.28 -10.75
CA ALA A 125 2.05 2.67 -10.46
C ALA A 125 3.51 2.84 -9.99
N GLY A 126 4.25 1.75 -9.83
CA GLY A 126 5.65 1.73 -9.39
C GLY A 126 5.74 1.70 -7.86
N TYR A 127 6.41 2.71 -7.29
CA TYR A 127 6.67 2.85 -5.86
C TYR A 127 5.94 4.07 -5.25
N GLY A 128 5.84 4.13 -3.92
CA GLY A 128 5.37 5.31 -3.19
C GLY A 128 4.62 5.02 -1.90
N GLY A 129 4.12 6.10 -1.26
CA GLY A 129 3.27 6.05 -0.08
C GLY A 129 1.80 6.22 -0.43
N LEU A 130 0.96 5.31 0.05
CA LEU A 130 -0.50 5.37 -0.03
C LEU A 130 -1.04 5.86 1.32
N SER A 131 -1.74 6.98 1.32
CA SER A 131 -2.45 7.53 2.49
C SER A 131 -3.97 7.51 2.23
N LEU A 132 -4.73 7.19 3.28
CA LEU A 132 -6.13 6.79 3.18
C LEU A 132 -6.94 7.40 4.32
N SER A 133 -8.10 7.97 3.99
CA SER A 133 -9.02 8.57 4.97
C SER A 133 -10.46 8.14 4.70
N ILE A 134 -11.18 7.73 5.75
CA ILE A 134 -12.60 7.38 5.72
C ILE A 134 -13.36 8.37 6.62
N GLU A 135 -14.47 8.91 6.13
CA GLU A 135 -15.27 9.90 6.84
C GLU A 135 -16.78 9.64 6.68
N GLY A 136 -17.56 9.99 7.69
CA GLY A 136 -19.00 9.66 7.77
C GLY A 136 -19.64 10.02 9.11
N PRO A 137 -20.84 9.48 9.42
CA PRO A 137 -21.59 9.78 10.64
C PRO A 137 -21.00 9.22 11.93
N SER A 138 -19.94 8.39 11.89
CA SER A 138 -19.30 7.81 13.08
C SER A 138 -17.82 7.43 12.84
N LYS A 139 -17.06 7.27 13.94
CA LYS A 139 -15.69 6.74 13.97
C LYS A 139 -15.63 5.30 13.41
N VAL A 140 -14.60 4.95 12.64
CA VAL A 140 -14.37 3.56 12.17
C VAL A 140 -12.92 3.13 12.40
N ASP A 141 -12.72 1.88 12.82
CA ASP A 141 -11.41 1.27 12.99
C ASP A 141 -10.91 0.71 11.66
N ILE A 142 -10.00 1.45 11.00
CA ILE A 142 -9.41 1.04 9.72
C ILE A 142 -8.30 0.02 9.96
N ASN A 143 -8.43 -1.14 9.33
CA ASN A 143 -7.46 -2.23 9.32
C ASN A 143 -6.94 -2.46 7.88
N THR A 144 -5.75 -3.06 7.75
CA THR A 144 -5.07 -3.32 6.47
C THR A 144 -4.38 -4.68 6.48
N GLU A 145 -4.15 -5.24 5.28
CA GLU A 145 -3.56 -6.56 5.07
C GLU A 145 -2.87 -6.62 3.70
N ASP A 146 -1.54 -6.71 3.70
CA ASP A 146 -0.73 -6.92 2.50
C ASP A 146 -0.77 -8.41 2.08
N LEU A 147 -1.12 -8.67 0.82
CA LEU A 147 -1.33 -10.01 0.25
C LEU A 147 -0.11 -10.51 -0.54
N GLU A 148 -0.02 -11.82 -0.71
CA GLU A 148 1.11 -12.49 -1.37
C GLU A 148 1.26 -12.13 -2.87
N ASP A 149 0.18 -11.67 -3.51
CA ASP A 149 0.18 -11.17 -4.90
C ASP A 149 0.63 -9.70 -5.03
N GLY A 150 0.95 -9.03 -3.92
CA GLY A 150 1.49 -7.66 -3.87
C GLY A 150 0.44 -6.55 -3.76
N THR A 151 -0.85 -6.90 -3.74
CA THR A 151 -1.99 -5.98 -3.49
C THR A 151 -2.25 -5.83 -2.00
N CYS A 152 -2.93 -4.74 -1.60
CA CYS A 152 -3.31 -4.48 -0.21
C CYS A 152 -4.83 -4.49 -0.04
N ARG A 153 -5.34 -5.37 0.84
CA ARG A 153 -6.71 -5.27 1.37
C ARG A 153 -6.77 -4.16 2.43
N VAL A 154 -7.86 -3.40 2.42
CA VAL A 154 -8.27 -2.44 3.46
C VAL A 154 -9.66 -2.83 3.95
N THR A 155 -9.89 -2.75 5.26
CA THR A 155 -11.13 -3.15 5.94
C THR A 155 -11.54 -2.11 6.98
N TYR A 156 -12.85 -1.97 7.19
CA TYR A 156 -13.44 -1.11 8.23
C TYR A 156 -14.89 -1.55 8.56
N CYS A 157 -15.32 -1.37 9.81
CA CYS A 157 -16.69 -1.69 10.25
C CYS A 157 -17.43 -0.43 10.73
N PRO A 158 -18.41 0.09 9.96
CA PRO A 158 -19.27 1.19 10.38
C PRO A 158 -20.37 0.70 11.33
N THR A 159 -20.84 1.57 12.24
CA THR A 159 -21.88 1.24 13.24
C THR A 159 -23.17 2.01 12.99
N GLU A 160 -23.10 3.30 12.65
CA GLU A 160 -24.24 4.11 12.21
C GLU A 160 -24.50 3.90 10.71
N PRO A 161 -25.76 3.81 10.25
CA PRO A 161 -26.11 3.73 8.84
C PRO A 161 -26.00 5.12 8.16
N GLY A 162 -26.04 5.12 6.82
CA GLY A 162 -25.98 6.33 5.98
C GLY A 162 -24.82 6.30 4.98
N ASN A 163 -24.36 7.48 4.57
CA ASN A 163 -23.25 7.64 3.62
C ASN A 163 -21.89 7.78 4.31
N TYR A 164 -20.90 7.03 3.85
CA TYR A 164 -19.47 7.16 4.18
C TYR A 164 -18.67 7.45 2.90
N ILE A 165 -17.55 8.16 3.02
CA ILE A 165 -16.67 8.54 1.90
C ILE A 165 -15.29 7.93 2.12
N ILE A 166 -14.73 7.27 1.10
CA ILE A 166 -13.34 6.78 1.08
C ILE A 166 -12.48 7.71 0.21
N ASN A 167 -11.34 8.13 0.74
CA ASN A 167 -10.31 8.91 0.02
C ASN A 167 -9.07 8.03 -0.20
N ILE A 168 -8.68 7.81 -1.46
CA ILE A 168 -7.45 7.09 -1.83
C ILE A 168 -6.47 8.07 -2.51
N LYS A 169 -5.31 8.27 -1.90
CA LYS A 169 -4.27 9.22 -2.35
C LYS A 169 -2.87 8.58 -2.32
N PHE A 170 -2.12 8.73 -3.42
CA PHE A 170 -0.81 8.13 -3.66
C PHE A 170 0.22 9.23 -3.97
N ALA A 171 1.31 9.29 -3.19
CA ALA A 171 2.40 10.26 -3.32
C ALA A 171 1.92 11.75 -3.33
N ASP A 172 0.85 12.03 -2.59
CA ASP A 172 0.18 13.32 -2.38
C ASP A 172 -0.84 13.71 -3.48
N GLN A 173 -1.14 12.80 -4.42
CA GLN A 173 -2.16 12.98 -5.46
C GLN A 173 -3.33 12.00 -5.27
N HIS A 174 -4.56 12.53 -5.28
CA HIS A 174 -5.82 11.75 -5.17
C HIS A 174 -5.99 10.85 -6.42
N VAL A 175 -6.14 9.53 -6.25
CA VAL A 175 -6.12 8.57 -7.38
C VAL A 175 -7.45 8.63 -8.18
N PRO A 176 -7.48 8.27 -9.48
CA PRO A 176 -8.70 8.32 -10.28
C PRO A 176 -9.78 7.39 -9.72
N GLY A 177 -11.02 7.89 -9.69
CA GLY A 177 -12.17 7.25 -9.04
C GLY A 177 -12.47 7.83 -7.65
N SER A 178 -11.48 8.36 -6.94
CA SER A 178 -11.68 9.07 -5.67
C SER A 178 -12.40 10.42 -5.85
N PRO A 179 -13.19 10.89 -4.86
CA PRO A 179 -13.59 10.18 -3.64
C PRO A 179 -14.71 9.18 -3.94
N PHE A 180 -14.74 8.06 -3.21
CA PHE A 180 -15.74 7.00 -3.37
C PHE A 180 -16.85 7.13 -2.32
N SER A 181 -18.09 7.32 -2.74
CA SER A 181 -19.27 7.38 -1.86
C SER A 181 -19.85 5.96 -1.62
N VAL A 182 -20.00 5.56 -0.36
CA VAL A 182 -20.40 4.21 0.08
C VAL A 182 -21.72 4.30 0.85
N LYS A 183 -22.75 3.57 0.39
CA LYS A 183 -24.03 3.47 1.10
C LYS A 183 -24.00 2.33 2.14
N VAL A 184 -24.04 2.67 3.42
CA VAL A 184 -24.09 1.70 4.54
C VAL A 184 -25.54 1.53 4.98
N THR A 185 -26.07 0.31 4.84
CA THR A 185 -27.44 -0.04 5.26
C THR A 185 -27.45 -0.63 6.66
N GLY A 186 -28.57 -0.46 7.38
CA GLY A 186 -28.73 -0.93 8.76
C GLY A 186 -30.04 -0.49 9.43
N GLU A 187 -30.53 -1.31 10.36
CA GLU A 187 -31.73 -1.06 11.17
C GLU A 187 -31.41 -0.69 12.65
N GLY A 188 -30.13 -0.70 13.04
CA GLY A 188 -29.65 -0.47 14.41
C GLY A 188 -29.59 -1.74 15.25
N ARG A 189 -28.54 -1.88 16.07
CA ARG A 189 -28.30 -3.04 16.93
C ARG A 189 -29.06 -2.95 18.28
N VAL A 190 -29.38 -4.10 18.85
CA VAL A 190 -29.98 -4.24 20.20
C VAL A 190 -28.86 -4.42 21.24
N LYS A 191 -28.95 -3.69 22.36
CA LYS A 191 -27.99 -3.73 23.47
C LYS A 191 -28.26 -4.89 24.45
N GLY A 1 -20.82 29.54 7.66
CA GLY A 1 -20.06 28.33 8.05
C GLY A 1 -20.98 27.18 8.43
N ALA A 2 -20.41 26.13 9.03
CA ALA A 2 -21.14 24.95 9.51
C ALA A 2 -21.97 25.23 10.78
N MET A 3 -22.96 24.37 11.06
CA MET A 3 -23.80 24.45 12.27
C MET A 3 -23.08 24.02 13.56
N GLY A 4 -22.02 23.21 13.44
CA GLY A 4 -21.18 22.73 14.55
C GLY A 4 -19.91 23.57 14.74
N ASP A 5 -19.25 23.37 15.88
CA ASP A 5 -17.99 24.05 16.25
C ASP A 5 -16.75 23.44 15.56
N ASP A 6 -16.89 22.27 14.93
CA ASP A 6 -15.83 21.50 14.26
C ASP A 6 -16.39 20.62 13.12
N SER A 7 -15.51 20.14 12.24
CA SER A 7 -15.82 19.31 11.07
C SER A 7 -16.28 17.87 11.43
N MET A 8 -16.74 17.11 10.43
CA MET A 8 -17.15 15.70 10.58
C MET A 8 -16.01 14.79 11.06
N ARG A 9 -16.37 13.76 11.82
CA ARG A 9 -15.45 12.72 12.32
C ARG A 9 -14.87 11.90 11.15
N MET A 10 -13.56 11.65 11.19
CA MET A 10 -12.83 10.89 10.15
C MET A 10 -11.69 10.04 10.74
N SER A 11 -11.50 8.86 10.17
CA SER A 11 -10.39 7.95 10.47
C SER A 11 -9.40 7.90 9.29
N HIS A 12 -8.12 7.58 9.53
CA HIS A 12 -7.08 7.61 8.51
C HIS A 12 -5.94 6.57 8.71
N LEU A 13 -5.20 6.29 7.63
CA LEU A 13 -4.19 5.23 7.53
C LEU A 13 -3.18 5.57 6.41
N LYS A 14 -1.94 5.09 6.53
CA LYS A 14 -0.89 5.24 5.50
C LYS A 14 -0.13 3.91 5.25
N VAL A 15 0.24 3.65 4.00
CA VAL A 15 0.92 2.42 3.55
C VAL A 15 1.98 2.77 2.50
N GLY A 16 3.21 2.25 2.65
CA GLY A 16 4.26 2.33 1.61
C GLY A 16 4.03 1.24 0.57
N SER A 17 3.79 1.62 -0.69
CA SER A 17 3.35 0.67 -1.73
C SER A 17 4.50 -0.14 -2.33
N ALA A 18 5.64 0.52 -2.62
CA ALA A 18 6.83 -0.05 -3.25
C ALA A 18 6.55 -0.65 -4.66
N ALA A 19 7.53 -1.37 -5.22
CA ALA A 19 7.39 -2.21 -6.40
C ALA A 19 8.34 -3.42 -6.32
N ASP A 20 7.93 -4.56 -6.88
CA ASP A 20 8.62 -5.84 -6.74
C ASP A 20 9.71 -6.04 -7.81
N ILE A 21 10.91 -6.47 -7.39
CA ILE A 21 12.06 -6.75 -8.27
C ILE A 21 12.58 -8.17 -7.96
N PRO A 22 12.58 -9.11 -8.92
CA PRO A 22 13.10 -10.46 -8.72
C PRO A 22 14.64 -10.45 -8.79
N ILE A 23 15.29 -11.15 -7.86
CA ILE A 23 16.76 -11.21 -7.69
C ILE A 23 17.13 -12.61 -7.18
N ASN A 24 18.22 -13.21 -7.70
CA ASN A 24 18.68 -14.57 -7.40
C ASN A 24 17.65 -15.62 -7.86
N ILE A 25 17.62 -15.87 -9.18
CA ILE A 25 16.62 -16.72 -9.86
C ILE A 25 17.06 -18.20 -9.79
N SER A 26 17.13 -18.73 -8.58
CA SER A 26 17.60 -20.09 -8.25
C SER A 26 17.15 -20.52 -6.83
N GLU A 27 17.53 -21.72 -6.40
CA GLU A 27 17.24 -22.25 -5.06
C GLU A 27 18.12 -21.55 -4.00
N THR A 28 17.47 -20.99 -2.97
CA THR A 28 18.06 -20.25 -1.84
C THR A 28 17.03 -20.12 -0.74
N ASP A 29 17.45 -20.31 0.50
CA ASP A 29 16.64 -20.11 1.71
C ASP A 29 16.52 -18.61 2.05
N LEU A 30 15.28 -18.15 2.30
CA LEU A 30 14.96 -16.73 2.52
C LEU A 30 15.17 -16.24 3.96
N SER A 31 15.33 -17.12 4.94
CA SER A 31 15.47 -16.73 6.36
C SER A 31 16.91 -16.31 6.73
N LEU A 32 17.91 -16.82 5.99
CA LEU A 32 19.32 -16.43 6.11
C LEU A 32 19.74 -15.34 5.09
N LEU A 33 18.78 -14.78 4.35
CA LEU A 33 18.97 -13.74 3.33
C LEU A 33 18.55 -12.36 3.88
N THR A 34 19.28 -11.30 3.51
CA THR A 34 18.97 -9.88 3.80
C THR A 34 19.38 -9.00 2.60
N ALA A 35 18.84 -7.79 2.52
CA ALA A 35 19.13 -6.82 1.47
C ALA A 35 18.83 -5.37 1.87
N THR A 36 19.55 -4.43 1.24
CA THR A 36 19.45 -2.97 1.42
C THR A 36 19.54 -2.29 0.05
N VAL A 37 19.16 -1.01 -0.02
CA VAL A 37 19.34 -0.14 -1.19
C VAL A 37 20.20 1.07 -0.82
N VAL A 38 21.14 1.40 -1.70
CA VAL A 38 21.91 2.65 -1.69
C VAL A 38 21.37 3.57 -2.80
N PRO A 39 20.80 4.75 -2.47
CA PRO A 39 20.31 5.73 -3.44
C PRO A 39 21.46 6.64 -3.94
N PRO A 40 21.21 7.50 -4.94
CA PRO A 40 22.13 8.55 -5.38
C PRO A 40 22.62 9.46 -4.24
N SER A 41 21.78 9.72 -3.23
CA SER A 41 22.12 10.51 -2.05
C SER A 41 23.05 9.79 -1.04
N GLY A 42 23.29 8.49 -1.22
CA GLY A 42 24.16 7.65 -0.38
C GLY A 42 23.53 7.18 0.94
N ARG A 43 22.30 7.61 1.25
CA ARG A 43 21.57 7.30 2.50
C ARG A 43 20.95 5.89 2.43
N GLU A 44 21.71 4.88 2.87
CA GLU A 44 21.33 3.46 2.78
C GLU A 44 20.07 3.14 3.61
N GLU A 45 19.16 2.34 3.03
CA GLU A 45 17.91 1.90 3.67
C GLU A 45 17.65 0.40 3.38
N PRO A 46 16.93 -0.33 4.28
CA PRO A 46 16.64 -1.75 4.12
C PRO A 46 15.54 -2.02 3.08
N CYS A 47 15.55 -3.23 2.50
CA CYS A 47 14.50 -3.74 1.62
C CYS A 47 13.56 -4.72 2.34
N LEU A 48 12.35 -4.90 1.79
CA LEU A 48 11.41 -5.96 2.17
C LEU A 48 11.65 -7.16 1.23
N LEU A 49 11.98 -8.34 1.78
CA LEU A 49 12.28 -9.57 1.03
C LEU A 49 11.03 -10.44 0.87
N LYS A 50 10.86 -11.06 -0.30
CA LYS A 50 9.66 -11.80 -0.70
C LYS A 50 9.97 -13.07 -1.52
N ARG A 51 9.10 -14.09 -1.40
CA ARG A 51 8.93 -15.17 -2.39
C ARG A 51 7.78 -14.76 -3.32
N LEU A 52 8.05 -14.55 -4.61
CA LEU A 52 7.08 -14.05 -5.58
C LEU A 52 6.29 -15.20 -6.25
N ARG A 53 5.18 -14.88 -6.93
CA ARG A 53 4.23 -15.87 -7.49
C ARG A 53 4.85 -16.84 -8.51
N ASN A 54 5.94 -16.45 -9.19
CA ASN A 54 6.66 -17.31 -10.14
C ASN A 54 7.57 -18.36 -9.47
N GLY A 55 7.76 -18.29 -8.14
CA GLY A 55 8.59 -19.19 -7.33
C GLY A 55 10.01 -18.68 -7.06
N HIS A 56 10.45 -17.63 -7.76
CA HIS A 56 11.74 -16.96 -7.51
C HIS A 56 11.71 -15.99 -6.31
N VAL A 57 12.90 -15.64 -5.81
CA VAL A 57 13.10 -14.65 -4.74
C VAL A 57 13.06 -13.24 -5.34
N GLY A 58 12.58 -12.26 -4.56
CA GLY A 58 12.62 -10.84 -4.92
C GLY A 58 12.64 -9.90 -3.71
N ILE A 59 12.75 -8.61 -4.00
CA ILE A 59 12.72 -7.52 -3.01
C ILE A 59 11.73 -6.42 -3.42
N SER A 60 11.39 -5.54 -2.48
CA SER A 60 10.71 -4.27 -2.75
C SER A 60 11.20 -3.15 -1.81
N PHE A 61 11.09 -1.90 -2.28
CA PHE A 61 11.52 -0.67 -1.60
C PHE A 61 10.84 0.57 -2.25
N VAL A 62 11.01 1.77 -1.66
CA VAL A 62 10.56 3.05 -2.24
C VAL A 62 11.76 4.01 -2.38
N PRO A 63 12.10 4.47 -3.60
CA PRO A 63 13.12 5.48 -3.85
C PRO A 63 12.61 6.90 -3.57
N LYS A 64 13.53 7.80 -3.19
CA LYS A 64 13.23 9.23 -2.93
C LYS A 64 13.77 10.16 -4.03
N GLU A 65 14.53 9.63 -5.00
CA GLU A 65 15.17 10.36 -6.10
C GLU A 65 15.04 9.57 -7.41
N THR A 66 15.35 10.22 -8.53
CA THR A 66 15.53 9.59 -9.85
C THR A 66 16.99 9.17 -10.06
N GLY A 67 17.22 8.32 -11.08
CA GLY A 67 18.55 7.81 -11.45
C GLY A 67 18.89 6.46 -10.83
N GLU A 68 20.15 6.05 -10.99
CA GLU A 68 20.64 4.72 -10.60
C GLU A 68 20.72 4.54 -9.07
N HIS A 69 19.91 3.63 -8.55
CA HIS A 69 20.00 3.06 -7.21
C HIS A 69 20.68 1.68 -7.30
N LEU A 70 21.45 1.30 -6.27
CA LEU A 70 22.08 -0.02 -6.15
C LEU A 70 21.39 -0.81 -5.05
N VAL A 71 20.94 -2.04 -5.35
CA VAL A 71 20.49 -3.04 -4.37
C VAL A 71 21.69 -3.89 -3.94
N HIS A 72 21.99 -3.94 -2.65
CA HIS A 72 23.03 -4.79 -2.06
C HIS A 72 22.39 -5.99 -1.32
N VAL A 73 22.88 -7.22 -1.57
CA VAL A 73 22.24 -8.47 -1.10
C VAL A 73 23.27 -9.38 -0.42
N LYS A 74 22.89 -9.91 0.75
CA LYS A 74 23.72 -10.73 1.64
C LYS A 74 23.01 -12.06 2.00
N LYS A 75 23.76 -13.16 1.97
CA LYS A 75 23.31 -14.54 2.25
C LYS A 75 24.24 -15.20 3.27
N ASN A 76 23.70 -15.68 4.40
CA ASN A 76 24.43 -16.42 5.45
C ASN A 76 25.66 -15.67 6.02
N GLY A 77 25.61 -14.32 6.01
CA GLY A 77 26.68 -13.44 6.54
C GLY A 77 27.72 -12.97 5.51
N GLN A 78 27.57 -13.29 4.22
CA GLN A 78 28.46 -12.85 3.14
C GLN A 78 27.66 -12.35 1.92
N HIS A 79 28.25 -11.49 1.09
CA HIS A 79 27.59 -10.93 -0.09
C HIS A 79 27.24 -12.00 -1.15
N VAL A 80 26.09 -11.84 -1.81
CA VAL A 80 25.67 -12.67 -2.96
C VAL A 80 26.52 -12.33 -4.18
N ALA A 81 26.86 -13.33 -5.01
CA ALA A 81 27.76 -13.18 -6.16
C ALA A 81 27.29 -12.16 -7.22
N SER A 82 25.97 -11.99 -7.35
CA SER A 82 25.34 -11.01 -8.26
C SER A 82 25.27 -9.58 -7.69
N SER A 83 25.62 -9.37 -6.42
CA SER A 83 25.51 -8.08 -5.71
C SER A 83 26.72 -7.14 -6.00
N PRO A 84 26.52 -5.82 -6.15
CA PRO A 84 25.23 -5.11 -6.14
C PRO A 84 24.51 -5.21 -7.50
N ILE A 85 23.18 -5.08 -7.45
CA ILE A 85 22.28 -5.06 -8.61
C ILE A 85 21.84 -3.59 -8.86
N PRO A 86 22.09 -3.00 -10.05
CA PRO A 86 21.66 -1.65 -10.36
C PRO A 86 20.20 -1.61 -10.82
N VAL A 87 19.48 -0.55 -10.42
CA VAL A 87 18.09 -0.26 -10.82
C VAL A 87 17.97 1.24 -11.09
N VAL A 88 17.52 1.64 -12.30
CA VAL A 88 17.38 3.06 -12.69
C VAL A 88 15.93 3.52 -12.54
N ILE A 89 15.71 4.58 -11.77
CA ILE A 89 14.38 5.13 -11.43
C ILE A 89 14.08 6.35 -12.32
N SER A 90 12.93 6.36 -12.98
CA SER A 90 12.45 7.51 -13.79
C SER A 90 11.41 8.35 -13.02
N GLN A 91 11.26 9.64 -13.38
CA GLN A 91 10.39 10.61 -12.70
C GLN A 91 8.92 10.17 -12.58
N SER A 92 8.39 9.48 -13.59
CA SER A 92 6.99 9.02 -13.62
C SER A 92 6.73 7.83 -12.66
N GLU A 93 7.78 7.20 -12.14
CA GLU A 93 7.70 6.09 -11.18
C GLU A 93 7.72 6.56 -9.71
N ILE A 94 7.94 7.85 -9.45
CA ILE A 94 8.09 8.40 -8.09
C ILE A 94 6.75 8.47 -7.33
N GLY A 95 5.63 8.68 -8.04
CA GLY A 95 4.30 8.82 -7.44
C GLY A 95 3.26 9.50 -8.33
N ASP A 96 3.05 8.98 -9.54
CA ASP A 96 2.01 9.49 -10.46
C ASP A 96 0.65 8.86 -10.10
N ALA A 97 -0.20 9.64 -9.40
CA ALA A 97 -1.53 9.21 -8.92
C ALA A 97 -2.48 8.80 -10.05
N SER A 98 -2.38 9.43 -11.21
CA SER A 98 -3.17 9.13 -12.43
C SER A 98 -3.07 7.67 -12.91
N ARG A 99 -2.00 6.97 -12.51
CA ARG A 99 -1.76 5.55 -12.82
C ARG A 99 -2.37 4.58 -11.79
N VAL A 100 -2.87 5.04 -10.63
CA VAL A 100 -3.31 4.17 -9.52
C VAL A 100 -4.72 3.61 -9.78
N ARG A 101 -4.83 2.28 -9.71
CA ARG A 101 -6.08 1.52 -9.86
C ARG A 101 -6.59 1.01 -8.49
N VAL A 102 -7.89 0.75 -8.37
CA VAL A 102 -8.56 0.25 -7.15
C VAL A 102 -9.75 -0.65 -7.51
N SER A 103 -10.19 -1.51 -6.59
CA SER A 103 -11.28 -2.48 -6.80
C SER A 103 -11.88 -3.01 -5.47
N GLY A 104 -12.92 -3.85 -5.53
CA GLY A 104 -13.57 -4.48 -4.38
C GLY A 104 -14.88 -3.82 -3.94
N GLN A 105 -15.69 -4.56 -3.20
CA GLN A 105 -17.08 -4.20 -2.83
C GLN A 105 -17.17 -2.99 -1.90
N GLY A 106 -16.18 -2.81 -1.01
CA GLY A 106 -16.16 -1.75 0.02
C GLY A 106 -15.97 -0.33 -0.51
N LEU A 107 -15.78 -0.15 -1.83
CA LEU A 107 -15.83 1.14 -2.51
C LEU A 107 -17.25 1.53 -2.99
N HIS A 108 -18.23 0.62 -2.87
CA HIS A 108 -19.60 0.79 -3.39
C HIS A 108 -20.70 0.51 -2.35
N GLU A 109 -20.50 -0.45 -1.44
CA GLU A 109 -21.47 -0.87 -0.43
C GLU A 109 -20.82 -1.62 0.75
N GLY A 110 -21.50 -1.63 1.90
CA GLY A 110 -21.03 -2.27 3.14
C GLY A 110 -22.15 -2.76 4.06
N HIS A 111 -21.78 -3.29 5.22
CA HIS A 111 -22.68 -3.87 6.22
C HIS A 111 -22.35 -3.41 7.66
N THR A 112 -23.37 -3.27 8.52
CA THR A 112 -23.22 -2.76 9.91
C THR A 112 -22.46 -3.70 10.85
N PHE A 113 -22.51 -5.02 10.61
CA PHE A 113 -22.02 -6.04 11.55
C PHE A 113 -20.77 -6.81 11.04
N GLU A 114 -20.19 -6.40 9.91
CA GLU A 114 -19.04 -7.05 9.27
C GLU A 114 -18.07 -6.01 8.68
N PRO A 115 -16.77 -6.34 8.52
CA PRO A 115 -15.83 -5.47 7.83
C PRO A 115 -16.09 -5.46 6.31
N ALA A 116 -16.04 -4.28 5.70
CA ALA A 116 -16.14 -4.08 4.26
C ALA A 116 -14.74 -3.98 3.62
N GLU A 117 -14.41 -4.91 2.72
CA GLU A 117 -13.08 -5.03 2.11
C GLU A 117 -13.00 -4.38 0.73
N PHE A 118 -11.82 -3.84 0.41
CA PHE A 118 -11.45 -3.30 -0.90
C PHE A 118 -9.94 -3.37 -1.13
N ILE A 119 -9.54 -3.43 -2.40
CA ILE A 119 -8.16 -3.65 -2.85
C ILE A 119 -7.66 -2.40 -3.60
N ILE A 120 -6.39 -2.05 -3.37
CA ILE A 120 -5.65 -0.97 -4.03
C ILE A 120 -4.50 -1.59 -4.84
N ASP A 121 -4.39 -1.19 -6.10
CA ASP A 121 -3.37 -1.63 -7.05
C ASP A 121 -2.52 -0.45 -7.53
N THR A 122 -1.51 -0.12 -6.72
CA THR A 122 -0.46 0.88 -6.98
C THR A 122 0.71 0.31 -7.78
N ARG A 123 0.76 -1.00 -8.06
CA ARG A 123 1.83 -1.64 -8.84
C ARG A 123 2.01 -0.99 -10.22
N ASP A 124 0.89 -0.66 -10.86
CA ASP A 124 0.83 -0.02 -12.19
C ASP A 124 1.25 1.46 -12.18
N ALA A 125 1.42 2.06 -10.99
CA ALA A 125 1.87 3.43 -10.78
C ALA A 125 3.38 3.56 -10.45
N GLY A 126 4.11 2.45 -10.38
CA GLY A 126 5.52 2.41 -9.97
C GLY A 126 5.63 2.37 -8.44
N TYR A 127 6.52 3.19 -7.88
CA TYR A 127 6.71 3.35 -6.44
C TYR A 127 5.85 4.49 -5.85
N GLY A 128 5.82 4.61 -4.51
CA GLY A 128 5.19 5.74 -3.80
C GLY A 128 4.52 5.36 -2.48
N GLY A 129 3.99 6.38 -1.79
CA GLY A 129 3.23 6.27 -0.54
C GLY A 129 1.74 6.50 -0.76
N LEU A 130 0.92 5.60 -0.21
CA LEU A 130 -0.54 5.62 -0.23
C LEU A 130 -1.04 6.14 1.14
N SER A 131 -1.80 7.22 1.13
CA SER A 131 -2.54 7.77 2.28
C SER A 131 -4.05 7.64 2.06
N LEU A 132 -4.80 7.37 3.13
CA LEU A 132 -6.20 6.94 3.05
C LEU A 132 -7.01 7.53 4.21
N SER A 133 -8.22 8.01 3.92
CA SER A 133 -9.13 8.58 4.93
C SER A 133 -10.58 8.13 4.70
N ILE A 134 -11.28 7.72 5.77
CA ILE A 134 -12.69 7.30 5.74
C ILE A 134 -13.50 8.18 6.70
N GLU A 135 -14.66 8.66 6.25
CA GLU A 135 -15.51 9.61 6.98
C GLU A 135 -17.00 9.30 6.77
N GLY A 136 -17.86 9.69 7.71
CA GLY A 136 -19.28 9.37 7.69
C GLY A 136 -20.00 9.56 9.04
N PRO A 137 -21.08 8.80 9.32
CA PRO A 137 -21.92 8.97 10.51
C PRO A 137 -21.25 8.59 11.84
N SER A 138 -20.11 7.87 11.84
CA SER A 138 -19.37 7.52 13.06
C SER A 138 -17.90 7.15 12.75
N LYS A 139 -17.05 7.10 13.79
CA LYS A 139 -15.65 6.65 13.70
C LYS A 139 -15.54 5.15 13.33
N VAL A 140 -14.48 4.76 12.61
CA VAL A 140 -14.23 3.36 12.18
C VAL A 140 -12.78 2.93 12.41
N ASP A 141 -12.56 1.64 12.69
CA ASP A 141 -11.23 1.06 12.83
C ASP A 141 -10.72 0.56 11.46
N ILE A 142 -9.80 1.31 10.85
CA ILE A 142 -9.19 0.97 9.55
C ILE A 142 -8.01 0.00 9.77
N ASN A 143 -7.99 -1.08 9.01
CA ASN A 143 -6.94 -2.11 8.99
C ASN A 143 -6.47 -2.36 7.54
N THR A 144 -5.23 -2.84 7.37
CA THR A 144 -4.57 -3.06 6.08
C THR A 144 -3.76 -4.34 6.06
N GLU A 145 -3.53 -4.88 4.85
CA GLU A 145 -2.77 -6.12 4.63
C GLU A 145 -2.23 -6.15 3.18
N ASP A 146 -0.92 -6.33 3.01
CA ASP A 146 -0.31 -6.55 1.69
C ASP A 146 -0.48 -8.01 1.24
N LEU A 147 -0.90 -8.20 -0.02
CA LEU A 147 -1.20 -9.51 -0.61
C LEU A 147 -0.01 -10.07 -1.40
N GLU A 148 -0.01 -11.39 -1.63
CA GLU A 148 1.05 -12.11 -2.35
C GLU A 148 1.19 -11.70 -3.83
N ASP A 149 0.14 -11.11 -4.42
CA ASP A 149 0.14 -10.56 -5.78
C ASP A 149 0.73 -9.14 -5.87
N GLY A 150 1.10 -8.53 -4.72
CA GLY A 150 1.74 -7.22 -4.63
C GLY A 150 0.78 -6.03 -4.43
N THR A 151 -0.54 -6.29 -4.44
CA THR A 151 -1.59 -5.31 -4.13
C THR A 151 -1.80 -5.17 -2.62
N CYS A 152 -2.55 -4.15 -2.19
CA CYS A 152 -2.90 -3.94 -0.78
C CYS A 152 -4.41 -4.05 -0.56
N ARG A 153 -4.84 -4.88 0.40
CA ARG A 153 -6.21 -4.95 0.89
C ARG A 153 -6.40 -4.00 2.08
N VAL A 154 -7.53 -3.29 2.09
CA VAL A 154 -7.96 -2.38 3.16
C VAL A 154 -9.33 -2.85 3.66
N THR A 155 -9.54 -2.83 4.98
CA THR A 155 -10.79 -3.23 5.66
C THR A 155 -11.14 -2.24 6.75
N TYR A 156 -12.44 -2.13 7.02
CA TYR A 156 -13.03 -1.31 8.10
C TYR A 156 -14.46 -1.77 8.41
N CYS A 157 -14.88 -1.70 9.68
CA CYS A 157 -16.24 -2.06 10.10
C CYS A 157 -17.06 -0.78 10.45
N PRO A 158 -17.97 -0.33 9.57
CA PRO A 158 -18.85 0.81 9.84
C PRO A 158 -20.00 0.40 10.75
N THR A 159 -20.00 0.88 12.01
CA THR A 159 -20.99 0.49 13.04
C THR A 159 -22.38 1.01 12.73
N GLU A 160 -22.48 2.23 12.20
CA GLU A 160 -23.73 2.87 11.78
C GLU A 160 -24.07 2.56 10.31
N PRO A 161 -25.36 2.43 9.95
CA PRO A 161 -25.80 2.41 8.55
C PRO A 161 -25.76 3.83 7.94
N GLY A 162 -25.90 3.91 6.60
CA GLY A 162 -25.87 5.16 5.83
C GLY A 162 -24.68 5.25 4.87
N ASN A 163 -24.40 6.46 4.38
CA ASN A 163 -23.31 6.70 3.42
C ASN A 163 -21.98 7.04 4.14
N TYR A 164 -20.95 6.22 3.90
CA TYR A 164 -19.55 6.53 4.21
C TYR A 164 -18.80 6.98 2.95
N ILE A 165 -17.87 7.94 3.10
CA ILE A 165 -16.99 8.41 2.04
C ILE A 165 -15.57 7.87 2.29
N ILE A 166 -14.92 7.35 1.24
CA ILE A 166 -13.52 6.91 1.25
C ILE A 166 -12.69 7.78 0.29
N ASN A 167 -11.54 8.24 0.76
CA ASN A 167 -10.57 9.04 0.01
C ASN A 167 -9.28 8.25 -0.18
N ILE A 168 -8.81 8.10 -1.42
CA ILE A 168 -7.53 7.44 -1.75
C ILE A 168 -6.56 8.47 -2.35
N LYS A 169 -5.37 8.59 -1.75
CA LYS A 169 -4.37 9.62 -2.06
C LYS A 169 -2.98 8.98 -2.23
N PHE A 170 -2.29 9.24 -3.34
CA PHE A 170 -0.97 8.68 -3.65
C PHE A 170 0.03 9.80 -3.91
N ALA A 171 1.15 9.80 -3.17
CA ALA A 171 2.15 10.87 -3.19
C ALA A 171 1.52 12.27 -3.07
N ASP A 172 0.62 12.42 -2.08
CA ASP A 172 -0.10 13.64 -1.71
C ASP A 172 -1.13 14.14 -2.76
N GLN A 173 -1.47 13.30 -3.75
CA GLN A 173 -2.41 13.61 -4.83
C GLN A 173 -3.60 12.64 -4.79
N HIS A 174 -4.82 13.17 -4.76
CA HIS A 174 -6.07 12.39 -4.73
C HIS A 174 -6.26 11.57 -6.02
N VAL A 175 -6.37 10.24 -5.93
CA VAL A 175 -6.29 9.35 -7.12
C VAL A 175 -7.63 9.33 -7.92
N PRO A 176 -7.62 8.96 -9.21
CA PRO A 176 -8.83 8.84 -10.03
C PRO A 176 -9.90 7.93 -9.39
N GLY A 177 -11.16 8.37 -9.46
CA GLY A 177 -12.32 7.67 -8.89
C GLY A 177 -12.69 8.11 -7.48
N SER A 178 -11.75 8.67 -6.70
CA SER A 178 -12.06 9.28 -5.40
C SER A 178 -12.76 10.64 -5.55
N PRO A 179 -13.64 11.04 -4.59
CA PRO A 179 -14.05 10.30 -3.41
C PRO A 179 -15.09 9.22 -3.77
N PHE A 180 -15.04 8.08 -3.06
CA PHE A 180 -15.97 6.97 -3.22
C PHE A 180 -17.07 7.01 -2.13
N SER A 181 -18.34 7.10 -2.54
CA SER A 181 -19.50 6.97 -1.64
C SER A 181 -19.91 5.50 -1.49
N VAL A 182 -20.15 5.05 -0.24
CA VAL A 182 -20.33 3.63 0.13
C VAL A 182 -21.60 3.50 0.98
N LYS A 183 -22.64 2.85 0.45
CA LYS A 183 -23.90 2.65 1.15
C LYS A 183 -23.82 1.44 2.11
N VAL A 184 -23.83 1.70 3.42
CA VAL A 184 -23.82 0.68 4.49
C VAL A 184 -25.25 0.34 4.88
N THR A 185 -25.59 -0.96 4.87
CA THR A 185 -26.94 -1.48 5.20
C THR A 185 -26.90 -2.40 6.42
N GLY A 186 -28.08 -2.62 7.02
CA GLY A 186 -28.29 -3.43 8.22
C GLY A 186 -29.10 -2.71 9.32
N GLU A 187 -29.62 -3.49 10.27
CA GLU A 187 -30.55 -3.07 11.31
C GLU A 187 -30.72 -4.18 12.37
N GLY A 188 -31.25 -3.83 13.55
CA GLY A 188 -31.49 -4.78 14.65
C GLY A 188 -30.29 -4.98 15.58
N ARG A 189 -29.47 -3.94 15.76
CA ARG A 189 -28.25 -3.96 16.59
C ARG A 189 -28.58 -4.17 18.08
N VAL A 190 -28.44 -5.42 18.54
CA VAL A 190 -28.74 -5.91 19.90
C VAL A 190 -27.73 -6.99 20.30
N LYS A 191 -27.31 -7.00 21.56
CA LYS A 191 -26.39 -7.98 22.16
C LYS A 191 -26.89 -8.47 23.53
N GLY A 1 -22.86 6.53 27.07
CA GLY A 1 -23.23 7.36 25.91
C GLY A 1 -22.62 8.76 25.98
N ALA A 2 -23.17 9.70 25.22
CA ALA A 2 -22.72 11.09 25.11
C ALA A 2 -23.84 12.04 24.61
N MET A 3 -23.66 13.34 24.79
CA MET A 3 -24.62 14.40 24.41
C MET A 3 -24.63 14.71 22.90
N GLY A 4 -23.64 14.19 22.14
CA GLY A 4 -23.48 14.39 20.69
C GLY A 4 -22.63 15.60 20.32
N ASP A 5 -22.31 15.72 19.03
CA ASP A 5 -21.49 16.79 18.44
C ASP A 5 -21.74 16.92 16.92
N ASP A 6 -21.57 18.14 16.38
CA ASP A 6 -21.86 18.48 14.98
C ASP A 6 -20.77 18.06 13.97
N SER A 7 -19.53 17.80 14.42
CA SER A 7 -18.38 17.54 13.54
C SER A 7 -18.35 16.10 12.96
N MET A 8 -17.93 15.97 11.70
CA MET A 8 -17.68 14.68 11.04
C MET A 8 -16.29 14.14 11.45
N ARG A 9 -16.26 12.95 12.07
CA ARG A 9 -15.05 12.38 12.69
C ARG A 9 -14.23 11.56 11.69
N MET A 10 -12.90 11.69 11.75
CA MET A 10 -11.94 10.96 10.90
C MET A 10 -11.50 9.63 11.54
N SER A 11 -11.50 8.56 10.75
CA SER A 11 -10.75 7.32 11.00
C SER A 11 -9.75 7.11 9.85
N HIS A 12 -8.52 6.65 10.11
CA HIS A 12 -7.44 6.69 9.10
C HIS A 12 -6.31 5.64 9.30
N LEU A 13 -5.58 5.34 8.22
CA LEU A 13 -4.61 4.25 8.09
C LEU A 13 -3.65 4.48 6.90
N LYS A 14 -2.44 3.91 6.95
CA LYS A 14 -1.43 3.97 5.87
C LYS A 14 -0.93 2.58 5.45
N VAL A 15 -0.51 2.42 4.19
CA VAL A 15 0.06 1.19 3.61
C VAL A 15 1.23 1.55 2.69
N GLY A 16 2.36 0.84 2.80
CA GLY A 16 3.50 0.98 1.88
C GLY A 16 3.41 -0.04 0.72
N SER A 17 3.52 0.43 -0.51
CA SER A 17 3.43 -0.41 -1.73
C SER A 17 4.73 -0.37 -2.56
N ALA A 18 5.06 -1.51 -3.18
CA ALA A 18 6.28 -1.71 -3.95
C ALA A 18 6.16 -2.87 -4.96
N ALA A 19 6.91 -2.76 -6.06
CA ALA A 19 7.15 -3.87 -6.98
C ALA A 19 8.36 -4.73 -6.51
N ASP A 20 8.32 -6.03 -6.82
CA ASP A 20 9.47 -6.93 -6.65
C ASP A 20 10.35 -6.97 -7.90
N ILE A 21 11.67 -6.87 -7.69
CA ILE A 21 12.70 -6.96 -8.72
C ILE A 21 13.53 -8.24 -8.49
N PRO A 22 13.70 -9.11 -9.51
CA PRO A 22 14.51 -10.32 -9.39
C PRO A 22 16.00 -9.99 -9.41
N ILE A 23 16.77 -10.58 -8.48
CA ILE A 23 18.17 -10.22 -8.15
C ILE A 23 18.98 -11.47 -7.80
N ASN A 24 20.24 -11.53 -8.24
CA ASN A 24 21.24 -12.56 -7.88
C ASN A 24 20.74 -14.00 -8.14
N ILE A 25 20.32 -14.28 -9.38
CA ILE A 25 19.66 -15.53 -9.78
C ILE A 25 20.63 -16.72 -9.64
N SER A 26 20.35 -17.62 -8.71
CA SER A 26 21.25 -18.71 -8.28
C SER A 26 20.56 -19.66 -7.28
N GLU A 27 21.22 -20.77 -6.95
CA GLU A 27 20.79 -21.77 -5.97
C GLU A 27 21.00 -21.33 -4.49
N THR A 28 21.44 -20.07 -4.26
CA THR A 28 21.80 -19.53 -2.93
C THR A 28 20.60 -19.52 -1.98
N ASP A 29 20.82 -19.95 -0.74
CA ASP A 29 19.84 -19.99 0.34
C ASP A 29 19.49 -18.57 0.84
N LEU A 30 18.21 -18.26 0.99
CA LEU A 30 17.73 -16.98 1.53
C LEU A 30 17.94 -16.86 3.06
N SER A 31 18.10 -17.97 3.78
CA SER A 31 18.04 -18.01 5.25
C SER A 31 19.18 -17.28 5.97
N LEU A 32 20.34 -17.12 5.31
CA LEU A 32 21.51 -16.36 5.80
C LEU A 32 21.81 -15.09 4.98
N LEU A 33 20.93 -14.71 4.06
CA LEU A 33 21.03 -13.51 3.22
C LEU A 33 20.13 -12.38 3.74
N THR A 34 20.59 -11.14 3.53
CA THR A 34 19.85 -9.87 3.69
C THR A 34 20.26 -8.91 2.57
N ALA A 35 19.56 -7.79 2.41
CA ALA A 35 19.86 -6.78 1.40
C ALA A 35 19.42 -5.37 1.79
N THR A 36 20.10 -4.37 1.20
CA THR A 36 19.80 -2.94 1.28
C THR A 36 19.83 -2.33 -0.12
N VAL A 37 19.22 -1.17 -0.31
CA VAL A 37 19.39 -0.32 -1.50
C VAL A 37 20.11 0.96 -1.11
N VAL A 38 21.10 1.34 -1.93
CA VAL A 38 21.75 2.66 -1.91
C VAL A 38 21.21 3.47 -3.11
N PRO A 39 20.46 4.57 -2.88
CA PRO A 39 19.95 5.44 -3.93
C PRO A 39 21.03 6.45 -4.39
N PRO A 40 20.77 7.24 -5.45
CA PRO A 40 21.62 8.37 -5.84
C PRO A 40 21.90 9.37 -4.71
N SER A 41 20.96 9.56 -3.78
CA SER A 41 21.11 10.43 -2.60
C SER A 41 21.99 9.81 -1.48
N GLY A 42 22.44 8.57 -1.63
CA GLY A 42 23.31 7.86 -0.67
C GLY A 42 22.59 7.36 0.60
N ARG A 43 21.30 7.63 0.75
CA ARG A 43 20.48 7.31 1.93
C ARG A 43 20.09 5.82 1.95
N GLU A 44 20.99 4.97 2.48
CA GLU A 44 20.84 3.52 2.52
C GLU A 44 19.61 3.09 3.34
N GLU A 45 18.80 2.16 2.80
CA GLU A 45 17.63 1.57 3.45
C GLU A 45 17.52 0.06 3.14
N PRO A 46 16.94 -0.76 4.06
CA PRO A 46 16.81 -2.21 3.90
C PRO A 46 15.72 -2.61 2.92
N CYS A 47 15.88 -3.82 2.35
CA CYS A 47 14.95 -4.43 1.39
C CYS A 47 14.23 -5.66 1.98
N LEU A 48 13.06 -5.97 1.43
CA LEU A 48 12.25 -7.15 1.75
C LEU A 48 12.58 -8.26 0.74
N LEU A 49 13.13 -9.39 1.20
CA LEU A 49 13.53 -10.53 0.35
C LEU A 49 12.35 -11.46 0.08
N LYS A 50 12.23 -11.94 -1.17
CA LYS A 50 11.15 -12.81 -1.64
C LYS A 50 11.65 -14.01 -2.46
N ARG A 51 11.09 -15.19 -2.19
CA ARG A 51 10.98 -16.29 -3.16
C ARG A 51 9.76 -15.99 -4.06
N LEU A 52 9.98 -15.91 -5.37
CA LEU A 52 8.97 -15.47 -6.35
C LEU A 52 8.28 -16.65 -7.04
N ARG A 53 7.12 -16.39 -7.65
CA ARG A 53 6.13 -17.41 -8.06
C ARG A 53 6.64 -18.46 -9.06
N ASN A 54 7.58 -18.11 -9.94
CA ASN A 54 8.14 -19.03 -10.95
C ASN A 54 9.35 -19.86 -10.43
N GLY A 55 9.76 -19.65 -9.17
CA GLY A 55 10.90 -20.32 -8.52
C GLY A 55 12.19 -19.50 -8.51
N HIS A 56 12.17 -18.29 -9.08
CA HIS A 56 13.24 -17.29 -8.99
C HIS A 56 13.24 -16.51 -7.66
N VAL A 57 14.21 -15.62 -7.46
CA VAL A 57 14.46 -14.88 -6.19
C VAL A 57 14.60 -13.39 -6.49
N GLY A 58 14.05 -12.55 -5.61
CA GLY A 58 14.09 -11.09 -5.74
C GLY A 58 13.92 -10.31 -4.44
N ILE A 59 13.85 -8.98 -4.57
CA ILE A 59 13.71 -8.01 -3.47
C ILE A 59 12.66 -6.94 -3.77
N SER A 60 12.07 -6.36 -2.74
CA SER A 60 11.21 -5.18 -2.79
C SER A 60 11.77 -4.04 -1.92
N PHE A 61 11.51 -2.79 -2.32
CA PHE A 61 11.99 -1.53 -1.70
C PHE A 61 11.19 -0.34 -2.26
N VAL A 62 11.48 0.90 -1.84
CA VAL A 62 10.92 2.13 -2.44
C VAL A 62 12.06 3.12 -2.78
N PRO A 63 12.21 3.55 -4.05
CA PRO A 63 13.18 4.54 -4.47
C PRO A 63 12.71 5.97 -4.13
N LYS A 64 13.67 6.87 -3.86
CA LYS A 64 13.40 8.28 -3.52
C LYS A 64 13.75 9.26 -4.67
N GLU A 65 14.41 8.78 -5.72
CA GLU A 65 14.84 9.53 -6.91
C GLU A 65 14.71 8.65 -8.17
N THR A 66 14.95 9.24 -9.35
CA THR A 66 15.14 8.51 -10.62
C THR A 66 16.60 8.15 -10.83
N GLY A 67 16.87 7.28 -11.81
CA GLY A 67 18.22 6.84 -12.19
C GLY A 67 18.68 5.57 -11.48
N GLU A 68 19.97 5.26 -11.60
CA GLU A 68 20.56 4.00 -11.12
C GLU A 68 20.62 3.94 -9.58
N HIS A 69 19.91 2.98 -9.02
CA HIS A 69 20.00 2.56 -7.62
C HIS A 69 20.81 1.24 -7.54
N LEU A 70 21.65 1.10 -6.52
CA LEU A 70 22.45 -0.10 -6.28
C LEU A 70 21.79 -0.95 -5.19
N VAL A 71 21.48 -2.21 -5.49
CA VAL A 71 21.06 -3.23 -4.52
C VAL A 71 22.32 -3.91 -3.98
N HIS A 72 22.60 -3.73 -2.69
CA HIS A 72 23.69 -4.41 -1.99
C HIS A 72 23.16 -5.67 -1.27
N VAL A 73 23.78 -6.83 -1.52
CA VAL A 73 23.33 -8.15 -1.01
C VAL A 73 24.41 -8.74 -0.11
N LYS A 74 24.04 -9.00 1.15
CA LYS A 74 24.92 -9.46 2.23
C LYS A 74 24.62 -10.93 2.60
N LYS A 75 25.67 -11.76 2.66
CA LYS A 75 25.67 -13.13 3.17
C LYS A 75 26.40 -13.19 4.52
N ASN A 76 25.73 -13.67 5.58
CA ASN A 76 26.24 -13.71 6.96
C ASN A 76 26.65 -12.31 7.46
N GLY A 77 27.93 -11.92 7.34
CA GLY A 77 28.48 -10.61 7.75
C GLY A 77 29.19 -9.81 6.64
N GLN A 78 29.10 -10.22 5.37
CA GLN A 78 29.84 -9.59 4.25
C GLN A 78 29.04 -9.63 2.94
N HIS A 79 29.34 -8.73 2.00
CA HIS A 79 28.68 -8.71 0.68
C HIS A 79 29.04 -9.95 -0.17
N VAL A 80 28.03 -10.52 -0.86
CA VAL A 80 28.19 -11.68 -1.77
C VAL A 80 28.94 -11.27 -3.05
N ALA A 81 29.59 -12.23 -3.73
CA ALA A 81 30.45 -11.98 -4.89
C ALA A 81 29.75 -11.25 -6.06
N SER A 82 28.44 -11.41 -6.21
CA SER A 82 27.61 -10.76 -7.24
C SER A 82 27.22 -9.30 -6.90
N SER A 83 27.47 -8.84 -5.67
CA SER A 83 27.00 -7.54 -5.15
C SER A 83 28.02 -6.39 -5.39
N PRO A 84 27.55 -5.14 -5.60
CA PRO A 84 26.15 -4.72 -5.74
C PRO A 84 25.61 -4.93 -7.16
N ILE A 85 24.28 -4.92 -7.27
CA ILE A 85 23.52 -5.09 -8.53
C ILE A 85 22.79 -3.77 -8.85
N PRO A 86 22.96 -3.18 -10.05
CA PRO A 86 22.28 -1.94 -10.44
C PRO A 86 20.85 -2.20 -10.92
N VAL A 87 19.93 -1.29 -10.57
CA VAL A 87 18.56 -1.22 -11.09
C VAL A 87 18.25 0.25 -11.41
N VAL A 88 17.77 0.56 -12.61
CA VAL A 88 17.50 1.94 -13.08
C VAL A 88 16.01 2.26 -12.98
N ILE A 89 15.69 3.37 -12.29
CA ILE A 89 14.31 3.79 -11.98
C ILE A 89 13.89 4.96 -12.89
N SER A 90 12.72 4.86 -13.52
CA SER A 90 12.11 5.93 -14.32
C SER A 90 11.06 6.74 -13.54
N GLN A 91 10.78 7.98 -13.96
CA GLN A 91 9.88 8.90 -13.24
C GLN A 91 8.45 8.36 -13.07
N SER A 92 7.98 7.52 -14.00
CA SER A 92 6.66 6.88 -13.95
C SER A 92 6.47 5.90 -12.79
N GLU A 93 7.58 5.41 -12.20
CA GLU A 93 7.58 4.42 -11.12
C GLU A 93 7.61 5.05 -9.71
N ILE A 94 7.87 6.36 -9.60
CA ILE A 94 8.07 7.07 -8.33
C ILE A 94 6.78 7.18 -7.50
N GLY A 95 5.62 7.11 -8.16
CA GLY A 95 4.28 7.10 -7.54
C GLY A 95 3.30 8.04 -8.22
N ASP A 96 2.92 7.73 -9.46
CA ASP A 96 1.87 8.46 -10.18
C ASP A 96 0.48 7.99 -9.69
N ALA A 97 -0.20 8.81 -8.88
CA ALA A 97 -1.55 8.54 -8.38
C ALA A 97 -2.54 8.25 -9.52
N SER A 98 -2.42 8.96 -10.65
CA SER A 98 -3.22 8.78 -11.87
C SER A 98 -3.22 7.35 -12.43
N ARG A 99 -2.20 6.53 -12.11
CA ARG A 99 -2.09 5.13 -12.51
C ARG A 99 -2.70 4.15 -11.49
N VAL A 100 -3.04 4.58 -10.27
CA VAL A 100 -3.60 3.71 -9.21
C VAL A 100 -5.06 3.37 -9.53
N ARG A 101 -5.41 2.08 -9.40
CA ARG A 101 -6.78 1.58 -9.56
C ARG A 101 -7.34 1.08 -8.22
N VAL A 102 -8.67 1.09 -8.09
CA VAL A 102 -9.41 0.63 -6.91
C VAL A 102 -10.73 -0.03 -7.36
N SER A 103 -11.23 -1.00 -6.58
CA SER A 103 -12.39 -1.84 -6.91
C SER A 103 -13.19 -2.27 -5.66
N GLY A 104 -14.41 -2.78 -5.83
CA GLY A 104 -15.24 -3.37 -4.77
C GLY A 104 -16.38 -2.47 -4.28
N GLN A 105 -17.38 -3.09 -3.65
CA GLN A 105 -18.65 -2.48 -3.28
C GLN A 105 -18.53 -1.46 -2.13
N GLY A 106 -17.52 -1.58 -1.27
CA GLY A 106 -17.31 -0.69 -0.11
C GLY A 106 -16.92 0.75 -0.47
N LEU A 107 -16.68 1.04 -1.75
CA LEU A 107 -16.53 2.39 -2.31
C LEU A 107 -17.87 3.03 -2.72
N HIS A 108 -18.98 2.32 -2.61
CA HIS A 108 -20.31 2.74 -3.09
C HIS A 108 -21.45 2.48 -2.09
N GLU A 109 -21.44 1.35 -1.38
CA GLU A 109 -22.51 0.92 -0.46
C GLU A 109 -21.95 0.25 0.80
N GLY A 110 -22.68 0.35 1.91
CA GLY A 110 -22.41 -0.35 3.18
C GLY A 110 -23.68 -0.68 3.97
N HIS A 111 -23.49 -1.25 5.16
CA HIS A 111 -24.59 -1.65 6.06
C HIS A 111 -24.22 -1.54 7.55
N THR A 112 -25.18 -1.17 8.41
CA THR A 112 -25.01 -0.95 9.87
C THR A 112 -24.50 -2.16 10.65
N PHE A 113 -24.77 -3.38 10.17
CA PHE A 113 -24.47 -4.65 10.86
C PHE A 113 -23.56 -5.59 10.03
N GLU A 114 -22.78 -5.04 9.09
CA GLU A 114 -21.88 -5.81 8.21
C GLU A 114 -20.60 -4.98 7.91
N PRO A 115 -19.39 -5.59 7.93
CA PRO A 115 -18.18 -4.94 7.44
C PRO A 115 -18.22 -4.82 5.91
N ALA A 116 -17.89 -3.64 5.38
CA ALA A 116 -17.82 -3.33 3.96
C ALA A 116 -16.34 -3.32 3.49
N GLU A 117 -16.05 -4.01 2.39
CA GLU A 117 -14.70 -4.21 1.87
C GLU A 117 -14.51 -3.66 0.45
N PHE A 118 -13.26 -3.33 0.12
CA PHE A 118 -12.81 -2.82 -1.17
C PHE A 118 -11.32 -3.08 -1.38
N ILE A 119 -10.89 -3.19 -2.64
CA ILE A 119 -9.55 -3.57 -3.08
C ILE A 119 -8.82 -2.35 -3.67
N ILE A 120 -7.52 -2.26 -3.41
CA ILE A 120 -6.61 -1.23 -3.94
C ILE A 120 -5.49 -1.90 -4.75
N ASP A 121 -5.24 -1.38 -5.95
CA ASP A 121 -4.23 -1.87 -6.90
C ASP A 121 -3.25 -0.75 -7.32
N THR A 122 -2.20 -0.57 -6.52
CA THR A 122 -1.07 0.35 -6.75
C THR A 122 0.01 -0.24 -7.64
N ARG A 123 -0.03 -1.54 -7.98
CA ARG A 123 1.02 -2.22 -8.76
C ARG A 123 1.24 -1.61 -10.16
N ASP A 124 0.20 -1.06 -10.79
CA ASP A 124 0.29 -0.35 -12.08
C ASP A 124 0.93 1.06 -11.97
N ALA A 125 1.02 1.60 -10.74
CA ALA A 125 1.63 2.89 -10.42
C ALA A 125 3.09 2.81 -9.92
N GLY A 126 3.64 1.60 -9.79
CA GLY A 126 5.01 1.35 -9.33
C GLY A 126 5.12 1.34 -7.80
N TYR A 127 6.06 2.12 -7.27
CA TYR A 127 6.34 2.26 -5.84
C TYR A 127 5.58 3.44 -5.20
N GLY A 128 5.43 3.43 -3.87
CA GLY A 128 4.97 4.60 -3.10
C GLY A 128 4.14 4.29 -1.85
N GLY A 129 3.83 5.33 -1.09
CA GLY A 129 2.99 5.28 0.12
C GLY A 129 1.53 5.62 -0.20
N LEU A 130 0.62 4.72 0.20
CA LEU A 130 -0.84 4.88 0.15
C LEU A 130 -1.33 5.32 1.55
N SER A 131 -2.02 6.45 1.62
CA SER A 131 -2.69 6.95 2.83
C SER A 131 -4.22 7.01 2.60
N LEU A 132 -4.98 6.64 3.64
CA LEU A 132 -6.42 6.39 3.55
C LEU A 132 -7.14 7.00 4.77
N SER A 133 -8.21 7.75 4.52
CA SER A 133 -9.04 8.36 5.56
C SER A 133 -10.53 8.17 5.25
N ILE A 134 -11.31 7.70 6.23
CA ILE A 134 -12.76 7.58 6.19
C ILE A 134 -13.36 8.63 7.13
N GLU A 135 -14.25 9.47 6.61
CA GLU A 135 -15.01 10.47 7.38
C GLU A 135 -16.48 10.08 7.43
N GLY A 136 -17.12 10.26 8.59
CA GLY A 136 -18.53 9.87 8.79
C GLY A 136 -19.16 10.40 10.08
N PRO A 137 -20.42 10.00 10.36
CA PRO A 137 -21.16 10.33 11.58
C PRO A 137 -20.63 9.63 12.84
N SER A 138 -19.71 8.66 12.71
CA SER A 138 -19.08 7.95 13.84
C SER A 138 -17.69 7.40 13.47
N LYS A 139 -16.90 7.01 14.47
CA LYS A 139 -15.62 6.30 14.29
C LYS A 139 -15.82 4.93 13.63
N VAL A 140 -14.85 4.48 12.81
CA VAL A 140 -14.81 3.13 12.22
C VAL A 140 -13.43 2.50 12.40
N ASP A 141 -13.39 1.20 12.69
CA ASP A 141 -12.16 0.42 12.68
C ASP A 141 -11.78 0.05 11.23
N ILE A 142 -10.55 0.38 10.82
CA ILE A 142 -10.04 0.11 9.47
C ILE A 142 -9.02 -1.04 9.55
N ASN A 143 -9.23 -2.06 8.72
CA ASN A 143 -8.47 -3.31 8.69
C ASN A 143 -7.90 -3.54 7.28
N THR A 144 -6.69 -4.10 7.19
CA THR A 144 -6.03 -4.46 5.92
C THR A 144 -5.86 -5.97 5.79
N GLU A 145 -5.80 -6.46 4.55
CA GLU A 145 -5.59 -7.87 4.22
C GLU A 145 -4.93 -8.00 2.84
N ASP A 146 -3.75 -8.62 2.79
CA ASP A 146 -3.02 -8.90 1.55
C ASP A 146 -3.60 -10.14 0.85
N LEU A 147 -4.02 -10.01 -0.41
CA LEU A 147 -4.66 -11.07 -1.18
C LEU A 147 -3.63 -11.89 -1.99
N GLU A 148 -4.01 -13.10 -2.40
CA GLU A 148 -3.18 -13.99 -3.23
C GLU A 148 -2.89 -13.38 -4.62
N ASP A 149 -3.77 -12.51 -5.12
CA ASP A 149 -3.61 -11.71 -6.34
C ASP A 149 -2.53 -10.61 -6.23
N GLY A 150 -1.98 -10.37 -5.03
CA GLY A 150 -0.96 -9.35 -4.73
C GLY A 150 -1.52 -7.96 -4.41
N THR A 151 -2.84 -7.77 -4.52
CA THR A 151 -3.57 -6.54 -4.18
C THR A 151 -3.88 -6.49 -2.69
N CYS A 152 -4.19 -5.28 -2.19
CA CYS A 152 -4.58 -5.06 -0.80
C CYS A 152 -6.09 -4.85 -0.70
N ARG A 153 -6.76 -5.67 0.12
CA ARG A 153 -8.13 -5.41 0.59
C ARG A 153 -8.06 -4.48 1.81
N VAL A 154 -8.98 -3.51 1.85
CA VAL A 154 -9.27 -2.65 3.01
C VAL A 154 -10.73 -2.85 3.41
N THR A 155 -10.99 -3.02 4.71
CA THR A 155 -12.30 -3.39 5.27
C THR A 155 -12.60 -2.55 6.51
N TYR A 156 -13.85 -2.10 6.63
CA TYR A 156 -14.33 -1.33 7.79
C TYR A 156 -15.82 -1.59 8.08
N CYS A 157 -16.23 -1.52 9.35
CA CYS A 157 -17.62 -1.66 9.77
C CYS A 157 -18.21 -0.30 10.25
N PRO A 158 -19.08 0.35 9.46
CA PRO A 158 -19.81 1.54 9.90
C PRO A 158 -20.97 1.13 10.82
N THR A 159 -20.95 1.61 12.06
CA THR A 159 -21.94 1.26 13.10
C THR A 159 -23.24 2.04 12.91
N GLU A 160 -23.13 3.34 12.63
CA GLU A 160 -24.27 4.24 12.37
C GLU A 160 -24.60 4.29 10.86
N PRO A 161 -25.87 4.47 10.47
CA PRO A 161 -26.28 4.66 9.08
C PRO A 161 -25.94 6.08 8.59
N GLY A 162 -26.02 6.30 7.26
CA GLY A 162 -25.79 7.58 6.61
C GLY A 162 -24.71 7.53 5.52
N ASN A 163 -24.17 8.70 5.15
CA ASN A 163 -23.09 8.83 4.16
C ASN A 163 -21.71 8.86 4.85
N TYR A 164 -20.81 7.98 4.41
CA TYR A 164 -19.38 7.98 4.74
C TYR A 164 -18.55 8.35 3.50
N ILE A 165 -17.47 9.09 3.68
CA ILE A 165 -16.59 9.58 2.61
C ILE A 165 -15.22 8.92 2.77
N ILE A 166 -14.73 8.24 1.73
CA ILE A 166 -13.41 7.56 1.71
C ILE A 166 -12.46 8.33 0.79
N ASN A 167 -11.31 8.72 1.33
CA ASN A 167 -10.23 9.41 0.64
C ASN A 167 -9.08 8.43 0.36
N ILE A 168 -8.60 8.35 -0.89
CA ILE A 168 -7.46 7.52 -1.31
C ILE A 168 -6.38 8.40 -1.94
N LYS A 169 -5.23 8.53 -1.25
CA LYS A 169 -4.08 9.34 -1.65
C LYS A 169 -2.81 8.47 -1.80
N PHE A 170 -2.10 8.60 -2.91
CA PHE A 170 -0.85 7.90 -3.20
C PHE A 170 0.27 8.90 -3.51
N ALA A 171 1.40 8.81 -2.79
CA ALA A 171 2.58 9.68 -2.94
C ALA A 171 2.27 11.20 -2.82
N ASP A 172 1.21 11.53 -2.05
CA ASP A 172 0.70 12.86 -1.68
C ASP A 172 -0.31 13.46 -2.68
N GLN A 173 -0.74 12.70 -3.69
CA GLN A 173 -1.80 13.08 -4.64
C GLN A 173 -3.03 12.16 -4.49
N HIS A 174 -4.24 12.74 -4.54
CA HIS A 174 -5.51 12.00 -4.58
C HIS A 174 -5.61 11.12 -5.85
N VAL A 175 -5.99 9.84 -5.73
CA VAL A 175 -6.08 8.92 -6.90
C VAL A 175 -7.41 9.13 -7.67
N PRO A 176 -7.51 8.71 -8.95
CA PRO A 176 -8.74 8.81 -9.74
C PRO A 176 -9.97 8.21 -9.05
N GLY A 177 -11.10 8.93 -9.12
CA GLY A 177 -12.37 8.54 -8.49
C GLY A 177 -12.52 8.98 -7.02
N SER A 178 -11.41 9.27 -6.34
CA SER A 178 -11.42 9.79 -4.95
C SER A 178 -11.80 11.28 -4.91
N PRO A 179 -12.53 11.76 -3.88
CA PRO A 179 -13.12 10.99 -2.77
C PRO A 179 -14.37 10.22 -3.20
N PHE A 180 -14.61 9.08 -2.54
CA PHE A 180 -15.74 8.18 -2.77
C PHE A 180 -16.81 8.35 -1.67
N SER A 181 -18.04 8.69 -2.03
CA SER A 181 -19.19 8.71 -1.12
C SER A 181 -19.87 7.32 -1.04
N VAL A 182 -20.20 6.87 0.18
CA VAL A 182 -20.65 5.50 0.49
C VAL A 182 -21.93 5.56 1.33
N LYS A 183 -23.05 5.09 0.78
CA LYS A 183 -24.34 5.07 1.48
C LYS A 183 -24.47 3.82 2.36
N VAL A 184 -24.56 4.00 3.68
CA VAL A 184 -24.73 2.92 4.67
C VAL A 184 -26.21 2.84 5.06
N THR A 185 -26.84 1.70 4.75
CA THR A 185 -28.25 1.39 5.04
C THR A 185 -28.37 0.46 6.25
N GLY A 186 -29.60 0.21 6.71
CA GLY A 186 -29.92 -0.62 7.87
C GLY A 186 -30.59 0.18 9.00
N GLU A 187 -30.18 -0.06 10.25
CA GLU A 187 -30.88 0.39 11.46
C GLU A 187 -29.91 0.75 12.60
N GLY A 188 -30.38 1.50 13.60
CA GLY A 188 -29.64 1.78 14.83
C GLY A 188 -29.49 0.53 15.71
N ARG A 189 -28.31 0.36 16.32
CA ARG A 189 -27.96 -0.80 17.15
C ARG A 189 -28.78 -0.84 18.46
N VAL A 190 -29.23 -2.03 18.85
CA VAL A 190 -29.98 -2.27 20.11
C VAL A 190 -29.06 -2.10 21.32
N LYS A 191 -29.51 -1.34 22.32
CA LYS A 191 -28.78 -1.02 23.56
C LYS A 191 -28.91 -2.12 24.62
N GLY A 1 -29.22 31.75 11.28
CA GLY A 1 -28.26 31.10 12.20
C GLY A 1 -27.99 29.66 11.79
N ALA A 2 -26.72 29.27 11.71
CA ALA A 2 -26.29 27.91 11.35
C ALA A 2 -26.51 26.89 12.48
N MET A 3 -26.63 25.61 12.12
CA MET A 3 -26.81 24.48 13.06
C MET A 3 -25.51 24.12 13.83
N GLY A 4 -24.34 24.37 13.23
CA GLY A 4 -23.02 24.06 13.77
C GLY A 4 -22.03 23.58 12.69
N ASP A 5 -20.84 23.16 13.12
CA ASP A 5 -19.72 22.74 12.27
C ASP A 5 -18.74 21.84 13.05
N ASP A 6 -19.26 20.74 13.60
CA ASP A 6 -18.53 19.76 14.42
C ASP A 6 -19.09 18.34 14.23
N SER A 7 -19.14 17.91 12.96
CA SER A 7 -19.60 16.58 12.52
C SER A 7 -18.66 15.43 12.97
N MET A 8 -19.09 14.18 12.76
CA MET A 8 -18.30 12.97 13.05
C MET A 8 -16.95 12.98 12.32
N ARG A 9 -15.87 12.79 13.07
CA ARG A 9 -14.48 12.90 12.59
C ARG A 9 -14.04 11.68 11.77
N MET A 10 -13.10 11.89 10.84
CA MET A 10 -12.50 10.84 10.01
C MET A 10 -11.57 9.92 10.82
N SER A 11 -11.40 8.69 10.34
CA SER A 11 -10.34 7.76 10.78
C SER A 11 -9.28 7.62 9.67
N HIS A 12 -8.00 7.46 10.05
CA HIS A 12 -6.84 7.62 9.15
C HIS A 12 -5.80 6.47 9.28
N LEU A 13 -5.11 6.14 8.19
CA LEU A 13 -4.17 5.01 8.06
C LEU A 13 -3.17 5.27 6.92
N LYS A 14 -1.91 4.81 7.05
CA LYS A 14 -0.89 4.88 6.00
C LYS A 14 -0.21 3.51 5.72
N VAL A 15 0.22 3.30 4.47
CA VAL A 15 0.86 2.05 3.97
C VAL A 15 2.02 2.42 3.02
N GLY A 16 3.15 1.70 3.12
CA GLY A 16 4.26 1.82 2.16
C GLY A 16 4.03 0.93 0.95
N SER A 17 3.99 1.52 -0.25
CA SER A 17 3.69 0.85 -1.52
C SER A 17 4.90 0.79 -2.46
N ALA A 18 5.06 -0.34 -3.18
CA ALA A 18 6.23 -0.63 -3.99
C ALA A 18 5.99 -1.74 -5.03
N ALA A 19 6.64 -1.60 -6.19
CA ALA A 19 6.86 -2.67 -7.16
C ALA A 19 8.03 -3.58 -6.76
N ASP A 20 8.19 -4.71 -7.46
CA ASP A 20 9.28 -5.68 -7.23
C ASP A 20 10.34 -5.61 -8.36
N ILE A 21 11.62 -5.67 -7.98
CA ILE A 21 12.74 -5.95 -8.90
C ILE A 21 13.24 -7.39 -8.66
N PRO A 22 13.16 -8.29 -9.66
CA PRO A 22 13.62 -9.68 -9.53
C PRO A 22 15.15 -9.77 -9.57
N ILE A 23 15.75 -10.44 -8.59
CA ILE A 23 17.21 -10.50 -8.35
C ILE A 23 17.59 -11.87 -7.75
N ASN A 24 18.71 -12.45 -8.19
CA ASN A 24 19.32 -13.67 -7.65
C ASN A 24 18.32 -14.85 -7.56
N ILE A 25 17.79 -15.25 -8.72
CA ILE A 25 16.62 -16.14 -8.83
C ILE A 25 16.95 -17.56 -8.33
N SER A 26 16.36 -17.95 -7.20
CA SER A 26 16.49 -19.25 -6.52
C SER A 26 15.49 -19.31 -5.34
N GLU A 27 14.95 -20.50 -5.05
CA GLU A 27 14.01 -20.73 -3.95
C GLU A 27 14.69 -21.07 -2.60
N THR A 28 16.01 -21.31 -2.63
CA THR A 28 16.86 -21.66 -1.47
C THR A 28 17.47 -20.42 -0.82
N ASP A 29 17.90 -20.56 0.43
CA ASP A 29 18.66 -19.59 1.25
C ASP A 29 17.86 -18.35 1.68
N LEU A 30 16.57 -18.27 1.37
CA LEU A 30 15.72 -17.10 1.63
C LEU A 30 15.56 -16.76 3.12
N SER A 31 15.80 -17.72 4.01
CA SER A 31 15.80 -17.56 5.47
C SER A 31 17.05 -16.86 6.05
N LEU A 32 18.12 -16.70 5.26
CA LEU A 32 19.38 -16.02 5.64
C LEU A 32 19.93 -15.05 4.58
N LEU A 33 19.16 -14.76 3.53
CA LEU A 33 19.39 -13.64 2.62
C LEU A 33 18.87 -12.32 3.23
N THR A 34 19.61 -11.23 2.98
CA THR A 34 19.26 -9.83 3.35
C THR A 34 19.67 -8.89 2.23
N ALA A 35 19.09 -7.69 2.19
CA ALA A 35 19.33 -6.70 1.14
C ALA A 35 19.06 -5.25 1.59
N THR A 36 19.78 -4.31 0.98
CA THR A 36 19.67 -2.85 1.16
C THR A 36 19.79 -2.16 -0.20
N VAL A 37 19.39 -0.90 -0.29
CA VAL A 37 19.60 -0.02 -1.45
C VAL A 37 20.46 1.18 -1.05
N VAL A 38 21.41 1.52 -1.91
CA VAL A 38 22.15 2.79 -1.90
C VAL A 38 21.62 3.66 -3.06
N PRO A 39 20.91 4.77 -2.77
CA PRO A 39 20.44 5.72 -3.79
C PRO A 39 21.59 6.65 -4.22
N PRO A 40 21.41 7.44 -5.31
CA PRO A 40 22.41 8.42 -5.75
C PRO A 40 22.59 9.59 -4.76
N SER A 41 21.66 9.79 -3.81
CA SER A 41 21.80 10.71 -2.68
C SER A 41 22.65 10.15 -1.51
N GLY A 42 23.00 8.86 -1.56
CA GLY A 42 23.84 8.17 -0.56
C GLY A 42 23.10 7.70 0.71
N ARG A 43 21.79 7.98 0.82
CA ARG A 43 20.95 7.64 1.98
C ARG A 43 20.55 6.15 1.98
N GLU A 44 21.45 5.29 2.48
CA GLU A 44 21.26 3.83 2.52
C GLU A 44 20.02 3.43 3.33
N GLU A 45 19.19 2.53 2.79
CA GLU A 45 17.96 2.02 3.41
C GLU A 45 17.76 0.51 3.10
N PRO A 46 17.08 -0.26 3.98
CA PRO A 46 16.86 -1.69 3.82
C PRO A 46 15.75 -2.01 2.80
N CYS A 47 15.80 -3.23 2.26
CA CYS A 47 14.82 -3.76 1.30
C CYS A 47 13.95 -4.87 1.91
N LEU A 48 12.75 -5.06 1.34
CA LEU A 48 11.81 -6.13 1.65
C LEU A 48 11.96 -7.22 0.57
N LEU A 49 12.41 -8.43 0.95
CA LEU A 49 12.58 -9.56 0.02
C LEU A 49 11.28 -10.35 -0.13
N LYS A 50 10.90 -10.69 -1.36
CA LYS A 50 9.62 -11.31 -1.71
C LYS A 50 9.78 -12.60 -2.54
N ARG A 51 9.00 -13.63 -2.21
CA ARG A 51 8.70 -14.79 -3.05
C ARG A 51 7.33 -14.56 -3.71
N LEU A 52 7.28 -14.61 -5.05
CA LEU A 52 6.16 -14.12 -5.87
C LEU A 52 5.23 -15.25 -6.34
N ARG A 53 4.09 -14.89 -6.95
CA ARG A 53 3.00 -15.81 -7.30
C ARG A 53 3.42 -16.95 -8.26
N ASN A 54 4.37 -16.72 -9.16
CA ASN A 54 4.89 -17.73 -10.10
C ASN A 54 6.09 -18.54 -9.53
N GLY A 55 6.55 -18.22 -8.32
CA GLY A 55 7.63 -18.93 -7.60
C GLY A 55 9.01 -18.27 -7.70
N HIS A 56 9.18 -17.25 -8.55
CA HIS A 56 10.39 -16.43 -8.63
C HIS A 56 10.55 -15.45 -7.44
N VAL A 57 11.73 -14.83 -7.31
CA VAL A 57 12.14 -14.05 -6.13
C VAL A 57 12.71 -12.70 -6.54
N GLY A 58 12.41 -11.66 -5.74
CA GLY A 58 12.91 -10.30 -5.92
C GLY A 58 12.88 -9.45 -4.65
N ILE A 59 13.10 -8.15 -4.80
CA ILE A 59 13.10 -7.17 -3.70
C ILE A 59 12.21 -5.96 -4.00
N SER A 60 11.68 -5.34 -2.95
CA SER A 60 10.97 -4.06 -2.97
C SER A 60 11.62 -3.04 -2.01
N PHE A 61 11.42 -1.76 -2.30
CA PHE A 61 11.95 -0.59 -1.58
C PHE A 61 11.20 0.68 -2.06
N VAL A 62 11.59 1.88 -1.61
CA VAL A 62 11.10 3.16 -2.18
C VAL A 62 12.31 4.06 -2.53
N PRO A 63 12.53 4.40 -3.81
CA PRO A 63 13.53 5.38 -4.23
C PRO A 63 13.05 6.80 -3.92
N LYS A 64 13.97 7.65 -3.46
CA LYS A 64 13.70 9.07 -3.11
C LYS A 64 14.15 10.05 -4.22
N GLU A 65 14.83 9.57 -5.25
CA GLU A 65 15.37 10.32 -6.39
C GLU A 65 15.19 9.53 -7.70
N THR A 66 15.42 10.17 -8.84
CA THR A 66 15.58 9.51 -10.15
C THR A 66 17.04 9.12 -10.40
N GLY A 67 17.28 8.29 -11.41
CA GLY A 67 18.61 7.83 -11.82
C GLY A 67 19.01 6.48 -11.21
N GLU A 68 20.28 6.12 -11.37
CA GLU A 68 20.82 4.81 -11.00
C GLU A 68 20.93 4.65 -9.47
N HIS A 69 20.19 3.67 -8.94
CA HIS A 69 20.29 3.15 -7.58
C HIS A 69 21.00 1.78 -7.59
N LEU A 70 21.81 1.48 -6.58
CA LEU A 70 22.46 0.17 -6.42
C LEU A 70 21.75 -0.62 -5.31
N VAL A 71 21.32 -1.84 -5.62
CA VAL A 71 20.84 -2.84 -4.65
C VAL A 71 22.05 -3.66 -4.19
N HIS A 72 22.33 -3.67 -2.89
CA HIS A 72 23.35 -4.50 -2.26
C HIS A 72 22.70 -5.73 -1.60
N VAL A 73 23.19 -6.95 -1.90
CA VAL A 73 22.58 -8.22 -1.49
C VAL A 73 23.61 -9.10 -0.77
N LYS A 74 23.23 -9.62 0.39
CA LYS A 74 24.04 -10.48 1.26
C LYS A 74 23.40 -11.84 1.55
N LYS A 75 24.23 -12.86 1.71
CA LYS A 75 23.89 -14.20 2.20
C LYS A 75 24.68 -14.47 3.51
N ASN A 76 23.97 -14.71 4.62
CA ASN A 76 24.55 -15.03 5.93
C ASN A 76 25.52 -13.94 6.45
N GLY A 77 25.29 -12.67 6.09
CA GLY A 77 26.07 -11.50 6.53
C GLY A 77 27.26 -11.11 5.65
N GLN A 78 27.51 -11.80 4.53
CA GLN A 78 28.53 -11.45 3.54
C GLN A 78 27.92 -11.26 2.15
N HIS A 79 28.51 -10.41 1.30
CA HIS A 79 27.96 -10.07 -0.02
C HIS A 79 27.87 -11.27 -1.00
N VAL A 80 26.82 -11.29 -1.83
CA VAL A 80 26.62 -12.25 -2.93
C VAL A 80 27.51 -11.83 -4.12
N ALA A 81 28.04 -12.80 -4.87
CA ALA A 81 29.00 -12.56 -5.97
C ALA A 81 28.50 -11.64 -7.10
N SER A 82 27.17 -11.54 -7.30
CA SER A 82 26.53 -10.64 -8.27
C SER A 82 26.26 -9.21 -7.73
N SER A 83 26.48 -8.97 -6.43
CA SER A 83 26.22 -7.68 -5.77
C SER A 83 27.38 -6.68 -5.95
N PRO A 84 27.10 -5.36 -6.08
CA PRO A 84 25.79 -4.73 -6.15
C PRO A 84 25.16 -4.83 -7.55
N ILE A 85 23.83 -4.76 -7.59
CA ILE A 85 23.00 -4.77 -8.80
C ILE A 85 22.48 -3.34 -9.06
N PRO A 86 22.78 -2.71 -10.22
CA PRO A 86 22.27 -1.39 -10.55
C PRO A 86 20.83 -1.47 -11.11
N VAL A 87 20.00 -0.50 -10.74
CA VAL A 87 18.62 -0.32 -11.22
C VAL A 87 18.39 1.18 -11.49
N VAL A 88 17.94 1.55 -12.69
CA VAL A 88 17.72 2.96 -13.07
C VAL A 88 16.24 3.33 -12.89
N ILE A 89 15.99 4.39 -12.11
CA ILE A 89 14.64 4.87 -11.74
C ILE A 89 14.26 6.09 -12.60
N SER A 90 13.08 6.05 -13.23
CA SER A 90 12.49 7.18 -13.96
C SER A 90 11.53 8.00 -13.08
N GLN A 91 11.07 9.17 -13.56
CA GLN A 91 10.06 9.96 -12.84
C GLN A 91 8.70 9.25 -12.78
N SER A 92 8.33 8.51 -13.83
CA SER A 92 7.01 7.87 -14.02
C SER A 92 6.68 6.74 -13.02
N GLU A 93 7.61 6.41 -12.11
CA GLU A 93 7.45 5.42 -11.03
C GLU A 93 7.75 6.00 -9.63
N ILE A 94 7.98 7.31 -9.50
CA ILE A 94 8.32 7.98 -8.22
C ILE A 94 7.08 8.41 -7.41
N GLY A 95 5.91 8.56 -8.04
CA GLY A 95 4.68 9.01 -7.35
C GLY A 95 3.49 9.29 -8.25
N ASP A 96 3.28 8.48 -9.29
CA ASP A 96 2.22 8.67 -10.30
C ASP A 96 0.85 8.23 -9.76
N ALA A 97 0.16 9.12 -9.04
CA ALA A 97 -1.18 8.89 -8.50
C ALA A 97 -2.20 8.47 -9.58
N SER A 98 -2.09 9.06 -10.78
CA SER A 98 -2.90 8.73 -11.96
C SER A 98 -2.86 7.24 -12.38
N ARG A 99 -1.77 6.53 -12.02
CA ARG A 99 -1.58 5.10 -12.26
C ARG A 99 -2.07 4.19 -11.11
N VAL A 100 -2.46 4.72 -9.96
CA VAL A 100 -2.91 3.93 -8.80
C VAL A 100 -4.31 3.36 -9.06
N ARG A 101 -4.52 2.09 -8.68
CA ARG A 101 -5.78 1.35 -8.84
C ARG A 101 -6.31 0.86 -7.48
N VAL A 102 -7.63 0.65 -7.41
CA VAL A 102 -8.35 0.13 -6.24
C VAL A 102 -9.52 -0.76 -6.69
N SER A 103 -9.94 -1.71 -5.86
CA SER A 103 -10.96 -2.72 -6.21
C SER A 103 -11.67 -3.27 -4.96
N GLY A 104 -12.75 -4.06 -5.16
CA GLY A 104 -13.59 -4.62 -4.10
C GLY A 104 -14.86 -3.79 -3.82
N GLN A 105 -15.88 -4.45 -3.27
CA GLN A 105 -17.23 -3.87 -3.12
C GLN A 105 -17.31 -2.76 -2.06
N GLY A 106 -16.37 -2.71 -1.10
CA GLY A 106 -16.32 -1.72 -0.01
C GLY A 106 -16.02 -0.29 -0.45
N LEU A 107 -15.79 -0.07 -1.75
CA LEU A 107 -15.69 1.24 -2.39
C LEU A 107 -17.04 1.74 -2.93
N HIS A 108 -18.09 0.92 -2.90
CA HIS A 108 -19.40 1.18 -3.49
C HIS A 108 -20.60 0.85 -2.57
N GLU A 109 -20.46 -0.16 -1.70
CA GLU A 109 -21.53 -0.69 -0.84
C GLU A 109 -20.97 -1.28 0.48
N GLY A 110 -21.81 -1.35 1.51
CA GLY A 110 -21.47 -1.94 2.81
C GLY A 110 -22.69 -2.38 3.62
N HIS A 111 -22.44 -2.90 4.83
CA HIS A 111 -23.46 -3.40 5.75
C HIS A 111 -23.25 -2.92 7.20
N THR A 112 -24.34 -2.74 7.96
CA THR A 112 -24.32 -2.26 9.36
C THR A 112 -23.71 -3.24 10.35
N PHE A 113 -23.82 -4.55 10.11
CA PHE A 113 -23.49 -5.61 11.07
C PHE A 113 -22.35 -6.55 10.63
N GLU A 114 -21.77 -6.32 9.45
CA GLU A 114 -20.63 -7.05 8.88
C GLU A 114 -19.59 -6.07 8.33
N PRO A 115 -18.28 -6.38 8.40
CA PRO A 115 -17.23 -5.51 7.89
C PRO A 115 -17.25 -5.48 6.35
N ALA A 116 -17.01 -4.29 5.78
CA ALA A 116 -16.74 -4.09 4.36
C ALA A 116 -15.24 -4.31 4.06
N GLU A 117 -14.91 -4.68 2.82
CA GLU A 117 -13.52 -4.86 2.39
C GLU A 117 -13.26 -4.29 0.98
N PHE A 118 -12.03 -3.86 0.76
CA PHE A 118 -11.51 -3.34 -0.51
C PHE A 118 -9.99 -3.48 -0.57
N ILE A 119 -9.46 -3.65 -1.79
CA ILE A 119 -8.04 -3.84 -2.09
C ILE A 119 -7.48 -2.58 -2.77
N ILE A 120 -6.25 -2.22 -2.40
CA ILE A 120 -5.46 -1.14 -3.00
C ILE A 120 -4.25 -1.74 -3.74
N ASP A 121 -3.98 -1.29 -4.97
CA ASP A 121 -2.99 -1.86 -5.91
C ASP A 121 -2.16 -0.77 -6.60
N THR A 122 -0.83 -0.84 -6.47
CA THR A 122 0.08 0.32 -6.64
C THR A 122 1.33 0.08 -7.48
N ARG A 123 1.71 -1.16 -7.82
CA ARG A 123 2.96 -1.42 -8.56
C ARG A 123 2.98 -0.86 -10.00
N ASP A 124 1.82 -0.61 -10.61
CA ASP A 124 1.71 0.07 -11.91
C ASP A 124 2.01 1.58 -11.81
N ALA A 125 1.90 2.15 -10.61
CA ALA A 125 2.35 3.52 -10.26
C ALA A 125 3.79 3.58 -9.72
N GLY A 126 4.45 2.42 -9.54
CA GLY A 126 5.81 2.29 -9.04
C GLY A 126 5.87 2.24 -7.52
N TYR A 127 6.39 3.31 -6.92
CA TYR A 127 6.76 3.38 -5.50
C TYR A 127 6.22 4.65 -4.81
N GLY A 128 5.99 4.58 -3.49
CA GLY A 128 5.65 5.75 -2.66
C GLY A 128 4.79 5.44 -1.43
N GLY A 129 4.46 6.50 -0.69
CA GLY A 129 3.56 6.43 0.48
C GLY A 129 2.11 6.55 0.05
N LEU A 130 1.29 5.60 0.50
CA LEU A 130 -0.17 5.54 0.30
C LEU A 130 -0.86 5.91 1.61
N SER A 131 -1.73 6.91 1.60
CA SER A 131 -2.58 7.30 2.73
C SER A 131 -4.06 7.02 2.43
N LEU A 132 -4.76 6.55 3.47
CA LEU A 132 -6.15 6.08 3.45
C LEU A 132 -6.90 6.79 4.59
N SER A 133 -8.09 7.31 4.32
CA SER A 133 -8.99 7.76 5.40
C SER A 133 -10.47 7.49 5.08
N ILE A 134 -11.29 7.30 6.13
CA ILE A 134 -12.71 6.96 6.04
C ILE A 134 -13.51 7.90 6.96
N GLU A 135 -14.65 8.39 6.47
CA GLU A 135 -15.53 9.34 7.17
C GLU A 135 -17.00 9.11 6.79
N GLY A 136 -17.94 9.50 7.65
CA GLY A 136 -19.38 9.25 7.43
C GLY A 136 -20.26 9.51 8.67
N PRO A 137 -21.43 8.87 8.78
CA PRO A 137 -22.42 9.10 9.84
C PRO A 137 -21.99 8.65 11.25
N SER A 138 -20.87 7.92 11.41
CA SER A 138 -20.28 7.55 12.71
C SER A 138 -18.80 7.17 12.56
N LYS A 139 -18.05 7.16 13.67
CA LYS A 139 -16.64 6.72 13.72
C LYS A 139 -16.51 5.21 13.40
N VAL A 140 -15.41 4.79 12.76
CA VAL A 140 -15.12 3.39 12.39
C VAL A 140 -13.68 3.01 12.71
N ASP A 141 -13.45 1.73 13.06
CA ASP A 141 -12.11 1.17 13.23
C ASP A 141 -11.58 0.61 11.90
N ILE A 142 -10.41 1.11 11.46
CA ILE A 142 -9.75 0.69 10.22
C ILE A 142 -8.69 -0.37 10.53
N ASN A 143 -8.71 -1.48 9.77
CA ASN A 143 -7.75 -2.58 9.85
C ASN A 143 -7.23 -2.92 8.43
N THR A 144 -6.10 -3.62 8.33
CA THR A 144 -5.42 -3.95 7.06
C THR A 144 -4.79 -5.35 7.08
N GLU A 145 -4.47 -5.84 5.88
CA GLU A 145 -3.83 -7.13 5.63
C GLU A 145 -3.02 -7.09 4.32
N ASP A 146 -1.72 -7.34 4.41
CA ASP A 146 -0.79 -7.41 3.27
C ASP A 146 -0.84 -8.81 2.61
N LEU A 147 -0.97 -8.85 1.28
CA LEU A 147 -1.15 -10.08 0.49
C LEU A 147 0.11 -10.40 -0.33
N GLU A 148 0.33 -11.68 -0.66
CA GLU A 148 1.55 -12.15 -1.33
C GLU A 148 1.70 -11.69 -2.79
N ASP A 149 0.62 -11.21 -3.41
CA ASP A 149 0.63 -10.55 -4.73
C ASP A 149 1.15 -9.10 -4.67
N GLY A 150 1.41 -8.58 -3.45
CA GLY A 150 1.89 -7.21 -3.19
C GLY A 150 0.77 -6.18 -3.00
N THR A 151 -0.50 -6.61 -3.06
CA THR A 151 -1.70 -5.80 -2.80
C THR A 151 -1.98 -5.70 -1.29
N CYS A 152 -2.71 -4.65 -0.90
CA CYS A 152 -3.16 -4.44 0.48
C CYS A 152 -4.69 -4.50 0.55
N ARG A 153 -5.23 -5.42 1.34
CA ARG A 153 -6.64 -5.41 1.77
C ARG A 153 -6.80 -4.40 2.91
N VAL A 154 -7.84 -3.56 2.83
CA VAL A 154 -8.31 -2.67 3.90
C VAL A 154 -9.73 -3.12 4.31
N THR A 155 -10.01 -3.09 5.61
CA THR A 155 -11.30 -3.49 6.21
C THR A 155 -11.75 -2.49 7.27
N TYR A 156 -13.07 -2.38 7.42
CA TYR A 156 -13.74 -1.53 8.42
C TYR A 156 -15.21 -1.95 8.61
N CYS A 157 -15.76 -1.75 9.82
CA CYS A 157 -17.16 -2.04 10.13
C CYS A 157 -17.96 -0.73 10.39
N PRO A 158 -18.75 -0.24 9.41
CA PRO A 158 -19.59 0.95 9.58
C PRO A 158 -20.82 0.61 10.42
N THR A 159 -20.95 1.24 11.59
CA THR A 159 -22.01 0.93 12.58
C THR A 159 -23.38 1.47 12.15
N GLU A 160 -23.41 2.68 11.57
CA GLU A 160 -24.62 3.35 11.07
C GLU A 160 -24.81 3.09 9.56
N PRO A 161 -26.07 3.04 9.06
CA PRO A 161 -26.37 3.06 7.63
C PRO A 161 -26.21 4.47 7.06
N GLY A 162 -26.15 4.56 5.72
CA GLY A 162 -25.95 5.81 4.97
C GLY A 162 -24.71 5.79 4.09
N ASN A 163 -24.27 6.98 3.63
CA ASN A 163 -23.09 7.14 2.77
C ASN A 163 -21.81 7.38 3.59
N TYR A 164 -20.85 6.46 3.49
CA TYR A 164 -19.46 6.66 3.93
C TYR A 164 -18.57 7.11 2.75
N ILE A 165 -17.64 8.02 3.00
CA ILE A 165 -16.63 8.49 2.05
C ILE A 165 -15.28 7.83 2.39
N ILE A 166 -14.58 7.34 1.38
CA ILE A 166 -13.21 6.82 1.47
C ILE A 166 -12.29 7.67 0.58
N ASN A 167 -11.19 8.17 1.14
CA ASN A 167 -10.18 8.97 0.46
C ASN A 167 -8.91 8.16 0.20
N ILE A 168 -8.40 8.17 -1.05
CA ILE A 168 -7.16 7.49 -1.46
C ILE A 168 -6.15 8.53 -2.01
N LYS A 169 -4.97 8.60 -1.38
CA LYS A 169 -3.88 9.53 -1.74
C LYS A 169 -2.53 8.79 -1.84
N PHE A 170 -1.74 9.09 -2.87
CA PHE A 170 -0.43 8.49 -3.15
C PHE A 170 0.60 9.58 -3.46
N ALA A 171 1.76 9.54 -2.79
CA ALA A 171 2.87 10.48 -2.96
C ALA A 171 2.46 11.97 -2.75
N ASP A 172 1.43 12.19 -1.92
CA ASP A 172 0.80 13.46 -1.52
C ASP A 172 -0.27 13.97 -2.52
N GLN A 173 -0.59 13.21 -3.57
CA GLN A 173 -1.65 13.52 -4.53
C GLN A 173 -2.86 12.57 -4.36
N HIS A 174 -4.05 13.14 -4.25
CA HIS A 174 -5.33 12.41 -4.23
C HIS A 174 -5.57 11.69 -5.58
N VAL A 175 -5.82 10.37 -5.58
CA VAL A 175 -5.82 9.54 -6.81
C VAL A 175 -7.15 9.69 -7.60
N PRO A 176 -7.20 9.44 -8.92
CA PRO A 176 -8.45 9.53 -9.70
C PRO A 176 -9.46 8.48 -9.24
N GLY A 177 -10.75 8.85 -9.27
CA GLY A 177 -11.86 8.07 -8.74
C GLY A 177 -12.17 8.34 -7.26
N SER A 178 -11.17 8.83 -6.51
CA SER A 178 -11.34 9.32 -5.13
C SER A 178 -11.96 10.75 -5.15
N PRO A 179 -12.85 11.11 -4.20
CA PRO A 179 -13.37 10.30 -3.09
C PRO A 179 -14.41 9.29 -3.56
N PHE A 180 -14.43 8.13 -2.89
CA PHE A 180 -15.38 7.04 -3.16
C PHE A 180 -16.55 7.09 -2.17
N SER A 181 -17.78 7.19 -2.66
CA SER A 181 -19.01 7.10 -1.85
C SER A 181 -19.50 5.65 -1.73
N VAL A 182 -19.78 5.20 -0.51
CA VAL A 182 -20.08 3.80 -0.14
C VAL A 182 -21.45 3.73 0.55
N LYS A 183 -22.44 3.12 -0.10
CA LYS A 183 -23.81 2.99 0.44
C LYS A 183 -23.91 1.83 1.45
N VAL A 184 -23.93 2.14 2.75
CA VAL A 184 -24.09 1.17 3.84
C VAL A 184 -25.59 0.95 4.11
N THR A 185 -26.02 -0.32 4.14
CA THR A 185 -27.42 -0.71 4.36
C THR A 185 -27.58 -1.69 5.53
N GLY A 186 -28.82 -1.92 5.96
CA GLY A 186 -29.20 -2.73 7.12
C GLY A 186 -29.83 -1.89 8.26
N GLU A 187 -30.55 -2.57 9.15
CA GLU A 187 -31.39 -2.00 10.21
C GLU A 187 -31.78 -3.08 11.23
N GLY A 188 -32.04 -2.68 12.49
CA GLY A 188 -32.45 -3.57 13.58
C GLY A 188 -31.29 -3.96 14.51
N ARG A 189 -30.53 -2.98 15.00
CA ARG A 189 -29.37 -3.17 15.87
C ARG A 189 -29.81 -3.56 17.30
N VAL A 190 -29.84 -4.86 17.58
CA VAL A 190 -30.28 -5.47 18.85
C VAL A 190 -29.81 -6.93 18.93
N LYS A 191 -29.58 -7.44 20.16
CA LYS A 191 -29.16 -8.82 20.43
C LYS A 191 -30.21 -9.87 20.06
N GLY A 1 -21.71 22.59 3.69
CA GLY A 1 -20.44 21.88 3.41
C GLY A 1 -19.96 21.08 4.62
N ALA A 2 -18.73 20.56 4.55
CA ALA A 2 -18.13 19.73 5.61
C ALA A 2 -17.55 20.54 6.80
N MET A 3 -17.30 21.83 6.59
CA MET A 3 -16.77 22.79 7.59
C MET A 3 -17.81 23.87 7.96
N GLY A 4 -17.54 24.60 9.05
CA GLY A 4 -18.39 25.67 9.58
C GLY A 4 -18.25 25.82 11.09
N ASP A 5 -19.37 26.05 11.78
CA ASP A 5 -19.46 26.05 13.26
C ASP A 5 -19.26 24.65 13.88
N ASP A 6 -19.37 23.60 13.05
CA ASP A 6 -19.10 22.19 13.36
C ASP A 6 -18.48 21.48 12.15
N SER A 7 -17.83 20.35 12.36
CA SER A 7 -17.05 19.61 11.34
C SER A 7 -17.51 18.16 11.16
N MET A 8 -17.47 17.65 9.93
CA MET A 8 -17.78 16.25 9.62
C MET A 8 -16.81 15.27 10.29
N ARG A 9 -17.36 14.20 10.88
CA ARG A 9 -16.58 13.14 11.54
C ARG A 9 -15.83 12.30 10.50
N MET A 10 -14.58 11.97 10.79
CA MET A 10 -13.67 11.25 9.89
C MET A 10 -12.70 10.31 10.63
N SER A 11 -12.18 9.34 9.88
CA SER A 11 -11.25 8.30 10.30
C SER A 11 -10.15 8.14 9.23
N HIS A 12 -8.92 7.71 9.60
CA HIS A 12 -7.77 7.72 8.68
C HIS A 12 -6.71 6.63 8.95
N LEU A 13 -5.88 6.35 7.94
CA LEU A 13 -4.90 5.26 7.89
C LEU A 13 -3.81 5.56 6.84
N LYS A 14 -2.60 5.01 7.01
CA LYS A 14 -1.48 5.11 6.06
C LYS A 14 -0.81 3.74 5.84
N VAL A 15 -0.37 3.46 4.61
CA VAL A 15 0.26 2.19 4.18
C VAL A 15 1.44 2.50 3.24
N GLY A 16 2.57 1.81 3.41
CA GLY A 16 3.73 1.90 2.52
C GLY A 16 3.63 0.90 1.36
N SER A 17 3.83 1.38 0.13
CA SER A 17 3.72 0.58 -1.10
C SER A 17 5.03 0.53 -1.89
N ALA A 18 5.25 -0.55 -2.64
CA ALA A 18 6.49 -0.81 -3.36
C ALA A 18 6.30 -1.71 -4.59
N ALA A 19 7.17 -1.54 -5.59
CA ALA A 19 7.36 -2.52 -6.66
C ALA A 19 8.27 -3.67 -6.20
N ASP A 20 8.05 -4.87 -6.75
CA ASP A 20 8.87 -6.04 -6.50
C ASP A 20 9.90 -6.23 -7.64
N ILE A 21 11.18 -6.33 -7.29
CA ILE A 21 12.29 -6.46 -8.25
C ILE A 21 12.94 -7.85 -8.11
N PRO A 22 13.02 -8.69 -9.16
CA PRO A 22 13.69 -9.98 -9.10
C PRO A 22 15.22 -9.80 -9.09
N ILE A 23 15.90 -10.54 -8.21
CA ILE A 23 17.32 -10.36 -7.85
C ILE A 23 17.95 -11.71 -7.50
N ASN A 24 19.22 -11.92 -7.87
CA ASN A 24 20.05 -13.08 -7.50
C ASN A 24 19.37 -14.42 -7.88
N ILE A 25 19.10 -14.60 -9.18
CA ILE A 25 18.48 -15.82 -9.73
C ILE A 25 19.51 -16.96 -9.73
N SER A 26 19.40 -17.88 -8.77
CA SER A 26 20.36 -18.95 -8.48
C SER A 26 19.75 -19.99 -7.51
N GLU A 27 20.52 -21.03 -7.18
CA GLU A 27 20.12 -22.14 -6.29
C GLU A 27 20.35 -21.83 -4.79
N THR A 28 20.74 -20.59 -4.45
CA THR A 28 21.00 -20.11 -3.08
C THR A 28 19.73 -20.12 -2.22
N ASP A 29 19.88 -20.53 -0.96
CA ASP A 29 18.82 -20.51 0.05
C ASP A 29 18.59 -19.09 0.63
N LEU A 30 17.40 -18.85 1.20
CA LEU A 30 17.00 -17.54 1.75
C LEU A 30 17.40 -17.34 3.22
N SER A 31 17.61 -18.40 4.00
CA SER A 31 17.77 -18.30 5.47
C SER A 31 19.09 -17.65 5.93
N LEU A 32 20.15 -17.77 5.13
CA LEU A 32 21.45 -17.11 5.31
C LEU A 32 21.60 -15.81 4.48
N LEU A 33 20.55 -15.37 3.78
CA LEU A 33 20.58 -14.24 2.85
C LEU A 33 20.01 -12.97 3.48
N THR A 34 20.62 -11.82 3.19
CA THR A 34 20.16 -10.46 3.55
C THR A 34 20.37 -9.50 2.38
N ALA A 35 19.67 -8.37 2.37
CA ALA A 35 19.70 -7.39 1.28
C ALA A 35 19.50 -5.94 1.76
N THR A 36 20.11 -5.00 1.04
CA THR A 36 20.03 -3.54 1.25
C THR A 36 20.01 -2.82 -0.10
N VAL A 37 19.68 -1.54 -0.11
CA VAL A 37 19.82 -0.62 -1.24
C VAL A 37 20.70 0.57 -0.84
N VAL A 38 21.60 0.95 -1.76
CA VAL A 38 22.34 2.21 -1.74
C VAL A 38 21.77 3.14 -2.82
N PRO A 39 21.11 4.26 -2.45
CA PRO A 39 20.59 5.25 -3.39
C PRO A 39 21.73 6.15 -3.92
N PRO A 40 21.47 7.02 -4.92
CA PRO A 40 22.46 7.98 -5.41
C PRO A 40 22.85 9.05 -4.36
N SER A 41 22.05 9.24 -3.30
CA SER A 41 22.42 10.08 -2.14
C SER A 41 23.40 9.38 -1.16
N GLY A 42 23.62 8.06 -1.30
CA GLY A 42 24.53 7.24 -0.49
C GLY A 42 23.92 6.73 0.84
N ARG A 43 22.66 7.07 1.12
CA ARG A 43 21.93 6.76 2.36
C ARG A 43 21.45 5.30 2.37
N GLU A 44 22.30 4.37 2.82
CA GLU A 44 22.02 2.93 2.80
C GLU A 44 20.78 2.57 3.65
N GLU A 45 19.87 1.77 3.10
CA GLU A 45 18.63 1.30 3.74
C GLU A 45 18.39 -0.20 3.45
N PRO A 46 17.76 -0.95 4.38
CA PRO A 46 17.50 -2.37 4.23
C PRO A 46 16.35 -2.66 3.24
N CYS A 47 16.38 -3.85 2.65
CA CYS A 47 15.34 -4.36 1.74
C CYS A 47 14.63 -5.60 2.32
N LEU A 48 13.37 -5.80 1.93
CA LEU A 48 12.60 -7.00 2.23
C LEU A 48 12.83 -8.04 1.13
N LEU A 49 13.45 -9.18 1.47
CA LEU A 49 13.58 -10.35 0.59
C LEU A 49 12.25 -11.12 0.50
N LYS A 50 11.94 -11.64 -0.69
CA LYS A 50 10.67 -12.31 -1.01
C LYS A 50 10.85 -13.46 -2.02
N ARG A 51 9.99 -14.48 -1.89
CA ARG A 51 9.59 -15.37 -2.99
C ARG A 51 8.43 -14.69 -3.73
N LEU A 52 8.63 -14.33 -5.00
CA LEU A 52 7.66 -13.55 -5.80
C LEU A 52 6.62 -14.44 -6.50
N ARG A 53 5.60 -13.80 -7.07
CA ARG A 53 4.38 -14.45 -7.60
C ARG A 53 4.63 -15.47 -8.73
N ASN A 54 5.68 -15.27 -9.53
CA ASN A 54 6.09 -16.19 -10.61
C ASN A 54 6.94 -17.39 -10.11
N GLY A 55 7.40 -17.37 -8.85
CA GLY A 55 8.22 -18.42 -8.21
C GLY A 55 9.70 -18.09 -8.12
N HIS A 56 10.16 -16.99 -8.71
CA HIS A 56 11.53 -16.48 -8.60
C HIS A 56 11.77 -15.63 -7.32
N VAL A 57 13.03 -15.37 -6.98
CA VAL A 57 13.46 -14.60 -5.79
C VAL A 57 13.63 -13.12 -6.16
N GLY A 58 13.25 -12.22 -5.24
CA GLY A 58 13.42 -10.78 -5.39
C GLY A 58 13.37 -9.98 -4.10
N ILE A 59 13.35 -8.65 -4.24
CA ILE A 59 13.31 -7.67 -3.13
C ILE A 59 12.23 -6.60 -3.33
N SER A 60 11.89 -5.90 -2.26
CA SER A 60 11.21 -4.59 -2.29
C SER A 60 11.82 -3.60 -1.27
N PHE A 61 11.60 -2.31 -1.52
CA PHE A 61 12.11 -1.14 -0.76
C PHE A 61 11.31 0.12 -1.18
N VAL A 62 11.69 1.32 -0.75
CA VAL A 62 11.14 2.60 -1.26
C VAL A 62 12.27 3.60 -1.55
N PRO A 63 12.42 4.09 -2.80
CA PRO A 63 13.35 5.16 -3.16
C PRO A 63 12.76 6.54 -2.81
N LYS A 64 13.62 7.46 -2.36
CA LYS A 64 13.23 8.85 -2.04
C LYS A 64 13.56 9.86 -3.15
N GLU A 65 14.31 9.45 -4.18
CA GLU A 65 14.69 10.25 -5.36
C GLU A 65 14.73 9.38 -6.63
N THR A 66 14.84 10.01 -7.80
CA THR A 66 15.03 9.34 -9.10
C THR A 66 16.49 8.97 -9.36
N GLY A 67 16.74 8.17 -10.40
CA GLY A 67 18.06 7.76 -10.88
C GLY A 67 18.43 6.32 -10.51
N GLU A 68 19.66 5.93 -10.85
CA GLU A 68 20.17 4.58 -10.63
C GLU A 68 20.46 4.34 -9.14
N HIS A 69 19.76 3.36 -8.56
CA HIS A 69 20.00 2.82 -7.22
C HIS A 69 20.70 1.44 -7.35
N LEU A 70 21.61 1.13 -6.43
CA LEU A 70 22.31 -0.17 -6.37
C LEU A 70 21.68 -1.01 -5.26
N VAL A 71 21.20 -2.20 -5.60
CA VAL A 71 20.81 -3.26 -4.64
C VAL A 71 22.07 -4.05 -4.28
N HIS A 72 22.35 -4.25 -2.99
CA HIS A 72 23.42 -5.10 -2.47
C HIS A 72 22.84 -6.33 -1.76
N VAL A 73 23.35 -7.54 -2.06
CA VAL A 73 22.86 -8.81 -1.51
C VAL A 73 24.01 -9.65 -0.95
N LYS A 74 23.85 -10.09 0.30
CA LYS A 74 24.86 -10.76 1.11
C LYS A 74 24.41 -12.17 1.53
N LYS A 75 25.32 -13.14 1.40
CA LYS A 75 25.23 -14.49 1.96
C LYS A 75 26.19 -14.62 3.14
N ASN A 76 25.65 -14.83 4.35
CA ASN A 76 26.37 -14.82 5.62
C ASN A 76 27.21 -13.51 5.80
N GLY A 77 28.53 -13.57 5.56
CA GLY A 77 29.47 -12.45 5.71
C GLY A 77 30.01 -11.84 4.40
N GLN A 78 29.54 -12.27 3.22
CA GLN A 78 30.09 -11.87 1.92
C GLN A 78 29.01 -11.63 0.86
N HIS A 79 29.23 -10.73 -0.08
CA HIS A 79 28.30 -10.45 -1.18
C HIS A 79 28.18 -11.62 -2.19
N VAL A 80 26.98 -11.84 -2.73
CA VAL A 80 26.70 -12.89 -3.75
C VAL A 80 27.31 -12.51 -5.11
N ALA A 81 27.50 -13.50 -5.99
CA ALA A 81 28.18 -13.33 -7.28
C ALA A 81 27.51 -12.29 -8.22
N SER A 82 26.18 -12.13 -8.14
CA SER A 82 25.42 -11.16 -8.92
C SER A 82 25.48 -9.72 -8.37
N SER A 83 25.91 -9.54 -7.11
CA SER A 83 25.81 -8.26 -6.38
C SER A 83 27.04 -7.34 -6.58
N PRO A 84 26.86 -5.99 -6.63
CA PRO A 84 25.59 -5.27 -6.56
C PRO A 84 24.86 -5.23 -7.92
N ILE A 85 23.55 -4.99 -7.87
CA ILE A 85 22.64 -4.95 -9.02
C ILE A 85 22.06 -3.52 -9.19
N PRO A 86 22.19 -2.88 -10.37
CA PRO A 86 21.61 -1.57 -10.64
C PRO A 86 20.11 -1.68 -10.97
N VAL A 87 19.32 -0.75 -10.42
CA VAL A 87 17.89 -0.56 -10.70
C VAL A 87 17.63 0.94 -10.91
N VAL A 88 17.03 1.32 -12.04
CA VAL A 88 16.81 2.73 -12.43
C VAL A 88 15.38 3.16 -12.08
N ILE A 89 15.26 4.24 -11.30
CA ILE A 89 13.98 4.79 -10.82
C ILE A 89 13.64 6.05 -11.65
N SER A 90 12.50 6.06 -12.33
CA SER A 90 11.98 7.25 -13.04
C SER A 90 10.94 8.01 -12.19
N GLN A 91 10.58 9.23 -12.61
CA GLN A 91 9.64 10.09 -11.87
C GLN A 91 8.22 9.49 -11.74
N SER A 92 7.83 8.57 -12.62
CA SER A 92 6.55 7.84 -12.53
C SER A 92 6.57 6.83 -11.36
N GLU A 93 7.72 6.20 -11.10
CA GLU A 93 7.89 5.18 -10.06
C GLU A 93 7.94 5.79 -8.64
N ILE A 94 8.16 7.11 -8.51
CA ILE A 94 8.10 7.84 -7.23
C ILE A 94 6.67 7.84 -6.62
N GLY A 95 5.65 7.58 -7.44
CA GLY A 95 4.27 7.30 -7.03
C GLY A 95 3.22 8.09 -7.79
N ASP A 96 3.10 7.87 -9.11
CA ASP A 96 2.05 8.48 -9.93
C ASP A 96 0.64 7.98 -9.53
N ALA A 97 -0.19 8.88 -9.01
CA ALA A 97 -1.56 8.58 -8.59
C ALA A 97 -2.43 8.04 -9.73
N SER A 98 -2.28 8.57 -10.94
CA SER A 98 -3.05 8.17 -12.14
C SER A 98 -2.87 6.69 -12.53
N ARG A 99 -1.79 6.04 -12.08
CA ARG A 99 -1.52 4.62 -12.26
C ARG A 99 -2.16 3.71 -11.18
N VAL A 100 -2.66 4.26 -10.07
CA VAL A 100 -3.25 3.47 -8.97
C VAL A 100 -4.65 2.98 -9.37
N ARG A 101 -4.92 1.69 -9.13
CA ARG A 101 -6.21 1.02 -9.34
C ARG A 101 -6.82 0.55 -8.02
N VAL A 102 -8.13 0.35 -7.98
CA VAL A 102 -8.89 -0.11 -6.79
C VAL A 102 -10.07 -0.99 -7.20
N SER A 103 -10.58 -1.82 -6.29
CA SER A 103 -11.70 -2.75 -6.52
C SER A 103 -12.37 -3.21 -5.20
N GLY A 104 -13.53 -3.86 -5.28
CA GLY A 104 -14.27 -4.41 -4.13
C GLY A 104 -15.55 -3.65 -3.78
N GLN A 105 -16.43 -4.32 -3.05
CA GLN A 105 -17.81 -3.90 -2.77
C GLN A 105 -17.89 -2.67 -1.84
N GLY A 106 -16.94 -2.52 -0.91
CA GLY A 106 -16.92 -1.45 0.11
C GLY A 106 -16.63 -0.05 -0.43
N LEU A 107 -16.35 0.09 -1.74
CA LEU A 107 -16.28 1.36 -2.46
C LEU A 107 -17.65 1.81 -3.01
N HIS A 108 -18.68 0.96 -2.92
CA HIS A 108 -20.01 1.20 -3.51
C HIS A 108 -21.17 1.02 -2.50
N GLU A 109 -21.07 0.07 -1.57
CA GLU A 109 -22.12 -0.25 -0.59
C GLU A 109 -21.57 -0.97 0.66
N GLY A 110 -22.29 -0.86 1.79
CA GLY A 110 -21.92 -1.46 3.08
C GLY A 110 -23.11 -1.78 3.99
N HIS A 111 -22.81 -2.24 5.20
CA HIS A 111 -23.81 -2.70 6.19
C HIS A 111 -23.48 -2.20 7.63
N THR A 112 -24.51 -1.97 8.47
CA THR A 112 -24.36 -1.40 9.83
C THR A 112 -23.68 -2.32 10.83
N PHE A 113 -23.91 -3.64 10.74
CA PHE A 113 -23.47 -4.63 11.73
C PHE A 113 -22.36 -5.58 11.23
N GLU A 114 -21.77 -5.31 10.06
CA GLU A 114 -20.71 -6.10 9.42
C GLU A 114 -19.64 -5.18 8.80
N PRO A 115 -18.38 -5.63 8.64
CA PRO A 115 -17.35 -4.86 7.96
C PRO A 115 -17.58 -4.84 6.44
N ALA A 116 -17.25 -3.71 5.81
CA ALA A 116 -17.18 -3.54 4.35
C ALA A 116 -15.71 -3.60 3.89
N GLU A 117 -15.46 -4.27 2.77
CA GLU A 117 -14.11 -4.63 2.29
C GLU A 117 -13.82 -4.12 0.86
N PHE A 118 -12.56 -3.75 0.61
CA PHE A 118 -12.05 -3.31 -0.68
C PHE A 118 -10.53 -3.47 -0.81
N ILE A 119 -10.04 -3.55 -2.04
CA ILE A 119 -8.63 -3.81 -2.40
C ILE A 119 -8.08 -2.59 -3.17
N ILE A 120 -6.81 -2.26 -2.90
CA ILE A 120 -6.02 -1.22 -3.58
C ILE A 120 -4.83 -1.88 -4.27
N ASP A 121 -4.59 -1.54 -5.53
CA ASP A 121 -3.50 -2.03 -6.37
C ASP A 121 -2.60 -0.88 -6.85
N THR A 122 -1.46 -0.73 -6.17
CA THR A 122 -0.39 0.24 -6.43
C THR A 122 0.77 -0.36 -7.24
N ARG A 123 0.72 -1.64 -7.61
CA ARG A 123 1.84 -2.38 -8.24
C ARG A 123 2.28 -1.74 -9.58
N ASP A 124 1.33 -1.24 -10.37
CA ASP A 124 1.58 -0.55 -11.65
C ASP A 124 1.98 0.94 -11.48
N ALA A 125 1.82 1.49 -10.27
CA ALA A 125 2.19 2.86 -9.90
C ALA A 125 3.59 2.98 -9.25
N GLY A 126 4.29 1.87 -9.04
CA GLY A 126 5.65 1.84 -8.51
C GLY A 126 5.69 1.84 -6.98
N TYR A 127 6.48 2.74 -6.42
CA TYR A 127 6.70 2.92 -4.98
C TYR A 127 5.92 4.13 -4.42
N GLY A 128 5.87 4.27 -3.08
CA GLY A 128 5.40 5.48 -2.39
C GLY A 128 4.44 5.23 -1.23
N GLY A 129 3.95 6.33 -0.63
CA GLY A 129 3.01 6.31 0.50
C GLY A 129 1.56 6.41 0.05
N LEU A 130 0.74 5.44 0.46
CA LEU A 130 -0.72 5.41 0.32
C LEU A 130 -1.33 5.95 1.63
N SER A 131 -2.05 7.07 1.53
CA SER A 131 -2.85 7.64 2.62
C SER A 131 -4.35 7.47 2.33
N LEU A 132 -5.14 7.24 3.37
CA LEU A 132 -6.55 6.84 3.25
C LEU A 132 -7.37 7.50 4.34
N SER A 133 -8.58 7.95 4.01
CA SER A 133 -9.55 8.42 5.00
C SER A 133 -10.99 8.05 4.63
N ILE A 134 -11.85 7.91 5.65
CA ILE A 134 -13.27 7.62 5.53
C ILE A 134 -14.03 8.64 6.39
N GLU A 135 -15.09 9.23 5.86
CA GLU A 135 -15.86 10.30 6.52
C GLU A 135 -17.36 10.16 6.26
N GLY A 136 -18.19 10.64 7.19
CA GLY A 136 -19.65 10.48 7.13
C GLY A 136 -20.35 10.69 8.48
N PRO A 137 -21.46 9.96 8.77
CA PRO A 137 -22.29 10.17 9.94
C PRO A 137 -21.66 9.68 11.26
N SER A 138 -20.53 8.95 11.23
CA SER A 138 -19.84 8.44 12.43
C SER A 138 -18.36 8.09 12.17
N LYS A 139 -17.56 7.97 13.24
CA LYS A 139 -16.20 7.44 13.20
C LYS A 139 -16.20 5.93 12.93
N VAL A 140 -15.18 5.41 12.22
CA VAL A 140 -15.04 3.98 11.88
C VAL A 140 -13.62 3.47 12.20
N ASP A 141 -13.50 2.22 12.62
CA ASP A 141 -12.22 1.57 12.91
C ASP A 141 -11.66 0.92 11.64
N ILE A 142 -10.72 1.61 10.98
CA ILE A 142 -10.09 1.16 9.73
C ILE A 142 -8.97 0.16 10.06
N ASN A 143 -8.97 -0.98 9.34
CA ASN A 143 -7.96 -2.04 9.39
C ASN A 143 -7.43 -2.35 7.99
N THR A 144 -6.18 -2.83 7.89
CA THR A 144 -5.47 -3.08 6.62
C THR A 144 -4.68 -4.38 6.65
N GLU A 145 -4.45 -4.97 5.48
CA GLU A 145 -3.73 -6.24 5.32
C GLU A 145 -3.05 -6.32 3.95
N ASP A 146 -1.75 -6.61 3.93
CA ASP A 146 -0.96 -6.85 2.71
C ASP A 146 -1.20 -8.28 2.18
N LEU A 147 -1.55 -8.41 0.89
CA LEU A 147 -1.85 -9.68 0.23
C LEU A 147 -0.63 -10.23 -0.54
N GLU A 148 -0.59 -11.55 -0.74
CA GLU A 148 0.51 -12.25 -1.42
C GLU A 148 0.61 -11.93 -2.93
N ASP A 149 -0.45 -11.36 -3.52
CA ASP A 149 -0.46 -10.83 -4.89
C ASP A 149 0.30 -9.49 -5.04
N GLY A 150 0.66 -8.84 -3.92
CA GLY A 150 1.33 -7.54 -3.86
C GLY A 150 0.38 -6.34 -3.68
N THR A 151 -0.94 -6.59 -3.63
CA THR A 151 -2.00 -5.61 -3.37
C THR A 151 -2.28 -5.45 -1.88
N CYS A 152 -3.04 -4.43 -1.49
CA CYS A 152 -3.45 -4.18 -0.10
C CYS A 152 -4.98 -4.24 0.04
N ARG A 153 -5.47 -5.00 1.02
CA ARG A 153 -6.88 -5.06 1.41
C ARG A 153 -7.15 -4.09 2.57
N VAL A 154 -8.29 -3.41 2.52
CA VAL A 154 -8.76 -2.44 3.53
C VAL A 154 -10.16 -2.86 4.00
N THR A 155 -10.42 -2.74 5.31
CA THR A 155 -11.71 -3.04 5.95
C THR A 155 -12.07 -2.00 6.99
N TYR A 156 -13.37 -1.83 7.21
CA TYR A 156 -13.95 -0.92 8.21
C TYR A 156 -15.41 -1.29 8.50
N CYS A 157 -15.90 -1.06 9.72
CA CYS A 157 -17.31 -1.28 10.10
C CYS A 157 -18.02 0.08 10.33
N PRO A 158 -18.91 0.51 9.41
CA PRO A 158 -19.69 1.73 9.56
C PRO A 158 -20.88 1.50 10.50
N THR A 159 -20.80 2.02 11.74
CA THR A 159 -21.77 1.73 12.81
C THR A 159 -23.16 2.30 12.52
N GLU A 160 -23.23 3.54 12.02
CA GLU A 160 -24.48 4.21 11.64
C GLU A 160 -24.77 3.99 10.14
N PRO A 161 -26.05 3.92 9.70
CA PRO A 161 -26.43 3.87 8.29
C PRO A 161 -26.29 5.26 7.63
N GLY A 162 -26.32 5.27 6.29
CA GLY A 162 -26.23 6.49 5.46
C GLY A 162 -25.12 6.43 4.41
N ASN A 163 -24.73 7.60 3.88
CA ASN A 163 -23.63 7.73 2.92
C ASN A 163 -22.30 8.05 3.62
N TYR A 164 -21.27 7.23 3.37
CA TYR A 164 -19.88 7.50 3.75
C TYR A 164 -19.05 7.79 2.49
N ILE A 165 -18.08 8.72 2.59
CA ILE A 165 -17.11 9.03 1.55
C ILE A 165 -15.76 8.39 1.91
N ILE A 166 -15.12 7.72 0.95
CA ILE A 166 -13.75 7.19 1.06
C ILE A 166 -12.83 7.99 0.13
N ASN A 167 -11.71 8.47 0.66
CA ASN A 167 -10.64 9.15 -0.08
C ASN A 167 -9.40 8.26 -0.19
N ILE A 168 -8.91 8.01 -1.41
CA ILE A 168 -7.64 7.29 -1.65
C ILE A 168 -6.61 8.27 -2.24
N LYS A 169 -5.48 8.43 -1.55
CA LYS A 169 -4.40 9.37 -1.88
C LYS A 169 -3.04 8.64 -1.97
N PHE A 170 -2.26 8.91 -3.01
CA PHE A 170 -0.95 8.30 -3.23
C PHE A 170 0.10 9.38 -3.55
N ALA A 171 1.21 9.39 -2.80
CA ALA A 171 2.25 10.42 -2.87
C ALA A 171 1.68 11.86 -2.75
N ASP A 172 0.70 12.01 -1.85
CA ASP A 172 -0.07 13.24 -1.51
C ASP A 172 -1.09 13.68 -2.59
N GLN A 173 -1.28 12.88 -3.65
CA GLN A 173 -2.18 13.17 -4.76
C GLN A 173 -3.40 12.23 -4.73
N HIS A 174 -4.61 12.79 -4.81
CA HIS A 174 -5.87 12.04 -4.77
C HIS A 174 -6.05 11.18 -6.04
N VAL A 175 -6.24 9.86 -5.91
CA VAL A 175 -6.18 8.91 -7.05
C VAL A 175 -7.51 8.87 -7.84
N PRO A 176 -7.53 8.40 -9.10
CA PRO A 176 -8.73 8.29 -9.92
C PRO A 176 -9.88 7.52 -9.24
N GLY A 177 -11.10 7.98 -9.44
CA GLY A 177 -12.33 7.40 -8.88
C GLY A 177 -12.71 7.93 -7.50
N SER A 178 -11.76 8.46 -6.73
CA SER A 178 -12.06 9.17 -5.46
C SER A 178 -12.68 10.56 -5.73
N PRO A 179 -13.54 11.08 -4.82
CA PRO A 179 -14.06 10.42 -3.61
C PRO A 179 -15.09 9.36 -3.97
N PHE A 180 -15.06 8.21 -3.28
CA PHE A 180 -16.02 7.13 -3.44
C PHE A 180 -17.16 7.28 -2.43
N SER A 181 -18.39 7.52 -2.89
CA SER A 181 -19.60 7.52 -2.05
C SER A 181 -20.13 6.09 -1.85
N VAL A 182 -20.37 5.69 -0.59
CA VAL A 182 -20.70 4.31 -0.18
C VAL A 182 -22.03 4.32 0.60
N LYS A 183 -23.06 3.68 0.04
CA LYS A 183 -24.38 3.57 0.69
C LYS A 183 -24.39 2.43 1.73
N VAL A 184 -24.44 2.77 3.02
CA VAL A 184 -24.50 1.81 4.13
C VAL A 184 -25.97 1.60 4.53
N THR A 185 -26.44 0.36 4.48
CA THR A 185 -27.81 -0.04 4.81
C THR A 185 -27.87 -0.85 6.11
N GLY A 186 -29.07 -0.99 6.69
CA GLY A 186 -29.33 -1.66 7.96
C GLY A 186 -29.87 -0.71 9.05
N GLU A 187 -30.19 -1.29 10.20
CA GLU A 187 -30.85 -0.60 11.33
C GLU A 187 -29.86 0.09 12.26
N GLY A 188 -30.36 1.03 13.08
CA GLY A 188 -29.65 1.58 14.25
C GLY A 188 -29.77 0.65 15.46
N ARG A 189 -28.70 0.54 16.26
CA ARG A 189 -28.63 -0.39 17.40
C ARG A 189 -29.48 0.08 18.59
N VAL A 190 -30.12 -0.87 19.28
CA VAL A 190 -30.85 -0.68 20.55
C VAL A 190 -30.12 -1.40 21.68
N LYS A 191 -30.04 -0.76 22.86
CA LYS A 191 -29.36 -1.26 24.07
C LYS A 191 -30.27 -1.17 25.30
N GLY A 1 -13.66 26.52 20.04
CA GLY A 1 -13.91 25.09 19.72
C GLY A 1 -15.34 24.86 19.26
N ALA A 2 -15.54 23.90 18.35
CA ALA A 2 -16.86 23.52 17.82
C ALA A 2 -17.75 22.83 18.88
N MET A 3 -19.07 22.98 18.73
CA MET A 3 -20.11 22.45 19.64
C MET A 3 -21.35 21.96 18.85
N GLY A 4 -22.19 21.16 19.52
CA GLY A 4 -23.43 20.58 18.96
C GLY A 4 -23.32 19.09 18.66
N ASP A 5 -24.47 18.40 18.69
CA ASP A 5 -24.59 16.95 18.50
C ASP A 5 -24.68 16.51 17.02
N ASP A 6 -24.84 17.46 16.10
CA ASP A 6 -25.05 17.24 14.65
C ASP A 6 -23.76 16.95 13.86
N SER A 7 -22.59 17.01 14.49
CA SER A 7 -21.27 16.86 13.84
C SER A 7 -21.04 15.48 13.21
N MET A 8 -20.46 15.45 12.00
CA MET A 8 -19.97 14.24 11.32
C MET A 8 -18.65 13.75 11.96
N ARG A 9 -18.27 12.49 11.69
CA ARG A 9 -17.07 11.84 12.24
C ARG A 9 -16.21 11.22 11.14
N MET A 10 -14.89 11.16 11.36
CA MET A 10 -13.90 10.55 10.47
C MET A 10 -13.12 9.41 11.15
N SER A 11 -12.63 8.49 10.33
CA SER A 11 -11.77 7.36 10.70
C SER A 11 -10.61 7.25 9.68
N HIS A 12 -9.40 6.86 10.09
CA HIS A 12 -8.21 6.93 9.23
C HIS A 12 -7.17 5.80 9.44
N LEU A 13 -6.34 5.55 8.42
CA LEU A 13 -5.39 4.44 8.31
C LEU A 13 -4.27 4.79 7.31
N LYS A 14 -3.02 4.40 7.60
CA LYS A 14 -1.85 4.61 6.73
C LYS A 14 -1.00 3.34 6.56
N VAL A 15 -0.44 3.13 5.36
CA VAL A 15 0.50 2.02 5.03
C VAL A 15 1.58 2.49 4.05
N GLY A 16 2.76 1.87 4.10
CA GLY A 16 3.87 2.09 3.16
C GLY A 16 3.73 1.23 1.89
N SER A 17 4.28 1.69 0.77
CA SER A 17 4.08 1.08 -0.55
C SER A 17 5.36 1.05 -1.41
N ALA A 18 5.63 -0.08 -2.08
CA ALA A 18 6.84 -0.31 -2.87
C ALA A 18 6.67 -1.46 -3.88
N ALA A 19 7.44 -1.42 -4.96
CA ALA A 19 7.53 -2.51 -5.94
C ALA A 19 8.54 -3.57 -5.49
N ASP A 20 8.15 -4.85 -5.57
CA ASP A 20 9.02 -6.00 -5.30
C ASP A 20 9.83 -6.39 -6.55
N ILE A 21 11.12 -6.64 -6.40
CA ILE A 21 12.03 -6.97 -7.51
C ILE A 21 12.70 -8.34 -7.25
N PRO A 22 12.41 -9.39 -8.05
CA PRO A 22 13.11 -10.67 -7.98
C PRO A 22 14.51 -10.55 -8.62
N ILE A 23 15.47 -11.34 -8.15
CA ILE A 23 16.88 -11.32 -8.59
C ILE A 23 17.35 -12.74 -8.93
N ASN A 24 18.15 -12.85 -10.01
CA ASN A 24 18.71 -14.07 -10.62
C ASN A 24 18.12 -15.41 -10.12
N ILE A 25 17.03 -15.85 -10.77
CA ILE A 25 16.09 -16.85 -10.24
C ILE A 25 16.79 -18.19 -9.94
N SER A 26 16.80 -18.58 -8.67
CA SER A 26 17.51 -19.76 -8.11
C SER A 26 17.12 -19.97 -6.64
N GLU A 27 17.45 -21.13 -6.07
CA GLU A 27 17.17 -21.47 -4.67
C GLU A 27 18.36 -21.14 -3.75
N THR A 28 18.05 -20.65 -2.53
CA THR A 28 18.98 -20.13 -1.50
C THR A 28 18.17 -19.74 -0.25
N ASP A 29 18.71 -20.04 0.93
CA ASP A 29 18.09 -19.75 2.23
C ASP A 29 18.01 -18.22 2.49
N LEU A 30 16.82 -17.76 2.93
CA LEU A 30 16.52 -16.33 3.09
C LEU A 30 17.16 -15.70 4.34
N SER A 31 17.47 -16.48 5.38
CA SER A 31 17.87 -15.95 6.71
C SER A 31 19.37 -15.62 6.81
N LEU A 32 20.22 -16.30 6.01
CA LEU A 32 21.66 -16.02 5.90
C LEU A 32 22.03 -15.02 4.78
N LEU A 33 21.01 -14.38 4.17
CA LEU A 33 21.17 -13.26 3.23
C LEU A 33 20.98 -11.91 3.92
N THR A 34 21.68 -10.89 3.41
CA THR A 34 21.44 -9.45 3.65
C THR A 34 21.56 -8.69 2.33
N ALA A 35 20.94 -7.50 2.24
CA ALA A 35 20.92 -6.68 1.03
C ALA A 35 20.75 -5.19 1.35
N THR A 36 21.34 -4.33 0.51
CA THR A 36 21.32 -2.86 0.58
C THR A 36 21.17 -2.27 -0.81
N VAL A 37 20.73 -1.01 -0.89
CA VAL A 37 20.72 -0.19 -2.12
C VAL A 37 21.66 0.99 -1.94
N VAL A 38 22.46 1.25 -2.98
CA VAL A 38 23.22 2.49 -3.16
C VAL A 38 22.53 3.31 -4.28
N PRO A 39 21.89 4.45 -3.97
CA PRO A 39 21.29 5.34 -4.96
C PRO A 39 22.38 6.18 -5.67
N PRO A 40 22.06 6.87 -6.78
CA PRO A 40 23.01 7.75 -7.46
C PRO A 40 23.38 9.01 -6.64
N SER A 41 22.63 9.32 -5.58
CA SER A 41 22.96 10.34 -4.57
C SER A 41 23.97 9.87 -3.50
N GLY A 42 24.30 8.56 -3.47
CA GLY A 42 25.26 7.95 -2.55
C GLY A 42 24.72 7.62 -1.15
N ARG A 43 23.45 7.96 -0.86
CA ARG A 43 22.78 7.75 0.43
C ARG A 43 22.37 6.27 0.63
N GLU A 44 23.30 5.42 1.05
CA GLU A 44 23.10 3.98 1.21
C GLU A 44 21.98 3.65 2.21
N GLU A 45 21.11 2.69 1.86
CA GLU A 45 19.96 2.24 2.65
C GLU A 45 19.81 0.71 2.61
N PRO A 46 19.29 0.06 3.66
CA PRO A 46 19.03 -1.38 3.68
C PRO A 46 17.77 -1.73 2.88
N CYS A 47 17.74 -2.96 2.35
CA CYS A 47 16.58 -3.53 1.66
C CYS A 47 15.82 -4.53 2.56
N LEU A 48 14.51 -4.65 2.31
CA LEU A 48 13.70 -5.77 2.81
C LEU A 48 13.86 -6.96 1.86
N LEU A 49 14.22 -8.13 2.38
CA LEU A 49 14.32 -9.40 1.65
C LEU A 49 13.02 -10.19 1.80
N LYS A 50 12.58 -10.85 0.72
CA LYS A 50 11.32 -11.60 0.66
C LYS A 50 11.43 -12.90 -0.16
N ARG A 51 10.69 -13.93 0.26
CA ARG A 51 10.21 -15.00 -0.61
C ARG A 51 8.88 -14.54 -1.22
N LEU A 52 8.88 -14.23 -2.51
CA LEU A 52 7.73 -13.65 -3.23
C LEU A 52 6.70 -14.72 -3.60
N ARG A 53 5.49 -14.29 -3.99
CA ARG A 53 4.31 -15.15 -4.14
C ARG A 53 4.43 -16.22 -5.25
N ASN A 54 5.32 -16.02 -6.22
CA ASN A 54 5.63 -17.00 -7.28
C ASN A 54 6.63 -18.10 -6.84
N GLY A 55 7.25 -17.96 -5.65
CA GLY A 55 8.21 -18.90 -5.07
C GLY A 55 9.68 -18.51 -5.26
N HIS A 56 9.96 -17.45 -6.04
CA HIS A 56 11.31 -16.88 -6.22
C HIS A 56 11.68 -15.85 -5.13
N VAL A 57 12.99 -15.56 -5.01
CA VAL A 57 13.56 -14.62 -4.01
C VAL A 57 13.72 -13.21 -4.61
N GLY A 58 13.45 -12.17 -3.81
CA GLY A 58 13.57 -10.77 -4.24
C GLY A 58 13.78 -9.76 -3.11
N ILE A 59 13.93 -8.49 -3.51
CA ILE A 59 14.12 -7.33 -2.61
C ILE A 59 12.98 -6.31 -2.75
N SER A 60 12.87 -5.43 -1.75
CA SER A 60 11.99 -4.26 -1.75
C SER A 60 12.64 -3.10 -0.95
N PHE A 61 12.34 -1.87 -1.36
CA PHE A 61 12.90 -0.60 -0.84
C PHE A 61 12.08 0.60 -1.40
N VAL A 62 12.39 1.83 -0.97
CA VAL A 62 11.81 3.07 -1.52
C VAL A 62 12.94 4.02 -1.96
N PRO A 63 13.07 4.34 -3.27
CA PRO A 63 14.01 5.34 -3.78
C PRO A 63 13.51 6.76 -3.48
N LYS A 64 14.44 7.67 -3.16
CA LYS A 64 14.15 9.10 -2.98
C LYS A 64 14.58 9.97 -4.19
N GLU A 65 15.48 9.46 -5.05
CA GLU A 65 15.93 10.09 -6.30
C GLU A 65 15.55 9.22 -7.52
N THR A 66 15.74 9.77 -8.73
CA THR A 66 15.64 9.04 -10.01
C THR A 66 17.03 8.61 -10.51
N GLY A 67 17.07 7.77 -11.54
CA GLY A 67 18.29 7.26 -12.18
C GLY A 67 18.71 5.87 -11.72
N GLU A 68 19.90 5.44 -12.12
CA GLU A 68 20.44 4.10 -11.85
C GLU A 68 20.82 3.95 -10.36
N HIS A 69 20.07 3.10 -9.65
CA HIS A 69 20.38 2.60 -8.32
C HIS A 69 21.04 1.21 -8.42
N LEU A 70 22.02 0.92 -7.56
CA LEU A 70 22.68 -0.38 -7.48
C LEU A 70 22.20 -1.11 -6.22
N VAL A 71 21.69 -2.34 -6.38
CA VAL A 71 21.42 -3.27 -5.27
C VAL A 71 22.68 -4.10 -5.02
N HIS A 72 23.15 -4.14 -3.77
CA HIS A 72 24.23 -5.01 -3.31
C HIS A 72 23.64 -6.16 -2.45
N VAL A 73 24.12 -7.39 -2.64
CA VAL A 73 23.53 -8.61 -2.05
C VAL A 73 24.65 -9.51 -1.51
N LYS A 74 24.44 -10.03 -0.31
CA LYS A 74 25.44 -10.72 0.50
C LYS A 74 24.88 -12.03 1.10
N LYS A 75 25.64 -13.12 0.97
CA LYS A 75 25.31 -14.46 1.46
C LYS A 75 26.45 -14.97 2.37
N ASN A 76 26.15 -15.44 3.58
CA ASN A 76 27.16 -15.96 4.53
C ASN A 76 28.24 -14.92 4.93
N GLY A 77 27.95 -13.61 4.77
CA GLY A 77 28.89 -12.50 4.98
C GLY A 77 29.77 -12.17 3.77
N GLN A 78 29.52 -12.78 2.61
CA GLN A 78 30.30 -12.64 1.36
C GLN A 78 29.38 -12.07 0.25
N HIS A 79 29.82 -11.07 -0.51
CA HIS A 79 29.04 -10.54 -1.64
C HIS A 79 28.85 -11.59 -2.76
N VAL A 80 27.65 -11.67 -3.34
CA VAL A 80 27.28 -12.75 -4.27
C VAL A 80 27.83 -12.51 -5.68
N ALA A 81 27.93 -13.58 -6.50
CA ALA A 81 28.45 -13.53 -7.87
C ALA A 81 27.59 -12.68 -8.83
N SER A 82 26.32 -12.44 -8.49
CA SER A 82 25.37 -11.65 -9.30
C SER A 82 25.42 -10.14 -9.02
N SER A 83 25.96 -9.70 -7.89
CA SER A 83 25.93 -8.28 -7.46
C SER A 83 27.19 -7.47 -7.90
N PRO A 84 27.08 -6.13 -8.06
CA PRO A 84 25.88 -5.31 -7.89
C PRO A 84 24.88 -5.49 -9.04
N ILE A 85 23.59 -5.37 -8.72
CA ILE A 85 22.47 -5.45 -9.67
C ILE A 85 21.95 -4.02 -9.92
N PRO A 86 21.96 -3.50 -11.17
CA PRO A 86 21.44 -2.18 -11.49
C PRO A 86 19.92 -2.20 -11.63
N VAL A 87 19.25 -1.16 -11.13
CA VAL A 87 17.82 -0.89 -11.31
C VAL A 87 17.66 0.61 -11.65
N VAL A 88 17.05 0.95 -12.77
CA VAL A 88 16.86 2.35 -13.21
C VAL A 88 15.47 2.84 -12.80
N ILE A 89 15.43 3.91 -12.00
CA ILE A 89 14.20 4.50 -11.46
C ILE A 89 13.80 5.72 -12.30
N SER A 90 12.59 5.72 -12.86
CA SER A 90 12.00 6.89 -13.53
C SER A 90 11.16 7.74 -12.55
N GLN A 91 10.93 9.02 -12.86
CA GLN A 91 10.05 9.89 -12.09
C GLN A 91 8.61 9.35 -12.04
N SER A 92 8.17 8.62 -13.07
CA SER A 92 6.87 7.93 -13.12
C SER A 92 6.71 6.82 -12.06
N GLU A 93 7.80 6.40 -11.39
CA GLU A 93 7.79 5.45 -10.26
C GLU A 93 7.75 6.16 -8.89
N ILE A 94 7.97 7.49 -8.85
CA ILE A 94 8.07 8.28 -7.60
C ILE A 94 6.71 8.90 -7.28
N GLY A 95 5.92 8.25 -6.41
CA GLY A 95 4.72 8.81 -5.80
C GLY A 95 3.58 9.12 -6.78
N ASP A 96 3.53 8.44 -7.93
CA ASP A 96 2.63 8.75 -9.04
C ASP A 96 1.19 8.28 -8.75
N ALA A 97 0.39 9.16 -8.12
CA ALA A 97 -1.00 8.91 -7.75
C ALA A 97 -1.89 8.57 -8.97
N SER A 98 -1.65 9.20 -10.12
CA SER A 98 -2.40 8.97 -11.36
C SER A 98 -2.30 7.51 -11.88
N ARG A 99 -1.26 6.78 -11.47
CA ARG A 99 -1.06 5.36 -11.77
C ARG A 99 -1.69 4.41 -10.74
N VAL A 100 -2.19 4.90 -9.60
CA VAL A 100 -2.86 4.06 -8.58
C VAL A 100 -4.29 3.73 -9.03
N ARG A 101 -4.65 2.44 -8.95
CA ARG A 101 -5.99 1.94 -9.24
C ARG A 101 -6.64 1.33 -8.00
N VAL A 102 -7.97 1.18 -8.02
CA VAL A 102 -8.78 0.62 -6.94
C VAL A 102 -9.99 -0.15 -7.50
N SER A 103 -10.49 -1.12 -6.76
CA SER A 103 -11.55 -2.07 -7.19
C SER A 103 -12.43 -2.52 -6.00
N GLY A 104 -13.59 -3.15 -6.29
CA GLY A 104 -14.47 -3.77 -5.27
C GLY A 104 -15.71 -2.94 -4.91
N GLN A 105 -16.69 -3.61 -4.31
CA GLN A 105 -18.05 -3.12 -4.10
C GLN A 105 -18.15 -2.04 -2.99
N GLY A 106 -17.24 -2.06 -2.00
CA GLY A 106 -17.25 -1.15 -0.85
C GLY A 106 -16.92 0.31 -1.16
N LEU A 107 -16.55 0.60 -2.42
CA LEU A 107 -16.41 1.96 -2.97
C LEU A 107 -17.73 2.52 -3.54
N HIS A 108 -18.80 1.69 -3.61
CA HIS A 108 -20.08 2.03 -4.23
C HIS A 108 -21.30 1.78 -3.33
N GLU A 109 -21.28 0.72 -2.50
CA GLU A 109 -22.37 0.36 -1.58
C GLU A 109 -21.89 -0.52 -0.41
N GLY A 110 -22.61 -0.48 0.72
CA GLY A 110 -22.31 -1.24 1.94
C GLY A 110 -23.54 -1.65 2.75
N HIS A 111 -23.29 -2.29 3.90
CA HIS A 111 -24.31 -2.78 4.83
C HIS A 111 -23.94 -2.52 6.31
N THR A 112 -24.92 -2.39 7.21
CA THR A 112 -24.68 -2.08 8.64
C THR A 112 -24.07 -3.21 9.45
N PHE A 113 -24.53 -4.46 9.23
CA PHE A 113 -24.19 -5.61 10.07
C PHE A 113 -23.09 -6.51 9.48
N GLU A 114 -22.73 -6.33 8.21
CA GLU A 114 -21.61 -7.00 7.55
C GLU A 114 -20.52 -5.97 7.17
N PRO A 115 -19.22 -6.34 7.22
CA PRO A 115 -18.14 -5.45 6.80
C PRO A 115 -18.17 -5.26 5.27
N ALA A 116 -17.96 -4.02 4.82
CA ALA A 116 -17.73 -3.69 3.42
C ALA A 116 -16.24 -3.88 3.08
N GLU A 117 -15.93 -4.21 1.82
CA GLU A 117 -14.56 -4.47 1.37
C GLU A 117 -14.26 -3.88 -0.02
N PHE A 118 -12.99 -3.55 -0.23
CA PHE A 118 -12.45 -3.01 -1.48
C PHE A 118 -10.93 -3.22 -1.56
N ILE A 119 -10.40 -3.26 -2.78
CA ILE A 119 -9.00 -3.53 -3.10
C ILE A 119 -8.32 -2.24 -3.61
N ILE A 120 -7.04 -2.07 -3.26
CA ILE A 120 -6.15 -1.00 -3.75
C ILE A 120 -4.96 -1.65 -4.47
N ASP A 121 -4.63 -1.12 -5.65
CA ASP A 121 -3.56 -1.59 -6.54
C ASP A 121 -2.56 -0.46 -6.82
N THR A 122 -1.44 -0.49 -6.10
CA THR A 122 -0.26 0.40 -6.24
C THR A 122 0.88 -0.24 -7.04
N ARG A 123 0.68 -1.45 -7.60
CA ARG A 123 1.74 -2.25 -8.25
C ARG A 123 2.35 -1.53 -9.47
N ASP A 124 1.53 -0.81 -10.24
CA ASP A 124 1.98 0.03 -11.37
C ASP A 124 2.53 1.39 -10.91
N ALA A 125 2.06 1.94 -9.78
CA ALA A 125 2.42 3.27 -9.28
C ALA A 125 3.85 3.37 -8.70
N GLY A 126 4.53 2.24 -8.48
CA GLY A 126 5.93 2.17 -8.05
C GLY A 126 6.06 2.26 -6.53
N TYR A 127 6.55 3.40 -6.04
CA TYR A 127 6.98 3.59 -4.65
C TYR A 127 6.33 4.82 -3.99
N GLY A 128 6.07 4.74 -2.67
CA GLY A 128 5.47 5.82 -1.87
C GLY A 128 4.78 5.31 -0.61
N GLY A 129 3.61 5.87 -0.32
CA GLY A 129 2.76 5.46 0.82
C GLY A 129 1.29 5.85 0.60
N LEU A 130 0.39 4.96 1.03
CA LEU A 130 -1.06 5.11 0.93
C LEU A 130 -1.62 5.59 2.28
N SER A 131 -2.35 6.69 2.26
CA SER A 131 -3.16 7.19 3.39
C SER A 131 -4.65 7.17 3.00
N LEU A 132 -5.49 6.77 3.94
CA LEU A 132 -6.90 6.45 3.72
C LEU A 132 -7.75 7.04 4.84
N SER A 133 -8.84 7.72 4.48
CA SER A 133 -9.81 8.25 5.45
C SER A 133 -11.25 7.93 5.03
N ILE A 134 -12.05 7.38 5.95
CA ILE A 134 -13.49 7.13 5.79
C ILE A 134 -14.24 8.13 6.67
N GLU A 135 -15.23 8.81 6.11
CA GLU A 135 -16.02 9.87 6.75
C GLU A 135 -17.52 9.54 6.67
N GLY A 136 -18.28 9.83 7.72
CA GLY A 136 -19.71 9.50 7.76
C GLY A 136 -20.42 9.86 9.08
N PRO A 137 -21.64 9.32 9.31
CA PRO A 137 -22.45 9.59 10.50
C PRO A 137 -21.90 8.97 11.79
N SER A 138 -20.89 8.09 11.71
CA SER A 138 -20.24 7.47 12.89
C SER A 138 -18.81 7.00 12.57
N LYS A 139 -17.99 6.77 13.62
CA LYS A 139 -16.65 6.19 13.52
C LYS A 139 -16.69 4.73 13.03
N VAL A 140 -15.68 4.28 12.28
CA VAL A 140 -15.52 2.89 11.83
C VAL A 140 -14.10 2.38 12.10
N ASP A 141 -13.97 1.09 12.41
CA ASP A 141 -12.67 0.43 12.61
C ASP A 141 -12.15 -0.10 11.27
N ILE A 142 -11.14 0.59 10.71
CA ILE A 142 -10.53 0.26 9.42
C ILE A 142 -9.46 -0.83 9.61
N ASN A 143 -9.54 -1.90 8.82
CA ASN A 143 -8.63 -3.04 8.80
C ASN A 143 -8.07 -3.28 7.39
N THR A 144 -6.95 -4.01 7.28
CA THR A 144 -6.18 -4.24 6.04
C THR A 144 -5.65 -5.67 5.94
N GLU A 145 -5.40 -6.14 4.72
CA GLU A 145 -4.82 -7.46 4.43
C GLU A 145 -4.10 -7.48 3.07
N ASP A 146 -2.93 -8.12 3.00
CA ASP A 146 -2.13 -8.30 1.78
C ASP A 146 -2.56 -9.57 1.02
N LEU A 147 -2.84 -9.43 -0.29
CA LEU A 147 -3.33 -10.51 -1.16
C LEU A 147 -2.20 -11.15 -1.99
N GLU A 148 -2.45 -12.36 -2.49
CA GLU A 148 -1.50 -13.14 -3.30
C GLU A 148 -1.23 -12.51 -4.69
N ASP A 149 -2.08 -11.60 -5.15
CA ASP A 149 -1.89 -10.79 -6.36
C ASP A 149 -0.91 -9.61 -6.16
N GLY A 150 -0.51 -9.33 -4.92
CA GLY A 150 0.35 -8.19 -4.55
C GLY A 150 -0.43 -6.90 -4.24
N THR A 151 -1.77 -6.95 -4.30
CA THR A 151 -2.70 -5.86 -3.97
C THR A 151 -3.09 -5.88 -2.49
N CYS A 152 -3.68 -4.78 -2.00
CA CYS A 152 -4.13 -4.65 -0.61
C CYS A 152 -5.67 -4.63 -0.54
N ARG A 153 -6.27 -5.52 0.26
CA ARG A 153 -7.67 -5.45 0.67
C ARG A 153 -7.81 -4.50 1.88
N VAL A 154 -8.80 -3.63 1.84
CA VAL A 154 -9.23 -2.76 2.96
C VAL A 154 -10.66 -3.13 3.35
N THR A 155 -10.94 -3.16 4.66
CA THR A 155 -12.24 -3.52 5.25
C THR A 155 -12.65 -2.55 6.35
N TYR A 156 -13.96 -2.40 6.55
CA TYR A 156 -14.58 -1.56 7.58
C TYR A 156 -16.06 -1.94 7.81
N CYS A 157 -16.57 -1.73 9.04
CA CYS A 157 -17.96 -2.03 9.41
C CYS A 157 -18.73 -0.74 9.79
N PRO A 158 -19.54 -0.17 8.87
CA PRO A 158 -20.28 1.07 9.12
C PRO A 158 -21.55 0.78 9.95
N THR A 159 -21.46 0.93 11.27
CA THR A 159 -22.51 0.51 12.22
C THR A 159 -23.83 1.27 12.03
N GLU A 160 -23.76 2.58 11.80
CA GLU A 160 -24.94 3.40 11.48
C GLU A 160 -25.20 3.40 9.96
N PRO A 161 -26.47 3.35 9.50
CA PRO A 161 -26.83 3.46 8.10
C PRO A 161 -26.70 4.91 7.59
N GLY A 162 -26.78 5.08 6.26
CA GLY A 162 -26.69 6.39 5.58
C GLY A 162 -25.64 6.41 4.49
N ASN A 163 -25.00 7.57 4.28
CA ASN A 163 -23.93 7.75 3.30
C ASN A 163 -22.55 7.95 3.97
N TYR A 164 -21.55 7.24 3.48
CA TYR A 164 -20.14 7.37 3.85
C TYR A 164 -19.29 7.80 2.63
N ILE A 165 -18.19 8.50 2.90
CA ILE A 165 -17.23 8.96 1.89
C ILE A 165 -15.87 8.31 2.16
N ILE A 166 -15.21 7.77 1.14
CA ILE A 166 -13.86 7.16 1.23
C ILE A 166 -12.87 7.98 0.40
N ASN A 167 -11.75 8.34 1.02
CA ASN A 167 -10.66 9.11 0.42
C ASN A 167 -9.42 8.22 0.26
N ILE A 168 -8.86 8.12 -0.95
CA ILE A 168 -7.62 7.40 -1.24
C ILE A 168 -6.54 8.39 -1.71
N LYS A 169 -5.46 8.52 -0.94
CA LYS A 169 -4.33 9.43 -1.20
C LYS A 169 -2.99 8.67 -1.21
N PHE A 170 -2.17 8.91 -2.23
CA PHE A 170 -0.86 8.30 -2.43
C PHE A 170 0.23 9.37 -2.54
N ALA A 171 1.26 9.30 -1.70
CA ALA A 171 2.43 10.21 -1.69
C ALA A 171 2.06 11.72 -1.61
N ASP A 172 0.93 12.02 -0.94
CA ASP A 172 0.35 13.35 -0.67
C ASP A 172 -0.56 13.90 -1.80
N GLN A 173 -0.93 13.06 -2.78
CA GLN A 173 -1.89 13.40 -3.84
C GLN A 173 -3.09 12.43 -3.84
N HIS A 174 -4.30 12.99 -3.90
CA HIS A 174 -5.58 12.26 -3.95
C HIS A 174 -5.71 11.49 -5.29
N VAL A 175 -5.94 10.16 -5.26
CA VAL A 175 -5.82 9.31 -6.47
C VAL A 175 -7.10 9.39 -7.35
N PRO A 176 -7.02 9.05 -8.66
CA PRO A 176 -8.18 9.09 -9.57
C PRO A 176 -9.36 8.27 -9.06
N GLY A 177 -10.57 8.86 -9.15
CA GLY A 177 -11.84 8.28 -8.69
C GLY A 177 -12.24 8.72 -7.27
N SER A 178 -11.30 9.16 -6.44
CA SER A 178 -11.61 9.75 -5.13
C SER A 178 -12.17 11.19 -5.26
N PRO A 179 -13.04 11.65 -4.32
CA PRO A 179 -13.61 10.88 -3.21
C PRO A 179 -14.74 9.96 -3.69
N PHE A 180 -14.82 8.75 -3.10
CA PHE A 180 -15.84 7.76 -3.40
C PHE A 180 -17.03 7.89 -2.44
N SER A 181 -18.25 7.98 -2.98
CA SER A 181 -19.49 8.03 -2.20
C SER A 181 -20.13 6.63 -2.08
N VAL A 182 -20.48 6.20 -0.86
CA VAL A 182 -20.92 4.83 -0.54
C VAL A 182 -22.24 4.88 0.23
N LYS A 183 -23.32 4.31 -0.33
CA LYS A 183 -24.61 4.18 0.38
C LYS A 183 -24.62 2.89 1.22
N VAL A 184 -24.81 3.02 2.54
CA VAL A 184 -24.88 1.91 3.50
C VAL A 184 -26.34 1.65 3.86
N THR A 185 -26.83 0.45 3.57
CA THR A 185 -28.20 -0.01 3.87
C THR A 185 -28.24 -0.86 5.14
N GLY A 186 -29.42 -1.04 5.73
CA GLY A 186 -29.59 -1.80 6.97
C GLY A 186 -30.98 -1.72 7.60
N GLU A 187 -31.06 -2.21 8.84
CA GLU A 187 -32.25 -2.23 9.69
C GLU A 187 -31.89 -1.81 11.14
N GLY A 188 -32.90 -1.68 12.02
CA GLY A 188 -32.69 -1.42 13.45
C GLY A 188 -32.24 -2.67 14.20
N ARG A 189 -31.28 -2.52 15.12
CA ARG A 189 -30.76 -3.59 15.98
C ARG A 189 -31.82 -4.04 17.01
N VAL A 190 -31.85 -5.34 17.33
CA VAL A 190 -32.78 -5.95 18.30
C VAL A 190 -32.58 -5.36 19.71
N LYS A 191 -33.69 -5.07 20.40
CA LYS A 191 -33.75 -4.44 21.72
C LYS A 191 -35.02 -4.83 22.48
#